data_1WFJ
#
_entry.id   1WFJ
#
_entity_poly.entity_id   1
_entity_poly.type   'polypeptide(L)'
_entity_poly.pdbx_seq_one_letter_code
;GSSGSSGPHGTLEVVLVSAKGLEDADFLNNMDPYVQLTCRTQDQKSNVAEGMGTTPEWNETFIFTVSEGTTELKAKIFDK
DVGTEDDAVGEATIPLEPVFVEGSIPPTAYNVVKDEEYKGEIWVALSFKPSGPSSG
;
_entity_poly.pdbx_strand_id   A
#
# COMPACT_ATOMS: atom_id res chain seq x y z
N GLY A 1 -15.03 -17.16 9.90
CA GLY A 1 -13.61 -17.05 9.66
C GLY A 1 -12.90 -18.39 9.94
N SER A 2 -12.39 -18.98 8.86
CA SER A 2 -11.70 -20.26 8.97
C SER A 2 -10.61 -20.35 7.90
N SER A 3 -9.44 -20.80 8.33
CA SER A 3 -8.32 -20.94 7.41
C SER A 3 -8.13 -22.42 7.04
N GLY A 4 -7.28 -22.64 6.06
CA GLY A 4 -7.00 -23.99 5.59
C GLY A 4 -6.27 -23.96 4.26
N SER A 5 -6.95 -23.47 3.23
CA SER A 5 -6.37 -23.39 1.90
C SER A 5 -4.92 -22.95 2.00
N SER A 6 -4.15 -23.29 0.97
CA SER A 6 -2.75 -22.94 0.92
C SER A 6 -2.55 -21.70 0.05
N GLY A 7 -1.42 -21.04 0.25
CA GLY A 7 -1.09 -19.85 -0.51
C GLY A 7 0.29 -19.96 -1.15
N PRO A 8 0.65 -18.90 -1.92
CA PRO A 8 1.94 -18.87 -2.59
C PRO A 8 3.07 -18.57 -1.61
N HIS A 9 4.22 -18.23 -2.16
CA HIS A 9 5.38 -17.92 -1.34
C HIS A 9 6.50 -17.37 -2.23
N GLY A 10 6.97 -16.19 -1.87
CA GLY A 10 8.04 -15.55 -2.62
C GLY A 10 8.18 -14.08 -2.23
N THR A 11 8.59 -13.28 -3.21
CA THR A 11 8.76 -11.85 -2.99
C THR A 11 7.57 -11.07 -3.54
N LEU A 12 7.28 -9.95 -2.89
CA LEU A 12 6.16 -9.11 -3.31
C LEU A 12 6.68 -7.69 -3.58
N GLU A 13 6.03 -7.04 -4.53
CA GLU A 13 6.42 -5.69 -4.88
C GLU A 13 5.28 -4.71 -4.55
N VAL A 14 5.68 -3.49 -4.19
CA VAL A 14 4.72 -2.46 -3.84
C VAL A 14 5.19 -1.12 -4.38
N VAL A 15 4.62 -0.73 -5.51
CA VAL A 15 4.99 0.53 -6.14
C VAL A 15 4.00 1.62 -5.70
N LEU A 16 4.48 2.48 -4.81
CA LEU A 16 3.66 3.56 -4.29
C LEU A 16 3.73 4.75 -5.26
N VAL A 17 2.79 4.76 -6.19
CA VAL A 17 2.73 5.83 -7.18
C VAL A 17 2.35 7.13 -6.49
N SER A 18 1.04 7.36 -6.37
CA SER A 18 0.54 8.55 -5.73
C SER A 18 -0.85 8.29 -5.15
N ALA A 19 -1.46 9.36 -4.64
CA ALA A 19 -2.78 9.26 -4.06
C ALA A 19 -3.55 10.56 -4.30
N LYS A 20 -4.71 10.42 -4.92
CA LYS A 20 -5.54 11.57 -5.21
C LYS A 20 -6.78 11.55 -4.32
N GLY A 21 -7.29 12.73 -4.04
CA GLY A 21 -8.47 12.86 -3.19
C GLY A 21 -9.70 13.24 -4.02
N LEU A 22 -10.82 13.38 -3.33
CA LEU A 22 -12.07 13.74 -3.99
C LEU A 22 -12.00 15.19 -4.44
N GLU A 23 -13.15 15.71 -4.85
CA GLU A 23 -13.23 17.08 -5.30
C GLU A 23 -13.38 18.03 -4.12
N ASP A 24 -14.18 17.59 -3.15
CA ASP A 24 -14.41 18.39 -1.95
C ASP A 24 -13.89 17.63 -0.73
N ALA A 25 -12.60 17.38 -0.74
CA ALA A 25 -11.97 16.66 0.36
C ALA A 25 -10.60 17.27 0.65
N ASP A 26 -10.45 17.73 1.88
CA ASP A 26 -9.19 18.35 2.30
C ASP A 26 -8.21 17.25 2.70
N PHE A 27 -8.04 16.29 1.80
CA PHE A 27 -7.13 15.18 2.06
C PHE A 27 -5.77 15.43 1.42
N LEU A 28 -4.74 15.44 2.26
CA LEU A 28 -3.39 15.67 1.79
C LEU A 28 -3.28 17.07 1.20
N ASN A 29 -3.66 18.06 2.01
CA ASN A 29 -3.63 19.44 1.58
C ASN A 29 -2.85 20.26 2.61
N ASN A 30 -1.82 20.96 2.12
CA ASN A 30 -1.00 21.78 2.98
C ASN A 30 -0.44 20.93 4.13
N MET A 31 0.29 19.89 3.74
CA MET A 31 0.89 18.99 4.71
C MET A 31 1.94 18.10 4.06
N ASP A 32 2.49 17.20 4.86
CA ASP A 32 3.51 16.28 4.38
C ASP A 32 3.15 14.86 4.80
N PRO A 33 2.05 14.34 4.19
CA PRO A 33 1.59 13.00 4.49
C PRO A 33 2.49 11.96 3.83
N TYR A 34 2.57 10.80 4.47
CA TYR A 34 3.39 9.71 3.97
C TYR A 34 2.64 8.38 4.05
N VAL A 35 2.98 7.49 3.12
CA VAL A 35 2.35 6.18 3.09
C VAL A 35 3.20 5.18 3.88
N GLN A 36 2.52 4.22 4.48
CA GLN A 36 3.20 3.21 5.28
C GLN A 36 2.65 1.82 4.94
N LEU A 37 3.48 1.04 4.27
CA LEU A 37 3.10 -0.31 3.88
C LEU A 37 3.27 -1.25 5.08
N THR A 38 2.69 -2.42 4.95
CA THR A 38 2.76 -3.42 6.02
C THR A 38 2.56 -4.82 5.45
N CYS A 39 3.58 -5.65 5.63
CA CYS A 39 3.54 -7.03 5.15
C CYS A 39 4.22 -7.92 6.17
N ARG A 40 3.40 -8.56 7.00
CA ARG A 40 3.91 -9.44 8.03
C ARG A 40 4.81 -8.67 9.00
N THR A 41 4.18 -8.11 10.02
CA THR A 41 4.91 -7.34 11.02
C THR A 41 6.09 -6.62 10.38
N GLN A 42 5.88 -6.20 9.13
CA GLN A 42 6.90 -5.48 8.40
C GLN A 42 6.29 -4.34 7.60
N ASP A 43 6.61 -3.13 8.01
CA ASP A 43 6.10 -1.94 7.33
C ASP A 43 7.28 -1.11 6.81
N GLN A 44 6.94 -0.15 5.95
CA GLN A 44 7.95 0.71 5.38
C GLN A 44 7.32 2.01 4.89
N LYS A 45 7.81 3.12 5.42
CA LYS A 45 7.31 4.43 5.05
C LYS A 45 8.03 4.91 3.79
N SER A 46 7.38 5.84 3.10
CA SER A 46 7.94 6.40 1.88
C SER A 46 8.35 7.86 2.11
N ASN A 47 8.96 8.43 1.09
CA ASN A 47 9.39 9.82 1.16
C ASN A 47 8.25 10.68 1.68
N VAL A 48 8.62 11.83 2.22
CA VAL A 48 7.63 12.76 2.76
C VAL A 48 7.18 13.72 1.65
N ALA A 49 5.92 13.58 1.28
CA ALA A 49 5.35 14.43 0.24
C ALA A 49 5.41 15.89 0.69
N GLU A 50 6.56 16.50 0.47
CA GLU A 50 6.76 17.89 0.84
C GLU A 50 6.03 18.81 -0.13
N GLY A 51 5.08 19.56 0.41
CA GLY A 51 4.29 20.48 -0.39
C GLY A 51 4.06 19.92 -1.79
N MET A 52 3.27 18.86 -1.85
CA MET A 52 2.96 18.22 -3.12
C MET A 52 1.54 18.58 -3.59
N GLY A 53 0.67 18.79 -2.60
CA GLY A 53 -0.71 19.13 -2.90
C GLY A 53 -1.65 17.99 -2.55
N THR A 54 -2.82 18.00 -3.18
CA THR A 54 -3.81 16.97 -2.95
C THR A 54 -3.45 15.70 -3.73
N THR A 55 -2.30 15.75 -4.38
CA THR A 55 -1.83 14.62 -5.17
C THR A 55 -0.34 14.36 -4.90
N PRO A 56 -0.04 13.92 -3.66
CA PRO A 56 1.33 13.64 -3.27
C PRO A 56 1.81 12.32 -3.89
N GLU A 57 2.89 12.44 -4.65
CA GLU A 57 3.47 11.27 -5.30
C GLU A 57 4.62 10.70 -4.47
N TRP A 58 5.20 9.63 -4.97
CA TRP A 58 6.31 8.97 -4.28
C TRP A 58 7.11 8.19 -5.32
N ASN A 59 6.39 7.46 -6.15
CA ASN A 59 7.02 6.66 -7.19
C ASN A 59 8.09 5.76 -6.55
N GLU A 60 7.79 5.30 -5.35
CA GLU A 60 8.71 4.45 -4.63
C GLU A 60 8.38 2.97 -4.89
N THR A 61 9.15 2.10 -4.25
CA THR A 61 8.95 0.67 -4.42
C THR A 61 9.44 -0.08 -3.16
N PHE A 62 8.55 -0.91 -2.64
CA PHE A 62 8.87 -1.69 -1.45
C PHE A 62 8.71 -3.18 -1.71
N ILE A 63 9.77 -3.92 -1.45
CA ILE A 63 9.77 -5.36 -1.66
C ILE A 63 9.54 -6.06 -0.32
N PHE A 64 8.62 -7.01 -0.34
CA PHE A 64 8.30 -7.76 0.86
C PHE A 64 8.45 -9.27 0.63
N THR A 65 8.54 -10.00 1.73
CA THR A 65 8.69 -11.44 1.66
C THR A 65 7.40 -12.13 2.12
N VAL A 66 6.67 -12.66 1.14
CA VAL A 66 5.42 -13.34 1.44
C VAL A 66 5.72 -14.78 1.88
N SER A 67 4.87 -15.28 2.76
CA SER A 67 5.03 -16.63 3.27
C SER A 67 3.75 -17.09 3.98
N GLU A 68 2.71 -17.23 3.19
CA GLU A 68 1.43 -17.66 3.73
C GLU A 68 0.94 -16.68 4.79
N GLY A 69 -0.35 -16.74 5.07
CA GLY A 69 -0.95 -15.85 6.07
C GLY A 69 -1.26 -14.49 5.47
N THR A 70 -0.22 -13.87 4.92
CA THR A 70 -0.37 -12.56 4.32
C THR A 70 -0.96 -12.69 2.90
N THR A 71 -2.11 -12.05 2.72
CA THR A 71 -2.78 -12.09 1.43
C THR A 71 -3.29 -10.69 1.05
N GLU A 72 -2.80 -9.71 1.80
CA GLU A 72 -3.20 -8.33 1.57
C GLU A 72 -2.19 -7.37 2.20
N LEU A 73 -2.05 -6.21 1.57
CA LEU A 73 -1.13 -5.20 2.06
C LEU A 73 -1.92 -4.05 2.70
N LYS A 74 -1.37 -3.52 3.78
CA LYS A 74 -2.01 -2.42 4.48
C LYS A 74 -1.23 -1.13 4.22
N ALA A 75 -1.97 -0.11 3.81
CA ALA A 75 -1.37 1.18 3.53
C ALA A 75 -2.08 2.27 4.34
N LYS A 76 -1.35 2.84 5.28
CA LYS A 76 -1.90 3.88 6.13
C LYS A 76 -1.18 5.21 5.84
N ILE A 77 -1.95 6.27 5.80
CA ILE A 77 -1.39 7.59 5.54
C ILE A 77 -1.50 8.45 6.80
N PHE A 78 -0.49 9.29 6.99
CA PHE A 78 -0.47 10.16 8.16
C PHE A 78 0.18 11.50 7.81
N ASP A 79 0.86 12.07 8.80
CA ASP A 79 1.51 13.35 8.62
C ASP A 79 2.91 13.29 9.24
N LYS A 80 3.90 13.67 8.44
CA LYS A 80 5.28 13.67 8.88
C LYS A 80 5.34 14.18 10.34
N ASP A 81 4.39 15.03 10.66
CA ASP A 81 4.32 15.60 12.00
C ASP A 81 3.84 14.51 12.98
N VAL A 82 2.71 13.91 12.65
CA VAL A 82 2.14 12.87 13.48
C VAL A 82 3.02 11.62 13.39
N GLY A 83 2.44 10.50 13.81
CA GLY A 83 3.16 9.23 13.78
C GLY A 83 2.23 8.09 13.38
N THR A 84 2.82 7.08 12.76
CA THR A 84 2.05 5.92 12.32
C THR A 84 1.00 5.54 13.37
N GLU A 85 1.40 5.69 14.63
CA GLU A 85 0.51 5.36 15.73
C GLU A 85 0.03 6.65 16.42
N ASP A 86 -0.92 7.31 15.77
CA ASP A 86 -1.47 8.54 16.31
C ASP A 86 -2.77 8.87 15.58
N ASP A 87 -2.62 9.22 14.30
CA ASP A 87 -3.78 9.56 13.49
C ASP A 87 -3.41 9.43 12.01
N ALA A 88 -4.03 8.47 11.36
CA ALA A 88 -3.77 8.22 9.95
C ALA A 88 -4.84 8.95 9.11
N VAL A 89 -4.38 9.94 8.37
CA VAL A 89 -5.27 10.72 7.52
C VAL A 89 -6.25 9.76 6.81
N GLY A 90 -5.78 8.54 6.61
CA GLY A 90 -6.59 7.54 5.94
C GLY A 90 -5.81 6.23 5.76
N GLU A 91 -6.45 5.29 5.09
CA GLU A 91 -5.83 4.00 4.84
C GLU A 91 -6.44 3.34 3.60
N ALA A 92 -5.83 2.25 3.19
CA ALA A 92 -6.30 1.52 2.02
C ALA A 92 -5.90 0.05 2.15
N THR A 93 -6.71 -0.81 1.53
CA THR A 93 -6.46 -2.24 1.57
C THR A 93 -6.04 -2.74 0.19
N ILE A 94 -4.79 -3.15 0.10
CA ILE A 94 -4.25 -3.67 -1.16
C ILE A 94 -4.05 -5.17 -1.05
N PRO A 95 -5.03 -5.92 -1.64
CA PRO A 95 -4.98 -7.37 -1.62
C PRO A 95 -3.92 -7.90 -2.60
N LEU A 96 -3.25 -8.96 -2.17
CA LEU A 96 -2.22 -9.57 -3.01
C LEU A 96 -2.79 -10.81 -3.69
N GLU A 97 -4.10 -10.97 -3.56
CA GLU A 97 -4.78 -12.10 -4.17
C GLU A 97 -4.74 -12.00 -5.69
N PRO A 98 -4.90 -10.75 -6.18
CA PRO A 98 -4.89 -10.49 -7.62
C PRO A 98 -3.47 -10.57 -8.18
N VAL A 99 -2.51 -10.23 -7.33
CA VAL A 99 -1.11 -10.25 -7.73
C VAL A 99 -0.60 -11.68 -7.64
N PHE A 100 -1.18 -12.44 -6.73
CA PHE A 100 -0.79 -13.83 -6.52
C PHE A 100 -1.37 -14.72 -7.63
N VAL A 101 -2.40 -14.21 -8.27
CA VAL A 101 -3.06 -14.94 -9.33
C VAL A 101 -2.50 -14.49 -10.69
N GLU A 102 -2.36 -13.17 -10.82
CA GLU A 102 -1.85 -12.60 -12.05
C GLU A 102 -0.32 -12.63 -12.05
N GLY A 103 0.24 -12.30 -10.90
CA GLY A 103 1.69 -12.28 -10.74
C GLY A 103 2.25 -10.87 -10.91
N SER A 104 1.37 -9.97 -11.34
CA SER A 104 1.76 -8.58 -11.54
C SER A 104 0.50 -7.70 -11.66
N ILE A 105 0.44 -6.70 -10.81
CA ILE A 105 -0.68 -5.78 -10.82
C ILE A 105 -0.18 -4.36 -11.05
N PRO A 106 -0.89 -3.63 -11.96
CA PRO A 106 -0.52 -2.27 -12.28
C PRO A 106 -0.93 -1.31 -11.16
N PRO A 107 -0.49 -0.03 -11.30
CA PRO A 107 -0.80 0.98 -10.30
C PRO A 107 -2.27 1.43 -10.42
N THR A 108 -3.08 0.92 -9.50
CA THR A 108 -4.49 1.26 -9.48
C THR A 108 -4.83 2.09 -8.25
N ALA A 109 -5.80 2.98 -8.41
CA ALA A 109 -6.23 3.83 -7.32
C ALA A 109 -7.12 3.04 -6.37
N TYR A 110 -6.54 2.64 -5.25
CA TYR A 110 -7.26 1.88 -4.25
C TYR A 110 -8.05 2.79 -3.32
N ASN A 111 -9.31 2.45 -3.11
CA ASN A 111 -10.17 3.23 -2.25
C ASN A 111 -9.47 3.48 -0.92
N VAL A 112 -9.35 4.75 -0.59
CA VAL A 112 -8.70 5.15 0.65
C VAL A 112 -9.76 5.63 1.66
N VAL A 113 -9.93 4.84 2.71
CA VAL A 113 -10.89 5.19 3.74
C VAL A 113 -10.16 5.54 5.03
N LYS A 114 -10.90 6.10 5.96
CA LYS A 114 -10.34 6.50 7.25
C LYS A 114 -11.36 6.23 8.35
N ASP A 115 -11.27 5.04 8.92
CA ASP A 115 -12.17 4.64 9.98
C ASP A 115 -13.48 4.13 9.37
N GLU A 116 -13.73 4.55 8.15
CA GLU A 116 -14.94 4.14 7.45
C GLU A 116 -15.30 5.17 6.38
N GLU A 117 -14.77 6.38 6.55
CA GLU A 117 -15.03 7.45 5.61
C GLU A 117 -14.06 7.36 4.42
N TYR A 118 -14.61 7.57 3.23
CA TYR A 118 -13.81 7.52 2.03
C TYR A 118 -13.01 8.81 1.84
N LYS A 119 -11.71 8.70 2.04
CA LYS A 119 -10.83 9.84 1.91
C LYS A 119 -10.57 10.12 0.43
N GLY A 120 -10.33 9.05 -0.31
CA GLY A 120 -10.08 9.16 -1.73
C GLY A 120 -9.61 7.83 -2.31
N GLU A 121 -8.45 7.87 -2.95
CA GLU A 121 -7.89 6.68 -3.56
C GLU A 121 -6.36 6.75 -3.55
N ILE A 122 -5.74 5.59 -3.40
CA ILE A 122 -4.29 5.50 -3.37
C ILE A 122 -3.82 4.64 -4.54
N TRP A 123 -2.98 5.23 -5.38
CA TRP A 123 -2.45 4.53 -6.53
C TRP A 123 -1.23 3.72 -6.06
N VAL A 124 -1.30 2.41 -6.30
CA VAL A 124 -0.22 1.53 -5.91
C VAL A 124 -0.19 0.33 -6.85
N ALA A 125 1.01 -0.19 -7.07
CA ALA A 125 1.18 -1.35 -7.93
C ALA A 125 1.75 -2.51 -7.13
N LEU A 126 1.39 -3.71 -7.56
CA LEU A 126 1.87 -4.91 -6.88
C LEU A 126 2.47 -5.87 -7.92
N SER A 127 3.49 -6.60 -7.47
CA SER A 127 4.16 -7.55 -8.34
C SER A 127 4.74 -8.70 -7.52
N PHE A 128 4.18 -9.89 -7.74
CA PHE A 128 4.63 -11.06 -7.02
C PHE A 128 5.75 -11.78 -7.78
N LYS A 129 6.68 -12.34 -7.03
CA LYS A 129 7.81 -13.04 -7.61
C LYS A 129 8.03 -14.35 -6.86
N PRO A 130 7.36 -15.43 -7.36
CA PRO A 130 7.47 -16.74 -6.74
C PRO A 130 8.82 -17.38 -7.07
N SER A 131 9.44 -17.95 -6.04
CA SER A 131 10.73 -18.61 -6.22
C SER A 131 10.60 -19.74 -7.24
N GLY A 132 10.82 -19.39 -8.50
CA GLY A 132 10.73 -20.36 -9.57
C GLY A 132 11.91 -21.35 -9.51
N PRO A 133 12.33 -21.82 -10.72
CA PRO A 133 13.44 -22.76 -10.80
C PRO A 133 14.77 -22.06 -10.57
N SER A 134 15.33 -22.29 -9.39
CA SER A 134 16.60 -21.69 -9.03
C SER A 134 17.59 -22.77 -8.61
N SER A 135 17.18 -23.54 -7.60
CA SER A 135 18.02 -24.61 -7.10
C SER A 135 17.88 -25.86 -7.98
N GLY A 136 18.82 -26.03 -8.89
CA GLY A 136 18.81 -27.16 -9.79
C GLY A 136 20.04 -27.16 -10.69
N GLY A 1 -13.49 -17.18 7.35
CA GLY A 1 -12.05 -17.30 7.22
C GLY A 1 -11.65 -18.74 6.88
N SER A 2 -11.50 -18.99 5.59
CA SER A 2 -11.12 -20.31 5.12
C SER A 2 -9.74 -20.26 4.46
N SER A 3 -9.04 -21.38 4.55
CA SER A 3 -7.72 -21.47 3.96
C SER A 3 -7.25 -22.93 3.93
N GLY A 4 -6.28 -23.20 3.07
CA GLY A 4 -5.75 -24.54 2.94
C GLY A 4 -4.32 -24.62 3.49
N SER A 5 -3.51 -25.42 2.82
CA SER A 5 -2.13 -25.60 3.23
C SER A 5 -1.20 -24.81 2.33
N SER A 6 -1.25 -25.13 1.04
CA SER A 6 -0.43 -24.45 0.06
C SER A 6 -0.97 -23.04 -0.20
N GLY A 7 -0.10 -22.19 -0.70
CA GLY A 7 -0.47 -20.82 -1.00
C GLY A 7 0.71 -20.03 -1.58
N PRO A 8 0.50 -18.70 -1.70
CA PRO A 8 1.54 -17.83 -2.23
C PRO A 8 2.65 -17.60 -1.20
N HIS A 9 3.87 -17.53 -1.69
CA HIS A 9 5.02 -17.32 -0.83
C HIS A 9 6.25 -16.99 -1.67
N GLY A 10 6.78 -15.79 -1.46
CA GLY A 10 7.94 -15.35 -2.19
C GLY A 10 8.21 -13.86 -1.94
N THR A 11 8.41 -13.13 -3.02
CA THR A 11 8.68 -11.71 -2.93
C THR A 11 7.52 -10.91 -3.49
N LEU A 12 7.16 -9.84 -2.78
CA LEU A 12 6.06 -8.99 -3.19
C LEU A 12 6.60 -7.58 -3.48
N GLU A 13 6.12 -7.00 -4.56
CA GLU A 13 6.54 -5.66 -4.95
C GLU A 13 5.41 -4.67 -4.70
N VAL A 14 5.78 -3.51 -4.16
CA VAL A 14 4.81 -2.47 -3.88
C VAL A 14 5.33 -1.14 -4.43
N VAL A 15 4.69 -0.68 -5.50
CA VAL A 15 5.07 0.57 -6.12
C VAL A 15 4.07 1.66 -5.72
N LEU A 16 4.47 2.46 -4.75
CA LEU A 16 3.62 3.54 -4.26
C LEU A 16 3.72 4.72 -5.23
N VAL A 17 2.90 4.65 -6.28
CA VAL A 17 2.88 5.70 -7.28
C VAL A 17 2.49 7.03 -6.62
N SER A 18 1.19 7.27 -6.58
CA SER A 18 0.68 8.48 -5.97
C SER A 18 -0.67 8.21 -5.31
N ALA A 19 -1.25 9.26 -4.76
CA ALA A 19 -2.55 9.14 -4.08
C ALA A 19 -3.22 10.52 -4.05
N LYS A 20 -4.38 10.58 -4.70
CA LYS A 20 -5.14 11.81 -4.75
C LYS A 20 -6.40 11.67 -3.90
N GLY A 21 -6.82 12.79 -3.33
CA GLY A 21 -8.01 12.81 -2.50
C GLY A 21 -9.26 13.13 -3.31
N LEU A 22 -10.19 13.81 -2.67
CA LEU A 22 -11.43 14.17 -3.32
C LEU A 22 -11.60 15.69 -3.29
N GLU A 23 -12.77 16.15 -3.70
CA GLU A 23 -13.06 17.58 -3.72
C GLU A 23 -13.99 17.94 -2.55
N ASP A 24 -14.63 16.92 -2.00
CA ASP A 24 -15.54 17.13 -0.89
C ASP A 24 -15.04 16.32 0.32
N ALA A 25 -13.76 16.48 0.62
CA ALA A 25 -13.15 15.79 1.73
C ALA A 25 -11.74 16.33 1.97
N ASP A 26 -11.59 17.02 3.08
CA ASP A 26 -10.30 17.61 3.43
C ASP A 26 -9.29 16.48 3.68
N PHE A 27 -8.64 16.06 2.61
CA PHE A 27 -7.66 15.00 2.69
C PHE A 27 -6.47 15.28 1.77
N LEU A 28 -5.32 15.55 2.39
CA LEU A 28 -4.11 15.84 1.64
C LEU A 28 -4.18 17.26 1.08
N ASN A 29 -4.05 18.22 1.99
CA ASN A 29 -4.11 19.62 1.59
C ASN A 29 -3.04 20.40 2.36
N ASN A 30 -2.14 21.01 1.61
CA ASN A 30 -1.06 21.78 2.20
C ASN A 30 -0.44 20.99 3.34
N MET A 31 0.23 19.90 2.97
CA MET A 31 0.87 19.04 3.95
C MET A 31 1.87 18.11 3.29
N ASP A 32 2.57 17.35 4.12
CA ASP A 32 3.57 16.41 3.63
C ASP A 32 3.33 15.04 4.27
N PRO A 33 2.20 14.40 3.85
CA PRO A 33 1.85 13.09 4.36
C PRO A 33 2.72 12.00 3.75
N TYR A 34 2.83 10.89 4.48
CA TYR A 34 3.63 9.78 4.02
C TYR A 34 2.86 8.46 4.14
N VAL A 35 3.17 7.55 3.23
CA VAL A 35 2.52 6.25 3.23
C VAL A 35 3.33 5.28 4.09
N GLN A 36 2.60 4.46 4.84
CA GLN A 36 3.24 3.48 5.71
C GLN A 36 2.85 2.06 5.28
N LEU A 37 3.70 1.46 4.46
CA LEU A 37 3.45 0.11 3.98
C LEU A 37 3.59 -0.87 5.14
N THR A 38 2.72 -1.87 5.13
CA THR A 38 2.74 -2.88 6.17
C THR A 38 2.42 -4.26 5.58
N CYS A 39 3.28 -5.22 5.90
CA CYS A 39 3.10 -6.58 5.41
C CYS A 39 3.36 -7.54 6.57
N ARG A 40 2.28 -7.91 7.24
CA ARG A 40 2.37 -8.83 8.36
C ARG A 40 3.13 -8.17 9.52
N THR A 41 4.45 -8.27 9.45
CA THR A 41 5.29 -7.68 10.49
C THR A 41 6.32 -6.74 9.86
N GLN A 42 6.22 -6.60 8.55
CA GLN A 42 7.14 -5.73 7.82
C GLN A 42 6.49 -4.37 7.56
N ASP A 43 7.15 -3.34 8.05
CA ASP A 43 6.64 -1.98 7.88
C ASP A 43 7.69 -1.14 7.13
N GLN A 44 7.20 -0.38 6.16
CA GLN A 44 8.07 0.47 5.38
C GLN A 44 7.32 1.71 4.89
N LYS A 45 7.88 2.87 5.21
CA LYS A 45 7.28 4.12 4.82
C LYS A 45 8.05 4.71 3.63
N SER A 46 7.45 5.71 3.01
CA SER A 46 8.06 6.37 1.87
C SER A 46 8.47 7.79 2.24
N ASN A 47 9.30 8.38 1.39
CA ASN A 47 9.78 9.74 1.62
C ASN A 47 8.59 10.64 1.97
N VAL A 48 8.90 11.75 2.62
CA VAL A 48 7.88 12.70 3.01
C VAL A 48 7.50 13.57 1.81
N ALA A 49 6.24 13.49 1.43
CA ALA A 49 5.74 14.27 0.30
C ALA A 49 5.89 15.76 0.61
N GLU A 50 7.11 16.24 0.45
CA GLU A 50 7.40 17.64 0.71
C GLU A 50 6.74 18.52 -0.35
N GLY A 51 5.89 19.43 0.12
CA GLY A 51 5.19 20.34 -0.77
C GLY A 51 4.84 19.64 -2.10
N MET A 52 3.77 18.85 -2.04
CA MET A 52 3.33 18.13 -3.22
C MET A 52 1.93 18.61 -3.66
N GLY A 53 1.14 19.00 -2.67
CA GLY A 53 -0.20 19.48 -2.94
C GLY A 53 -1.25 18.47 -2.44
N THR A 54 -2.20 18.19 -3.31
CA THR A 54 -3.27 17.25 -2.97
C THR A 54 -3.06 15.92 -3.69
N THR A 55 -1.88 15.78 -4.27
CA THR A 55 -1.55 14.56 -5.00
C THR A 55 -0.04 14.30 -4.94
N PRO A 56 0.41 13.80 -3.76
CA PRO A 56 1.81 13.49 -3.56
C PRO A 56 2.21 12.21 -4.30
N GLU A 57 3.37 12.28 -4.95
CA GLU A 57 3.87 11.15 -5.69
C GLU A 57 5.12 10.58 -5.03
N TRP A 58 5.13 9.26 -4.87
CA TRP A 58 6.26 8.60 -4.25
C TRP A 58 6.97 7.76 -5.31
N ASN A 59 6.17 7.19 -6.20
CA ASN A 59 6.70 6.37 -7.28
C ASN A 59 7.86 5.53 -6.75
N GLU A 60 7.77 5.20 -5.47
CA GLU A 60 8.80 4.40 -4.83
C GLU A 60 8.54 2.91 -5.06
N THR A 61 9.40 2.09 -4.46
CA THR A 61 9.28 0.65 -4.60
C THR A 61 9.71 -0.05 -3.31
N PHE A 62 8.78 -0.80 -2.76
CA PHE A 62 9.04 -1.53 -1.53
C PHE A 62 8.75 -3.02 -1.69
N ILE A 63 9.76 -3.83 -1.35
CA ILE A 63 9.63 -5.26 -1.45
C ILE A 63 9.27 -5.85 -0.08
N PHE A 64 8.40 -6.85 -0.11
CA PHE A 64 7.97 -7.49 1.12
C PHE A 64 7.97 -9.02 0.97
N THR A 65 8.62 -9.67 1.91
CA THR A 65 8.70 -11.12 1.90
C THR A 65 7.34 -11.74 2.21
N VAL A 66 6.88 -12.59 1.30
CA VAL A 66 5.61 -13.25 1.47
C VAL A 66 5.83 -14.75 1.65
N SER A 67 5.15 -15.30 2.64
CA SER A 67 5.27 -16.72 2.94
C SER A 67 3.91 -17.27 3.39
N GLU A 68 3.49 -16.82 4.57
CA GLU A 68 2.22 -17.26 5.12
C GLU A 68 1.55 -16.11 5.87
N GLY A 69 0.36 -15.75 5.38
CA GLY A 69 -0.40 -14.67 6.00
C GLY A 69 -0.50 -13.46 5.05
N THR A 70 0.54 -13.31 4.24
CA THR A 70 0.58 -12.21 3.29
C THR A 70 -0.47 -12.42 2.19
N THR A 71 -1.64 -11.85 2.42
CA THR A 71 -2.74 -11.96 1.47
C THR A 71 -3.31 -10.58 1.16
N GLU A 72 -2.69 -9.57 1.75
CA GLU A 72 -3.13 -8.20 1.53
C GLU A 72 -2.16 -7.22 2.21
N LEU A 73 -1.97 -6.08 1.57
CA LEU A 73 -1.07 -5.07 2.10
C LEU A 73 -1.91 -3.94 2.71
N LYS A 74 -1.37 -3.36 3.77
CA LYS A 74 -2.05 -2.26 4.45
C LYS A 74 -1.26 -0.97 4.25
N ALA A 75 -1.88 -0.04 3.52
CA ALA A 75 -1.25 1.23 3.25
C ALA A 75 -1.97 2.34 4.02
N LYS A 76 -1.24 2.97 4.92
CA LYS A 76 -1.80 4.04 5.73
C LYS A 76 -1.08 5.35 5.40
N ILE A 77 -1.87 6.41 5.36
CA ILE A 77 -1.32 7.73 5.06
C ILE A 77 -1.29 8.57 6.34
N PHE A 78 -0.11 9.08 6.65
CA PHE A 78 0.06 9.90 7.84
C PHE A 78 0.83 11.17 7.52
N ASP A 79 0.74 12.13 8.43
CA ASP A 79 1.42 13.40 8.26
C ASP A 79 2.87 13.26 8.74
N LYS A 80 3.72 14.13 8.20
CA LYS A 80 5.13 14.13 8.56
C LYS A 80 5.27 14.41 10.05
N ASP A 81 4.17 14.85 10.65
CA ASP A 81 4.16 15.17 12.07
C ASP A 81 3.13 14.30 12.78
N VAL A 82 3.42 13.01 12.84
CA VAL A 82 2.53 12.06 13.48
C VAL A 82 3.20 10.69 13.53
N GLY A 83 2.60 9.80 14.31
CA GLY A 83 3.12 8.46 14.45
C GLY A 83 2.12 7.42 13.96
N THR A 84 2.63 6.46 13.19
CA THR A 84 1.79 5.41 12.64
C THR A 84 0.69 5.04 13.65
N GLU A 85 1.06 5.06 14.92
CA GLU A 85 0.13 4.73 15.98
C GLU A 85 -0.47 6.00 16.58
N ASP A 86 -1.09 6.78 15.71
CA ASP A 86 -1.72 8.03 16.14
C ASP A 86 -3.01 8.25 15.36
N ASP A 87 -2.87 8.43 14.06
CA ASP A 87 -4.02 8.65 13.20
C ASP A 87 -3.53 8.96 11.78
N ALA A 88 -3.94 8.09 10.86
CA ALA A 88 -3.56 8.26 9.46
C ALA A 88 -4.69 8.96 8.71
N VAL A 89 -4.31 9.99 7.96
CA VAL A 89 -5.28 10.76 7.19
C VAL A 89 -6.24 9.80 6.49
N GLY A 90 -5.74 8.59 6.23
CA GLY A 90 -6.54 7.58 5.58
C GLY A 90 -5.73 6.30 5.34
N GLU A 91 -6.40 5.31 4.76
CA GLU A 91 -5.75 4.05 4.48
C GLU A 91 -6.42 3.36 3.28
N ALA A 92 -5.80 2.28 2.83
CA ALA A 92 -6.33 1.54 1.70
C ALA A 92 -5.88 0.07 1.81
N THR A 93 -6.80 -0.82 1.49
CA THR A 93 -6.52 -2.24 1.54
C THR A 93 -6.10 -2.76 0.17
N ILE A 94 -4.83 -3.14 0.08
CA ILE A 94 -4.30 -3.66 -1.17
C ILE A 94 -4.10 -5.17 -1.05
N PRO A 95 -5.07 -5.92 -1.66
CA PRO A 95 -5.00 -7.37 -1.63
C PRO A 95 -3.95 -7.90 -2.59
N LEU A 96 -3.32 -9.00 -2.19
CA LEU A 96 -2.28 -9.60 -3.01
C LEU A 96 -2.86 -10.82 -3.73
N GLU A 97 -4.15 -11.05 -3.49
CA GLU A 97 -4.83 -12.17 -4.12
C GLU A 97 -4.75 -12.06 -5.64
N PRO A 98 -4.95 -10.80 -6.13
CA PRO A 98 -4.90 -10.55 -7.56
C PRO A 98 -3.46 -10.57 -8.08
N VAL A 99 -2.55 -10.18 -7.20
CA VAL A 99 -1.13 -10.14 -7.54
C VAL A 99 -0.51 -11.52 -7.29
N PHE A 100 -1.35 -12.42 -6.80
CA PHE A 100 -0.89 -13.77 -6.50
C PHE A 100 -1.27 -14.73 -7.62
N VAL A 101 -2.39 -14.44 -8.26
CA VAL A 101 -2.87 -15.27 -9.36
C VAL A 101 -2.41 -14.67 -10.68
N GLU A 102 -2.30 -13.34 -10.70
CA GLU A 102 -1.87 -12.65 -11.89
C GLU A 102 -0.34 -12.60 -11.96
N GLY A 103 0.28 -12.53 -10.79
CA GLY A 103 1.72 -12.49 -10.71
C GLY A 103 2.24 -11.06 -10.89
N SER A 104 1.32 -10.17 -11.23
CA SER A 104 1.66 -8.77 -11.44
C SER A 104 0.40 -7.95 -11.64
N ILE A 105 0.36 -6.81 -10.97
CA ILE A 105 -0.79 -5.92 -11.06
C ILE A 105 -0.30 -4.49 -11.33
N PRO A 106 -1.06 -3.78 -12.21
CA PRO A 106 -0.71 -2.42 -12.55
C PRO A 106 -1.07 -1.45 -11.42
N PRO A 107 -0.61 -0.18 -11.58
CA PRO A 107 -0.88 0.83 -10.58
C PRO A 107 -2.32 1.32 -10.66
N THR A 108 -3.12 0.86 -9.71
CA THR A 108 -4.52 1.23 -9.66
C THR A 108 -4.81 2.04 -8.41
N ALA A 109 -5.77 2.96 -8.54
CA ALA A 109 -6.15 3.82 -7.42
C ALA A 109 -7.08 3.04 -6.49
N TYR A 110 -6.50 2.57 -5.39
CA TYR A 110 -7.26 1.81 -4.41
C TYR A 110 -8.08 2.74 -3.52
N ASN A 111 -9.32 2.34 -3.29
CA ASN A 111 -10.21 3.13 -2.45
C ASN A 111 -9.51 3.45 -1.13
N VAL A 112 -9.51 4.73 -0.78
CA VAL A 112 -8.89 5.18 0.45
C VAL A 112 -9.97 5.65 1.42
N VAL A 113 -10.11 4.91 2.51
CA VAL A 113 -11.10 5.26 3.52
C VAL A 113 -10.39 5.69 4.80
N LYS A 114 -11.19 6.17 5.74
CA LYS A 114 -10.64 6.62 7.01
C LYS A 114 -11.70 6.41 8.11
N ASP A 115 -11.63 5.25 8.73
CA ASP A 115 -12.57 4.91 9.79
C ASP A 115 -13.80 4.25 9.19
N GLU A 116 -14.08 4.61 7.94
CA GLU A 116 -15.23 4.06 7.25
C GLU A 116 -15.62 4.97 6.08
N GLU A 117 -15.22 6.23 6.19
CA GLU A 117 -15.52 7.21 5.16
C GLU A 117 -14.47 7.16 4.05
N TYR A 118 -14.90 7.52 2.85
CA TYR A 118 -14.01 7.52 1.70
C TYR A 118 -13.26 8.85 1.61
N LYS A 119 -11.94 8.77 1.80
CA LYS A 119 -11.10 9.95 1.73
C LYS A 119 -10.78 10.25 0.28
N GLY A 120 -10.24 9.25 -0.41
CA GLY A 120 -9.88 9.40 -1.80
C GLY A 120 -9.43 8.06 -2.41
N GLU A 121 -8.36 8.13 -3.17
CA GLU A 121 -7.81 6.94 -3.80
C GLU A 121 -6.29 6.94 -3.73
N ILE A 122 -5.72 5.74 -3.73
CA ILE A 122 -4.28 5.59 -3.67
C ILE A 122 -3.80 4.74 -4.85
N TRP A 123 -2.92 5.32 -5.64
CA TRP A 123 -2.38 4.63 -6.80
C TRP A 123 -1.16 3.83 -6.35
N VAL A 124 -1.22 2.53 -6.56
CA VAL A 124 -0.13 1.65 -6.18
C VAL A 124 -0.13 0.42 -7.10
N ALA A 125 1.06 -0.07 -7.38
CA ALA A 125 1.22 -1.24 -8.22
C ALA A 125 1.74 -2.41 -7.39
N LEU A 126 1.35 -3.61 -7.81
CA LEU A 126 1.75 -4.81 -7.11
C LEU A 126 2.42 -5.77 -8.11
N SER A 127 3.45 -6.45 -7.63
CA SER A 127 4.18 -7.39 -8.46
C SER A 127 4.77 -8.51 -7.59
N PHE A 128 4.00 -9.59 -7.48
CA PHE A 128 4.43 -10.73 -6.69
C PHE A 128 5.49 -11.55 -7.43
N LYS A 129 6.25 -12.31 -6.67
CA LYS A 129 7.29 -13.14 -7.24
C LYS A 129 7.46 -14.40 -6.38
N PRO A 130 6.68 -15.46 -6.75
CA PRO A 130 6.74 -16.71 -6.02
C PRO A 130 8.01 -17.49 -6.38
N SER A 131 8.56 -18.15 -5.37
CA SER A 131 9.77 -18.93 -5.56
C SER A 131 9.50 -20.11 -6.49
N GLY A 132 9.62 -19.83 -7.78
CA GLY A 132 9.38 -20.86 -8.79
C GLY A 132 10.59 -21.79 -8.91
N PRO A 133 10.72 -22.39 -10.13
CA PRO A 133 11.83 -23.31 -10.38
C PRO A 133 13.15 -22.54 -10.58
N SER A 134 13.04 -21.43 -11.29
CA SER A 134 14.21 -20.60 -11.56
C SER A 134 13.86 -19.13 -11.35
N SER A 135 14.75 -18.43 -10.67
CA SER A 135 14.55 -17.02 -10.41
C SER A 135 15.80 -16.22 -10.82
N GLY A 136 15.79 -15.82 -12.08
CA GLY A 136 16.91 -15.05 -12.62
C GLY A 136 17.64 -15.85 -13.70
N GLY A 1 -14.85 -29.03 13.14
CA GLY A 1 -14.44 -29.25 11.77
C GLY A 1 -12.97 -28.86 11.58
N SER A 2 -12.30 -29.61 10.73
CA SER A 2 -10.89 -29.35 10.44
C SER A 2 -10.76 -28.08 9.60
N SER A 3 -9.53 -27.60 9.50
CA SER A 3 -9.25 -26.41 8.73
C SER A 3 -7.77 -26.36 8.35
N GLY A 4 -7.52 -25.99 7.10
CA GLY A 4 -6.15 -25.91 6.61
C GLY A 4 -5.87 -24.52 6.03
N SER A 5 -4.83 -24.45 5.20
CA SER A 5 -4.44 -23.20 4.60
C SER A 5 -3.30 -23.42 3.60
N SER A 6 -3.36 -22.72 2.50
CA SER A 6 -2.34 -22.83 1.47
C SER A 6 -2.37 -21.60 0.56
N GLY A 7 -1.26 -21.40 -0.15
CA GLY A 7 -1.14 -20.27 -1.06
C GLY A 7 0.23 -20.25 -1.72
N PRO A 8 0.49 -19.13 -2.46
CA PRO A 8 1.75 -18.97 -3.15
C PRO A 8 2.87 -18.62 -2.17
N HIS A 9 3.98 -18.14 -2.73
CA HIS A 9 5.12 -17.76 -1.91
C HIS A 9 6.25 -17.28 -2.82
N GLY A 10 6.93 -16.25 -2.36
CA GLY A 10 8.04 -15.68 -3.11
C GLY A 10 8.38 -14.27 -2.61
N THR A 11 8.20 -13.31 -3.50
CA THR A 11 8.48 -11.92 -3.17
C THR A 11 7.41 -10.99 -3.76
N LEU A 12 7.19 -9.88 -3.08
CA LEU A 12 6.21 -8.91 -3.53
C LEU A 12 6.91 -7.59 -3.86
N GLU A 13 6.34 -6.88 -4.81
CA GLU A 13 6.89 -5.60 -5.22
C GLU A 13 5.84 -4.49 -5.10
N VAL A 14 5.88 -3.79 -3.98
CA VAL A 14 4.95 -2.72 -3.74
C VAL A 14 5.48 -1.42 -4.36
N VAL A 15 4.68 -0.86 -5.27
CA VAL A 15 5.06 0.36 -5.94
C VAL A 15 4.06 1.46 -5.58
N LEU A 16 4.41 2.22 -4.57
CA LEU A 16 3.55 3.31 -4.11
C LEU A 16 3.68 4.49 -5.08
N VAL A 17 2.85 4.44 -6.12
CA VAL A 17 2.87 5.50 -7.13
C VAL A 17 2.53 6.82 -6.46
N SER A 18 1.23 7.10 -6.37
CA SER A 18 0.77 8.33 -5.76
C SER A 18 -0.56 8.09 -5.04
N ALA A 19 -1.21 9.19 -4.68
CA ALA A 19 -2.48 9.12 -3.99
C ALA A 19 -3.22 10.44 -4.13
N LYS A 20 -4.37 10.37 -4.79
CA LYS A 20 -5.18 11.56 -5.01
C LYS A 20 -6.36 11.55 -4.04
N GLY A 21 -6.80 12.75 -3.67
CA GLY A 21 -7.92 12.88 -2.76
C GLY A 21 -9.25 12.94 -3.52
N LEU A 22 -10.14 13.78 -3.02
CA LEU A 22 -11.44 13.95 -3.64
C LEU A 22 -11.62 15.38 -4.11
N GLU A 23 -12.61 15.59 -4.95
CA GLU A 23 -12.89 16.91 -5.48
C GLU A 23 -13.73 17.71 -4.48
N ASP A 24 -14.38 16.98 -3.58
CA ASP A 24 -15.22 17.61 -2.58
C ASP A 24 -14.78 17.13 -1.19
N ALA A 25 -13.47 17.15 -0.97
CA ALA A 25 -12.91 16.72 0.29
C ALA A 25 -11.47 17.22 0.41
N ASP A 26 -11.18 17.85 1.53
CA ASP A 26 -9.85 18.37 1.78
C ASP A 26 -8.97 17.27 2.38
N PHE A 27 -8.31 16.54 1.49
CA PHE A 27 -7.43 15.46 1.91
C PHE A 27 -6.08 15.54 1.23
N LEU A 28 -5.03 15.54 2.04
CA LEU A 28 -3.68 15.62 1.52
C LEU A 28 -3.44 17.01 0.92
N ASN A 29 -4.10 17.99 1.52
CA ASN A 29 -3.98 19.37 1.06
C ASN A 29 -2.52 19.81 1.18
N ASN A 30 -2.33 21.09 1.44
CA ASN A 30 -0.99 21.65 1.58
C ASN A 30 -0.33 21.05 2.81
N MET A 31 0.07 19.80 2.69
CA MET A 31 0.72 19.10 3.79
C MET A 31 1.75 18.10 3.27
N ASP A 32 2.41 17.43 4.20
CA ASP A 32 3.42 16.45 3.85
C ASP A 32 3.01 15.07 4.38
N PRO A 33 2.05 14.43 3.66
CA PRO A 33 1.56 13.13 4.05
C PRO A 33 2.59 12.04 3.73
N TYR A 34 2.36 10.86 4.30
CA TYR A 34 3.26 9.74 4.09
C TYR A 34 2.58 8.42 4.47
N VAL A 35 2.67 7.45 3.57
CA VAL A 35 2.08 6.15 3.81
C VAL A 35 3.12 5.22 4.42
N GLN A 36 2.63 4.23 5.14
CA GLN A 36 3.51 3.27 5.80
C GLN A 36 3.15 1.84 5.35
N LEU A 37 3.87 1.38 4.35
CA LEU A 37 3.64 0.04 3.83
C LEU A 37 3.99 -0.99 4.90
N THR A 38 3.00 -1.80 5.24
CA THR A 38 3.19 -2.82 6.26
C THR A 38 2.82 -4.20 5.70
N CYS A 39 3.64 -5.18 6.04
CA CYS A 39 3.40 -6.54 5.59
C CYS A 39 3.75 -7.50 6.72
N ARG A 40 2.71 -7.93 7.43
CA ARG A 40 2.89 -8.84 8.55
C ARG A 40 3.75 -8.19 9.64
N THR A 41 5.05 -8.37 9.49
CA THR A 41 5.99 -7.80 10.46
C THR A 41 6.94 -6.84 9.77
N GLN A 42 6.73 -6.67 8.47
CA GLN A 42 7.57 -5.78 7.68
C GLN A 42 6.89 -4.42 7.51
N ASP A 43 7.53 -3.41 8.10
CA ASP A 43 6.99 -2.05 8.02
C ASP A 43 7.97 -1.18 7.24
N GLN A 44 7.47 -0.64 6.14
CA GLN A 44 8.28 0.23 5.30
C GLN A 44 7.48 1.47 4.89
N LYS A 45 8.05 2.63 5.21
CA LYS A 45 7.41 3.89 4.89
C LYS A 45 8.12 4.53 3.69
N SER A 46 7.47 5.53 3.12
CA SER A 46 8.02 6.23 1.98
C SER A 46 8.41 7.65 2.36
N ASN A 47 9.28 8.24 1.56
CA ASN A 47 9.74 9.60 1.81
C ASN A 47 8.53 10.50 2.05
N VAL A 48 8.75 11.52 2.87
CA VAL A 48 7.69 12.45 3.19
C VAL A 48 7.45 13.38 2.00
N ALA A 49 6.25 13.29 1.44
CA ALA A 49 5.89 14.10 0.30
C ALA A 49 5.88 15.58 0.72
N GLU A 50 7.05 16.19 0.64
CA GLU A 50 7.18 17.60 1.00
C GLU A 50 6.64 18.48 -0.12
N GLY A 51 5.81 19.44 0.28
CA GLY A 51 5.22 20.36 -0.67
C GLY A 51 4.88 19.65 -1.99
N MET A 52 3.82 18.85 -1.94
CA MET A 52 3.38 18.12 -3.11
C MET A 52 2.00 18.58 -3.57
N GLY A 53 1.20 18.98 -2.60
CA GLY A 53 -0.15 19.46 -2.88
C GLY A 53 -1.19 18.36 -2.58
N THR A 54 -2.29 18.43 -3.32
CA THR A 54 -3.36 17.45 -3.14
C THR A 54 -3.13 16.24 -4.04
N THR A 55 -1.87 16.01 -4.38
CA THR A 55 -1.51 14.89 -5.23
C THR A 55 -0.02 14.56 -5.09
N PRO A 56 0.34 14.02 -3.89
CA PRO A 56 1.71 13.67 -3.62
C PRO A 56 2.12 12.39 -4.36
N GLU A 57 3.34 12.38 -4.86
CA GLU A 57 3.86 11.23 -5.59
C GLU A 57 5.08 10.66 -4.89
N TRP A 58 5.15 9.34 -4.86
CA TRP A 58 6.27 8.66 -4.23
C TRP A 58 6.97 7.82 -5.30
N ASN A 59 6.17 7.15 -6.10
CA ASN A 59 6.70 6.30 -7.16
C ASN A 59 7.85 5.47 -6.61
N GLU A 60 7.71 5.08 -5.35
CA GLU A 60 8.72 4.28 -4.69
C GLU A 60 8.43 2.79 -4.89
N THR A 61 9.39 1.97 -4.48
CA THR A 61 9.26 0.54 -4.60
C THR A 61 9.68 -0.16 -3.31
N PHE A 62 8.77 -0.97 -2.78
CA PHE A 62 9.03 -1.70 -1.55
C PHE A 62 8.80 -3.20 -1.74
N ILE A 63 9.82 -3.96 -1.39
CA ILE A 63 9.75 -5.41 -1.51
C ILE A 63 9.38 -6.02 -0.15
N PHE A 64 8.58 -7.07 -0.22
CA PHE A 64 8.15 -7.75 1.00
C PHE A 64 8.22 -9.27 0.83
N THR A 65 8.67 -9.94 1.88
CA THR A 65 8.79 -11.38 1.86
C THR A 65 7.40 -12.03 1.99
N VAL A 66 6.97 -12.64 0.90
CA VAL A 66 5.67 -13.29 0.87
C VAL A 66 5.85 -14.79 1.15
N SER A 67 4.84 -15.37 1.77
CA SER A 67 4.88 -16.78 2.11
C SER A 67 3.53 -17.22 2.68
N GLU A 68 3.28 -16.79 3.92
CA GLU A 68 2.04 -17.13 4.58
C GLU A 68 1.53 -15.93 5.39
N GLY A 69 0.21 -15.75 5.34
CA GLY A 69 -0.41 -14.65 6.06
C GLY A 69 -0.51 -13.40 5.17
N THR A 70 0.59 -13.09 4.52
CA THR A 70 0.66 -11.93 3.64
C THR A 70 -0.31 -12.12 2.47
N THR A 71 -1.57 -11.74 2.71
CA THR A 71 -2.60 -11.85 1.70
C THR A 71 -3.04 -10.47 1.25
N GLU A 72 -2.70 -9.48 2.05
CA GLU A 72 -3.06 -8.10 1.74
C GLU A 72 -2.05 -7.13 2.37
N LEU A 73 -2.08 -5.91 1.87
CA LEU A 73 -1.17 -4.89 2.36
C LEU A 73 -1.98 -3.75 2.99
N LYS A 74 -1.40 -3.17 4.04
CA LYS A 74 -2.05 -2.08 4.74
C LYS A 74 -1.31 -0.78 4.46
N ALA A 75 -2.05 0.19 3.93
CA ALA A 75 -1.46 1.48 3.60
C ALA A 75 -2.22 2.57 4.36
N LYS A 76 -1.61 3.05 5.43
CA LYS A 76 -2.21 4.09 6.24
C LYS A 76 -1.53 5.43 5.95
N ILE A 77 -2.35 6.46 5.84
CA ILE A 77 -1.85 7.80 5.57
C ILE A 77 -1.79 8.61 6.87
N PHE A 78 -0.59 9.04 7.21
CA PHE A 78 -0.39 9.81 8.42
C PHE A 78 0.32 11.13 8.12
N ASP A 79 0.33 12.01 9.11
CA ASP A 79 0.98 13.30 8.95
C ASP A 79 2.42 13.22 9.47
N LYS A 80 3.33 13.78 8.70
CA LYS A 80 4.73 13.77 9.07
C LYS A 80 4.88 14.25 10.51
N ASP A 81 3.86 14.97 10.98
CA ASP A 81 3.86 15.48 12.33
C ASP A 81 3.44 14.38 13.30
N VAL A 82 2.55 13.53 12.81
CA VAL A 82 2.05 12.43 13.63
C VAL A 82 2.86 11.17 13.32
N GLY A 83 2.37 10.05 13.82
CA GLY A 83 3.04 8.78 13.61
C GLY A 83 2.04 7.66 13.30
N THR A 84 2.46 6.75 12.44
CA THR A 84 1.62 5.64 12.06
C THR A 84 0.75 5.19 13.23
N GLU A 85 1.33 5.28 14.42
CA GLU A 85 0.64 4.89 15.63
C GLU A 85 0.08 6.12 16.35
N ASP A 86 -0.93 6.71 15.74
CA ASP A 86 -1.56 7.89 16.30
C ASP A 86 -2.90 8.13 15.61
N ASP A 87 -2.81 8.57 14.36
CA ASP A 87 -4.00 8.84 13.56
C ASP A 87 -3.60 9.08 12.11
N ALA A 88 -4.16 8.25 11.24
CA ALA A 88 -3.87 8.36 9.81
C ALA A 88 -5.04 9.05 9.12
N VAL A 89 -4.72 10.13 8.42
CA VAL A 89 -5.72 10.90 7.71
C VAL A 89 -6.66 9.92 6.98
N GLY A 90 -6.11 8.76 6.64
CA GLY A 90 -6.89 7.76 5.94
C GLY A 90 -6.08 6.47 5.77
N GLU A 91 -6.70 5.49 5.12
CA GLU A 91 -6.04 4.21 4.89
C GLU A 91 -6.64 3.53 3.65
N ALA A 92 -6.01 2.44 3.25
CA ALA A 92 -6.45 1.69 2.10
C ALA A 92 -5.97 0.24 2.21
N THR A 93 -6.86 -0.67 1.85
CA THR A 93 -6.54 -2.08 1.90
C THR A 93 -6.15 -2.60 0.51
N ILE A 94 -4.89 -2.99 0.39
CA ILE A 94 -4.38 -3.50 -0.87
C ILE A 94 -4.19 -5.01 -0.77
N PRO A 95 -5.16 -5.75 -1.36
CA PRO A 95 -5.11 -7.21 -1.34
C PRO A 95 -4.05 -7.73 -2.32
N LEU A 96 -3.31 -8.73 -1.86
CA LEU A 96 -2.27 -9.32 -2.67
C LEU A 96 -2.81 -10.60 -3.33
N GLU A 97 -4.12 -10.78 -3.21
CA GLU A 97 -4.77 -11.94 -3.78
C GLU A 97 -4.72 -11.88 -5.31
N PRO A 98 -4.90 -10.64 -5.84
CA PRO A 98 -4.88 -10.43 -7.29
C PRO A 98 -3.45 -10.49 -7.82
N VAL A 99 -2.50 -10.19 -6.95
CA VAL A 99 -1.10 -10.21 -7.32
C VAL A 99 -0.56 -11.63 -7.20
N PHE A 100 -1.40 -12.50 -6.64
CA PHE A 100 -1.02 -13.89 -6.45
C PHE A 100 -1.54 -14.76 -7.60
N VAL A 101 -2.68 -14.36 -8.13
CA VAL A 101 -3.30 -15.09 -9.22
C VAL A 101 -2.85 -14.49 -10.56
N GLU A 102 -2.60 -13.18 -10.53
CA GLU A 102 -2.16 -12.48 -11.73
C GLU A 102 -0.64 -12.49 -11.82
N GLY A 103 -0.01 -12.47 -10.64
CA GLY A 103 1.45 -12.46 -10.58
C GLY A 103 2.00 -11.05 -10.72
N SER A 104 1.13 -10.14 -11.10
CA SER A 104 1.51 -8.76 -11.29
C SER A 104 0.28 -7.87 -11.40
N ILE A 105 0.26 -6.81 -10.60
CA ILE A 105 -0.86 -5.88 -10.61
C ILE A 105 -0.35 -4.48 -10.96
N PRO A 106 -1.10 -3.81 -11.87
CA PRO A 106 -0.74 -2.47 -12.31
C PRO A 106 -1.07 -1.44 -11.22
N PRO A 107 -0.55 -0.20 -11.42
CA PRO A 107 -0.78 0.87 -10.48
C PRO A 107 -2.20 1.42 -10.62
N THR A 108 -3.05 1.01 -9.68
CA THR A 108 -4.43 1.44 -9.68
C THR A 108 -4.74 2.25 -8.42
N ALA A 109 -5.72 3.14 -8.54
CA ALA A 109 -6.11 3.97 -7.42
C ALA A 109 -7.04 3.18 -6.50
N TYR A 110 -6.50 2.81 -5.34
CA TYR A 110 -7.27 2.04 -4.37
C TYR A 110 -8.09 2.97 -3.48
N ASN A 111 -9.28 2.49 -3.14
CA ASN A 111 -10.18 3.26 -2.29
C ASN A 111 -9.51 3.53 -0.95
N VAL A 112 -9.56 4.79 -0.54
CA VAL A 112 -8.97 5.19 0.72
C VAL A 112 -10.08 5.59 1.70
N VAL A 113 -10.20 4.82 2.77
CA VAL A 113 -11.21 5.08 3.78
C VAL A 113 -10.53 5.52 5.07
N LYS A 114 -11.33 5.98 6.02
CA LYS A 114 -10.82 6.42 7.29
C LYS A 114 -11.80 6.02 8.40
N ASP A 115 -11.58 4.82 8.92
CA ASP A 115 -12.43 4.31 9.99
C ASP A 115 -13.68 3.67 9.37
N GLU A 116 -13.97 4.09 8.15
CA GLU A 116 -15.13 3.57 7.44
C GLU A 116 -15.53 4.51 6.31
N GLU A 117 -15.20 5.79 6.50
CA GLU A 117 -15.52 6.80 5.51
C GLU A 117 -14.49 6.78 4.38
N TYR A 118 -14.83 7.45 3.29
CA TYR A 118 -13.94 7.53 2.15
C TYR A 118 -13.23 8.87 2.09
N LYS A 119 -11.90 8.81 2.18
CA LYS A 119 -11.10 10.02 2.15
C LYS A 119 -10.75 10.35 0.70
N GLY A 120 -10.14 9.37 0.03
CA GLY A 120 -9.75 9.54 -1.36
C GLY A 120 -9.35 8.21 -1.99
N GLU A 121 -8.27 8.26 -2.75
CA GLU A 121 -7.78 7.06 -3.42
C GLU A 121 -6.25 7.03 -3.38
N ILE A 122 -5.71 5.83 -3.23
CA ILE A 122 -4.27 5.65 -3.19
C ILE A 122 -3.83 4.77 -4.35
N TRP A 123 -2.93 5.30 -5.15
CA TRP A 123 -2.42 4.57 -6.31
C TRP A 123 -1.29 3.66 -5.82
N VAL A 124 -1.50 2.37 -6.02
CA VAL A 124 -0.51 1.37 -5.61
C VAL A 124 -0.36 0.33 -6.71
N ALA A 125 0.80 -0.31 -6.71
CA ALA A 125 1.08 -1.34 -7.71
C ALA A 125 1.89 -2.46 -7.05
N LEU A 126 1.35 -3.67 -7.15
CA LEU A 126 2.00 -4.83 -6.58
C LEU A 126 2.40 -5.80 -7.70
N SER A 127 3.62 -6.33 -7.58
CA SER A 127 4.12 -7.26 -8.57
C SER A 127 4.80 -8.44 -7.88
N PHE A 128 4.02 -9.50 -7.70
CA PHE A 128 4.54 -10.70 -7.05
C PHE A 128 5.64 -11.35 -7.89
N LYS A 129 6.47 -12.12 -7.22
CA LYS A 129 7.57 -12.80 -7.89
C LYS A 129 7.77 -14.17 -7.26
N PRO A 130 7.06 -15.18 -7.82
CA PRO A 130 7.17 -16.54 -7.32
C PRO A 130 8.49 -17.18 -7.75
N SER A 131 8.98 -18.06 -6.88
CA SER A 131 10.23 -18.76 -7.14
C SER A 131 9.98 -19.91 -8.13
N GLY A 132 10.03 -19.58 -9.40
CA GLY A 132 9.83 -20.56 -10.45
C GLY A 132 10.71 -20.29 -11.66
N PRO A 133 10.14 -20.52 -12.86
CA PRO A 133 10.87 -20.29 -14.10
C PRO A 133 10.99 -18.81 -14.41
N SER A 134 11.95 -18.17 -13.75
CA SER A 134 12.17 -16.75 -13.94
C SER A 134 13.53 -16.36 -13.38
N SER A 135 14.23 -15.51 -14.12
CA SER A 135 15.54 -15.04 -13.70
C SER A 135 16.00 -13.89 -14.61
N GLY A 136 16.33 -12.77 -13.97
CA GLY A 136 16.78 -11.60 -14.69
C GLY A 136 18.29 -11.40 -14.52
N GLY A 1 6.79 -30.45 11.99
CA GLY A 1 6.04 -29.22 12.12
C GLY A 1 5.25 -28.92 10.84
N SER A 2 4.98 -27.64 10.63
CA SER A 2 4.24 -27.22 9.46
C SER A 2 5.00 -27.59 8.19
N SER A 3 4.34 -28.38 7.36
CA SER A 3 4.94 -28.82 6.11
C SER A 3 3.87 -28.99 5.04
N GLY A 4 3.55 -27.87 4.40
CA GLY A 4 2.54 -27.88 3.35
C GLY A 4 2.16 -26.46 2.94
N SER A 5 1.13 -25.94 3.60
CA SER A 5 0.67 -24.59 3.32
C SER A 5 0.33 -24.45 1.83
N SER A 6 -0.96 -24.47 1.55
CA SER A 6 -1.42 -24.36 0.18
C SER A 6 -1.57 -22.88 -0.20
N GLY A 7 -1.11 -22.55 -1.39
CA GLY A 7 -1.19 -21.18 -1.88
C GLY A 7 0.14 -20.74 -2.48
N PRO A 8 0.20 -19.42 -2.84
CA PRO A 8 1.40 -18.86 -3.42
C PRO A 8 2.48 -18.65 -2.36
N HIS A 9 3.63 -18.16 -2.82
CA HIS A 9 4.74 -17.92 -1.91
C HIS A 9 5.93 -17.38 -2.71
N GLY A 10 6.36 -16.18 -2.35
CA GLY A 10 7.49 -15.55 -3.02
C GLY A 10 7.73 -14.15 -2.48
N THR A 11 8.10 -13.25 -3.38
CA THR A 11 8.37 -11.87 -3.00
C THR A 11 7.29 -10.95 -3.56
N LEU A 12 6.97 -9.93 -2.78
CA LEU A 12 5.96 -8.96 -3.19
C LEU A 12 6.64 -7.63 -3.51
N GLU A 13 6.06 -6.93 -4.48
CA GLU A 13 6.60 -5.64 -4.89
C GLU A 13 5.49 -4.58 -4.90
N VAL A 14 5.62 -3.63 -3.99
CA VAL A 14 4.65 -2.56 -3.88
C VAL A 14 5.24 -1.27 -4.46
N VAL A 15 4.66 -0.84 -5.58
CA VAL A 15 5.13 0.37 -6.23
C VAL A 15 4.23 1.54 -5.82
N LEU A 16 4.63 2.20 -4.74
CA LEU A 16 3.88 3.32 -4.22
C LEU A 16 3.95 4.47 -5.24
N VAL A 17 2.84 4.65 -5.95
CA VAL A 17 2.76 5.71 -6.95
C VAL A 17 2.35 7.02 -6.27
N SER A 18 1.05 7.20 -6.16
CA SER A 18 0.52 8.41 -5.53
C SER A 18 -0.89 8.14 -4.99
N ALA A 19 -1.52 9.20 -4.52
CA ALA A 19 -2.86 9.09 -3.97
C ALA A 19 -3.61 10.41 -4.21
N LYS A 20 -4.80 10.28 -4.80
CA LYS A 20 -5.62 11.44 -5.08
C LYS A 20 -6.87 11.42 -4.20
N GLY A 21 -7.40 12.61 -3.95
CA GLY A 21 -8.59 12.72 -3.11
C GLY A 21 -9.81 13.09 -3.96
N LEU A 22 -10.93 13.24 -3.28
CA LEU A 22 -12.17 13.59 -3.95
C LEU A 22 -12.17 15.08 -4.28
N GLU A 23 -13.08 15.47 -5.16
CA GLU A 23 -13.18 16.86 -5.57
C GLU A 23 -13.18 17.77 -4.34
N ASP A 24 -14.04 17.43 -3.39
CA ASP A 24 -14.15 18.21 -2.17
C ASP A 24 -13.69 17.36 -0.98
N ALA A 25 -12.42 16.99 -1.00
CA ALA A 25 -11.85 16.18 0.05
C ALA A 25 -10.55 16.81 0.55
N ASP A 26 -10.56 17.23 1.80
CA ASP A 26 -9.40 17.86 2.40
C ASP A 26 -8.40 16.78 2.81
N PHE A 27 -8.03 15.96 1.83
CA PHE A 27 -7.09 14.88 2.07
C PHE A 27 -5.79 15.11 1.30
N LEU A 28 -4.70 15.18 2.05
CA LEU A 28 -3.39 15.40 1.45
C LEU A 28 -3.29 16.85 0.97
N ASN A 29 -4.07 17.71 1.60
CA ASN A 29 -4.09 19.12 1.25
C ASN A 29 -2.69 19.71 1.49
N ASN A 30 -2.67 20.96 1.89
CA ASN A 30 -1.43 21.66 2.15
C ASN A 30 -0.73 21.00 3.35
N MET A 31 -0.18 19.82 3.10
CA MET A 31 0.52 19.07 4.13
C MET A 31 1.65 18.25 3.55
N ASP A 32 2.26 17.43 4.40
CA ASP A 32 3.36 16.58 3.99
C ASP A 32 3.13 15.16 4.52
N PRO A 33 2.05 14.52 3.99
CA PRO A 33 1.72 13.16 4.40
C PRO A 33 2.67 12.15 3.77
N TYR A 34 2.72 10.97 4.39
CA TYR A 34 3.58 9.91 3.91
C TYR A 34 2.90 8.55 4.01
N VAL A 35 3.22 7.67 3.08
CA VAL A 35 2.66 6.34 3.07
C VAL A 35 3.56 5.38 3.83
N GLN A 36 2.95 4.39 4.45
CA GLN A 36 3.69 3.40 5.22
C GLN A 36 3.14 2.00 4.95
N LEU A 37 3.80 1.32 4.02
CA LEU A 37 3.39 -0.04 3.67
C LEU A 37 3.63 -0.96 4.86
N THR A 38 2.58 -1.67 5.24
CA THR A 38 2.67 -2.60 6.36
C THR A 38 2.33 -4.02 5.90
N CYS A 39 3.10 -4.97 6.41
CA CYS A 39 2.90 -6.37 6.07
C CYS A 39 3.00 -7.20 7.35
N ARG A 40 1.86 -7.37 8.00
CA ARG A 40 1.81 -8.14 9.23
C ARG A 40 2.59 -7.43 10.33
N THR A 41 3.88 -7.74 10.40
CA THR A 41 4.75 -7.13 11.39
C THR A 41 5.80 -6.24 10.73
N GLN A 42 6.10 -6.58 9.48
CA GLN A 42 7.08 -5.82 8.72
C GLN A 42 6.40 -4.71 7.92
N ASP A 43 6.87 -3.49 8.15
CA ASP A 43 6.32 -2.34 7.46
C ASP A 43 7.46 -1.47 6.95
N GLN A 44 7.08 -0.44 6.19
CA GLN A 44 8.06 0.47 5.61
C GLN A 44 7.39 1.81 5.29
N LYS A 45 8.13 2.88 5.56
CA LYS A 45 7.64 4.22 5.29
C LYS A 45 8.32 4.77 4.04
N SER A 46 7.68 5.76 3.44
CA SER A 46 8.21 6.39 2.24
C SER A 46 8.57 7.84 2.54
N ASN A 47 9.21 8.46 1.56
CA ASN A 47 9.63 9.85 1.70
C ASN A 47 8.42 10.70 2.09
N VAL A 48 8.71 11.92 2.53
CA VAL A 48 7.66 12.83 2.94
C VAL A 48 7.26 13.71 1.75
N ALA A 49 5.99 13.62 1.39
CA ALA A 49 5.47 14.39 0.27
C ALA A 49 5.55 15.88 0.62
N GLU A 50 6.72 16.45 0.39
CA GLU A 50 6.92 17.87 0.67
C GLU A 50 6.26 18.72 -0.40
N GLY A 51 5.33 19.56 0.05
CA GLY A 51 4.62 20.44 -0.86
C GLY A 51 4.36 19.75 -2.21
N MET A 52 3.41 18.82 -2.17
CA MET A 52 3.06 18.08 -3.38
C MET A 52 1.62 18.38 -3.81
N GLY A 53 0.79 18.63 -2.80
CA GLY A 53 -0.61 18.94 -3.06
C GLY A 53 -1.52 17.79 -2.61
N THR A 54 -2.73 17.80 -3.13
CA THR A 54 -3.69 16.76 -2.79
C THR A 54 -3.43 15.49 -3.61
N THR A 55 -2.36 15.55 -4.40
CA THR A 55 -1.99 14.43 -5.23
C THR A 55 -0.48 14.17 -5.13
N PRO A 56 -0.04 13.80 -3.90
CA PRO A 56 1.37 13.51 -3.66
C PRO A 56 1.76 12.16 -4.25
N GLU A 57 2.81 12.19 -5.07
CA GLU A 57 3.30 10.98 -5.70
C GLU A 57 4.64 10.57 -5.09
N TRP A 58 4.68 9.35 -4.59
CA TRP A 58 5.89 8.83 -3.98
C TRP A 58 6.67 8.06 -5.06
N ASN A 59 5.93 7.27 -5.82
CA ASN A 59 6.54 6.48 -6.88
C ASN A 59 7.68 5.65 -6.30
N GLU A 60 7.45 5.12 -5.11
CA GLU A 60 8.45 4.31 -4.43
C GLU A 60 8.20 2.83 -4.72
N THR A 61 9.15 2.01 -4.30
CA THR A 61 9.06 0.57 -4.49
C THR A 61 9.49 -0.17 -3.23
N PHE A 62 8.55 -0.94 -2.68
CA PHE A 62 8.82 -1.71 -1.48
C PHE A 62 8.68 -3.21 -1.74
N ILE A 63 9.49 -3.98 -1.03
CA ILE A 63 9.47 -5.43 -1.18
C ILE A 63 9.09 -6.06 0.16
N PHE A 64 8.32 -7.13 0.08
CA PHE A 64 7.88 -7.84 1.27
C PHE A 64 7.84 -9.35 1.02
N THR A 65 8.35 -10.09 1.99
CA THR A 65 8.38 -11.54 1.90
C THR A 65 7.02 -12.12 2.29
N VAL A 66 6.46 -12.92 1.39
CA VAL A 66 5.18 -13.54 1.64
C VAL A 66 5.37 -15.05 1.79
N SER A 67 4.58 -15.62 2.68
CA SER A 67 4.65 -17.05 2.94
C SER A 67 4.10 -17.37 4.33
N GLU A 68 2.96 -16.75 4.64
CA GLU A 68 2.33 -16.96 5.93
C GLU A 68 0.91 -16.40 5.91
N GLY A 69 0.21 -16.68 4.82
CA GLY A 69 -1.16 -16.22 4.66
C GLY A 69 -1.20 -14.83 4.02
N THR A 70 -0.14 -14.07 4.27
CA THR A 70 -0.05 -12.73 3.72
C THR A 70 -0.63 -12.68 2.31
N THR A 71 -1.76 -12.01 2.19
CA THR A 71 -2.44 -11.89 0.91
C THR A 71 -3.02 -10.49 0.74
N GLU A 72 -2.33 -9.52 1.34
CA GLU A 72 -2.77 -8.14 1.26
C GLU A 72 -1.77 -7.23 1.98
N LEU A 73 -1.74 -5.98 1.54
CA LEU A 73 -0.84 -5.00 2.14
C LEU A 73 -1.66 -3.87 2.74
N LYS A 74 -1.19 -3.39 3.89
CA LYS A 74 -1.87 -2.30 4.58
C LYS A 74 -1.10 -1.00 4.37
N ALA A 75 -1.77 -0.04 3.75
CA ALA A 75 -1.15 1.25 3.48
C ALA A 75 -1.87 2.34 4.29
N LYS A 76 -1.15 2.86 5.28
CA LYS A 76 -1.71 3.90 6.13
C LYS A 76 -0.98 5.22 5.85
N ILE A 77 -1.77 6.28 5.77
CA ILE A 77 -1.22 7.61 5.51
C ILE A 77 -1.34 8.46 6.78
N PHE A 78 -0.31 9.26 7.01
CA PHE A 78 -0.28 10.13 8.17
C PHE A 78 0.34 11.48 7.83
N ASP A 79 0.72 12.20 8.88
CA ASP A 79 1.33 13.51 8.71
C ASP A 79 2.76 13.47 9.24
N LYS A 80 3.66 14.06 8.47
CA LYS A 80 5.06 14.11 8.84
C LYS A 80 5.17 14.48 10.32
N ASP A 81 4.18 15.23 10.78
CA ASP A 81 4.16 15.66 12.16
C ASP A 81 3.20 14.78 12.96
N VAL A 82 3.29 13.49 12.70
CA VAL A 82 2.45 12.53 13.38
C VAL A 82 3.15 11.16 13.42
N GLY A 83 2.84 10.40 14.45
CA GLY A 83 3.43 9.08 14.63
C GLY A 83 2.55 8.00 14.01
N THR A 84 3.19 7.09 13.29
CA THR A 84 2.47 6.00 12.65
C THR A 84 1.35 5.50 13.56
N GLU A 85 1.60 5.57 14.86
CA GLU A 85 0.63 5.12 15.84
C GLU A 85 -0.01 6.33 16.54
N ASP A 86 -0.56 7.21 15.74
CA ASP A 86 -1.21 8.41 16.27
C ASP A 86 -2.55 8.63 15.55
N ASP A 87 -2.45 8.95 14.27
CA ASP A 87 -3.63 9.19 13.47
C ASP A 87 -3.26 9.21 11.99
N ALA A 88 -3.76 8.21 11.26
CA ALA A 88 -3.48 8.10 9.84
C ALA A 88 -4.58 8.80 9.06
N VAL A 89 -4.18 9.84 8.33
CA VAL A 89 -5.12 10.60 7.53
C VAL A 89 -6.10 9.64 6.85
N GLY A 90 -5.62 8.44 6.58
CA GLY A 90 -6.43 7.43 5.94
C GLY A 90 -5.62 6.15 5.68
N GLU A 91 -6.32 5.15 5.17
CA GLU A 91 -5.68 3.87 4.87
C GLU A 91 -6.34 3.23 3.65
N ALA A 92 -5.71 2.16 3.18
CA ALA A 92 -6.22 1.44 2.02
C ALA A 92 -5.72 -0.01 2.05
N THR A 93 -6.61 -0.91 1.68
CA THR A 93 -6.28 -2.33 1.67
C THR A 93 -5.85 -2.77 0.27
N ILE A 94 -4.59 -3.17 0.17
CA ILE A 94 -4.05 -3.62 -1.11
C ILE A 94 -3.85 -5.13 -1.06
N PRO A 95 -4.82 -5.86 -1.68
CA PRO A 95 -4.77 -7.31 -1.73
C PRO A 95 -3.73 -7.79 -2.73
N LEU A 96 -2.94 -8.77 -2.32
CA LEU A 96 -1.90 -9.32 -3.17
C LEU A 96 -2.43 -10.59 -3.84
N GLU A 97 -3.72 -10.84 -3.62
CA GLU A 97 -4.35 -12.02 -4.21
C GLU A 97 -4.33 -11.93 -5.73
N PRO A 98 -4.58 -10.69 -6.25
CA PRO A 98 -4.60 -10.46 -7.68
C PRO A 98 -3.18 -10.45 -8.25
N VAL A 99 -2.23 -10.11 -7.39
CA VAL A 99 -0.83 -10.06 -7.79
C VAL A 99 -0.20 -11.43 -7.59
N PHE A 100 -0.99 -12.35 -7.04
CA PHE A 100 -0.53 -13.70 -6.79
C PHE A 100 -0.97 -14.65 -7.91
N VAL A 101 -2.12 -14.35 -8.47
CA VAL A 101 -2.67 -15.16 -9.54
C VAL A 101 -2.25 -14.57 -10.90
N GLU A 102 -2.16 -13.25 -10.92
CA GLU A 102 -1.77 -12.55 -12.13
C GLU A 102 -0.25 -12.51 -12.26
N GLY A 103 0.40 -12.21 -11.14
CA GLY A 103 1.85 -12.14 -11.12
C GLY A 103 2.33 -10.69 -11.21
N SER A 104 1.41 -9.81 -11.56
CA SER A 104 1.71 -8.40 -11.69
C SER A 104 0.43 -7.58 -11.80
N ILE A 105 0.34 -6.56 -10.97
CA ILE A 105 -0.83 -5.70 -10.96
C ILE A 105 -0.40 -4.26 -11.27
N PRO A 106 -1.23 -3.59 -12.11
CA PRO A 106 -0.95 -2.21 -12.49
C PRO A 106 -1.26 -1.25 -11.35
N PRO A 107 -0.83 0.03 -11.54
CA PRO A 107 -1.07 1.06 -10.53
C PRO A 107 -2.53 1.51 -10.54
N THR A 108 -3.25 1.09 -9.52
CA THR A 108 -4.66 1.43 -9.40
C THR A 108 -4.91 2.17 -8.07
N ALA A 109 -5.85 3.10 -8.12
CA ALA A 109 -6.19 3.89 -6.95
C ALA A 109 -7.10 3.05 -6.04
N TYR A 110 -6.51 2.58 -4.95
CA TYR A 110 -7.25 1.77 -3.99
C TYR A 110 -8.07 2.65 -3.04
N ASN A 111 -9.33 2.29 -2.89
CA ASN A 111 -10.22 3.03 -2.02
C ASN A 111 -9.49 3.35 -0.70
N VAL A 112 -9.43 4.63 -0.38
CA VAL A 112 -8.78 5.07 0.83
C VAL A 112 -9.83 5.61 1.81
N VAL A 113 -10.01 4.87 2.89
CA VAL A 113 -10.98 5.25 3.90
C VAL A 113 -10.24 5.64 5.18
N LYS A 114 -11.00 6.20 6.12
CA LYS A 114 -10.43 6.62 7.39
C LYS A 114 -11.45 6.38 8.50
N ASP A 115 -11.39 5.18 9.06
CA ASP A 115 -12.29 4.81 10.13
C ASP A 115 -13.58 4.25 9.53
N GLU A 116 -13.83 4.62 8.29
CA GLU A 116 -15.02 4.16 7.59
C GLU A 116 -15.40 5.14 6.48
N GLU A 117 -14.91 6.37 6.62
CA GLU A 117 -15.17 7.40 5.63
C GLU A 117 -14.14 7.36 4.51
N TYR A 118 -14.63 7.52 3.29
CA TYR A 118 -13.77 7.49 2.12
C TYR A 118 -13.00 8.81 1.98
N LYS A 119 -11.69 8.71 2.14
CA LYS A 119 -10.84 9.88 2.03
C LYS A 119 -10.44 10.09 0.57
N GLY A 120 -10.38 8.99 -0.16
CA GLY A 120 -10.02 9.03 -1.56
C GLY A 120 -9.53 7.67 -2.05
N GLU A 121 -8.44 7.71 -2.81
CA GLU A 121 -7.86 6.49 -3.35
C GLU A 121 -6.34 6.59 -3.38
N ILE A 122 -5.69 5.45 -3.21
CA ILE A 122 -4.24 5.40 -3.22
C ILE A 122 -3.77 4.56 -4.40
N TRP A 123 -2.98 5.18 -5.26
CA TRP A 123 -2.44 4.50 -6.43
C TRP A 123 -1.20 3.72 -6.01
N VAL A 124 -1.23 2.42 -6.26
CA VAL A 124 -0.13 1.56 -5.92
C VAL A 124 -0.12 0.33 -6.84
N ALA A 125 1.05 0.02 -7.36
CA ALA A 125 1.20 -1.11 -8.25
C ALA A 125 1.82 -2.28 -7.48
N LEU A 126 1.29 -3.46 -7.75
CA LEU A 126 1.79 -4.66 -7.09
C LEU A 126 2.43 -5.58 -8.12
N SER A 127 3.58 -6.13 -7.76
CA SER A 127 4.31 -7.01 -8.63
C SER A 127 4.92 -8.17 -7.83
N PHE A 128 4.21 -9.28 -7.83
CA PHE A 128 4.66 -10.46 -7.10
C PHE A 128 5.76 -11.18 -7.89
N LYS A 129 6.58 -11.92 -7.14
CA LYS A 129 7.68 -12.66 -7.75
C LYS A 129 7.77 -14.04 -7.08
N PRO A 130 7.06 -15.03 -7.70
CA PRO A 130 7.06 -16.38 -7.18
C PRO A 130 8.39 -17.08 -7.50
N SER A 131 8.78 -17.95 -6.58
CA SER A 131 10.02 -18.69 -6.75
C SER A 131 9.81 -19.85 -7.73
N GLY A 132 9.97 -19.53 -9.01
CA GLY A 132 9.80 -20.53 -10.05
C GLY A 132 10.96 -21.52 -10.06
N PRO A 133 11.28 -22.02 -11.28
CA PRO A 133 12.37 -22.97 -11.43
C PRO A 133 13.73 -22.29 -11.32
N SER A 134 13.98 -21.74 -10.14
CA SER A 134 15.23 -21.05 -9.87
C SER A 134 15.32 -19.79 -10.74
N SER A 135 14.58 -18.78 -10.34
CA SER A 135 14.57 -17.52 -11.07
C SER A 135 14.34 -17.78 -12.57
N GLY A 136 13.09 -17.66 -12.98
CA GLY A 136 12.74 -17.88 -14.37
C GLY A 136 12.94 -19.35 -14.76
N GLY A 1 -10.88 -28.82 11.73
CA GLY A 1 -11.74 -28.74 10.57
C GLY A 1 -10.92 -28.62 9.28
N SER A 2 -11.36 -27.71 8.42
CA SER A 2 -10.67 -27.49 7.16
C SER A 2 -9.22 -27.09 7.42
N SER A 3 -8.32 -27.79 6.74
CA SER A 3 -6.90 -27.52 6.89
C SER A 3 -6.17 -27.88 5.60
N GLY A 4 -5.30 -26.96 5.18
CA GLY A 4 -4.53 -27.18 3.96
C GLY A 4 -4.71 -26.00 3.00
N SER A 5 -5.03 -26.34 1.76
CA SER A 5 -5.22 -25.32 0.73
C SER A 5 -3.87 -24.79 0.27
N SER A 6 -3.11 -24.26 1.23
CA SER A 6 -1.80 -23.72 0.93
C SER A 6 -1.94 -22.51 0.00
N GLY A 7 -1.11 -21.51 0.25
CA GLY A 7 -1.13 -20.30 -0.55
C GLY A 7 0.15 -20.17 -1.38
N PRO A 8 0.36 -18.95 -1.94
CA PRO A 8 1.53 -18.69 -2.75
C PRO A 8 2.77 -18.54 -1.87
N HIS A 9 3.87 -18.13 -2.51
CA HIS A 9 5.12 -17.94 -1.80
C HIS A 9 6.17 -17.36 -2.75
N GLY A 10 6.72 -16.23 -2.34
CA GLY A 10 7.74 -15.57 -3.15
C GLY A 10 8.02 -14.16 -2.63
N THR A 11 8.20 -13.23 -3.56
CA THR A 11 8.48 -11.85 -3.19
C THR A 11 7.42 -10.93 -3.78
N LEU A 12 7.10 -9.88 -3.03
CA LEU A 12 6.11 -8.92 -3.46
C LEU A 12 6.80 -7.58 -3.73
N GLU A 13 6.28 -6.89 -4.74
CA GLU A 13 6.83 -5.60 -5.13
C GLU A 13 5.73 -4.54 -5.12
N VAL A 14 5.74 -3.73 -4.07
CA VAL A 14 4.74 -2.67 -3.94
C VAL A 14 5.30 -1.38 -4.55
N VAL A 15 4.54 -0.82 -5.48
CA VAL A 15 4.94 0.40 -6.14
C VAL A 15 3.95 1.52 -5.78
N LEU A 16 4.23 2.17 -4.66
CA LEU A 16 3.38 3.25 -4.20
C LEU A 16 3.55 4.46 -5.12
N VAL A 17 2.73 4.50 -6.15
CA VAL A 17 2.78 5.59 -7.11
C VAL A 17 2.44 6.91 -6.40
N SER A 18 1.15 7.21 -6.37
CA SER A 18 0.67 8.43 -5.74
C SER A 18 -0.73 8.22 -5.18
N ALA A 19 -1.34 9.31 -4.75
CA ALA A 19 -2.67 9.26 -4.19
C ALA A 19 -3.39 10.59 -4.46
N LYS A 20 -4.64 10.48 -4.88
CA LYS A 20 -5.44 11.66 -5.18
C LYS A 20 -6.70 11.63 -4.32
N GLY A 21 -7.19 12.83 -4.01
CA GLY A 21 -8.39 12.96 -3.21
C GLY A 21 -9.61 13.28 -4.08
N LEU A 22 -10.73 13.51 -3.42
CA LEU A 22 -11.96 13.82 -4.12
C LEU A 22 -11.95 15.29 -4.54
N GLU A 23 -13.14 15.87 -4.63
CA GLU A 23 -13.27 17.25 -5.02
C GLU A 23 -13.52 18.12 -3.79
N ASP A 24 -14.33 17.61 -2.88
CA ASP A 24 -14.64 18.33 -1.67
C ASP A 24 -14.06 17.58 -0.46
N ALA A 25 -12.74 17.45 -0.49
CA ALA A 25 -12.04 16.76 0.58
C ALA A 25 -10.67 17.42 0.81
N ASP A 26 -10.39 17.70 2.08
CA ASP A 26 -9.13 18.33 2.43
C ASP A 26 -8.10 17.25 2.76
N PHE A 27 -8.19 16.15 2.03
CA PHE A 27 -7.27 15.04 2.23
C PHE A 27 -5.99 15.24 1.43
N LEU A 28 -4.87 15.15 2.13
CA LEU A 28 -3.57 15.32 1.50
C LEU A 28 -3.43 16.77 1.02
N ASN A 29 -4.16 17.66 1.67
CA ASN A 29 -4.12 19.07 1.33
C ASN A 29 -2.70 19.60 1.51
N ASN A 30 -2.62 20.86 1.89
CA ASN A 30 -1.33 21.50 2.10
C ASN A 30 -0.65 20.87 3.31
N MET A 31 -0.11 19.68 3.10
CA MET A 31 0.56 18.96 4.17
C MET A 31 1.70 18.09 3.62
N ASP A 32 2.27 17.29 4.50
CA ASP A 32 3.36 16.41 4.12
C ASP A 32 3.09 15.01 4.66
N PRO A 33 2.01 14.37 4.13
CA PRO A 33 1.64 13.03 4.55
C PRO A 33 2.59 11.99 3.97
N TYR A 34 2.55 10.80 4.55
CA TYR A 34 3.40 9.71 4.10
C TYR A 34 2.70 8.37 4.29
N VAL A 35 2.90 7.49 3.31
CA VAL A 35 2.30 6.17 3.36
C VAL A 35 3.27 5.19 4.03
N GLN A 36 2.71 4.25 4.77
CA GLN A 36 3.51 3.25 5.46
C GLN A 36 3.00 1.85 5.14
N LEU A 37 3.64 1.22 4.17
CA LEU A 37 3.25 -0.12 3.76
C LEU A 37 3.60 -1.10 4.88
N THR A 38 2.90 -2.22 4.88
CA THR A 38 3.13 -3.25 5.89
C THR A 38 2.83 -4.64 5.32
N CYS A 39 3.73 -5.56 5.59
CA CYS A 39 3.58 -6.93 5.11
C CYS A 39 3.88 -7.88 6.28
N ARG A 40 2.81 -8.50 6.77
CA ARG A 40 2.94 -9.43 7.88
C ARG A 40 3.35 -8.69 9.15
N THR A 41 4.65 -8.50 9.30
CA THR A 41 5.18 -7.80 10.45
C THR A 41 6.31 -6.85 10.04
N GLN A 42 6.34 -6.55 8.75
CA GLN A 42 7.35 -5.65 8.21
C GLN A 42 6.69 -4.37 7.71
N ASP A 43 7.03 -3.27 8.37
CA ASP A 43 6.49 -1.97 8.00
C ASP A 43 7.60 -1.13 7.35
N GLN A 44 7.18 -0.28 6.43
CA GLN A 44 8.12 0.59 5.74
C GLN A 44 7.42 1.88 5.29
N LYS A 45 7.96 3.00 5.75
CA LYS A 45 7.41 4.29 5.41
C LYS A 45 8.02 4.77 4.09
N SER A 46 7.32 5.70 3.45
CA SER A 46 7.78 6.25 2.18
C SER A 46 8.19 7.71 2.37
N ASN A 47 8.87 8.23 1.35
CA ASN A 47 9.32 9.61 1.39
C ASN A 47 8.16 10.52 1.82
N VAL A 48 8.51 11.67 2.37
CA VAL A 48 7.52 12.62 2.83
C VAL A 48 7.15 13.55 1.68
N ALA A 49 5.85 13.60 1.39
CA ALA A 49 5.36 14.45 0.32
C ALA A 49 5.51 15.92 0.71
N GLU A 50 6.71 16.42 0.51
CA GLU A 50 7.01 17.80 0.84
C GLU A 50 6.42 18.73 -0.21
N GLY A 51 5.45 19.53 0.23
CA GLY A 51 4.79 20.47 -0.66
C GLY A 51 4.48 19.83 -2.01
N MET A 52 3.48 18.95 -2.00
CA MET A 52 3.07 18.25 -3.20
C MET A 52 1.65 18.64 -3.61
N GLY A 53 0.89 19.10 -2.61
CA GLY A 53 -0.49 19.50 -2.85
C GLY A 53 -1.46 18.37 -2.50
N THR A 54 -2.59 18.37 -3.19
CA THR A 54 -3.60 17.35 -2.97
C THR A 54 -3.35 16.13 -3.85
N THR A 55 -2.07 15.94 -4.17
CA THR A 55 -1.68 14.82 -5.01
C THR A 55 -0.22 14.44 -4.75
N PRO A 56 0.02 13.88 -3.53
CA PRO A 56 1.36 13.47 -3.15
C PRO A 56 1.78 12.18 -3.88
N GLU A 57 2.90 12.28 -4.58
CA GLU A 57 3.41 11.13 -5.32
C GLU A 57 4.72 10.65 -4.71
N TRP A 58 4.85 9.34 -4.61
CA TRP A 58 6.05 8.74 -4.04
C TRP A 58 6.78 8.00 -5.17
N ASN A 59 6.02 7.19 -5.88
CA ASN A 59 6.59 6.42 -6.99
C ASN A 59 7.78 5.60 -6.47
N GLU A 60 7.61 5.05 -5.29
CA GLU A 60 8.66 4.26 -4.67
C GLU A 60 8.42 2.77 -4.96
N THR A 61 9.27 1.95 -4.35
CA THR A 61 9.16 0.51 -4.52
C THR A 61 9.57 -0.21 -3.24
N PHE A 62 8.61 -0.93 -2.66
CA PHE A 62 8.85 -1.66 -1.43
C PHE A 62 8.65 -3.17 -1.65
N ILE A 63 9.69 -3.92 -1.31
CA ILE A 63 9.64 -5.36 -1.47
C ILE A 63 9.21 -6.00 -0.14
N PHE A 64 8.56 -7.15 -0.25
CA PHE A 64 8.11 -7.86 0.92
C PHE A 64 8.12 -9.38 0.70
N THR A 65 8.43 -10.10 1.77
CA THR A 65 8.48 -11.54 1.69
C THR A 65 7.17 -12.16 2.16
N VAL A 66 6.49 -12.82 1.23
CA VAL A 66 5.23 -13.46 1.54
C VAL A 66 5.45 -14.95 1.82
N SER A 67 4.61 -15.48 2.69
CA SER A 67 4.72 -16.89 3.05
C SER A 67 3.58 -17.26 4.01
N GLU A 68 3.31 -16.35 4.94
CA GLU A 68 2.26 -16.58 5.92
C GLU A 68 0.88 -16.38 5.27
N GLY A 69 -0.09 -16.08 6.11
CA GLY A 69 -1.45 -15.88 5.64
C GLY A 69 -1.68 -14.42 5.22
N THR A 70 -0.58 -13.77 4.84
CA THR A 70 -0.64 -12.39 4.42
C THR A 70 -0.94 -12.30 2.92
N THR A 71 -2.19 -12.01 2.61
CA THR A 71 -2.62 -11.89 1.24
C THR A 71 -3.19 -10.51 0.97
N GLU A 72 -2.54 -9.50 1.55
CA GLU A 72 -2.96 -8.12 1.38
C GLU A 72 -2.01 -7.18 2.10
N LEU A 73 -1.67 -6.09 1.41
CA LEU A 73 -0.77 -5.11 1.97
C LEU A 73 -1.58 -3.97 2.59
N LYS A 74 -1.09 -3.48 3.73
CA LYS A 74 -1.76 -2.40 4.43
C LYS A 74 -0.99 -1.10 4.20
N ALA A 75 -1.72 -0.10 3.71
CA ALA A 75 -1.12 1.20 3.44
C ALA A 75 -1.87 2.27 4.23
N LYS A 76 -1.29 2.65 5.36
CA LYS A 76 -1.90 3.66 6.21
C LYS A 76 -1.19 5.01 5.97
N ILE A 77 -1.99 6.00 5.61
CA ILE A 77 -1.46 7.32 5.35
C ILE A 77 -1.47 8.13 6.65
N PHE A 78 -0.45 8.96 6.78
CA PHE A 78 -0.32 9.79 7.97
C PHE A 78 0.24 11.17 7.62
N ASP A 79 0.57 11.92 8.65
CA ASP A 79 1.12 13.26 8.46
C ASP A 79 2.51 13.32 9.10
N LYS A 80 3.44 13.88 8.33
CA LYS A 80 4.81 14.02 8.80
C LYS A 80 4.80 14.49 10.25
N ASP A 81 3.83 15.35 10.56
CA ASP A 81 3.70 15.88 11.90
C ASP A 81 2.78 14.98 12.73
N VAL A 82 2.97 13.68 12.55
CA VAL A 82 2.17 12.71 13.27
C VAL A 82 2.93 11.38 13.33
N GLY A 83 2.62 10.60 14.37
CA GLY A 83 3.25 9.31 14.55
C GLY A 83 2.37 8.19 14.03
N THR A 84 3.00 7.27 13.29
CA THR A 84 2.27 6.14 12.74
C THR A 84 1.21 5.65 13.72
N GLU A 85 1.55 5.72 15.00
CA GLU A 85 0.63 5.28 16.04
C GLU A 85 -0.02 6.50 16.71
N ASP A 86 -0.63 7.34 15.87
CA ASP A 86 -1.29 8.53 16.36
C ASP A 86 -2.63 8.70 15.63
N ASP A 87 -2.53 8.97 14.34
CA ASP A 87 -3.71 9.16 13.52
C ASP A 87 -3.30 9.16 12.04
N ALA A 88 -3.87 8.20 11.31
CA ALA A 88 -3.58 8.08 9.89
C ALA A 88 -4.65 8.81 9.08
N VAL A 89 -4.21 9.85 8.39
CA VAL A 89 -5.13 10.64 7.58
C VAL A 89 -6.12 9.70 6.87
N GLY A 90 -5.64 8.50 6.59
CA GLY A 90 -6.46 7.51 5.91
C GLY A 90 -5.70 6.19 5.74
N GLU A 91 -6.38 5.23 5.12
CA GLU A 91 -5.79 3.92 4.90
C GLU A 91 -6.38 3.29 3.64
N ALA A 92 -5.78 2.17 3.24
CA ALA A 92 -6.24 1.46 2.06
C ALA A 92 -5.80 0.00 2.15
N THR A 93 -6.66 -0.87 1.66
CA THR A 93 -6.38 -2.29 1.67
C THR A 93 -5.97 -2.78 0.28
N ILE A 94 -4.71 -3.17 0.17
CA ILE A 94 -4.18 -3.65 -1.10
C ILE A 94 -3.99 -5.17 -1.02
N PRO A 95 -4.95 -5.90 -1.64
CA PRO A 95 -4.89 -7.36 -1.64
C PRO A 95 -3.83 -7.86 -2.62
N LEU A 96 -3.07 -8.84 -2.16
CA LEU A 96 -2.02 -9.42 -2.98
C LEU A 96 -2.55 -10.68 -3.66
N GLU A 97 -3.83 -10.94 -3.46
CA GLU A 97 -4.46 -12.10 -4.05
C GLU A 97 -4.38 -12.04 -5.57
N PRO A 98 -4.61 -10.80 -6.10
CA PRO A 98 -4.56 -10.59 -7.54
C PRO A 98 -3.12 -10.59 -8.05
N VAL A 99 -2.21 -10.17 -7.17
CA VAL A 99 -0.81 -10.13 -7.52
C VAL A 99 -0.19 -11.51 -7.33
N PHE A 100 -0.97 -12.39 -6.72
CA PHE A 100 -0.51 -13.75 -6.47
C PHE A 100 -0.95 -14.69 -7.58
N VAL A 101 -2.11 -14.41 -8.13
CA VAL A 101 -2.65 -15.23 -9.21
C VAL A 101 -2.19 -14.67 -10.55
N GLU A 102 -2.04 -13.35 -10.58
CA GLU A 102 -1.60 -12.69 -11.80
C GLU A 102 -0.07 -12.63 -11.85
N GLY A 103 0.53 -12.42 -10.68
CA GLY A 103 1.97 -12.35 -10.59
C GLY A 103 2.46 -10.91 -10.77
N SER A 104 1.55 -10.06 -11.23
CA SER A 104 1.87 -8.67 -11.45
C SER A 104 0.60 -7.85 -11.60
N ILE A 105 0.52 -6.77 -10.84
CA ILE A 105 -0.64 -5.90 -10.88
C ILE A 105 -0.20 -4.48 -11.24
N PRO A 106 -0.99 -3.83 -12.14
CA PRO A 106 -0.70 -2.48 -12.57
C PRO A 106 -1.05 -1.47 -11.48
N PRO A 107 -0.63 -0.20 -11.72
CA PRO A 107 -0.88 0.87 -10.77
C PRO A 107 -2.35 1.31 -10.82
N THR A 108 -3.11 0.85 -9.83
CA THR A 108 -4.52 1.19 -9.75
C THR A 108 -4.80 2.01 -8.49
N ALA A 109 -5.88 2.78 -8.55
CA ALA A 109 -6.27 3.61 -7.43
C ALA A 109 -7.12 2.79 -6.46
N TYR A 110 -6.57 2.59 -5.26
CA TYR A 110 -7.27 1.84 -4.24
C TYR A 110 -8.07 2.75 -3.33
N ASN A 111 -9.29 2.32 -3.02
CA ASN A 111 -10.17 3.09 -2.16
C ASN A 111 -9.43 3.41 -0.85
N VAL A 112 -9.49 4.67 -0.47
CA VAL A 112 -8.85 5.11 0.76
C VAL A 112 -9.90 5.67 1.72
N VAL A 113 -10.08 4.96 2.82
CA VAL A 113 -11.06 5.36 3.82
C VAL A 113 -10.33 5.71 5.12
N LYS A 114 -11.08 6.30 6.04
CA LYS A 114 -10.52 6.67 7.33
C LYS A 114 -11.57 6.44 8.42
N ASP A 115 -11.56 5.23 8.96
CA ASP A 115 -12.49 4.87 10.01
C ASP A 115 -13.79 4.36 9.38
N GLU A 116 -14.00 4.76 8.14
CA GLU A 116 -15.19 4.34 7.41
C GLU A 116 -15.51 5.34 6.29
N GLU A 117 -14.98 6.55 6.46
CA GLU A 117 -15.20 7.59 5.48
C GLU A 117 -14.13 7.53 4.38
N TYR A 118 -14.57 7.71 3.15
CA TYR A 118 -13.67 7.68 2.02
C TYR A 118 -12.89 8.99 1.89
N LYS A 119 -11.58 8.89 2.12
CA LYS A 119 -10.72 10.05 2.05
C LYS A 119 -10.36 10.33 0.58
N GLY A 120 -10.17 9.24 -0.16
CA GLY A 120 -9.83 9.34 -1.56
C GLY A 120 -9.40 7.99 -2.12
N GLU A 121 -8.39 8.03 -2.99
CA GLU A 121 -7.88 6.81 -3.61
C GLU A 121 -6.35 6.84 -3.62
N ILE A 122 -5.78 5.66 -3.39
CA ILE A 122 -4.34 5.54 -3.38
C ILE A 122 -3.90 4.66 -4.57
N TRP A 123 -3.07 5.25 -5.42
CA TRP A 123 -2.57 4.54 -6.59
C TRP A 123 -1.42 3.65 -6.14
N VAL A 124 -1.64 2.35 -6.23
CA VAL A 124 -0.63 1.38 -5.85
C VAL A 124 -0.44 0.37 -6.97
N ALA A 125 0.70 -0.31 -6.94
CA ALA A 125 1.01 -1.31 -7.94
C ALA A 125 1.87 -2.41 -7.31
N LEU A 126 1.31 -3.60 -7.28
CA LEU A 126 2.02 -4.74 -6.72
C LEU A 126 2.51 -5.65 -7.85
N SER A 127 3.71 -6.19 -7.65
CA SER A 127 4.30 -7.06 -8.64
C SER A 127 4.96 -8.26 -7.96
N PHE A 128 4.15 -9.28 -7.71
CA PHE A 128 4.65 -10.48 -7.06
C PHE A 128 5.75 -11.15 -7.90
N LYS A 129 6.50 -12.02 -7.24
CA LYS A 129 7.59 -12.72 -7.90
C LYS A 129 7.72 -14.12 -7.30
N PRO A 130 6.99 -15.09 -7.91
CA PRO A 130 7.03 -16.47 -7.44
C PRO A 130 8.34 -17.15 -7.85
N SER A 131 8.89 -17.89 -6.91
CA SER A 131 10.14 -18.60 -7.16
C SER A 131 9.94 -19.64 -8.26
N GLY A 132 10.11 -19.20 -9.49
CA GLY A 132 9.94 -20.08 -10.64
C GLY A 132 11.26 -20.77 -10.99
N PRO A 133 11.46 -20.99 -12.32
CA PRO A 133 12.66 -21.65 -12.80
C PRO A 133 13.85 -20.68 -12.75
N SER A 134 14.11 -20.17 -11.56
CA SER A 134 15.21 -19.24 -11.36
C SER A 134 15.33 -18.87 -9.88
N SER A 135 16.55 -18.95 -9.38
CA SER A 135 16.81 -18.63 -7.99
C SER A 135 17.39 -17.22 -7.89
N GLY A 136 17.19 -16.62 -6.71
CA GLY A 136 17.69 -15.28 -6.48
C GLY A 136 17.14 -14.29 -7.51
N GLY A 1 -2.80 -17.52 16.48
CA GLY A 1 -2.80 -16.51 15.44
C GLY A 1 -3.42 -17.04 14.15
N SER A 2 -2.71 -16.80 13.05
CA SER A 2 -3.18 -17.26 11.75
C SER A 2 -2.30 -18.41 11.26
N SER A 3 -2.90 -19.25 10.44
CA SER A 3 -2.18 -20.39 9.88
C SER A 3 -3.09 -21.17 8.94
N GLY A 4 -2.50 -21.66 7.86
CA GLY A 4 -3.24 -22.42 6.88
C GLY A 4 -3.52 -21.59 5.62
N SER A 5 -4.64 -21.89 4.99
CA SER A 5 -5.04 -21.18 3.79
C SER A 5 -3.95 -21.31 2.71
N SER A 6 -4.01 -22.41 2.00
CA SER A 6 -3.03 -22.66 0.94
C SER A 6 -2.82 -21.40 0.11
N GLY A 7 -1.74 -21.41 -0.66
CA GLY A 7 -1.41 -20.28 -1.51
C GLY A 7 0.03 -20.35 -1.99
N PRO A 8 0.41 -19.35 -2.82
CA PRO A 8 1.76 -19.29 -3.35
C PRO A 8 2.76 -18.84 -2.29
N HIS A 9 3.93 -18.44 -2.76
CA HIS A 9 4.98 -17.99 -1.86
C HIS A 9 6.16 -17.44 -2.68
N GLY A 10 6.78 -16.40 -2.13
CA GLY A 10 7.91 -15.79 -2.79
C GLY A 10 8.09 -14.33 -2.34
N THR A 11 8.43 -13.48 -3.30
CA THR A 11 8.63 -12.07 -3.01
C THR A 11 7.47 -11.25 -3.57
N LEU A 12 7.20 -10.14 -2.90
CA LEU A 12 6.14 -9.25 -3.33
C LEU A 12 6.69 -7.84 -3.51
N GLU A 13 6.15 -7.15 -4.52
CA GLU A 13 6.59 -5.80 -4.82
C GLU A 13 5.47 -4.81 -4.49
N VAL A 14 5.88 -3.62 -4.05
CA VAL A 14 4.93 -2.58 -3.69
C VAL A 14 5.42 -1.25 -4.25
N VAL A 15 4.75 -0.80 -5.30
CA VAL A 15 5.10 0.46 -5.94
C VAL A 15 4.11 1.54 -5.51
N LEU A 16 4.56 2.39 -4.60
CA LEU A 16 3.73 3.46 -4.10
C LEU A 16 3.84 4.67 -5.04
N VAL A 17 2.93 4.72 -6.00
CA VAL A 17 2.91 5.80 -6.97
C VAL A 17 2.50 7.10 -6.27
N SER A 18 1.19 7.34 -6.25
CA SER A 18 0.67 8.53 -5.61
C SER A 18 -0.75 8.27 -5.09
N ALA A 19 -1.38 9.34 -4.65
CA ALA A 19 -2.74 9.23 -4.12
C ALA A 19 -3.49 10.53 -4.40
N LYS A 20 -4.76 10.39 -4.76
CA LYS A 20 -5.59 11.54 -5.04
C LYS A 20 -6.83 11.50 -4.17
N GLY A 21 -7.30 12.68 -3.79
CA GLY A 21 -8.48 12.80 -2.95
C GLY A 21 -9.72 13.14 -3.79
N LEU A 22 -10.83 13.32 -3.08
CA LEU A 22 -12.09 13.63 -3.74
C LEU A 22 -12.05 15.10 -4.20
N GLU A 23 -13.22 15.57 -4.61
CA GLU A 23 -13.34 16.94 -5.07
C GLU A 23 -13.51 17.90 -3.89
N ASP A 24 -14.30 17.45 -2.91
CA ASP A 24 -14.55 18.25 -1.73
C ASP A 24 -13.99 17.52 -0.51
N ALA A 25 -12.68 17.32 -0.54
CA ALA A 25 -12.00 16.64 0.57
C ALA A 25 -10.63 17.28 0.77
N ASP A 26 -10.38 17.67 2.02
CA ASP A 26 -9.11 18.29 2.36
C ASP A 26 -8.12 17.20 2.79
N PHE A 27 -8.18 16.08 2.09
CA PHE A 27 -7.30 14.96 2.38
C PHE A 27 -5.95 15.14 1.68
N LEU A 28 -4.92 15.29 2.50
CA LEU A 28 -3.58 15.47 1.98
C LEU A 28 -3.41 16.90 1.46
N ASN A 29 -4.14 17.80 2.10
CA ASN A 29 -4.09 19.21 1.71
C ASN A 29 -2.65 19.72 1.85
N ASN A 30 -2.54 20.99 2.21
CA ASN A 30 -1.25 21.61 2.39
C ASN A 30 -0.50 20.92 3.52
N MET A 31 0.03 19.73 3.22
CA MET A 31 0.76 18.97 4.20
C MET A 31 1.78 18.04 3.53
N ASP A 32 2.48 17.29 4.35
CA ASP A 32 3.49 16.37 3.85
C ASP A 32 3.22 14.96 4.40
N PRO A 33 2.15 14.33 3.84
CA PRO A 33 1.77 12.99 4.28
C PRO A 33 2.73 11.94 3.72
N TYR A 34 2.49 10.70 4.11
CA TYR A 34 3.32 9.60 3.65
C TYR A 34 2.61 8.26 3.84
N VAL A 35 2.85 7.37 2.90
CA VAL A 35 2.25 6.05 2.95
C VAL A 35 3.18 5.08 3.68
N GLN A 36 2.58 4.23 4.50
CA GLN A 36 3.34 3.25 5.26
C GLN A 36 2.82 1.84 5.00
N LEU A 37 3.53 1.13 4.13
CA LEU A 37 3.14 -0.22 3.78
C LEU A 37 3.26 -1.12 5.02
N THR A 38 2.32 -2.05 5.12
CA THR A 38 2.32 -2.96 6.25
C THR A 38 1.95 -4.38 5.78
N CYS A 39 2.87 -5.30 6.03
CA CYS A 39 2.66 -6.68 5.65
C CYS A 39 2.97 -7.57 6.86
N ARG A 40 1.91 -7.85 7.63
CA ARG A 40 2.06 -8.68 8.81
C ARG A 40 2.99 -8.00 9.82
N THR A 41 4.28 -8.22 9.62
CA THR A 41 5.28 -7.64 10.51
C THR A 41 6.22 -6.72 9.73
N GLN A 42 6.02 -6.70 8.42
CA GLN A 42 6.84 -5.87 7.55
C GLN A 42 6.17 -4.51 7.34
N ASP A 43 6.83 -3.48 7.83
CA ASP A 43 6.32 -2.13 7.69
C ASP A 43 7.35 -1.26 6.96
N GLN A 44 6.92 -0.72 5.83
CA GLN A 44 7.78 0.13 5.02
C GLN A 44 7.05 1.41 4.63
N LYS A 45 7.65 2.53 5.01
CA LYS A 45 7.08 3.83 4.70
C LYS A 45 8.08 4.66 3.90
N SER A 46 7.55 5.61 3.16
CA SER A 46 8.39 6.47 2.34
C SER A 46 8.40 7.89 2.91
N ASN A 47 9.36 8.68 2.44
CA ASN A 47 9.48 10.06 2.90
C ASN A 47 8.11 10.74 2.82
N VAL A 48 8.09 11.99 3.27
CA VAL A 48 6.86 12.76 3.25
C VAL A 48 6.76 13.53 1.94
N ALA A 49 5.53 13.73 1.49
CA ALA A 49 5.28 14.45 0.25
C ALA A 49 5.37 15.95 0.51
N GLU A 50 6.59 16.47 0.41
CA GLU A 50 6.83 17.89 0.62
C GLU A 50 6.23 18.71 -0.53
N GLY A 51 5.50 19.75 -0.15
CA GLY A 51 4.87 20.61 -1.14
C GLY A 51 4.41 19.81 -2.36
N MET A 52 3.42 18.96 -2.12
CA MET A 52 2.88 18.14 -3.18
C MET A 52 1.41 18.50 -3.47
N GLY A 53 0.72 18.90 -2.41
CA GLY A 53 -0.68 19.26 -2.53
C GLY A 53 -1.58 18.10 -2.14
N THR A 54 -2.78 18.11 -2.71
CA THR A 54 -3.76 17.07 -2.43
C THR A 54 -3.47 15.83 -3.30
N THR A 55 -2.33 15.87 -3.96
CA THR A 55 -1.93 14.77 -4.83
C THR A 55 -0.45 14.46 -4.66
N PRO A 56 -0.12 13.83 -3.50
CA PRO A 56 1.25 13.47 -3.20
C PRO A 56 1.70 12.26 -4.02
N GLU A 57 3.00 12.20 -4.27
CA GLU A 57 3.56 11.10 -5.03
C GLU A 57 4.90 10.66 -4.44
N TRP A 58 5.20 9.38 -4.62
CA TRP A 58 6.44 8.82 -4.10
C TRP A 58 7.12 8.06 -5.23
N ASN A 59 6.35 7.16 -5.85
CA ASN A 59 6.87 6.36 -6.94
C ASN A 59 8.02 5.49 -6.43
N GLU A 60 7.89 5.06 -5.18
CA GLU A 60 8.92 4.22 -4.57
C GLU A 60 8.60 2.75 -4.80
N THR A 61 9.45 1.90 -4.24
CA THR A 61 9.27 0.47 -4.37
C THR A 61 9.70 -0.25 -3.09
N PHE A 62 8.78 -1.03 -2.55
CA PHE A 62 9.05 -1.77 -1.32
C PHE A 62 8.75 -3.26 -1.51
N ILE A 63 9.77 -4.07 -1.28
CA ILE A 63 9.64 -5.51 -1.41
C ILE A 63 9.20 -6.11 -0.08
N PHE A 64 8.33 -7.10 -0.17
CA PHE A 64 7.83 -7.76 1.04
C PHE A 64 7.89 -9.28 0.89
N THR A 65 8.56 -9.90 1.84
CA THR A 65 8.70 -11.35 1.83
C THR A 65 7.36 -12.02 2.08
N VAL A 66 6.92 -12.82 1.12
CA VAL A 66 5.66 -13.52 1.24
C VAL A 66 5.91 -14.95 1.73
N SER A 67 4.95 -15.46 2.48
CA SER A 67 5.05 -16.80 3.02
C SER A 67 3.78 -17.17 3.78
N GLU A 68 2.74 -17.45 3.01
CA GLU A 68 1.45 -17.82 3.60
C GLU A 68 0.98 -16.71 4.55
N GLY A 69 -0.32 -16.74 4.84
CA GLY A 69 -0.91 -15.76 5.73
C GLY A 69 -1.10 -14.42 5.01
N THR A 70 -0.01 -13.92 4.45
CA THR A 70 -0.05 -12.65 3.75
C THR A 70 -0.91 -12.78 2.48
N THR A 71 -1.99 -12.02 2.45
CA THR A 71 -2.89 -12.04 1.32
C THR A 71 -3.42 -10.62 1.03
N GLU A 72 -2.77 -9.65 1.65
CA GLU A 72 -3.16 -8.26 1.48
C GLU A 72 -2.17 -7.34 2.17
N LEU A 73 -2.06 -6.13 1.64
CA LEU A 73 -1.15 -5.14 2.20
C LEU A 73 -1.96 -4.00 2.81
N LYS A 74 -1.43 -3.45 3.90
CA LYS A 74 -2.10 -2.35 4.59
C LYS A 74 -1.28 -1.07 4.38
N ALA A 75 -1.98 -0.04 3.91
CA ALA A 75 -1.35 1.24 3.67
C ALA A 75 -2.05 2.32 4.47
N LYS A 76 -1.28 3.02 5.30
CA LYS A 76 -1.82 4.07 6.13
C LYS A 76 -1.10 5.39 5.81
N ILE A 77 -1.87 6.46 5.79
CA ILE A 77 -1.33 7.77 5.50
C ILE A 77 -1.47 8.66 6.73
N PHE A 78 -0.47 9.51 6.93
CA PHE A 78 -0.48 10.42 8.07
C PHE A 78 0.15 11.77 7.69
N ASP A 79 0.58 12.49 8.71
CA ASP A 79 1.18 13.79 8.51
C ASP A 79 2.61 13.78 9.07
N LYS A 80 3.50 14.43 8.33
CA LYS A 80 4.90 14.49 8.74
C LYS A 80 4.98 15.03 10.17
N ASP A 81 3.99 15.83 10.53
CA ASP A 81 3.94 16.40 11.86
C ASP A 81 3.56 15.32 12.87
N VAL A 82 2.93 14.27 12.35
CA VAL A 82 2.50 13.17 13.20
C VAL A 82 3.35 11.93 12.87
N GLY A 83 3.02 10.84 13.53
CA GLY A 83 3.73 9.59 13.33
C GLY A 83 2.77 8.44 13.05
N THR A 84 3.28 7.43 12.36
CA THR A 84 2.48 6.26 12.03
C THR A 84 1.54 5.92 13.18
N GLU A 85 2.01 6.18 14.39
CA GLU A 85 1.23 5.91 15.58
C GLU A 85 0.73 7.22 16.20
N ASP A 86 -0.31 7.76 15.60
CA ASP A 86 -0.90 9.00 16.08
C ASP A 86 -2.28 9.19 15.45
N ASP A 87 -2.27 9.50 14.17
CA ASP A 87 -3.51 9.72 13.44
C ASP A 87 -3.25 9.57 11.94
N ALA A 88 -3.82 8.51 11.38
CA ALA A 88 -3.66 8.25 9.95
C ALA A 88 -4.77 8.95 9.18
N VAL A 89 -4.36 9.90 8.34
CA VAL A 89 -5.30 10.65 7.54
C VAL A 89 -6.26 9.69 6.85
N GLY A 90 -5.76 8.49 6.59
CA GLY A 90 -6.56 7.47 5.93
C GLY A 90 -5.74 6.21 5.67
N GLU A 91 -6.42 5.20 5.14
CA GLU A 91 -5.75 3.94 4.84
C GLU A 91 -6.42 3.27 3.64
N ALA A 92 -5.75 2.24 3.12
CA ALA A 92 -6.27 1.52 1.98
C ALA A 92 -5.87 0.04 2.10
N THR A 93 -6.70 -0.81 1.52
CA THR A 93 -6.46 -2.25 1.55
C THR A 93 -6.01 -2.74 0.18
N ILE A 94 -4.76 -3.16 0.11
CA ILE A 94 -4.20 -3.66 -1.14
C ILE A 94 -4.04 -5.18 -1.05
N PRO A 95 -5.00 -5.91 -1.67
CA PRO A 95 -4.96 -7.36 -1.66
C PRO A 95 -3.89 -7.88 -2.62
N LEU A 96 -3.19 -8.92 -2.17
CA LEU A 96 -2.15 -9.52 -2.97
C LEU A 96 -2.69 -10.76 -3.68
N GLU A 97 -3.99 -10.94 -3.55
CA GLU A 97 -4.66 -12.08 -4.17
C GLU A 97 -4.55 -12.00 -5.69
N PRO A 98 -4.73 -10.76 -6.21
CA PRO A 98 -4.66 -10.53 -7.65
C PRO A 98 -3.20 -10.55 -8.13
N VAL A 99 -2.31 -10.18 -7.23
CA VAL A 99 -0.90 -10.15 -7.55
C VAL A 99 -0.30 -11.55 -7.34
N PHE A 100 -1.14 -12.45 -6.86
CA PHE A 100 -0.72 -13.81 -6.62
C PHE A 100 -1.16 -14.74 -7.76
N VAL A 101 -2.21 -14.31 -8.46
CA VAL A 101 -2.74 -15.08 -9.57
C VAL A 101 -2.29 -14.44 -10.89
N GLU A 102 -2.15 -13.12 -10.85
CA GLU A 102 -1.74 -12.39 -12.03
C GLU A 102 -0.21 -12.37 -12.14
N GLY A 103 0.43 -12.29 -10.98
CA GLY A 103 1.89 -12.28 -10.93
C GLY A 103 2.41 -10.84 -11.00
N SER A 104 1.51 -9.92 -11.29
CA SER A 104 1.87 -8.52 -11.39
C SER A 104 0.61 -7.66 -11.59
N ILE A 105 0.43 -6.71 -10.67
CA ILE A 105 -0.72 -5.83 -10.74
C ILE A 105 -0.25 -4.41 -11.07
N PRO A 106 -1.04 -3.74 -11.95
CA PRO A 106 -0.72 -2.39 -12.37
C PRO A 106 -1.03 -1.38 -11.25
N PRO A 107 -0.57 -0.12 -11.47
CA PRO A 107 -0.79 0.94 -10.50
C PRO A 107 -2.24 1.42 -10.54
N THR A 108 -3.02 0.95 -9.57
CA THR A 108 -4.41 1.33 -9.48
C THR A 108 -4.68 2.10 -8.19
N ALA A 109 -5.66 2.99 -8.27
CA ALA A 109 -6.03 3.80 -7.12
C ALA A 109 -6.96 3.01 -6.21
N TYR A 110 -6.41 2.55 -5.10
CA TYR A 110 -7.18 1.77 -4.14
C TYR A 110 -7.99 2.70 -3.22
N ASN A 111 -9.23 2.30 -2.98
CA ASN A 111 -10.12 3.08 -2.13
C ASN A 111 -9.41 3.36 -0.80
N VAL A 112 -9.40 4.64 -0.44
CA VAL A 112 -8.76 5.06 0.80
C VAL A 112 -9.84 5.56 1.77
N VAL A 113 -10.05 4.79 2.82
CA VAL A 113 -11.03 5.16 3.82
C VAL A 113 -10.32 5.59 5.10
N LYS A 114 -11.11 6.09 6.04
CA LYS A 114 -10.56 6.55 7.31
C LYS A 114 -11.59 6.29 8.42
N ASP A 115 -11.48 5.12 9.03
CA ASP A 115 -12.39 4.75 10.09
C ASP A 115 -13.64 4.10 9.49
N GLU A 116 -13.92 4.46 8.25
CA GLU A 116 -15.08 3.93 7.56
C GLU A 116 -15.48 4.86 6.40
N GLU A 117 -15.06 6.10 6.52
CA GLU A 117 -15.37 7.09 5.50
C GLU A 117 -14.31 7.07 4.40
N TYR A 118 -14.74 7.48 3.21
CA TYR A 118 -13.84 7.50 2.06
C TYR A 118 -13.06 8.82 2.01
N LYS A 119 -11.75 8.69 1.93
CA LYS A 119 -10.88 9.86 1.86
C LYS A 119 -10.46 10.10 0.41
N GLY A 120 -10.35 9.01 -0.33
CA GLY A 120 -9.95 9.08 -1.72
C GLY A 120 -9.44 7.74 -2.22
N GLU A 121 -8.43 7.79 -3.07
CA GLU A 121 -7.84 6.59 -3.63
C GLU A 121 -6.31 6.67 -3.59
N ILE A 122 -5.69 5.52 -3.45
CA ILE A 122 -4.24 5.45 -3.40
C ILE A 122 -3.73 4.60 -4.56
N TRP A 123 -2.89 5.22 -5.38
CA TRP A 123 -2.32 4.54 -6.53
C TRP A 123 -1.10 3.74 -6.06
N VAL A 124 -1.17 2.43 -6.29
CA VAL A 124 -0.08 1.56 -5.89
C VAL A 124 -0.08 0.33 -6.80
N ALA A 125 1.13 -0.11 -7.14
CA ALA A 125 1.30 -1.27 -8.00
C ALA A 125 1.97 -2.40 -7.22
N LEU A 126 1.53 -3.61 -7.50
CA LEU A 126 2.07 -4.79 -6.83
C LEU A 126 2.70 -5.71 -7.86
N SER A 127 3.70 -6.47 -7.41
CA SER A 127 4.37 -7.40 -8.29
C SER A 127 4.90 -8.59 -7.48
N PHE A 128 4.30 -9.74 -7.73
CA PHE A 128 4.70 -10.96 -7.04
C PHE A 128 5.79 -11.71 -7.82
N LYS A 129 6.70 -12.31 -7.08
CA LYS A 129 7.78 -13.06 -7.68
C LYS A 129 7.93 -14.41 -6.96
N PRO A 130 7.20 -15.43 -7.49
CA PRO A 130 7.24 -16.75 -6.91
C PRO A 130 8.54 -17.47 -7.27
N SER A 131 9.16 -18.06 -6.25
CA SER A 131 10.41 -18.77 -6.44
C SER A 131 10.21 -19.91 -7.44
N GLY A 132 10.39 -19.59 -8.71
CA GLY A 132 10.23 -20.58 -9.76
C GLY A 132 11.52 -20.71 -10.59
N PRO A 133 11.54 -21.75 -11.46
CA PRO A 133 12.69 -22.00 -12.30
C PRO A 133 12.76 -20.99 -13.46
N SER A 134 13.19 -19.78 -13.12
CA SER A 134 13.30 -18.72 -14.10
C SER A 134 14.16 -17.59 -13.55
N SER A 135 13.70 -17.02 -12.44
CA SER A 135 14.41 -15.93 -11.81
C SER A 135 15.88 -16.30 -11.61
N GLY A 136 16.75 -15.38 -12.01
CA GLY A 136 18.19 -15.59 -11.89
C GLY A 136 18.97 -14.68 -12.84
N GLY A 1 -15.21 -26.50 13.03
CA GLY A 1 -13.81 -26.22 13.25
C GLY A 1 -13.07 -25.98 11.93
N SER A 2 -12.50 -24.79 11.81
CA SER A 2 -11.78 -24.43 10.62
C SER A 2 -10.28 -24.69 10.82
N SER A 3 -9.71 -25.45 9.89
CA SER A 3 -8.29 -25.77 9.96
C SER A 3 -7.71 -25.87 8.55
N GLY A 4 -6.38 -25.86 8.48
CA GLY A 4 -5.70 -25.96 7.20
C GLY A 4 -5.18 -24.58 6.76
N SER A 5 -4.06 -24.61 6.05
CA SER A 5 -3.44 -23.38 5.57
C SER A 5 -2.67 -23.66 4.28
N SER A 6 -2.89 -22.79 3.30
CA SER A 6 -2.23 -22.94 2.02
C SER A 6 -2.35 -21.63 1.22
N GLY A 7 -1.38 -21.42 0.33
CA GLY A 7 -1.38 -20.23 -0.49
C GLY A 7 -0.04 -20.07 -1.21
N PRO A 8 0.15 -18.87 -1.80
CA PRO A 8 1.38 -18.58 -2.52
C PRO A 8 2.54 -18.33 -1.55
N HIS A 9 3.70 -18.04 -2.13
CA HIS A 9 4.89 -17.79 -1.33
C HIS A 9 6.00 -17.21 -2.22
N GLY A 10 6.64 -16.18 -1.71
CA GLY A 10 7.72 -15.53 -2.45
C GLY A 10 7.96 -14.11 -1.92
N THR A 11 7.95 -13.16 -2.85
CA THR A 11 8.16 -11.77 -2.51
C THR A 11 7.01 -10.90 -3.03
N LEU A 12 6.79 -9.80 -2.34
CA LEU A 12 5.72 -8.88 -2.72
C LEU A 12 6.33 -7.51 -3.04
N GLU A 13 5.94 -6.98 -4.18
CA GLU A 13 6.43 -5.68 -4.61
C GLU A 13 5.31 -4.64 -4.55
N VAL A 14 5.57 -3.58 -3.80
CA VAL A 14 4.59 -2.51 -3.65
C VAL A 14 5.19 -1.22 -4.19
N VAL A 15 4.68 -0.79 -5.34
CA VAL A 15 5.15 0.43 -5.96
C VAL A 15 4.19 1.57 -5.63
N LEU A 16 4.53 2.32 -4.60
CA LEU A 16 3.70 3.44 -4.17
C LEU A 16 3.82 4.58 -5.19
N VAL A 17 2.99 4.48 -6.22
CA VAL A 17 3.00 5.49 -7.27
C VAL A 17 2.60 6.84 -6.67
N SER A 18 1.30 7.06 -6.58
CA SER A 18 0.78 8.30 -6.03
C SER A 18 -0.61 8.07 -5.43
N ALA A 19 -1.25 9.17 -5.07
CA ALA A 19 -2.58 9.10 -4.48
C ALA A 19 -3.32 10.40 -4.76
N LYS A 20 -4.64 10.28 -4.93
CA LYS A 20 -5.47 11.44 -5.21
C LYS A 20 -6.59 11.51 -4.17
N GLY A 21 -6.94 12.73 -3.80
CA GLY A 21 -8.00 12.94 -2.82
C GLY A 21 -9.26 13.49 -3.49
N LEU A 22 -10.31 13.59 -2.70
CA LEU A 22 -11.58 14.09 -3.20
C LEU A 22 -11.45 15.58 -3.55
N GLU A 23 -12.58 16.20 -3.83
CA GLU A 23 -12.59 17.61 -4.18
C GLU A 23 -13.44 18.39 -3.17
N ASP A 24 -14.14 17.64 -2.33
CA ASP A 24 -14.99 18.25 -1.32
C ASP A 24 -14.75 17.56 0.02
N ALA A 25 -13.49 17.50 0.42
CA ALA A 25 -13.12 16.86 1.66
C ALA A 25 -11.88 17.56 2.24
N ASP A 26 -11.17 16.84 3.09
CA ASP A 26 -9.96 17.37 3.71
C ASP A 26 -8.94 16.25 3.88
N PHE A 27 -8.26 15.94 2.79
CA PHE A 27 -7.25 14.90 2.80
C PHE A 27 -6.12 15.21 1.82
N LEU A 28 -4.91 15.24 2.34
CA LEU A 28 -3.75 15.52 1.53
C LEU A 28 -3.81 16.96 1.03
N ASN A 29 -4.32 17.83 1.90
CA ASN A 29 -4.45 19.23 1.56
C ASN A 29 -3.43 20.04 2.36
N ASN A 30 -2.56 20.74 1.63
CA ASN A 30 -1.54 21.56 2.26
C ASN A 30 -0.93 20.78 3.43
N MET A 31 -0.07 19.83 3.09
CA MET A 31 0.58 19.02 4.10
C MET A 31 1.68 18.15 3.48
N ASP A 32 2.33 17.36 4.32
CA ASP A 32 3.39 16.48 3.87
C ASP A 32 3.14 15.07 4.40
N PRO A 33 2.06 14.44 3.88
CA PRO A 33 1.70 13.09 4.30
C PRO A 33 2.65 12.07 3.68
N TYR A 34 2.67 10.89 4.30
CA TYR A 34 3.52 9.82 3.82
C TYR A 34 2.82 8.46 3.97
N VAL A 35 3.11 7.58 3.03
CA VAL A 35 2.53 6.24 3.05
C VAL A 35 3.45 5.30 3.82
N GLN A 36 2.82 4.32 4.47
CA GLN A 36 3.56 3.34 5.25
C GLN A 36 3.05 1.93 4.95
N LEU A 37 3.77 1.25 4.06
CA LEU A 37 3.41 -0.10 3.69
C LEU A 37 3.59 -1.03 4.88
N THR A 38 2.65 -1.94 5.04
CA THR A 38 2.70 -2.90 6.13
C THR A 38 2.40 -4.31 5.63
N CYS A 39 3.13 -5.27 6.20
CA CYS A 39 2.96 -6.66 5.81
C CYS A 39 3.09 -7.52 7.07
N ARG A 40 1.94 -7.83 7.65
CA ARG A 40 1.92 -8.65 8.86
C ARG A 40 2.38 -7.83 10.06
N THR A 41 3.70 -7.72 10.20
CA THR A 41 4.28 -6.97 11.30
C THR A 41 5.46 -6.13 10.80
N GLN A 42 5.60 -6.10 9.49
CA GLN A 42 6.67 -5.32 8.87
C GLN A 42 6.10 -4.09 8.15
N ASP A 43 6.46 -2.93 8.68
CA ASP A 43 5.99 -1.69 8.09
C ASP A 43 7.16 -0.96 7.43
N GLN A 44 6.83 -0.12 6.46
CA GLN A 44 7.85 0.63 5.75
C GLN A 44 7.28 1.97 5.27
N LYS A 45 7.90 3.04 5.72
CA LYS A 45 7.48 4.38 5.35
C LYS A 45 8.22 4.83 4.10
N SER A 46 7.60 5.75 3.37
CA SER A 46 8.19 6.26 2.15
C SER A 46 8.61 7.72 2.34
N ASN A 47 9.12 8.30 1.27
CA ASN A 47 9.56 9.69 1.30
C ASN A 47 8.38 10.58 1.68
N VAL A 48 8.70 11.75 2.20
CA VAL A 48 7.68 12.70 2.60
C VAL A 48 7.27 13.54 1.39
N ALA A 49 5.98 13.57 1.13
CA ALA A 49 5.44 14.34 0.02
C ALA A 49 5.45 15.82 0.37
N GLU A 50 6.56 16.47 0.06
CA GLU A 50 6.71 17.88 0.34
C GLU A 50 6.05 18.72 -0.77
N GLY A 51 5.23 19.67 -0.34
CA GLY A 51 4.53 20.53 -1.28
C GLY A 51 4.12 19.77 -2.53
N MET A 52 3.15 18.88 -2.34
CA MET A 52 2.64 18.07 -3.45
C MET A 52 1.18 18.42 -3.76
N GLY A 53 0.46 18.77 -2.71
CA GLY A 53 -0.95 19.12 -2.86
C GLY A 53 -1.84 17.92 -2.55
N THR A 54 -2.96 17.87 -3.26
CA THR A 54 -3.90 16.78 -3.08
C THR A 54 -3.56 15.60 -3.99
N THR A 55 -2.30 15.57 -4.42
CA THR A 55 -1.82 14.52 -5.29
C THR A 55 -0.33 14.25 -5.03
N PRO A 56 -0.06 13.64 -3.84
CA PRO A 56 1.30 13.32 -3.46
C PRO A 56 1.81 12.10 -4.23
N GLU A 57 3.09 12.15 -4.56
CA GLU A 57 3.71 11.05 -5.29
C GLU A 57 4.85 10.44 -4.47
N TRP A 58 5.38 9.34 -4.98
CA TRP A 58 6.46 8.65 -4.32
C TRP A 58 7.20 7.80 -5.35
N ASN A 59 6.42 7.09 -6.15
CA ASN A 59 6.97 6.23 -7.19
C ASN A 59 8.05 5.34 -6.58
N GLU A 60 7.91 5.10 -5.28
CA GLU A 60 8.87 4.27 -4.56
C GLU A 60 8.62 2.79 -4.87
N THR A 61 9.39 1.94 -4.21
CA THR A 61 9.26 0.51 -4.40
C THR A 61 9.66 -0.24 -3.13
N PHE A 62 8.69 -0.99 -2.60
CA PHE A 62 8.93 -1.75 -1.38
C PHE A 62 8.84 -3.24 -1.66
N ILE A 63 9.63 -4.00 -0.91
CA ILE A 63 9.65 -5.45 -1.07
C ILE A 63 9.33 -6.10 0.29
N PHE A 64 8.55 -7.17 0.22
CA PHE A 64 8.17 -7.89 1.43
C PHE A 64 8.19 -9.40 1.19
N THR A 65 8.58 -10.12 2.23
CA THR A 65 8.64 -11.58 2.15
C THR A 65 7.25 -12.18 2.29
N VAL A 66 6.94 -13.09 1.39
CA VAL A 66 5.64 -13.75 1.40
C VAL A 66 5.84 -15.24 1.69
N SER A 67 4.94 -15.79 2.49
CA SER A 67 5.01 -17.19 2.85
C SER A 67 3.60 -17.78 2.92
N GLU A 68 2.86 -17.37 3.94
CA GLU A 68 1.50 -17.84 4.13
C GLU A 68 0.70 -16.83 4.95
N GLY A 69 -0.58 -16.73 4.62
CA GLY A 69 -1.47 -15.82 5.32
C GLY A 69 -1.42 -14.42 4.68
N THR A 70 -0.21 -14.00 4.34
CA THR A 70 -0.01 -12.70 3.73
C THR A 70 -0.60 -12.69 2.31
N THR A 71 -1.84 -12.24 2.22
CA THR A 71 -2.52 -12.17 0.94
C THR A 71 -3.10 -10.77 0.72
N GLU A 72 -2.40 -9.79 1.25
CA GLU A 72 -2.83 -8.41 1.11
C GLU A 72 -1.80 -7.46 1.72
N LEU A 73 -1.74 -6.26 1.17
CA LEU A 73 -0.79 -5.26 1.65
C LEU A 73 -1.56 -4.17 2.40
N LYS A 74 -0.86 -3.55 3.35
CA LYS A 74 -1.46 -2.49 4.14
C LYS A 74 -0.72 -1.18 3.85
N ALA A 75 -1.50 -0.16 3.51
CA ALA A 75 -0.95 1.14 3.21
C ALA A 75 -1.71 2.21 4.01
N LYS A 76 -1.08 2.67 5.07
CA LYS A 76 -1.67 3.69 5.91
C LYS A 76 -1.02 5.05 5.62
N ILE A 77 -1.87 6.04 5.43
CA ILE A 77 -1.39 7.38 5.14
C ILE A 77 -1.37 8.20 6.44
N PHE A 78 -0.30 8.97 6.60
CA PHE A 78 -0.16 9.80 7.78
C PHE A 78 0.42 11.17 7.42
N ASP A 79 0.80 11.91 8.45
CA ASP A 79 1.36 13.24 8.26
C ASP A 79 2.76 13.29 8.87
N LYS A 80 3.70 13.77 8.08
CA LYS A 80 5.08 13.88 8.52
C LYS A 80 5.10 14.40 9.97
N ASP A 81 4.13 15.25 10.27
CA ASP A 81 4.03 15.82 11.60
C ASP A 81 3.07 14.98 12.44
N VAL A 82 3.24 13.67 12.34
CA VAL A 82 2.41 12.74 13.09
C VAL A 82 3.14 11.41 13.24
N GLY A 83 2.78 10.69 14.28
CA GLY A 83 3.39 9.40 14.55
C GLY A 83 2.51 8.25 14.03
N THR A 84 3.16 7.30 13.39
CA THR A 84 2.45 6.16 12.84
C THR A 84 1.33 5.72 13.78
N GLU A 85 1.57 5.93 15.06
CA GLU A 85 0.59 5.55 16.07
C GLU A 85 -0.07 6.80 16.66
N ASP A 86 -0.70 7.58 15.79
CA ASP A 86 -1.36 8.80 16.21
C ASP A 86 -2.71 8.92 15.49
N ASP A 87 -2.63 9.18 14.19
CA ASP A 87 -3.82 9.33 13.38
C ASP A 87 -3.43 9.32 11.90
N ALA A 88 -3.82 8.26 11.21
CA ALA A 88 -3.51 8.13 9.80
C ALA A 88 -4.62 8.81 8.98
N VAL A 89 -4.21 9.85 8.26
CA VAL A 89 -5.14 10.60 7.44
C VAL A 89 -6.11 9.62 6.77
N GLY A 90 -5.62 8.42 6.51
CA GLY A 90 -6.42 7.39 5.87
C GLY A 90 -5.61 6.11 5.66
N GLU A 91 -6.27 5.13 5.04
CA GLU A 91 -5.63 3.86 4.78
C GLU A 91 -6.21 3.22 3.52
N ALA A 92 -5.62 2.11 3.12
CA ALA A 92 -6.07 1.40 1.94
C ALA A 92 -5.60 -0.06 2.02
N THR A 93 -6.47 -0.96 1.60
CA THR A 93 -6.15 -2.38 1.61
C THR A 93 -5.91 -2.88 0.19
N ILE A 94 -4.65 -3.22 -0.08
CA ILE A 94 -4.28 -3.72 -1.39
C ILE A 94 -4.02 -5.22 -1.31
N PRO A 95 -4.98 -6.01 -1.88
CA PRO A 95 -4.86 -7.46 -1.88
C PRO A 95 -3.83 -7.93 -2.89
N LEU A 96 -3.06 -8.92 -2.48
CA LEU A 96 -2.02 -9.47 -3.35
C LEU A 96 -2.57 -10.71 -4.05
N GLU A 97 -3.84 -10.97 -3.80
CA GLU A 97 -4.49 -12.13 -4.41
C GLU A 97 -4.46 -12.02 -5.94
N PRO A 98 -4.70 -10.77 -6.43
CA PRO A 98 -4.71 -10.51 -7.86
C PRO A 98 -3.28 -10.49 -8.41
N VAL A 99 -2.35 -10.13 -7.55
CA VAL A 99 -0.95 -10.06 -7.93
C VAL A 99 -0.29 -11.43 -7.71
N PHE A 100 -1.07 -12.32 -7.14
CA PHE A 100 -0.58 -13.67 -6.86
C PHE A 100 -0.95 -14.63 -7.98
N VAL A 101 -2.12 -14.39 -8.57
CA VAL A 101 -2.60 -15.23 -9.64
C VAL A 101 -2.08 -14.68 -10.98
N GLU A 102 -1.99 -13.36 -11.05
CA GLU A 102 -1.52 -12.70 -12.25
C GLU A 102 0.01 -12.65 -12.26
N GLY A 103 0.57 -12.26 -11.11
CA GLY A 103 2.00 -12.17 -10.97
C GLY A 103 2.48 -10.73 -11.17
N SER A 104 1.54 -9.86 -11.53
CA SER A 104 1.85 -8.47 -11.75
C SER A 104 0.55 -7.67 -11.91
N ILE A 105 0.47 -6.58 -11.14
CA ILE A 105 -0.71 -5.74 -11.18
C ILE A 105 -0.28 -4.29 -11.43
N PRO A 106 -1.08 -3.58 -12.26
CA PRO A 106 -0.78 -2.19 -12.59
C PRO A 106 -1.12 -1.27 -11.42
N PRO A 107 -0.68 0.01 -11.54
CA PRO A 107 -0.94 0.99 -10.51
C PRO A 107 -2.39 1.46 -10.54
N THR A 108 -3.18 0.93 -9.63
CA THR A 108 -4.59 1.28 -9.53
C THR A 108 -4.85 2.08 -8.26
N ALA A 109 -5.83 2.97 -8.36
CA ALA A 109 -6.19 3.80 -7.22
C ALA A 109 -7.17 3.03 -6.32
N TYR A 110 -6.64 2.59 -5.19
CA TYR A 110 -7.44 1.85 -4.23
C TYR A 110 -8.19 2.79 -3.29
N ASN A 111 -9.46 2.49 -3.08
CA ASN A 111 -10.29 3.30 -2.20
C ASN A 111 -9.57 3.50 -0.87
N VAL A 112 -9.34 4.76 -0.54
CA VAL A 112 -8.67 5.11 0.69
C VAL A 112 -9.70 5.64 1.71
N VAL A 113 -9.89 4.87 2.76
CA VAL A 113 -10.83 5.24 3.80
C VAL A 113 -10.06 5.57 5.08
N LYS A 114 -10.80 6.09 6.06
CA LYS A 114 -10.20 6.45 7.33
C LYS A 114 -11.24 6.26 8.45
N ASP A 115 -11.21 5.08 9.04
CA ASP A 115 -12.13 4.76 10.11
C ASP A 115 -13.44 4.23 9.51
N GLU A 116 -13.71 4.66 8.29
CA GLU A 116 -14.92 4.25 7.59
C GLU A 116 -15.26 5.25 6.49
N GLU A 117 -14.73 6.45 6.64
CA GLU A 117 -14.97 7.50 5.66
C GLU A 117 -13.97 7.40 4.52
N TYR A 118 -14.40 7.87 3.35
CA TYR A 118 -13.55 7.84 2.17
C TYR A 118 -12.69 9.10 2.08
N LYS A 119 -11.38 8.89 2.10
CA LYS A 119 -10.44 9.99 2.02
C LYS A 119 -10.06 10.23 0.55
N GLY A 120 -10.20 9.17 -0.24
CA GLY A 120 -9.88 9.25 -1.65
C GLY A 120 -9.39 7.90 -2.18
N GLU A 121 -8.43 7.96 -3.10
CA GLU A 121 -7.88 6.76 -3.68
C GLU A 121 -6.35 6.83 -3.69
N ILE A 122 -5.73 5.67 -3.52
CA ILE A 122 -4.28 5.58 -3.52
C ILE A 122 -3.82 4.69 -4.66
N TRP A 123 -2.98 5.25 -5.51
CA TRP A 123 -2.46 4.51 -6.65
C TRP A 123 -1.24 3.72 -6.18
N VAL A 124 -1.28 2.42 -6.44
CA VAL A 124 -0.20 1.54 -6.05
C VAL A 124 -0.17 0.33 -6.99
N ALA A 125 1.04 -0.07 -7.35
CA ALA A 125 1.22 -1.20 -8.24
C ALA A 125 1.77 -2.39 -7.44
N LEU A 126 1.34 -3.57 -7.83
CA LEU A 126 1.77 -4.79 -7.16
C LEU A 126 2.48 -5.69 -8.17
N SER A 127 3.55 -6.32 -7.70
CA SER A 127 4.32 -7.22 -8.54
C SER A 127 4.94 -8.33 -7.70
N PHE A 128 4.17 -9.41 -7.55
CA PHE A 128 4.63 -10.55 -6.78
C PHE A 128 5.70 -11.33 -7.53
N LYS A 129 6.66 -11.85 -6.77
CA LYS A 129 7.74 -12.62 -7.35
C LYS A 129 7.85 -13.97 -6.64
N PRO A 130 7.11 -14.98 -7.18
CA PRO A 130 7.12 -16.31 -6.60
C PRO A 130 8.43 -17.04 -6.93
N SER A 131 8.85 -17.87 -5.99
CA SER A 131 10.08 -18.63 -6.16
C SER A 131 9.75 -20.06 -6.62
N GLY A 132 9.12 -20.13 -7.78
CA GLY A 132 8.75 -21.42 -8.35
C GLY A 132 9.97 -22.14 -8.92
N PRO A 133 9.72 -22.94 -9.99
CA PRO A 133 10.77 -23.69 -10.65
C PRO A 133 11.65 -22.77 -11.49
N SER A 134 12.50 -22.01 -10.81
CA SER A 134 13.38 -21.08 -11.49
C SER A 134 12.57 -20.10 -12.35
N SER A 135 12.49 -18.88 -11.86
CA SER A 135 11.74 -17.85 -12.56
C SER A 135 12.58 -16.57 -12.66
N GLY A 136 12.87 -16.17 -13.89
CA GLY A 136 13.65 -14.98 -14.13
C GLY A 136 12.80 -13.72 -13.97
N GLY A 1 -14.78 -27.22 13.16
CA GLY A 1 -14.90 -27.13 11.72
C GLY A 1 -13.69 -27.74 11.02
N SER A 2 -13.39 -27.21 9.84
CA SER A 2 -12.26 -27.70 9.07
C SER A 2 -11.44 -26.52 8.54
N SER A 3 -10.14 -26.58 8.78
CA SER A 3 -9.24 -25.53 8.34
C SER A 3 -8.31 -26.07 7.24
N GLY A 4 -7.78 -25.15 6.46
CA GLY A 4 -6.87 -25.51 5.38
C GLY A 4 -5.58 -24.70 5.46
N SER A 5 -4.56 -25.20 4.76
CA SER A 5 -3.27 -24.55 4.75
C SER A 5 -2.65 -24.65 3.35
N SER A 6 -2.61 -23.50 2.67
CA SER A 6 -2.05 -23.45 1.34
C SER A 6 -2.18 -22.03 0.78
N GLY A 7 -1.23 -21.68 -0.08
CA GLY A 7 -1.22 -20.35 -0.68
C GLY A 7 -0.01 -20.18 -1.60
N PRO A 8 0.17 -18.92 -2.08
CA PRO A 8 1.28 -18.61 -2.97
C PRO A 8 2.59 -18.52 -2.19
N HIS A 9 3.66 -18.22 -2.91
CA HIS A 9 4.97 -18.10 -2.30
C HIS A 9 5.93 -17.43 -3.28
N GLY A 10 6.63 -16.42 -2.77
CA GLY A 10 7.59 -15.68 -3.58
C GLY A 10 7.92 -14.33 -2.96
N THR A 11 7.97 -13.31 -3.80
CA THR A 11 8.27 -11.97 -3.34
C THR A 11 7.23 -10.97 -3.86
N LEU A 12 6.92 -10.00 -3.03
CA LEU A 12 5.95 -8.99 -3.40
C LEU A 12 6.68 -7.67 -3.69
N GLU A 13 6.15 -6.94 -4.66
CA GLU A 13 6.74 -5.66 -5.03
C GLU A 13 5.68 -4.56 -5.01
N VAL A 14 5.70 -3.77 -3.95
CA VAL A 14 4.76 -2.68 -3.80
C VAL A 14 5.33 -1.42 -4.46
N VAL A 15 4.55 -0.86 -5.36
CA VAL A 15 4.95 0.34 -6.07
C VAL A 15 4.03 1.50 -5.68
N LEU A 16 4.45 2.22 -4.65
CA LEU A 16 3.66 3.35 -4.16
C LEU A 16 3.72 4.48 -5.20
N VAL A 17 2.75 4.47 -6.09
CA VAL A 17 2.68 5.48 -7.13
C VAL A 17 2.36 6.84 -6.50
N SER A 18 1.08 7.08 -6.30
CA SER A 18 0.63 8.32 -5.70
C SER A 18 -0.76 8.15 -5.08
N ALA A 19 -1.36 9.27 -4.74
CA ALA A 19 -2.69 9.26 -4.15
C ALA A 19 -3.38 10.60 -4.40
N LYS A 20 -4.68 10.53 -4.65
CA LYS A 20 -5.46 11.72 -4.91
C LYS A 20 -6.76 11.66 -4.11
N GLY A 21 -7.28 12.84 -3.80
CA GLY A 21 -8.52 12.93 -3.04
C GLY A 21 -9.70 13.20 -3.96
N LEU A 22 -10.86 13.42 -3.34
CA LEU A 22 -12.08 13.69 -4.09
C LEU A 22 -12.01 15.10 -4.65
N GLU A 23 -12.90 15.36 -5.61
CA GLU A 23 -12.95 16.67 -6.24
C GLU A 23 -12.90 17.78 -5.18
N ASP A 24 -13.78 17.65 -4.20
CA ASP A 24 -13.84 18.63 -3.12
C ASP A 24 -13.59 17.93 -1.79
N ALA A 25 -12.35 17.47 -1.63
CA ALA A 25 -11.96 16.78 -0.41
C ALA A 25 -10.59 17.28 0.05
N ASP A 26 -10.58 17.86 1.24
CA ASP A 26 -9.35 18.39 1.80
C ASP A 26 -8.51 17.24 2.35
N PHE A 27 -7.92 16.48 1.44
CA PHE A 27 -7.09 15.35 1.83
C PHE A 27 -5.70 15.45 1.20
N LEU A 28 -4.69 15.52 2.06
CA LEU A 28 -3.32 15.62 1.62
C LEU A 28 -3.06 17.04 1.11
N ASN A 29 -3.72 18.00 1.74
CA ASN A 29 -3.56 19.39 1.37
C ASN A 29 -2.13 19.83 1.62
N ASN A 30 -1.98 21.09 1.99
CA ASN A 30 -0.66 21.64 2.27
C ASN A 30 -0.08 20.97 3.51
N MET A 31 0.31 19.71 3.34
CA MET A 31 0.88 18.95 4.44
C MET A 31 1.97 18.01 3.94
N ASP A 32 2.45 17.16 4.85
CA ASP A 32 3.49 16.21 4.51
C ASP A 32 3.03 14.81 4.91
N PRO A 33 2.04 14.29 4.12
CA PRO A 33 1.51 12.96 4.37
C PRO A 33 2.50 11.87 3.92
N TYR A 34 2.43 10.74 4.59
CA TYR A 34 3.30 9.62 4.28
C TYR A 34 2.62 8.29 4.58
N VAL A 35 2.75 7.37 3.62
CA VAL A 35 2.15 6.06 3.78
C VAL A 35 3.17 5.11 4.41
N GLN A 36 2.65 4.15 5.17
CA GLN A 36 3.49 3.19 5.85
C GLN A 36 3.14 1.76 5.39
N LEU A 37 3.91 1.28 4.43
CA LEU A 37 3.69 -0.05 3.90
C LEU A 37 3.98 -1.09 4.99
N THR A 38 3.01 -1.97 5.20
CA THR A 38 3.15 -3.01 6.21
C THR A 38 2.82 -4.38 5.60
N CYS A 39 3.67 -5.34 5.91
CA CYS A 39 3.49 -6.70 5.41
C CYS A 39 3.87 -7.68 6.52
N ARG A 40 2.87 -8.35 7.05
CA ARG A 40 3.09 -9.31 8.11
C ARG A 40 3.71 -8.63 9.33
N THR A 41 5.03 -8.47 9.28
CA THR A 41 5.74 -7.83 10.36
C THR A 41 6.79 -6.86 9.81
N GLN A 42 6.69 -6.62 8.52
CA GLN A 42 7.61 -5.70 7.86
C GLN A 42 6.95 -4.34 7.63
N ASP A 43 7.49 -3.34 8.32
CA ASP A 43 6.96 -1.99 8.20
C ASP A 43 7.98 -1.11 7.46
N GLN A 44 7.48 -0.40 6.46
CA GLN A 44 8.32 0.48 5.68
C GLN A 44 7.53 1.69 5.19
N LYS A 45 8.02 2.87 5.53
CA LYS A 45 7.37 4.11 5.14
C LYS A 45 8.05 4.66 3.88
N SER A 46 7.38 5.61 3.25
CA SER A 46 7.89 6.23 2.04
C SER A 46 8.30 7.67 2.33
N ASN A 47 8.99 8.26 1.36
CA ASN A 47 9.44 9.64 1.49
C ASN A 47 8.27 10.51 1.96
N VAL A 48 8.63 11.65 2.54
CA VAL A 48 7.62 12.57 3.04
C VAL A 48 7.22 13.54 1.92
N ALA A 49 6.04 13.30 1.37
CA ALA A 49 5.53 14.13 0.29
C ALA A 49 5.33 15.56 0.80
N GLU A 50 6.39 16.35 0.67
CA GLU A 50 6.35 17.73 1.11
C GLU A 50 5.57 18.60 0.11
N GLY A 51 4.46 19.14 0.57
CA GLY A 51 3.63 19.98 -0.27
C GLY A 51 3.61 19.46 -1.71
N MET A 52 2.63 18.62 -2.00
CA MET A 52 2.49 18.05 -3.32
C MET A 52 1.25 18.61 -4.03
N GLY A 53 0.25 18.94 -3.24
CA GLY A 53 -0.98 19.48 -3.77
C GLY A 53 -2.08 18.42 -3.81
N THR A 54 -2.56 18.06 -2.63
CA THR A 54 -3.61 17.06 -2.51
C THR A 54 -3.33 15.87 -3.44
N THR A 55 -2.05 15.69 -3.72
CA THR A 55 -1.62 14.60 -4.59
C THR A 55 -0.15 14.24 -4.31
N PRO A 56 0.05 13.55 -3.16
CA PRO A 56 1.40 13.13 -2.78
C PRO A 56 1.88 11.96 -3.63
N GLU A 57 2.87 12.22 -4.47
CA GLU A 57 3.42 11.20 -5.33
C GLU A 57 4.74 10.68 -4.76
N TRP A 58 4.87 9.36 -4.72
CA TRP A 58 6.07 8.73 -4.20
C TRP A 58 6.76 8.00 -5.37
N ASN A 59 6.02 7.08 -5.96
CA ASN A 59 6.54 6.32 -7.08
C ASN A 59 7.75 5.48 -6.61
N GLU A 60 7.63 5.00 -5.38
CA GLU A 60 8.70 4.20 -4.80
C GLU A 60 8.45 2.72 -5.08
N THR A 61 9.26 1.88 -4.44
CA THR A 61 9.14 0.44 -4.60
C THR A 61 9.55 -0.27 -3.31
N PHE A 62 8.60 -1.02 -2.76
CA PHE A 62 8.85 -1.77 -1.53
C PHE A 62 8.66 -3.27 -1.76
N ILE A 63 9.62 -4.04 -1.27
CA ILE A 63 9.56 -5.48 -1.41
C ILE A 63 9.15 -6.10 -0.07
N PHE A 64 8.53 -7.27 -0.16
CA PHE A 64 8.08 -7.97 1.04
C PHE A 64 8.04 -9.48 0.80
N THR A 65 8.65 -10.22 1.72
CA THR A 65 8.69 -11.66 1.62
C THR A 65 7.33 -12.26 1.95
N VAL A 66 6.87 -13.14 1.08
CA VAL A 66 5.58 -13.78 1.27
C VAL A 66 5.79 -15.28 1.50
N SER A 67 4.91 -15.86 2.30
CA SER A 67 4.99 -17.28 2.60
C SER A 67 3.63 -17.79 3.09
N GLU A 68 3.09 -17.09 4.08
CA GLU A 68 1.80 -17.46 4.63
C GLU A 68 1.27 -16.34 5.54
N GLY A 69 -0.03 -16.12 5.46
CA GLY A 69 -0.66 -15.09 6.26
C GLY A 69 -0.79 -13.78 5.48
N THR A 70 0.34 -13.34 4.94
CA THR A 70 0.38 -12.10 4.18
C THR A 70 -0.35 -12.29 2.84
N THR A 71 -1.55 -11.73 2.79
CA THR A 71 -2.36 -11.82 1.58
C THR A 71 -2.88 -10.43 1.18
N GLU A 72 -2.41 -9.43 1.91
CA GLU A 72 -2.82 -8.07 1.64
C GLU A 72 -1.88 -7.08 2.35
N LEU A 73 -1.62 -5.97 1.67
CA LEU A 73 -0.74 -4.96 2.22
C LEU A 73 -1.59 -3.83 2.82
N LYS A 74 -1.11 -3.30 3.93
CA LYS A 74 -1.80 -2.22 4.62
C LYS A 74 -1.06 -0.91 4.37
N ALA A 75 -1.79 0.06 3.83
CA ALA A 75 -1.21 1.36 3.54
C ALA A 75 -1.96 2.43 4.35
N LYS A 76 -1.33 2.87 5.42
CA LYS A 76 -1.91 3.88 6.28
C LYS A 76 -1.21 5.22 6.04
N ILE A 77 -2.02 6.25 5.86
CA ILE A 77 -1.48 7.59 5.61
C ILE A 77 -1.57 8.41 6.91
N PHE A 78 -0.56 9.22 7.12
CA PHE A 78 -0.51 10.07 8.31
C PHE A 78 0.11 11.43 7.99
N ASP A 79 0.58 12.09 9.04
CA ASP A 79 1.20 13.39 8.88
C ASP A 79 2.61 13.37 9.47
N LYS A 80 3.57 13.77 8.65
CA LYS A 80 4.96 13.79 9.09
C LYS A 80 5.03 14.30 10.53
N ASP A 81 4.07 15.13 10.87
CA ASP A 81 4.01 15.69 12.22
C ASP A 81 3.62 14.59 13.21
N VAL A 82 2.49 13.96 12.92
CA VAL A 82 2.00 12.89 13.77
C VAL A 82 2.94 11.68 13.67
N GLY A 83 2.43 10.54 14.10
CA GLY A 83 3.20 9.30 14.06
C GLY A 83 2.32 8.12 13.65
N THR A 84 2.97 7.10 13.10
CA THR A 84 2.27 5.92 12.66
C THR A 84 1.18 5.53 13.68
N GLU A 85 1.45 5.89 14.93
CA GLU A 85 0.52 5.58 16.01
C GLU A 85 -0.02 6.88 16.62
N ASP A 86 -1.03 7.43 15.96
CA ASP A 86 -1.63 8.67 16.43
C ASP A 86 -2.96 8.89 15.68
N ASP A 87 -2.83 9.20 14.40
CA ASP A 87 -3.99 9.44 13.56
C ASP A 87 -3.57 9.42 12.09
N ALA A 88 -4.09 8.44 11.38
CA ALA A 88 -3.78 8.28 9.97
C ALA A 88 -4.85 8.99 9.14
N VAL A 89 -4.42 10.01 8.39
CA VAL A 89 -5.32 10.76 7.57
C VAL A 89 -6.28 9.81 6.85
N GLY A 90 -5.80 8.59 6.64
CA GLY A 90 -6.59 7.58 5.96
C GLY A 90 -5.79 6.29 5.75
N GLU A 91 -6.45 5.30 5.18
CA GLU A 91 -5.82 4.03 4.92
C GLU A 91 -6.42 3.38 3.67
N ALA A 92 -5.85 2.23 3.31
CA ALA A 92 -6.32 1.50 2.14
C ALA A 92 -5.84 0.05 2.23
N THR A 93 -6.71 -0.85 1.79
CA THR A 93 -6.39 -2.27 1.81
C THR A 93 -5.95 -2.73 0.42
N ILE A 94 -4.70 -3.14 0.33
CA ILE A 94 -4.16 -3.61 -0.93
C ILE A 94 -3.94 -5.12 -0.85
N PRO A 95 -4.91 -5.86 -1.46
CA PRO A 95 -4.84 -7.32 -1.46
C PRO A 95 -3.79 -7.81 -2.46
N LEU A 96 -3.02 -8.79 -2.02
CA LEU A 96 -1.98 -9.36 -2.87
C LEU A 96 -2.52 -10.63 -3.55
N GLU A 97 -3.80 -10.86 -3.34
CA GLU A 97 -4.44 -12.03 -3.92
C GLU A 97 -4.40 -11.96 -5.44
N PRO A 98 -4.62 -10.71 -5.96
CA PRO A 98 -4.61 -10.50 -7.40
C PRO A 98 -3.19 -10.51 -7.95
N VAL A 99 -2.26 -10.13 -7.09
CA VAL A 99 -0.85 -10.10 -7.47
C VAL A 99 -0.25 -11.49 -7.32
N PHE A 100 -1.02 -12.37 -6.68
CA PHE A 100 -0.58 -13.74 -6.46
C PHE A 100 -1.04 -14.65 -7.60
N VAL A 101 -2.22 -14.35 -8.12
CA VAL A 101 -2.78 -15.14 -9.21
C VAL A 101 -2.32 -14.55 -10.55
N GLU A 102 -2.19 -13.23 -10.56
CA GLU A 102 -1.76 -12.54 -11.77
C GLU A 102 -0.24 -12.48 -11.83
N GLY A 103 0.37 -12.47 -10.65
CA GLY A 103 1.82 -12.41 -10.56
C GLY A 103 2.33 -10.99 -10.77
N SER A 104 1.41 -10.12 -11.16
CA SER A 104 1.76 -8.73 -11.39
C SER A 104 0.48 -7.89 -11.56
N ILE A 105 0.43 -6.79 -10.83
CA ILE A 105 -0.71 -5.89 -10.89
C ILE A 105 -0.25 -4.48 -11.24
N PRO A 106 -1.01 -3.83 -12.15
CA PRO A 106 -0.69 -2.48 -12.58
C PRO A 106 -1.05 -1.46 -11.49
N PRO A 107 -0.66 -0.19 -11.75
CA PRO A 107 -0.93 0.89 -10.81
C PRO A 107 -2.40 1.29 -10.85
N THR A 108 -3.11 0.98 -9.77
CA THR A 108 -4.52 1.31 -9.68
C THR A 108 -4.79 2.14 -8.42
N ALA A 109 -5.90 2.85 -8.45
CA ALA A 109 -6.29 3.69 -7.33
C ALA A 109 -7.14 2.87 -6.36
N TYR A 110 -6.58 2.62 -5.19
CA TYR A 110 -7.28 1.86 -4.17
C TYR A 110 -8.11 2.78 -3.26
N ASN A 111 -9.33 2.34 -3.01
CA ASN A 111 -10.24 3.10 -2.16
C ASN A 111 -9.54 3.41 -0.83
N VAL A 112 -9.48 4.70 -0.51
CA VAL A 112 -8.86 5.14 0.72
C VAL A 112 -9.93 5.64 1.68
N VAL A 113 -10.12 4.91 2.77
CA VAL A 113 -11.11 5.28 3.76
C VAL A 113 -10.39 5.69 5.05
N LYS A 114 -11.18 6.20 5.99
CA LYS A 114 -10.65 6.65 7.26
C LYS A 114 -11.67 6.39 8.36
N ASP A 115 -11.58 5.20 8.95
CA ASP A 115 -12.49 4.82 10.02
C ASP A 115 -13.80 4.32 9.40
N GLU A 116 -14.04 4.72 8.17
CA GLU A 116 -15.24 4.32 7.46
C GLU A 116 -15.56 5.32 6.35
N GLU A 117 -15.01 6.52 6.49
CA GLU A 117 -15.23 7.57 5.51
C GLU A 117 -14.21 7.46 4.38
N TYR A 118 -14.70 7.64 3.17
CA TYR A 118 -13.84 7.56 2.00
C TYR A 118 -13.03 8.86 1.83
N LYS A 119 -11.76 8.77 2.23
CA LYS A 119 -10.87 9.91 2.12
C LYS A 119 -10.60 10.21 0.65
N GLY A 120 -10.38 9.14 -0.10
CA GLY A 120 -10.10 9.27 -1.52
C GLY A 120 -9.65 7.94 -2.12
N GLU A 121 -8.53 7.99 -2.84
CA GLU A 121 -7.99 6.80 -3.46
C GLU A 121 -6.46 6.85 -3.45
N ILE A 122 -5.86 5.69 -3.25
CA ILE A 122 -4.41 5.59 -3.22
C ILE A 122 -3.93 4.76 -4.42
N TRP A 123 -3.14 5.39 -5.27
CA TRP A 123 -2.61 4.72 -6.44
C TRP A 123 -1.45 3.83 -5.99
N VAL A 124 -1.59 2.54 -6.26
CA VAL A 124 -0.56 1.59 -5.89
C VAL A 124 -0.43 0.53 -6.99
N ALA A 125 0.65 -0.22 -6.94
CA ALA A 125 0.91 -1.25 -7.92
C ALA A 125 1.78 -2.34 -7.30
N LEU A 126 1.26 -3.56 -7.32
CA LEU A 126 1.98 -4.69 -6.77
C LEU A 126 2.47 -5.59 -7.90
N SER A 127 3.67 -6.11 -7.73
CA SER A 127 4.26 -6.98 -8.74
C SER A 127 4.89 -8.20 -8.06
N PHE A 128 4.08 -9.23 -7.86
CA PHE A 128 4.56 -10.44 -7.22
C PHE A 128 5.63 -11.12 -8.08
N LYS A 129 6.42 -11.98 -7.42
CA LYS A 129 7.48 -12.69 -8.11
C LYS A 129 7.58 -14.10 -7.54
N PRO A 130 6.79 -15.04 -8.14
CA PRO A 130 6.78 -16.42 -7.70
C PRO A 130 8.05 -17.14 -8.17
N SER A 131 8.56 -17.99 -7.30
CA SER A 131 9.76 -18.75 -7.60
C SER A 131 9.39 -19.98 -8.45
N GLY A 132 8.73 -19.71 -9.56
CA GLY A 132 8.32 -20.77 -10.46
C GLY A 132 9.00 -20.62 -11.83
N PRO A 133 8.22 -20.96 -12.89
CA PRO A 133 8.74 -20.88 -14.25
C PRO A 133 8.80 -19.42 -14.71
N SER A 134 9.61 -18.64 -14.03
CA SER A 134 9.76 -17.23 -14.36
C SER A 134 10.89 -17.05 -15.37
N SER A 135 10.50 -16.69 -16.58
CA SER A 135 11.46 -16.49 -17.65
C SER A 135 11.93 -15.03 -17.67
N GLY A 136 13.02 -14.79 -18.37
CA GLY A 136 13.57 -13.46 -18.47
C GLY A 136 14.57 -13.35 -19.62
N GLY A 1 -4.95 -35.56 4.15
CA GLY A 1 -5.59 -34.50 3.38
C GLY A 1 -4.84 -33.18 3.54
N SER A 2 -4.11 -32.83 2.50
CA SER A 2 -3.34 -31.59 2.51
C SER A 2 -2.26 -31.65 3.59
N SER A 3 -1.17 -30.96 3.34
CA SER A 3 -0.06 -30.92 4.29
C SER A 3 1.02 -29.96 3.79
N GLY A 4 1.26 -28.92 4.60
CA GLY A 4 2.26 -27.92 4.26
C GLY A 4 1.64 -26.53 4.22
N SER A 5 2.14 -25.72 3.29
CA SER A 5 1.65 -24.36 3.13
C SER A 5 0.43 -24.35 2.21
N SER A 6 -0.40 -23.33 2.39
CA SER A 6 -1.60 -23.19 1.58
C SER A 6 -1.66 -21.79 0.96
N GLY A 7 -1.07 -21.68 -0.23
CA GLY A 7 -1.05 -20.41 -0.93
C GLY A 7 0.25 -20.24 -1.72
N PRO A 8 0.48 -18.99 -2.19
CA PRO A 8 1.67 -18.69 -2.96
C PRO A 8 2.91 -18.62 -2.07
N HIS A 9 4.01 -18.19 -2.67
CA HIS A 9 5.25 -18.07 -1.94
C HIS A 9 6.32 -17.43 -2.83
N GLY A 10 6.73 -16.23 -2.45
CA GLY A 10 7.73 -15.50 -3.21
C GLY A 10 7.99 -14.12 -2.60
N THR A 11 8.08 -13.13 -3.47
CA THR A 11 8.33 -11.77 -3.03
C THR A 11 7.25 -10.83 -3.59
N LEU A 12 6.94 -9.82 -2.80
CA LEU A 12 5.93 -8.84 -3.20
C LEU A 12 6.62 -7.51 -3.52
N GLU A 13 6.03 -6.80 -4.47
CA GLU A 13 6.56 -5.51 -4.88
C GLU A 13 5.46 -4.46 -4.90
N VAL A 14 5.54 -3.52 -3.95
CA VAL A 14 4.56 -2.46 -3.86
C VAL A 14 5.18 -1.16 -4.37
N VAL A 15 4.71 -0.73 -5.52
CA VAL A 15 5.19 0.50 -6.12
C VAL A 15 4.26 1.66 -5.76
N LEU A 16 4.60 2.34 -4.68
CA LEU A 16 3.79 3.46 -4.22
C LEU A 16 3.84 4.58 -5.26
N VAL A 17 2.76 4.68 -6.03
CA VAL A 17 2.66 5.69 -7.06
C VAL A 17 2.27 7.02 -6.43
N SER A 18 0.96 7.20 -6.28
CA SER A 18 0.43 8.42 -5.69
C SER A 18 -0.90 8.13 -5.00
N ALA A 19 -1.57 9.20 -4.60
CA ALA A 19 -2.86 9.08 -3.93
C ALA A 19 -3.63 10.39 -4.08
N LYS A 20 -4.91 10.24 -4.38
CA LYS A 20 -5.78 11.40 -4.56
C LYS A 20 -6.80 11.44 -3.41
N GLY A 21 -7.31 12.64 -3.17
CA GLY A 21 -8.30 12.84 -2.12
C GLY A 21 -9.57 13.49 -2.67
N LEU A 22 -10.12 12.86 -3.70
CA LEU A 22 -11.33 13.36 -4.33
C LEU A 22 -11.20 14.88 -4.52
N GLU A 23 -12.32 15.49 -4.89
CA GLU A 23 -12.35 16.93 -5.11
C GLU A 23 -13.14 17.62 -3.99
N ASP A 24 -13.49 16.83 -2.99
CA ASP A 24 -14.25 17.36 -1.86
C ASP A 24 -13.75 16.71 -0.57
N ALA A 25 -12.43 16.59 -0.48
CA ALA A 25 -11.82 15.99 0.70
C ALA A 25 -10.48 16.69 0.97
N ASP A 26 -10.33 17.13 2.21
CA ASP A 26 -9.11 17.80 2.62
C ASP A 26 -8.04 16.76 2.95
N PHE A 27 -7.84 15.83 2.03
CA PHE A 27 -6.86 14.79 2.21
C PHE A 27 -5.62 15.04 1.36
N LEU A 28 -4.47 14.99 2.02
CA LEU A 28 -3.21 15.22 1.34
C LEU A 28 -3.13 16.68 0.89
N ASN A 29 -3.95 17.50 1.52
CA ASN A 29 -3.99 18.92 1.18
C ASN A 29 -2.61 19.54 1.44
N ASN A 30 -2.63 20.80 1.83
CA ASN A 30 -1.40 21.52 2.12
C ASN A 30 -0.72 20.89 3.34
N MET A 31 -0.14 19.73 3.13
CA MET A 31 0.54 19.01 4.19
C MET A 31 1.70 18.18 3.64
N ASP A 32 2.30 17.39 4.53
CA ASP A 32 3.40 16.53 4.15
C ASP A 32 3.17 15.12 4.67
N PRO A 33 2.07 14.49 4.15
CA PRO A 33 1.73 13.14 4.55
C PRO A 33 2.66 12.12 3.92
N TYR A 34 2.64 10.91 4.46
CA TYR A 34 3.48 9.84 3.96
C TYR A 34 2.75 8.50 4.03
N VAL A 35 3.04 7.66 3.05
CA VAL A 35 2.41 6.34 2.99
C VAL A 35 3.30 5.33 3.73
N GLN A 36 2.64 4.34 4.33
CA GLN A 36 3.36 3.33 5.07
C GLN A 36 2.72 1.95 4.83
N LEU A 37 3.42 1.14 4.06
CA LEU A 37 2.93 -0.20 3.75
C LEU A 37 3.13 -1.11 4.95
N THR A 38 2.46 -2.25 4.91
CA THR A 38 2.56 -3.22 6.00
C THR A 38 2.40 -4.64 5.46
N CYS A 39 3.36 -5.48 5.80
CA CYS A 39 3.34 -6.86 5.36
C CYS A 39 3.87 -7.74 6.50
N ARG A 40 2.95 -8.16 7.36
CA ARG A 40 3.33 -9.00 8.48
C ARG A 40 4.31 -8.27 9.38
N THR A 41 3.77 -7.66 10.43
CA THR A 41 4.61 -6.93 11.38
C THR A 41 5.81 -6.31 10.66
N GLN A 42 5.56 -5.83 9.45
CA GLN A 42 6.61 -5.21 8.66
C GLN A 42 6.03 -4.09 7.79
N ASP A 43 6.43 -2.87 8.13
CA ASP A 43 5.96 -1.70 7.39
C ASP A 43 7.16 -0.90 6.90
N GLN A 44 6.89 0.00 5.97
CA GLN A 44 7.93 0.85 5.41
C GLN A 44 7.35 2.18 4.94
N LYS A 45 7.86 3.25 5.51
CA LYS A 45 7.40 4.59 5.16
C LYS A 45 8.18 5.09 3.94
N SER A 46 7.56 5.99 3.21
CA SER A 46 8.17 6.55 2.01
C SER A 46 8.52 8.02 2.25
N ASN A 47 9.26 8.58 1.30
CA ASN A 47 9.65 9.98 1.39
C ASN A 47 8.43 10.83 1.73
N VAL A 48 8.71 11.96 2.37
CA VAL A 48 7.64 12.87 2.76
C VAL A 48 7.20 13.69 1.55
N ALA A 49 5.89 13.78 1.37
CA ALA A 49 5.34 14.52 0.25
C ALA A 49 5.43 16.02 0.55
N GLU A 50 6.61 16.58 0.29
CA GLU A 50 6.84 17.99 0.53
C GLU A 50 6.13 18.82 -0.54
N GLY A 51 5.22 19.66 -0.07
CA GLY A 51 4.46 20.53 -0.96
C GLY A 51 4.15 19.81 -2.29
N MET A 52 3.37 18.75 -2.18
CA MET A 52 3.00 17.98 -3.36
C MET A 52 1.57 18.29 -3.79
N GLY A 53 0.73 18.60 -2.81
CA GLY A 53 -0.66 18.93 -3.07
C GLY A 53 -1.58 17.78 -2.66
N THR A 54 -2.85 17.92 -3.03
CA THR A 54 -3.83 16.90 -2.70
C THR A 54 -3.51 15.60 -3.44
N THR A 55 -2.55 15.69 -4.35
CA THR A 55 -2.14 14.53 -5.12
C THR A 55 -0.63 14.33 -5.02
N PRO A 56 -0.19 13.87 -3.82
CA PRO A 56 1.23 13.64 -3.58
C PRO A 56 1.70 12.36 -4.28
N GLU A 57 2.79 12.48 -5.00
CA GLU A 57 3.35 11.35 -5.72
C GLU A 57 4.65 10.88 -5.04
N TRP A 58 4.67 9.59 -4.72
CA TRP A 58 5.83 9.01 -4.07
C TRP A 58 6.59 8.19 -5.11
N ASN A 59 5.84 7.40 -5.85
CA ASN A 59 6.43 6.56 -6.89
C ASN A 59 7.55 5.71 -6.28
N GLU A 60 7.33 5.31 -5.03
CA GLU A 60 8.30 4.50 -4.32
C GLU A 60 8.11 3.02 -4.66
N THR A 61 8.92 2.19 -4.02
CA THR A 61 8.85 0.75 -4.24
C THR A 61 9.28 -0.01 -2.99
N PHE A 62 8.38 -0.85 -2.50
CA PHE A 62 8.66 -1.64 -1.32
C PHE A 62 8.55 -3.14 -1.62
N ILE A 63 9.38 -3.90 -0.92
CA ILE A 63 9.39 -5.35 -1.10
C ILE A 63 9.01 -6.02 0.22
N PHE A 64 8.27 -7.12 0.10
CA PHE A 64 7.84 -7.86 1.27
C PHE A 64 7.86 -9.37 1.00
N THR A 65 8.02 -10.13 2.07
CA THR A 65 8.06 -11.57 1.96
C THR A 65 6.67 -12.17 2.19
N VAL A 66 6.26 -13.01 1.25
CA VAL A 66 4.95 -13.65 1.33
C VAL A 66 5.14 -15.15 1.53
N SER A 67 4.18 -15.75 2.22
CA SER A 67 4.22 -17.18 2.49
C SER A 67 2.81 -17.70 2.76
N GLU A 68 2.32 -17.41 3.97
CA GLU A 68 1.00 -17.85 4.36
C GLU A 68 0.35 -16.79 5.26
N GLY A 69 -0.97 -16.67 5.11
CA GLY A 69 -1.73 -15.72 5.90
C GLY A 69 -1.73 -14.34 5.24
N THR A 70 -0.53 -13.81 5.03
CA THR A 70 -0.38 -12.51 4.41
C THR A 70 -0.75 -12.58 2.93
N THR A 71 -1.92 -12.04 2.63
CA THR A 71 -2.42 -12.03 1.25
C THR A 71 -2.91 -10.65 0.87
N GLU A 72 -2.56 -9.67 1.70
CA GLU A 72 -2.96 -8.30 1.46
C GLU A 72 -1.97 -7.34 2.11
N LEU A 73 -1.88 -6.14 1.53
CA LEU A 73 -0.98 -5.13 2.05
C LEU A 73 -1.79 -3.97 2.62
N LYS A 74 -1.31 -3.46 3.75
CA LYS A 74 -1.99 -2.36 4.42
C LYS A 74 -1.19 -1.07 4.18
N ALA A 75 -1.90 -0.06 3.70
CA ALA A 75 -1.29 1.23 3.42
C ALA A 75 -1.98 2.31 4.25
N LYS A 76 -1.23 2.89 5.17
CA LYS A 76 -1.75 3.94 6.03
C LYS A 76 -0.98 5.23 5.78
N ILE A 77 -1.71 6.33 5.80
CA ILE A 77 -1.10 7.63 5.58
C ILE A 77 -1.27 8.49 6.85
N PHE A 78 -0.31 9.38 7.06
CA PHE A 78 -0.34 10.25 8.21
C PHE A 78 0.31 11.61 7.89
N ASP A 79 0.81 12.25 8.94
CA ASP A 79 1.46 13.53 8.79
C ASP A 79 2.89 13.44 9.29
N LYS A 80 3.80 14.04 8.53
CA LYS A 80 5.21 14.05 8.89
C LYS A 80 5.35 14.38 10.37
N ASP A 81 4.40 15.16 10.86
CA ASP A 81 4.40 15.57 12.26
C ASP A 81 3.44 14.68 13.05
N VAL A 82 3.47 13.38 12.72
CA VAL A 82 2.62 12.43 13.39
C VAL A 82 3.28 11.05 13.36
N GLY A 83 3.01 10.28 14.40
CA GLY A 83 3.58 8.93 14.50
C GLY A 83 2.62 7.89 13.92
N THR A 84 3.20 6.93 13.21
CA THR A 84 2.42 5.87 12.60
C THR A 84 1.23 5.50 13.49
N GLU A 85 1.49 5.53 14.79
CA GLU A 85 0.46 5.18 15.76
C GLU A 85 0.04 6.43 16.53
N ASP A 86 -0.52 7.38 15.80
CA ASP A 86 -0.97 8.62 16.41
C ASP A 86 -2.30 9.04 15.77
N ASP A 87 -2.29 9.10 14.45
CA ASP A 87 -3.48 9.50 13.70
C ASP A 87 -3.17 9.42 12.20
N ALA A 88 -3.79 8.44 11.56
CA ALA A 88 -3.60 8.26 10.12
C ALA A 88 -4.60 9.11 9.36
N VAL A 89 -4.11 9.79 8.33
CA VAL A 89 -4.95 10.64 7.52
C VAL A 89 -5.89 9.78 6.68
N GLY A 90 -5.38 8.63 6.26
CA GLY A 90 -6.16 7.71 5.46
C GLY A 90 -5.45 6.37 5.31
N GLU A 91 -6.21 5.38 4.87
CA GLU A 91 -5.66 4.04 4.69
C GLU A 91 -6.32 3.35 3.49
N ALA A 92 -5.71 2.26 3.07
CA ALA A 92 -6.23 1.50 1.94
C ALA A 92 -5.80 0.05 2.06
N THR A 93 -6.61 -0.83 1.49
CA THR A 93 -6.32 -2.26 1.53
C THR A 93 -5.89 -2.75 0.15
N ILE A 94 -4.62 -3.13 0.07
CA ILE A 94 -4.08 -3.63 -1.18
C ILE A 94 -3.87 -5.14 -1.09
N PRO A 95 -4.82 -5.89 -1.72
CA PRO A 95 -4.75 -7.34 -1.70
C PRO A 95 -3.66 -7.85 -2.65
N LEU A 96 -2.93 -8.85 -2.18
CA LEU A 96 -1.86 -9.43 -2.97
C LEU A 96 -2.35 -10.73 -3.62
N GLU A 97 -3.63 -11.00 -3.41
CA GLU A 97 -4.23 -12.20 -3.96
C GLU A 97 -4.20 -12.16 -5.49
N PRO A 98 -4.47 -10.94 -6.04
CA PRO A 98 -4.47 -10.75 -7.47
C PRO A 98 -3.04 -10.72 -8.03
N VAL A 99 -2.14 -10.19 -7.21
CA VAL A 99 -0.74 -10.10 -7.60
C VAL A 99 -0.09 -11.48 -7.48
N PHE A 100 -0.82 -12.39 -6.86
CA PHE A 100 -0.33 -13.75 -6.67
C PHE A 100 -0.80 -14.66 -7.80
N VAL A 101 -1.97 -14.33 -8.33
CA VAL A 101 -2.55 -15.11 -9.41
C VAL A 101 -2.11 -14.52 -10.75
N GLU A 102 -2.03 -13.19 -10.77
CA GLU A 102 -1.64 -12.48 -11.97
C GLU A 102 -0.12 -12.43 -12.09
N GLY A 103 0.53 -12.35 -10.93
CA GLY A 103 1.98 -12.30 -10.89
C GLY A 103 2.48 -10.85 -11.03
N SER A 104 1.54 -9.98 -11.35
CA SER A 104 1.86 -8.56 -11.52
C SER A 104 0.59 -7.75 -11.71
N ILE A 105 0.49 -6.68 -10.94
CA ILE A 105 -0.68 -5.81 -11.01
C ILE A 105 -0.22 -4.37 -11.28
N PRO A 106 -1.00 -3.67 -12.14
CA PRO A 106 -0.68 -2.29 -12.49
C PRO A 106 -1.05 -1.34 -11.35
N PRO A 107 -0.61 -0.07 -11.49
CA PRO A 107 -0.88 0.94 -10.48
C PRO A 107 -2.34 1.39 -10.54
N THR A 108 -3.12 0.94 -9.57
CA THR A 108 -4.52 1.30 -9.50
C THR A 108 -4.81 2.09 -8.23
N ALA A 109 -5.81 2.96 -8.33
CA ALA A 109 -6.20 3.78 -7.20
C ALA A 109 -7.11 2.98 -6.28
N TYR A 110 -6.53 2.52 -5.17
CA TYR A 110 -7.28 1.74 -4.21
C TYR A 110 -8.08 2.65 -3.26
N ASN A 111 -9.33 2.27 -3.05
CA ASN A 111 -10.21 3.04 -2.19
C ASN A 111 -9.47 3.37 -0.88
N VAL A 112 -9.49 4.65 -0.54
CA VAL A 112 -8.84 5.11 0.67
C VAL A 112 -9.89 5.61 1.66
N VAL A 113 -10.00 4.90 2.76
CA VAL A 113 -10.95 5.26 3.80
C VAL A 113 -10.21 5.68 5.07
N LYS A 114 -10.97 6.21 6.01
CA LYS A 114 -10.39 6.66 7.27
C LYS A 114 -11.44 6.55 8.37
N ASP A 115 -11.45 5.39 9.03
CA ASP A 115 -12.39 5.15 10.11
C ASP A 115 -13.67 4.53 9.53
N GLU A 116 -13.91 4.84 8.27
CA GLU A 116 -15.10 4.32 7.59
C GLU A 116 -15.48 5.24 6.43
N GLU A 117 -14.99 6.47 6.50
CA GLU A 117 -15.28 7.45 5.47
C GLU A 117 -14.30 7.31 4.31
N TYR A 118 -14.84 7.41 3.10
CA TYR A 118 -14.03 7.29 1.90
C TYR A 118 -13.25 8.58 1.64
N LYS A 119 -11.98 8.57 2.02
CA LYS A 119 -11.12 9.72 1.83
C LYS A 119 -10.93 9.96 0.34
N GLY A 120 -10.38 8.96 -0.32
CA GLY A 120 -10.14 9.05 -1.75
C GLY A 120 -9.65 7.72 -2.32
N GLU A 121 -8.50 7.78 -2.97
CA GLU A 121 -7.91 6.57 -3.55
C GLU A 121 -6.38 6.67 -3.56
N ILE A 122 -5.75 5.53 -3.38
CA ILE A 122 -4.30 5.47 -3.36
C ILE A 122 -3.81 4.62 -4.53
N TRP A 123 -2.98 5.23 -5.37
CA TRP A 123 -2.44 4.54 -6.52
C TRP A 123 -1.21 3.76 -6.07
N VAL A 124 -1.25 2.46 -6.31
CA VAL A 124 -0.13 1.59 -5.94
C VAL A 124 -0.11 0.38 -6.86
N ALA A 125 1.09 0.02 -7.30
CA ALA A 125 1.28 -1.11 -8.18
C ALA A 125 1.81 -2.30 -7.38
N LEU A 126 1.35 -3.48 -7.73
CA LEU A 126 1.77 -4.70 -7.06
C LEU A 126 2.50 -5.60 -8.06
N SER A 127 3.64 -6.11 -7.63
CA SER A 127 4.42 -7.00 -8.47
C SER A 127 4.99 -8.14 -7.64
N PHE A 128 4.37 -9.30 -7.79
CA PHE A 128 4.79 -10.48 -7.06
C PHE A 128 5.92 -11.21 -7.80
N LYS A 129 6.72 -11.92 -7.03
CA LYS A 129 7.84 -12.67 -7.60
C LYS A 129 7.92 -14.04 -6.94
N PRO A 130 7.22 -15.02 -7.58
CA PRO A 130 7.20 -16.39 -7.08
C PRO A 130 8.52 -17.09 -7.36
N SER A 131 8.94 -17.92 -6.41
CA SER A 131 10.17 -18.66 -6.54
C SER A 131 10.06 -19.68 -7.68
N GLY A 132 10.24 -19.18 -8.89
CA GLY A 132 10.16 -20.03 -10.07
C GLY A 132 11.43 -20.87 -10.23
N PRO A 133 11.79 -21.13 -11.51
CA PRO A 133 12.97 -21.92 -11.81
C PRO A 133 14.25 -21.11 -11.58
N SER A 134 14.70 -21.12 -10.33
CA SER A 134 15.89 -20.39 -9.96
C SER A 134 15.63 -18.88 -10.00
N SER A 135 16.28 -18.18 -9.09
CA SER A 135 16.12 -16.73 -9.01
C SER A 135 16.99 -16.05 -10.07
N GLY A 136 16.32 -15.48 -11.07
CA GLY A 136 17.02 -14.80 -12.14
C GLY A 136 17.44 -15.78 -13.23
N GLY A 1 -15.17 -30.71 10.47
CA GLY A 1 -14.90 -30.73 9.04
C GLY A 1 -13.51 -31.32 8.75
N SER A 2 -12.90 -30.81 7.69
CA SER A 2 -11.58 -31.28 7.30
C SER A 2 -10.57 -30.13 7.38
N SER A 3 -9.33 -30.50 7.63
CA SER A 3 -8.27 -29.51 7.73
C SER A 3 -7.45 -29.48 6.44
N GLY A 4 -6.95 -28.31 6.12
CA GLY A 4 -6.15 -28.13 4.92
C GLY A 4 -6.25 -26.71 4.38
N SER A 5 -5.12 -26.20 3.89
CA SER A 5 -5.09 -24.85 3.35
C SER A 5 -3.84 -24.69 2.46
N SER A 6 -4.07 -24.19 1.27
CA SER A 6 -2.99 -23.97 0.32
C SER A 6 -3.02 -22.54 -0.20
N GLY A 7 -1.90 -22.12 -0.77
CA GLY A 7 -1.78 -20.78 -1.31
C GLY A 7 -0.48 -20.61 -2.09
N PRO A 8 -0.25 -19.35 -2.55
CA PRO A 8 0.94 -19.04 -3.32
C PRO A 8 2.18 -18.99 -2.42
N HIS A 9 3.26 -18.46 -2.97
CA HIS A 9 4.50 -18.34 -2.24
C HIS A 9 5.56 -17.66 -3.11
N GLY A 10 6.15 -16.62 -2.57
CA GLY A 10 7.17 -15.87 -3.28
C GLY A 10 7.42 -14.51 -2.64
N THR A 11 7.82 -13.56 -3.46
CA THR A 11 8.10 -12.21 -2.98
C THR A 11 7.05 -11.23 -3.53
N LEU A 12 6.81 -10.19 -2.75
CA LEU A 12 5.85 -9.17 -3.14
C LEU A 12 6.58 -7.85 -3.41
N GLU A 13 6.11 -7.15 -4.43
CA GLU A 13 6.70 -5.89 -4.82
C GLU A 13 5.64 -4.78 -4.83
N VAL A 14 5.75 -3.90 -3.86
CA VAL A 14 4.80 -2.79 -3.75
C VAL A 14 5.43 -1.54 -4.36
N VAL A 15 4.72 -0.97 -5.33
CA VAL A 15 5.19 0.23 -6.00
C VAL A 15 4.25 1.39 -5.67
N LEU A 16 4.60 2.11 -4.60
CA LEU A 16 3.80 3.24 -4.17
C LEU A 16 3.93 4.37 -5.20
N VAL A 17 2.97 4.39 -6.12
CA VAL A 17 2.97 5.40 -7.16
C VAL A 17 2.58 6.76 -6.55
N SER A 18 1.27 6.98 -6.48
CA SER A 18 0.75 8.22 -5.93
C SER A 18 -0.61 7.98 -5.29
N ALA A 19 -1.22 9.07 -4.85
CA ALA A 19 -2.53 8.99 -4.22
C ALA A 19 -3.30 10.30 -4.46
N LYS A 20 -4.53 10.14 -4.90
CA LYS A 20 -5.37 11.29 -5.17
C LYS A 20 -6.53 11.33 -4.17
N GLY A 21 -6.82 12.54 -3.69
CA GLY A 21 -7.89 12.71 -2.73
C GLY A 21 -9.25 12.84 -3.44
N LEU A 22 -10.15 13.55 -2.78
CA LEU A 22 -11.48 13.77 -3.33
C LEU A 22 -11.62 15.21 -3.81
N GLU A 23 -12.65 15.45 -4.60
CA GLU A 23 -12.89 16.78 -5.13
C GLU A 23 -13.69 17.61 -4.12
N ASP A 24 -14.32 16.91 -3.19
CA ASP A 24 -15.12 17.58 -2.17
C ASP A 24 -14.67 17.08 -0.78
N ALA A 25 -13.36 17.04 -0.59
CA ALA A 25 -12.80 16.60 0.66
C ALA A 25 -11.35 17.07 0.76
N ASP A 26 -11.02 17.64 1.91
CA ASP A 26 -9.67 18.13 2.15
C ASP A 26 -8.80 16.99 2.66
N PHE A 27 -8.17 16.30 1.70
CA PHE A 27 -7.30 15.18 2.04
C PHE A 27 -5.95 15.32 1.34
N LEU A 28 -4.90 15.37 2.14
CA LEU A 28 -3.55 15.50 1.61
C LEU A 28 -3.37 16.89 1.01
N ASN A 29 -4.05 17.85 1.62
CA ASN A 29 -3.97 19.23 1.16
C ASN A 29 -2.53 19.71 1.25
N ASN A 30 -2.38 21.00 1.56
CA ASN A 30 -1.06 21.59 1.69
C ASN A 30 -0.38 21.04 2.94
N MET A 31 0.06 19.80 2.84
CA MET A 31 0.74 19.15 3.96
C MET A 31 1.81 18.18 3.46
N ASP A 32 2.39 17.47 4.40
CA ASP A 32 3.43 16.50 4.08
C ASP A 32 3.00 15.11 4.57
N PRO A 33 2.04 14.51 3.84
CA PRO A 33 1.54 13.19 4.18
C PRO A 33 2.55 12.10 3.82
N TYR A 34 2.26 10.88 4.24
CA TYR A 34 3.13 9.76 3.97
C TYR A 34 2.43 8.43 4.32
N VAL A 35 2.56 7.48 3.41
CA VAL A 35 1.96 6.17 3.61
C VAL A 35 2.97 5.25 4.30
N GLN A 36 2.44 4.36 5.13
CA GLN A 36 3.28 3.43 5.86
C GLN A 36 2.99 1.99 5.41
N LEU A 37 3.81 1.52 4.49
CA LEU A 37 3.65 0.17 3.97
C LEU A 37 3.90 -0.84 5.09
N THR A 38 2.86 -1.63 5.37
CA THR A 38 2.96 -2.64 6.41
C THR A 38 2.60 -4.01 5.86
N CYS A 39 3.38 -5.00 6.27
CA CYS A 39 3.15 -6.37 5.83
C CYS A 39 3.40 -7.31 7.01
N ARG A 40 2.34 -7.55 7.76
CA ARG A 40 2.42 -8.42 8.91
C ARG A 40 3.32 -7.80 9.99
N THR A 41 4.60 -8.14 9.92
CA THR A 41 5.56 -7.62 10.87
C THR A 41 6.53 -6.66 10.18
N GLN A 42 6.38 -6.56 8.87
CA GLN A 42 7.23 -5.68 8.08
C GLN A 42 6.56 -4.31 7.91
N ASP A 43 7.22 -3.30 8.46
CA ASP A 43 6.70 -1.94 8.39
C ASP A 43 7.72 -1.06 7.68
N GLN A 44 7.31 -0.50 6.56
CA GLN A 44 8.17 0.37 5.78
C GLN A 44 7.39 1.59 5.28
N LYS A 45 7.94 2.76 5.57
CA LYS A 45 7.31 4.01 5.16
C LYS A 45 8.01 4.53 3.91
N SER A 46 7.35 5.48 3.26
CA SER A 46 7.89 6.09 2.06
C SER A 46 8.28 7.54 2.32
N ASN A 47 9.15 8.05 1.46
CA ASN A 47 9.60 9.42 1.58
C ASN A 47 8.40 10.35 1.80
N VAL A 48 8.63 11.41 2.55
CA VAL A 48 7.59 12.37 2.84
C VAL A 48 7.32 13.22 1.59
N ALA A 49 6.05 13.36 1.27
CA ALA A 49 5.65 14.14 0.11
C ALA A 49 5.60 15.63 0.50
N GLU A 50 6.73 16.29 0.35
CA GLU A 50 6.84 17.70 0.68
C GLU A 50 6.24 18.54 -0.45
N GLY A 51 5.41 19.50 -0.06
CA GLY A 51 4.77 20.38 -1.02
C GLY A 51 4.40 19.61 -2.30
N MET A 52 3.49 18.67 -2.14
CA MET A 52 3.03 17.86 -3.26
C MET A 52 1.57 18.16 -3.58
N GLY A 53 0.81 18.49 -2.54
CA GLY A 53 -0.60 18.79 -2.71
C GLY A 53 -1.46 17.58 -2.39
N THR A 54 -2.67 17.59 -2.96
CA THR A 54 -3.60 16.49 -2.74
C THR A 54 -3.28 15.33 -3.69
N THR A 55 -2.13 15.43 -4.33
CA THR A 55 -1.69 14.40 -5.26
C THR A 55 -0.19 14.16 -5.12
N PRO A 56 0.21 13.66 -3.91
CA PRO A 56 1.61 13.38 -3.64
C PRO A 56 2.05 12.11 -4.35
N GLU A 57 3.33 12.08 -4.71
CA GLU A 57 3.90 10.93 -5.39
C GLU A 57 5.11 10.40 -4.62
N TRP A 58 5.53 9.20 -5.00
CA TRP A 58 6.67 8.57 -4.36
C TRP A 58 7.41 7.75 -5.41
N ASN A 59 6.65 6.95 -6.14
CA ASN A 59 7.22 6.11 -7.18
C ASN A 59 8.31 5.22 -6.57
N GLU A 60 8.08 4.85 -5.31
CA GLU A 60 9.03 4.00 -4.61
C GLU A 60 8.75 2.53 -4.91
N THR A 61 9.46 1.67 -4.21
CA THR A 61 9.31 0.24 -4.39
C THR A 61 9.66 -0.51 -3.10
N PHE A 62 8.68 -1.24 -2.58
CA PHE A 62 8.88 -2.00 -1.36
C PHE A 62 8.70 -3.50 -1.62
N ILE A 63 9.58 -4.28 -1.01
CA ILE A 63 9.53 -5.73 -1.16
C ILE A 63 9.09 -6.36 0.15
N PHE A 64 8.37 -7.47 0.04
CA PHE A 64 7.89 -8.18 1.21
C PHE A 64 7.81 -9.68 0.95
N THR A 65 8.50 -10.43 1.79
CA THR A 65 8.52 -11.88 1.66
C THR A 65 7.11 -12.44 1.84
N VAL A 66 6.71 -13.26 0.88
CA VAL A 66 5.39 -13.88 0.91
C VAL A 66 5.55 -15.39 1.14
N SER A 67 4.63 -15.92 1.93
CA SER A 67 4.65 -17.34 2.23
C SER A 67 3.26 -17.80 2.69
N GLU A 68 2.80 -17.22 3.78
CA GLU A 68 1.50 -17.55 4.31
C GLU A 68 0.94 -16.38 5.13
N GLY A 69 -0.34 -16.11 4.93
CA GLY A 69 -1.01 -15.04 5.63
C GLY A 69 -0.89 -13.72 4.84
N THR A 70 0.33 -13.41 4.46
CA THR A 70 0.60 -12.20 3.70
C THR A 70 -0.06 -12.28 2.32
N THR A 71 -1.26 -11.73 2.23
CA THR A 71 -2.00 -11.74 0.98
C THR A 71 -2.57 -10.36 0.69
N GLU A 72 -2.16 -9.40 1.51
CA GLU A 72 -2.62 -8.03 1.36
C GLU A 72 -1.68 -7.06 2.07
N LEU A 73 -1.53 -5.89 1.49
CA LEU A 73 -0.66 -4.86 2.06
C LEU A 73 -1.52 -3.79 2.71
N LYS A 74 -1.00 -3.23 3.81
CA LYS A 74 -1.70 -2.19 4.52
C LYS A 74 -1.01 -0.85 4.27
N ALA A 75 -1.80 0.09 3.77
CA ALA A 75 -1.29 1.42 3.48
C ALA A 75 -2.06 2.46 4.29
N LYS A 76 -1.43 2.92 5.36
CA LYS A 76 -2.04 3.91 6.23
C LYS A 76 -1.45 5.28 5.92
N ILE A 77 -2.33 6.20 5.54
CA ILE A 77 -1.91 7.56 5.22
C ILE A 77 -1.78 8.36 6.51
N PHE A 78 -0.65 9.05 6.64
CA PHE A 78 -0.39 9.86 7.81
C PHE A 78 0.16 11.23 7.41
N ASP A 79 0.53 12.00 8.44
CA ASP A 79 1.08 13.32 8.20
C ASP A 79 2.45 13.44 8.88
N LYS A 80 3.41 13.91 8.11
CA LYS A 80 4.77 14.07 8.62
C LYS A 80 4.71 14.66 10.02
N ASP A 81 3.78 15.58 10.21
CA ASP A 81 3.62 16.23 11.50
C ASP A 81 2.65 15.40 12.36
N VAL A 82 2.83 14.09 12.31
CA VAL A 82 1.98 13.19 13.07
C VAL A 82 2.72 11.86 13.27
N GLY A 83 2.45 11.25 14.42
CA GLY A 83 3.08 9.98 14.74
C GLY A 83 2.20 8.80 14.29
N THR A 84 2.84 7.83 13.67
CA THR A 84 2.14 6.65 13.19
C THR A 84 1.06 6.24 14.19
N GLU A 85 1.34 6.49 15.46
CA GLU A 85 0.41 6.14 16.52
C GLU A 85 -0.30 7.40 17.03
N ASP A 86 -0.83 8.17 16.10
CA ASP A 86 -1.53 9.40 16.45
C ASP A 86 -2.89 9.41 15.76
N ASP A 87 -2.85 9.43 14.43
CA ASP A 87 -4.07 9.44 13.64
C ASP A 87 -3.71 9.45 12.16
N ALA A 88 -4.07 8.36 11.49
CA ALA A 88 -3.79 8.22 10.07
C ALA A 88 -4.88 8.94 9.28
N VAL A 89 -4.47 9.97 8.56
CA VAL A 89 -5.39 10.75 7.75
C VAL A 89 -6.34 9.79 7.02
N GLY A 90 -5.86 8.59 6.77
CA GLY A 90 -6.64 7.58 6.08
C GLY A 90 -5.86 6.28 5.91
N GLU A 91 -6.50 5.31 5.30
CA GLU A 91 -5.87 4.03 5.05
C GLU A 91 -6.44 3.38 3.79
N ALA A 92 -5.81 2.30 3.37
CA ALA A 92 -6.24 1.58 2.19
C ALA A 92 -5.76 0.13 2.27
N THR A 93 -6.51 -0.75 1.63
CA THR A 93 -6.17 -2.16 1.62
C THR A 93 -5.76 -2.61 0.22
N ILE A 94 -4.49 -2.98 0.10
CA ILE A 94 -3.96 -3.43 -1.17
C ILE A 94 -3.69 -4.93 -1.11
N PRO A 95 -4.65 -5.70 -1.69
CA PRO A 95 -4.53 -7.15 -1.70
C PRO A 95 -3.50 -7.61 -2.74
N LEU A 96 -2.70 -8.58 -2.34
CA LEU A 96 -1.67 -9.11 -3.21
C LEU A 96 -2.17 -10.41 -3.86
N GLU A 97 -3.47 -10.61 -3.75
CA GLU A 97 -4.09 -11.80 -4.32
C GLU A 97 -4.16 -11.68 -5.85
N PRO A 98 -4.35 -10.42 -6.32
CA PRO A 98 -4.44 -10.16 -7.75
C PRO A 98 -3.06 -10.26 -8.41
N VAL A 99 -2.03 -10.01 -7.60
CA VAL A 99 -0.67 -10.06 -8.10
C VAL A 99 -0.11 -11.47 -7.92
N PHE A 100 -0.67 -12.17 -6.94
CA PHE A 100 -0.25 -13.53 -6.65
C PHE A 100 -0.66 -14.48 -7.78
N VAL A 101 -1.75 -14.13 -8.45
CA VAL A 101 -2.25 -14.94 -9.54
C VAL A 101 -1.74 -14.36 -10.87
N GLU A 102 -1.89 -13.06 -11.00
CA GLU A 102 -1.45 -12.38 -12.21
C GLU A 102 0.08 -12.32 -12.25
N GLY A 103 0.66 -12.00 -11.11
CA GLY A 103 2.10 -11.90 -11.00
C GLY A 103 2.56 -10.44 -11.14
N SER A 104 1.63 -9.60 -11.54
CA SER A 104 1.93 -8.18 -11.72
C SER A 104 0.63 -7.40 -11.91
N ILE A 105 0.47 -6.37 -11.10
CA ILE A 105 -0.72 -5.54 -11.17
C ILE A 105 -0.30 -4.07 -11.31
N PRO A 106 -1.06 -3.33 -12.16
CA PRO A 106 -0.77 -1.93 -12.39
C PRO A 106 -1.22 -1.08 -11.20
N PRO A 107 -0.81 0.22 -11.23
CA PRO A 107 -1.15 1.14 -10.17
C PRO A 107 -2.61 1.57 -10.26
N THR A 108 -3.40 1.12 -9.29
CA THR A 108 -4.81 1.44 -9.26
C THR A 108 -5.15 2.22 -7.98
N ALA A 109 -6.04 3.20 -8.13
CA ALA A 109 -6.45 4.01 -7.01
C ALA A 109 -7.32 3.18 -6.07
N TYR A 110 -6.69 2.71 -5.00
CA TYR A 110 -7.39 1.90 -4.01
C TYR A 110 -8.21 2.77 -3.06
N ASN A 111 -9.44 2.34 -2.82
CA ASN A 111 -10.33 3.07 -1.94
C ASN A 111 -9.60 3.39 -0.62
N VAL A 112 -9.52 4.67 -0.32
CA VAL A 112 -8.86 5.11 0.89
C VAL A 112 -9.90 5.57 1.91
N VAL A 113 -10.03 4.80 2.97
CA VAL A 113 -11.00 5.11 4.02
C VAL A 113 -10.25 5.52 5.29
N LYS A 114 -11.00 6.01 6.26
CA LYS A 114 -10.42 6.44 7.52
C LYS A 114 -11.43 6.20 8.64
N ASP A 115 -11.30 5.04 9.28
CA ASP A 115 -12.19 4.68 10.37
C ASP A 115 -13.46 4.02 9.80
N GLU A 116 -13.76 4.39 8.56
CA GLU A 116 -14.94 3.86 7.89
C GLU A 116 -15.38 4.79 6.76
N GLU A 117 -14.97 6.04 6.88
CA GLU A 117 -15.31 7.04 5.89
C GLU A 117 -14.30 7.02 4.73
N TYR A 118 -14.78 7.40 3.57
CA TYR A 118 -13.93 7.43 2.38
C TYR A 118 -13.23 8.78 2.24
N LYS A 119 -11.90 8.74 2.27
CA LYS A 119 -11.11 9.95 2.15
C LYS A 119 -10.81 10.21 0.67
N GLY A 120 -10.28 9.18 0.02
CA GLY A 120 -9.94 9.28 -1.39
C GLY A 120 -9.51 7.92 -1.95
N GLU A 121 -8.43 7.96 -2.71
CA GLU A 121 -7.90 6.75 -3.32
C GLU A 121 -6.38 6.79 -3.35
N ILE A 122 -5.78 5.62 -3.22
CA ILE A 122 -4.33 5.51 -3.24
C ILE A 122 -3.90 4.61 -4.40
N TRP A 123 -3.07 5.18 -5.27
CA TRP A 123 -2.58 4.43 -6.42
C TRP A 123 -1.37 3.62 -5.99
N VAL A 124 -1.45 2.32 -6.21
CA VAL A 124 -0.37 1.42 -5.85
C VAL A 124 -0.37 0.22 -6.80
N ALA A 125 0.83 -0.13 -7.26
CA ALA A 125 0.97 -1.26 -8.17
C ALA A 125 1.84 -2.33 -7.50
N LEU A 126 1.38 -3.56 -7.61
CA LEU A 126 2.10 -4.69 -7.02
C LEU A 126 2.78 -5.49 -8.14
N SER A 127 3.75 -6.28 -7.74
CA SER A 127 4.49 -7.11 -8.69
C SER A 127 5.00 -8.37 -8.00
N PHE A 128 4.08 -9.29 -7.74
CA PHE A 128 4.43 -10.54 -7.10
C PHE A 128 5.54 -11.26 -7.86
N LYS A 129 6.23 -12.14 -7.15
CA LYS A 129 7.32 -12.90 -7.74
C LYS A 129 7.31 -14.33 -7.18
N PRO A 130 6.56 -15.21 -7.89
CA PRO A 130 6.46 -16.60 -7.48
C PRO A 130 7.74 -17.37 -7.80
N SER A 131 8.08 -18.29 -6.90
CA SER A 131 9.29 -19.09 -7.07
C SER A 131 9.06 -20.15 -8.15
N GLY A 132 8.71 -19.66 -9.34
CA GLY A 132 8.46 -20.55 -10.46
C GLY A 132 9.77 -20.95 -11.14
N PRO A 133 9.69 -21.13 -12.49
CA PRO A 133 10.86 -21.51 -13.26
C PRO A 133 11.81 -20.33 -13.44
N SER A 134 12.75 -20.22 -12.51
CA SER A 134 13.73 -19.15 -12.55
C SER A 134 14.36 -19.07 -13.94
N SER A 135 15.15 -18.03 -14.14
CA SER A 135 15.83 -17.83 -15.42
C SER A 135 17.26 -17.34 -15.18
N GLY A 136 17.36 -16.23 -14.47
CA GLY A 136 18.67 -15.65 -14.17
C GLY A 136 18.55 -14.14 -13.94
N GLY A 1 -15.87 -18.06 6.29
CA GLY A 1 -14.74 -18.94 6.07
C GLY A 1 -14.42 -19.75 7.34
N SER A 2 -14.02 -20.99 7.13
CA SER A 2 -13.68 -21.86 8.24
C SER A 2 -12.69 -22.94 7.78
N SER A 3 -11.56 -23.00 8.47
CA SER A 3 -10.54 -23.96 8.14
C SER A 3 -9.95 -23.66 6.76
N GLY A 4 -8.64 -23.47 6.74
CA GLY A 4 -7.94 -23.17 5.50
C GLY A 4 -6.46 -22.87 5.76
N SER A 5 -5.64 -23.23 4.79
CA SER A 5 -4.20 -23.01 4.90
C SER A 5 -3.52 -23.35 3.58
N SER A 6 -3.34 -22.33 2.76
CA SER A 6 -2.70 -22.52 1.46
C SER A 6 -2.55 -21.17 0.76
N GLY A 7 -1.52 -21.08 -0.07
CA GLY A 7 -1.26 -19.86 -0.81
C GLY A 7 0.10 -19.93 -1.50
N PRO A 8 0.47 -18.79 -2.15
CA PRO A 8 1.75 -18.71 -2.86
C PRO A 8 2.91 -18.58 -1.88
N HIS A 9 4.05 -18.16 -2.42
CA HIS A 9 5.24 -17.99 -1.60
C HIS A 9 6.37 -17.43 -2.47
N GLY A 10 6.95 -16.33 -1.99
CA GLY A 10 8.03 -15.68 -2.70
C GLY A 10 8.28 -14.27 -2.17
N THR A 11 8.04 -13.30 -3.04
CA THR A 11 8.23 -11.91 -2.66
C THR A 11 7.12 -11.04 -3.26
N LEU A 12 6.92 -9.88 -2.65
CA LEU A 12 5.90 -8.96 -3.10
C LEU A 12 6.54 -7.59 -3.39
N GLU A 13 6.03 -6.94 -4.42
CA GLU A 13 6.53 -5.63 -4.80
C GLU A 13 5.42 -4.58 -4.74
N VAL A 14 5.64 -3.59 -3.89
CA VAL A 14 4.66 -2.52 -3.72
C VAL A 14 5.24 -1.22 -4.29
N VAL A 15 4.60 -0.75 -5.36
CA VAL A 15 5.03 0.48 -6.00
C VAL A 15 4.05 1.60 -5.66
N LEU A 16 4.40 2.36 -4.64
CA LEU A 16 3.57 3.48 -4.21
C LEU A 16 3.68 4.61 -5.22
N VAL A 17 2.77 4.57 -6.20
CA VAL A 17 2.75 5.59 -7.24
C VAL A 17 2.38 6.94 -6.61
N SER A 18 1.07 7.17 -6.51
CA SER A 18 0.57 8.40 -5.95
C SER A 18 -0.79 8.17 -5.29
N ALA A 19 -1.44 9.26 -4.92
CA ALA A 19 -2.74 9.19 -4.29
C ALA A 19 -3.50 10.49 -4.52
N LYS A 20 -4.77 10.36 -4.84
CA LYS A 20 -5.61 11.52 -5.08
C LYS A 20 -6.80 11.49 -4.13
N GLY A 21 -7.29 12.69 -3.80
CA GLY A 21 -8.42 12.82 -2.90
C GLY A 21 -9.71 13.02 -3.69
N LEU A 22 -10.79 13.27 -2.94
CA LEU A 22 -12.09 13.48 -3.55
C LEU A 22 -12.05 14.77 -4.37
N GLU A 23 -13.23 15.17 -4.83
CA GLU A 23 -13.36 16.38 -5.62
C GLU A 23 -13.47 17.60 -4.71
N ASP A 24 -14.16 17.42 -3.60
CA ASP A 24 -14.36 18.50 -2.65
C ASP A 24 -14.11 17.96 -1.23
N ALA A 25 -12.88 17.51 -1.01
CA ALA A 25 -12.51 16.97 0.29
C ALA A 25 -11.03 17.27 0.54
N ASP A 26 -10.78 17.92 1.67
CA ASP A 26 -9.43 18.28 2.04
C ASP A 26 -8.69 17.02 2.51
N PHE A 27 -7.81 16.54 1.65
CA PHE A 27 -7.03 15.35 1.96
C PHE A 27 -5.61 15.46 1.40
N LEU A 28 -4.65 15.60 2.31
CA LEU A 28 -3.26 15.71 1.91
C LEU A 28 -3.04 17.07 1.24
N ASN A 29 -3.46 18.11 1.93
CA ASN A 29 -3.31 19.47 1.41
C ASN A 29 -2.70 20.35 2.49
N ASN A 30 -1.61 21.01 2.12
CA ASN A 30 -0.91 21.90 3.05
C ASN A 30 -0.25 21.07 4.14
N MET A 31 0.24 19.90 3.74
CA MET A 31 0.90 19.01 4.67
C MET A 31 1.90 18.10 3.94
N ASP A 32 2.56 17.25 4.72
CA ASP A 32 3.53 16.33 4.17
C ASP A 32 3.21 14.91 4.64
N PRO A 33 2.13 14.34 4.06
CA PRO A 33 1.70 13.00 4.42
C PRO A 33 2.63 11.95 3.79
N TYR A 34 2.66 10.78 4.41
CA TYR A 34 3.49 9.69 3.93
C TYR A 34 2.79 8.35 4.08
N VAL A 35 3.08 7.46 3.14
CA VAL A 35 2.47 6.13 3.15
C VAL A 35 3.38 5.17 3.92
N GLN A 36 2.74 4.25 4.63
CA GLN A 36 3.48 3.27 5.42
C GLN A 36 2.95 1.87 5.12
N LEU A 37 3.66 1.18 4.23
CA LEU A 37 3.27 -0.17 3.86
C LEU A 37 3.43 -1.09 5.08
N THR A 38 2.61 -2.13 5.09
CA THR A 38 2.64 -3.09 6.18
C THR A 38 2.24 -4.48 5.69
N CYS A 39 3.13 -5.44 5.95
CA CYS A 39 2.88 -6.81 5.53
C CYS A 39 3.41 -7.75 6.62
N ARG A 40 2.55 -8.00 7.60
CA ARG A 40 2.91 -8.87 8.71
C ARG A 40 4.18 -8.36 9.39
N THR A 41 4.01 -7.97 10.65
CA THR A 41 5.14 -7.46 11.43
C THR A 41 6.13 -6.72 10.52
N GLN A 42 5.57 -5.98 9.58
CA GLN A 42 6.38 -5.21 8.65
C GLN A 42 5.83 -3.79 8.49
N ASP A 43 6.75 -2.86 8.31
CA ASP A 43 6.37 -1.46 8.15
C ASP A 43 7.40 -0.76 7.25
N GLN A 44 6.91 -0.21 6.16
CA GLN A 44 7.76 0.48 5.22
C GLN A 44 7.14 1.82 4.81
N LYS A 45 7.87 2.89 5.08
CA LYS A 45 7.41 4.22 4.76
C LYS A 45 8.13 4.72 3.51
N SER A 46 7.49 5.66 2.83
CA SER A 46 8.05 6.23 1.62
C SER A 46 8.44 7.69 1.86
N ASN A 47 9.04 8.28 0.84
CA ASN A 47 9.47 9.66 0.93
C ASN A 47 8.32 10.51 1.46
N VAL A 48 8.68 11.62 2.10
CA VAL A 48 7.69 12.52 2.67
C VAL A 48 7.25 13.52 1.60
N ALA A 49 6.00 13.36 1.18
CA ALA A 49 5.43 14.24 0.16
C ALA A 49 5.50 15.69 0.65
N GLU A 50 6.65 16.31 0.42
CA GLU A 50 6.86 17.69 0.83
C GLU A 50 6.17 18.64 -0.15
N GLY A 51 5.25 19.43 0.38
CA GLY A 51 4.51 20.38 -0.44
C GLY A 51 4.23 19.81 -1.84
N MET A 52 3.43 18.75 -1.85
CA MET A 52 3.08 18.10 -3.11
C MET A 52 1.63 18.42 -3.50
N GLY A 53 0.80 18.59 -2.49
CA GLY A 53 -0.60 18.89 -2.70
C GLY A 53 -1.48 17.69 -2.38
N THR A 54 -2.71 17.73 -2.87
CA THR A 54 -3.65 16.65 -2.64
C THR A 54 -3.31 15.45 -3.52
N THR A 55 -2.25 15.61 -4.31
CA THR A 55 -1.82 14.55 -5.19
C THR A 55 -0.31 14.30 -5.03
N PRO A 56 0.05 13.74 -3.84
CA PRO A 56 1.44 13.44 -3.55
C PRO A 56 1.92 12.21 -4.32
N GLU A 57 3.12 12.33 -4.87
CA GLU A 57 3.70 11.23 -5.63
C GLU A 57 4.95 10.70 -4.92
N TRP A 58 5.08 9.38 -4.94
CA TRP A 58 6.22 8.73 -4.31
C TRP A 58 6.97 7.93 -5.39
N ASN A 59 6.19 7.23 -6.20
CA ASN A 59 6.77 6.43 -7.26
C ASN A 59 7.90 5.56 -6.70
N GLU A 60 7.74 5.20 -5.43
CA GLU A 60 8.73 4.37 -4.76
C GLU A 60 8.44 2.89 -5.03
N THR A 61 9.30 2.05 -4.45
CA THR A 61 9.15 0.61 -4.61
C THR A 61 9.58 -0.12 -3.34
N PHE A 62 8.66 -0.92 -2.81
CA PHE A 62 8.93 -1.67 -1.61
C PHE A 62 8.81 -3.17 -1.86
N ILE A 63 9.55 -3.93 -1.05
CA ILE A 63 9.54 -5.37 -1.18
C ILE A 63 9.17 -6.01 0.16
N PHE A 64 8.39 -7.07 0.09
CA PHE A 64 7.96 -7.76 1.29
C PHE A 64 8.07 -9.28 1.12
N THR A 65 8.22 -9.96 2.25
CA THR A 65 8.33 -11.41 2.23
C THR A 65 6.96 -12.06 2.34
N VAL A 66 6.53 -12.67 1.24
CA VAL A 66 5.24 -13.33 1.20
C VAL A 66 5.41 -14.82 1.56
N SER A 67 4.87 -15.19 2.70
CA SER A 67 4.95 -16.57 3.17
C SER A 67 3.77 -16.89 4.08
N GLU A 68 2.67 -17.27 3.44
CA GLU A 68 1.46 -17.61 4.17
C GLU A 68 1.02 -16.43 5.04
N GLY A 69 -0.28 -16.42 5.34
CA GLY A 69 -0.84 -15.36 6.16
C GLY A 69 -0.97 -14.06 5.35
N THR A 70 0.14 -13.64 4.78
CA THR A 70 0.16 -12.42 3.99
C THR A 70 -0.61 -12.63 2.69
N THR A 71 -1.73 -11.94 2.59
CA THR A 71 -2.56 -12.03 1.41
C THR A 71 -3.14 -10.65 1.04
N GLU A 72 -2.55 -9.63 1.64
CA GLU A 72 -2.98 -8.27 1.39
C GLU A 72 -2.08 -7.28 2.13
N LEU A 73 -1.90 -6.13 1.50
CA LEU A 73 -1.06 -5.08 2.08
C LEU A 73 -1.95 -4.01 2.70
N LYS A 74 -1.49 -3.49 3.84
CA LYS A 74 -2.23 -2.46 4.54
C LYS A 74 -1.52 -1.11 4.36
N ALA A 75 -2.20 -0.21 3.68
CA ALA A 75 -1.65 1.12 3.44
C ALA A 75 -2.33 2.13 4.35
N LYS A 76 -1.53 2.76 5.19
CA LYS A 76 -2.04 3.76 6.11
C LYS A 76 -1.33 5.09 5.88
N ILE A 77 -2.11 6.07 5.46
CA ILE A 77 -1.57 7.40 5.20
C ILE A 77 -1.49 8.18 6.51
N PHE A 78 -0.35 8.85 6.69
CA PHE A 78 -0.14 9.64 7.89
C PHE A 78 0.43 11.02 7.54
N ASP A 79 0.82 11.73 8.58
CA ASP A 79 1.39 13.06 8.40
C ASP A 79 2.78 13.12 9.03
N LYS A 80 3.73 13.60 8.23
CA LYS A 80 5.10 13.71 8.70
C LYS A 80 5.12 14.21 10.15
N ASP A 81 4.25 15.17 10.41
CA ASP A 81 4.15 15.74 11.75
C ASP A 81 3.18 14.90 12.59
N VAL A 82 3.33 13.59 12.47
CA VAL A 82 2.48 12.67 13.20
C VAL A 82 3.19 11.32 13.34
N GLY A 83 2.87 10.63 14.43
CA GLY A 83 3.47 9.33 14.69
C GLY A 83 2.59 8.21 14.14
N THR A 84 3.24 7.29 13.44
CA THR A 84 2.54 6.16 12.85
C THR A 84 1.44 5.66 13.80
N GLU A 85 1.69 5.82 15.08
CA GLU A 85 0.73 5.40 16.09
C GLU A 85 0.07 6.62 16.73
N ASP A 86 -0.50 7.45 15.88
CA ASP A 86 -1.18 8.66 16.34
C ASP A 86 -2.54 8.77 15.64
N ASP A 87 -2.48 8.85 14.32
CA ASP A 87 -3.68 8.96 13.53
C ASP A 87 -3.32 8.99 12.04
N ALA A 88 -3.85 8.02 11.31
CA ALA A 88 -3.59 7.92 9.89
C ALA A 88 -4.67 8.68 9.12
N VAL A 89 -4.24 9.73 8.43
CA VAL A 89 -5.15 10.55 7.65
C VAL A 89 -6.12 9.64 6.91
N GLY A 90 -5.66 8.44 6.61
CA GLY A 90 -6.47 7.47 5.90
C GLY A 90 -5.73 6.15 5.71
N GLU A 91 -6.42 5.18 5.12
CA GLU A 91 -5.84 3.88 4.87
C GLU A 91 -6.47 3.24 3.64
N ALA A 92 -5.82 2.19 3.15
CA ALA A 92 -6.30 1.49 1.97
C ALA A 92 -5.87 0.03 2.06
N THR A 93 -6.68 -0.83 1.44
CA THR A 93 -6.39 -2.26 1.45
C THR A 93 -5.92 -2.70 0.06
N ILE A 94 -4.66 -3.10 0.00
CA ILE A 94 -4.08 -3.55 -1.25
C ILE A 94 -3.83 -5.06 -1.18
N PRO A 95 -4.79 -5.83 -1.76
CA PRO A 95 -4.68 -7.28 -1.77
C PRO A 95 -3.65 -7.75 -2.79
N LEU A 96 -3.04 -8.89 -2.50
CA LEU A 96 -2.04 -9.45 -3.37
C LEU A 96 -2.63 -10.65 -4.11
N GLU A 97 -3.86 -10.99 -3.75
CA GLU A 97 -4.55 -12.11 -4.36
C GLU A 97 -4.53 -11.97 -5.88
N PRO A 98 -4.79 -10.72 -6.35
CA PRO A 98 -4.81 -10.44 -7.78
C PRO A 98 -3.38 -10.40 -8.34
N VAL A 99 -2.44 -10.08 -7.47
CA VAL A 99 -1.04 -9.99 -7.87
C VAL A 99 -0.40 -11.37 -7.69
N PHE A 100 -1.14 -12.27 -7.07
CA PHE A 100 -0.65 -13.62 -6.83
C PHE A 100 -1.06 -14.56 -7.96
N VAL A 101 -2.25 -14.31 -8.50
CA VAL A 101 -2.76 -15.13 -9.59
C VAL A 101 -2.23 -14.59 -10.91
N GLU A 102 -2.12 -13.28 -10.99
CA GLU A 102 -1.63 -12.63 -12.19
C GLU A 102 -0.09 -12.61 -12.20
N GLY A 103 0.46 -12.20 -11.08
CA GLY A 103 1.91 -12.14 -10.94
C GLY A 103 2.41 -10.70 -11.07
N SER A 104 1.50 -9.82 -11.48
CA SER A 104 1.83 -8.41 -11.64
C SER A 104 0.56 -7.60 -11.85
N ILE A 105 0.45 -6.53 -11.06
CA ILE A 105 -0.71 -5.66 -11.15
C ILE A 105 -0.24 -4.21 -11.33
N PRO A 106 -0.99 -3.47 -12.19
CA PRO A 106 -0.66 -2.08 -12.47
C PRO A 106 -1.07 -1.19 -11.30
N PRO A 107 -0.64 0.10 -11.38
CA PRO A 107 -0.96 1.07 -10.34
C PRO A 107 -2.42 1.51 -10.44
N THR A 108 -3.22 0.97 -9.53
CA THR A 108 -4.64 1.29 -9.50
C THR A 108 -4.97 2.10 -8.24
N ALA A 109 -5.98 2.95 -8.37
CA ALA A 109 -6.40 3.78 -7.25
C ALA A 109 -7.26 2.95 -6.31
N TYR A 110 -6.67 2.58 -5.18
CA TYR A 110 -7.37 1.80 -4.18
C TYR A 110 -8.18 2.69 -3.24
N ASN A 111 -9.41 2.27 -2.98
CA ASN A 111 -10.28 3.01 -2.10
C ASN A 111 -9.55 3.32 -0.79
N VAL A 112 -9.54 4.60 -0.45
CA VAL A 112 -8.88 5.04 0.77
C VAL A 112 -9.93 5.55 1.76
N VAL A 113 -10.07 4.82 2.85
CA VAL A 113 -11.04 5.19 3.88
C VAL A 113 -10.29 5.54 5.17
N LYS A 114 -11.03 6.11 6.10
CA LYS A 114 -10.45 6.50 7.38
C LYS A 114 -11.45 6.19 8.50
N ASP A 115 -11.36 4.97 9.00
CA ASP A 115 -12.25 4.54 10.08
C ASP A 115 -13.54 4.00 9.47
N GLU A 116 -13.82 4.43 8.25
CA GLU A 116 -15.01 4.01 7.55
C GLU A 116 -15.39 5.02 6.48
N GLU A 117 -14.89 6.24 6.64
CA GLU A 117 -15.16 7.30 5.70
C GLU A 117 -14.13 7.29 4.57
N TYR A 118 -14.61 7.44 3.36
CA TYR A 118 -13.74 7.46 2.19
C TYR A 118 -12.98 8.78 2.09
N LYS A 119 -11.68 8.70 2.28
CA LYS A 119 -10.84 9.88 2.21
C LYS A 119 -10.45 10.14 0.75
N GLY A 120 -10.44 9.07 -0.03
CA GLY A 120 -10.09 9.17 -1.44
C GLY A 120 -9.60 7.82 -1.97
N GLU A 121 -8.64 7.92 -2.89
CA GLU A 121 -8.08 6.71 -3.49
C GLU A 121 -6.54 6.80 -3.49
N ILE A 122 -5.92 5.64 -3.38
CA ILE A 122 -4.47 5.56 -3.37
C ILE A 122 -4.00 4.69 -4.54
N TRP A 123 -3.13 5.27 -5.35
CA TRP A 123 -2.60 4.56 -6.51
C TRP A 123 -1.38 3.76 -6.05
N VAL A 124 -1.43 2.46 -6.29
CA VAL A 124 -0.34 1.58 -5.91
C VAL A 124 -0.30 0.39 -6.87
N ALA A 125 0.92 -0.04 -7.17
CA ALA A 125 1.12 -1.16 -8.07
C ALA A 125 1.66 -2.36 -7.28
N LEU A 126 1.28 -3.54 -7.73
CA LEU A 126 1.72 -4.77 -7.08
C LEU A 126 2.44 -5.66 -8.10
N SER A 127 3.52 -6.28 -7.65
CA SER A 127 4.29 -7.16 -8.50
C SER A 127 4.87 -8.32 -7.69
N PHE A 128 4.15 -9.43 -7.70
CA PHE A 128 4.58 -10.60 -6.97
C PHE A 128 5.75 -11.29 -7.67
N LYS A 129 6.71 -11.74 -6.87
CA LYS A 129 7.87 -12.42 -7.41
C LYS A 129 8.02 -13.78 -6.73
N PRO A 130 7.47 -14.82 -7.41
CA PRO A 130 7.55 -16.18 -6.89
C PRO A 130 8.94 -16.76 -7.06
N SER A 131 9.44 -17.36 -5.97
CA SER A 131 10.76 -17.96 -5.99
C SER A 131 10.84 -19.02 -7.09
N GLY A 132 11.21 -18.58 -8.28
CA GLY A 132 11.33 -19.48 -9.40
C GLY A 132 12.62 -20.30 -9.32
N PRO A 133 13.21 -20.58 -10.51
CA PRO A 133 14.43 -21.35 -10.59
C PRO A 133 15.63 -20.52 -10.14
N SER A 134 16.56 -21.18 -9.46
CA SER A 134 17.75 -20.52 -8.97
C SER A 134 17.42 -19.68 -7.73
N SER A 135 18.47 -19.20 -7.09
CA SER A 135 18.30 -18.39 -5.89
C SER A 135 19.65 -17.83 -5.44
N GLY A 136 19.59 -16.88 -4.53
CA GLY A 136 20.79 -16.26 -4.01
C GLY A 136 20.50 -14.86 -3.46
N GLY A 1 -16.52 -29.79 5.97
CA GLY A 1 -15.55 -29.45 6.99
C GLY A 1 -14.70 -28.25 6.59
N SER A 2 -13.53 -28.16 7.22
CA SER A 2 -12.62 -27.06 6.94
C SER A 2 -11.34 -27.22 7.75
N SER A 3 -10.28 -27.61 7.06
CA SER A 3 -8.99 -27.81 7.71
C SER A 3 -7.90 -27.95 6.65
N GLY A 4 -7.12 -26.88 6.50
CA GLY A 4 -6.03 -26.88 5.54
C GLY A 4 -6.10 -25.64 4.65
N SER A 5 -4.97 -25.34 4.02
CA SER A 5 -4.89 -24.19 3.14
C SER A 5 -3.48 -24.08 2.56
N SER A 6 -3.40 -23.45 1.38
CA SER A 6 -2.13 -23.27 0.71
C SER A 6 -2.22 -22.12 -0.29
N GLY A 7 -1.06 -21.72 -0.79
CA GLY A 7 -1.00 -20.63 -1.75
C GLY A 7 0.40 -20.52 -2.36
N PRO A 8 0.65 -19.34 -3.00
CA PRO A 8 1.94 -19.10 -3.63
C PRO A 8 3.02 -18.79 -2.58
N HIS A 9 4.18 -18.40 -3.06
CA HIS A 9 5.29 -18.08 -2.18
C HIS A 9 6.42 -17.45 -2.99
N GLY A 10 6.85 -16.28 -2.52
CA GLY A 10 7.92 -15.56 -3.19
C GLY A 10 8.09 -14.16 -2.60
N THR A 11 8.32 -13.20 -3.48
CA THR A 11 8.50 -11.82 -3.06
C THR A 11 7.36 -10.95 -3.59
N LEU A 12 7.12 -9.85 -2.88
CA LEU A 12 6.07 -8.93 -3.27
C LEU A 12 6.68 -7.55 -3.55
N GLU A 13 6.03 -6.83 -4.46
CA GLU A 13 6.50 -5.50 -4.83
C GLU A 13 5.35 -4.49 -4.72
N VAL A 14 5.56 -3.49 -3.89
CA VAL A 14 4.56 -2.45 -3.70
C VAL A 14 5.10 -1.12 -4.23
N VAL A 15 4.54 -0.70 -5.35
CA VAL A 15 4.95 0.55 -5.98
C VAL A 15 3.96 1.65 -5.59
N LEU A 16 4.40 2.51 -4.69
CA LEU A 16 3.57 3.61 -4.23
C LEU A 16 3.68 4.77 -5.21
N VAL A 17 2.73 4.79 -6.15
CA VAL A 17 2.71 5.84 -7.16
C VAL A 17 2.32 7.17 -6.51
N SER A 18 1.02 7.38 -6.43
CA SER A 18 0.49 8.59 -5.83
C SER A 18 -0.86 8.32 -5.17
N ALA A 19 -1.50 9.40 -4.74
CA ALA A 19 -2.80 9.29 -4.09
C ALA A 19 -3.57 10.59 -4.27
N LYS A 20 -4.72 10.48 -4.93
CA LYS A 20 -5.55 11.65 -5.18
C LYS A 20 -6.82 11.55 -4.33
N GLY A 21 -7.45 12.69 -4.13
CA GLY A 21 -8.67 12.75 -3.33
C GLY A 21 -9.88 13.05 -4.22
N LEU A 22 -10.98 13.38 -3.55
CA LEU A 22 -12.22 13.70 -4.26
C LEU A 22 -12.21 15.18 -4.64
N GLU A 23 -13.41 15.69 -4.90
CA GLU A 23 -13.56 17.08 -5.28
C GLU A 23 -13.56 17.97 -4.03
N ASP A 24 -14.40 17.59 -3.08
CA ASP A 24 -14.51 18.34 -1.83
C ASP A 24 -13.89 17.53 -0.70
N ALA A 25 -12.60 17.26 -0.84
CA ALA A 25 -11.89 16.49 0.17
C ALA A 25 -10.53 17.15 0.45
N ASP A 26 -10.38 17.59 1.70
CA ASP A 26 -9.15 18.24 2.11
C ASP A 26 -8.12 17.18 2.52
N PHE A 27 -8.00 16.16 1.67
CA PHE A 27 -7.06 15.07 1.94
C PHE A 27 -5.70 15.36 1.31
N LEU A 28 -4.70 15.46 2.16
CA LEU A 28 -3.34 15.73 1.71
C LEU A 28 -3.29 17.14 1.11
N ASN A 29 -3.59 18.12 1.95
CA ASN A 29 -3.57 19.50 1.52
C ASN A 29 -2.76 20.33 2.52
N ASN A 30 -1.77 21.03 2.00
CA ASN A 30 -0.91 21.86 2.83
C ASN A 30 -0.36 21.02 3.98
N MET A 31 0.35 19.95 3.61
CA MET A 31 0.94 19.07 4.59
C MET A 31 1.96 18.13 3.94
N ASP A 32 2.54 17.27 4.77
CA ASP A 32 3.53 16.32 4.30
C ASP A 32 3.12 14.91 4.72
N PRO A 33 2.05 14.40 4.07
CA PRO A 33 1.55 13.07 4.38
C PRO A 33 2.46 11.99 3.78
N TYR A 34 2.51 10.86 4.47
CA TYR A 34 3.34 9.75 4.02
C TYR A 34 2.63 8.42 4.24
N VAL A 35 2.87 7.50 3.31
CA VAL A 35 2.26 6.19 3.38
C VAL A 35 3.19 5.24 4.15
N GLN A 36 2.57 4.34 4.90
CA GLN A 36 3.34 3.37 5.68
C GLN A 36 2.91 1.95 5.32
N LEU A 37 3.68 1.36 4.41
CA LEU A 37 3.40 0.00 3.97
C LEU A 37 3.57 -0.96 5.15
N THR A 38 2.56 -1.79 5.34
CA THR A 38 2.58 -2.76 6.42
C THR A 38 2.28 -4.16 5.89
N CYS A 39 3.09 -5.11 6.34
CA CYS A 39 2.93 -6.50 5.91
C CYS A 39 3.17 -7.40 7.11
N ARG A 40 2.09 -7.67 7.84
CA ARG A 40 2.17 -8.51 9.02
C ARG A 40 3.03 -7.85 10.09
N THR A 41 4.34 -8.09 9.99
CA THR A 41 5.28 -7.54 10.93
C THR A 41 6.27 -6.61 10.22
N GLN A 42 6.08 -6.50 8.92
CA GLN A 42 6.94 -5.65 8.10
C GLN A 42 6.31 -4.26 7.93
N ASP A 43 7.08 -3.24 8.27
CA ASP A 43 6.62 -1.88 8.15
C ASP A 43 7.65 -1.05 7.38
N GLN A 44 7.16 -0.33 6.39
CA GLN A 44 8.02 0.50 5.56
C GLN A 44 7.27 1.75 5.08
N LYS A 45 7.85 2.90 5.39
CA LYS A 45 7.24 4.16 5.00
C LYS A 45 7.95 4.69 3.75
N SER A 46 7.31 5.66 3.11
CA SER A 46 7.86 6.26 1.91
C SER A 46 8.29 7.70 2.19
N ASN A 47 9.00 8.27 1.23
CA ASN A 47 9.47 9.65 1.36
C ASN A 47 8.31 10.53 1.80
N VAL A 48 8.67 11.69 2.36
CA VAL A 48 7.68 12.64 2.82
C VAL A 48 7.28 13.57 1.67
N ALA A 49 6.00 13.55 1.35
CA ALA A 49 5.49 14.38 0.28
C ALA A 49 5.54 15.85 0.71
N GLU A 50 6.70 16.46 0.48
CA GLU A 50 6.90 17.85 0.83
C GLU A 50 6.17 18.76 -0.17
N GLY A 51 5.15 19.42 0.32
CA GLY A 51 4.37 20.33 -0.51
C GLY A 51 4.12 19.71 -1.89
N MET A 52 3.30 18.67 -1.90
CA MET A 52 2.98 18.00 -3.14
C MET A 52 1.53 18.28 -3.57
N GLY A 53 0.68 18.48 -2.57
CA GLY A 53 -0.71 18.77 -2.82
C GLY A 53 -1.60 17.58 -2.45
N THR A 54 -2.76 17.52 -3.10
CA THR A 54 -3.70 16.44 -2.86
C THR A 54 -3.32 15.20 -3.67
N THR A 55 -2.23 15.34 -4.41
CA THR A 55 -1.76 14.24 -5.25
C THR A 55 -0.24 14.08 -5.10
N PRO A 56 0.17 13.64 -3.88
CA PRO A 56 1.58 13.43 -3.59
C PRO A 56 2.09 12.16 -4.26
N GLU A 57 3.18 12.33 -5.01
CA GLU A 57 3.78 11.20 -5.71
C GLU A 57 5.02 10.71 -4.96
N TRP A 58 5.13 9.39 -4.87
CA TRP A 58 6.26 8.79 -4.19
C TRP A 58 7.09 8.02 -5.22
N ASN A 59 6.38 7.35 -6.11
CA ASN A 59 7.03 6.58 -7.16
C ASN A 59 8.10 5.70 -6.53
N GLU A 60 7.84 5.28 -5.30
CA GLU A 60 8.78 4.42 -4.58
C GLU A 60 8.51 2.95 -4.90
N THR A 61 9.32 2.10 -4.30
CA THR A 61 9.17 0.67 -4.50
C THR A 61 9.58 -0.10 -3.24
N PHE A 62 8.62 -0.85 -2.71
CA PHE A 62 8.85 -1.63 -1.51
C PHE A 62 8.74 -3.13 -1.80
N ILE A 63 9.47 -3.90 -1.01
CA ILE A 63 9.46 -5.35 -1.17
C ILE A 63 9.08 -6.00 0.16
N PHE A 64 8.31 -7.07 0.05
CA PHE A 64 7.87 -7.80 1.24
C PHE A 64 7.82 -9.30 0.98
N THR A 65 8.42 -10.06 1.88
CA THR A 65 8.45 -11.51 1.75
C THR A 65 7.03 -12.08 1.90
N VAL A 66 6.67 -12.91 0.94
CA VAL A 66 5.35 -13.54 0.96
C VAL A 66 5.50 -15.03 1.24
N SER A 67 4.47 -15.58 1.88
CA SER A 67 4.48 -17.00 2.22
C SER A 67 3.16 -17.39 2.85
N GLU A 68 3.03 -17.08 4.13
CA GLU A 68 1.81 -17.39 4.86
C GLU A 68 1.28 -16.15 5.57
N GLY A 69 -0.04 -16.07 5.65
CA GLY A 69 -0.69 -14.94 6.29
C GLY A 69 -0.73 -13.72 5.35
N THR A 70 0.45 -13.33 4.88
CA THR A 70 0.56 -12.20 3.98
C THR A 70 -0.30 -12.43 2.74
N THR A 71 -1.50 -11.86 2.77
CA THR A 71 -2.42 -11.99 1.66
C THR A 71 -3.00 -10.62 1.28
N GLU A 72 -2.40 -9.59 1.84
CA GLU A 72 -2.85 -8.23 1.58
C GLU A 72 -1.95 -7.23 2.30
N LEU A 73 -1.74 -6.09 1.65
CA LEU A 73 -0.90 -5.04 2.21
C LEU A 73 -1.80 -3.94 2.81
N LYS A 74 -1.32 -3.35 3.89
CA LYS A 74 -2.06 -2.30 4.57
C LYS A 74 -1.37 -0.96 4.31
N ALA A 75 -2.09 -0.08 3.62
CA ALA A 75 -1.56 1.24 3.31
C ALA A 75 -2.25 2.27 4.20
N LYS A 76 -1.50 2.74 5.19
CA LYS A 76 -2.02 3.74 6.11
C LYS A 76 -1.31 5.07 5.86
N ILE A 77 -2.11 6.05 5.45
CA ILE A 77 -1.58 7.37 5.18
C ILE A 77 -1.48 8.17 6.48
N PHE A 78 -0.33 8.76 6.70
CA PHE A 78 -0.10 9.55 7.90
C PHE A 78 0.44 10.93 7.55
N ASP A 79 0.81 11.67 8.59
CA ASP A 79 1.35 13.00 8.41
C ASP A 79 2.71 13.11 9.10
N LYS A 80 3.69 13.58 8.35
CA LYS A 80 5.04 13.72 8.87
C LYS A 80 4.96 14.20 10.32
N ASP A 81 3.93 14.98 10.60
CA ASP A 81 3.73 15.50 11.94
C ASP A 81 3.53 14.35 12.92
N VAL A 82 2.54 13.52 12.61
CA VAL A 82 2.23 12.37 13.45
C VAL A 82 3.40 11.38 13.37
N GLY A 83 3.15 10.18 13.90
CA GLY A 83 4.14 9.14 13.91
C GLY A 83 3.49 7.75 13.88
N THR A 84 2.55 7.59 12.97
CA THR A 84 1.84 6.32 12.84
C THR A 84 1.01 6.04 14.09
N GLU A 85 1.69 6.07 15.23
CA GLU A 85 1.02 5.82 16.50
C GLU A 85 0.26 7.07 16.95
N ASP A 86 -0.88 7.29 16.31
CA ASP A 86 -1.71 8.44 16.63
C ASP A 86 -2.99 8.39 15.78
N ASP A 87 -2.82 8.70 14.50
CA ASP A 87 -3.94 8.71 13.58
C ASP A 87 -3.42 8.86 12.15
N ALA A 88 -3.98 8.06 11.26
CA ALA A 88 -3.59 8.09 9.87
C ALA A 88 -4.65 8.84 9.06
N VAL A 89 -4.19 9.89 8.39
CA VAL A 89 -5.08 10.70 7.57
C VAL A 89 -6.06 9.79 6.83
N GLY A 90 -5.59 8.58 6.54
CA GLY A 90 -6.41 7.61 5.84
C GLY A 90 -5.67 6.28 5.69
N GLU A 91 -6.37 5.31 5.12
CA GLU A 91 -5.80 3.99 4.92
C GLU A 91 -6.42 3.33 3.68
N ALA A 92 -5.79 2.24 3.26
CA ALA A 92 -6.26 1.51 2.11
C ALA A 92 -5.83 0.05 2.22
N THR A 93 -6.60 -0.82 1.55
CA THR A 93 -6.30 -2.25 1.57
C THR A 93 -5.83 -2.71 0.19
N ILE A 94 -4.58 -3.12 0.13
CA ILE A 94 -4.00 -3.59 -1.12
C ILE A 94 -3.75 -5.10 -1.03
N PRO A 95 -4.72 -5.87 -1.57
CA PRO A 95 -4.61 -7.33 -1.55
C PRO A 95 -3.59 -7.82 -2.58
N LEU A 96 -2.98 -8.94 -2.28
CA LEU A 96 -1.98 -9.53 -3.17
C LEU A 96 -2.58 -10.75 -3.86
N GLU A 97 -3.80 -11.06 -3.47
CA GLU A 97 -4.50 -12.21 -4.05
C GLU A 97 -4.47 -12.13 -5.58
N PRO A 98 -4.71 -10.89 -6.10
CA PRO A 98 -4.72 -10.67 -7.53
C PRO A 98 -3.29 -10.66 -8.09
N VAL A 99 -2.36 -10.24 -7.25
CA VAL A 99 -0.96 -10.18 -7.64
C VAL A 99 -0.31 -11.54 -7.42
N PHE A 100 -1.10 -12.45 -6.84
CA PHE A 100 -0.61 -13.79 -6.58
C PHE A 100 -1.06 -14.77 -7.67
N VAL A 101 -2.21 -14.46 -8.25
CA VAL A 101 -2.75 -15.30 -9.31
C VAL A 101 -2.32 -14.74 -10.67
N GLU A 102 -2.22 -13.42 -10.73
CA GLU A 102 -1.81 -12.76 -11.96
C GLU A 102 -0.30 -12.78 -12.09
N GLY A 103 0.37 -12.38 -11.01
CA GLY A 103 1.81 -12.33 -11.00
C GLY A 103 2.33 -10.90 -11.17
N SER A 104 1.40 -10.00 -11.42
CA SER A 104 1.74 -8.60 -11.60
C SER A 104 0.47 -7.77 -11.81
N ILE A 105 0.29 -6.79 -10.93
CA ILE A 105 -0.87 -5.93 -11.00
C ILE A 105 -0.42 -4.50 -11.28
N PRO A 106 -1.20 -3.80 -12.15
CA PRO A 106 -0.89 -2.43 -12.52
C PRO A 106 -1.24 -1.47 -11.38
N PRO A 107 -0.76 -0.21 -11.53
CA PRO A 107 -1.02 0.81 -10.53
C PRO A 107 -2.46 1.32 -10.62
N THR A 108 -3.26 0.89 -9.66
CA THR A 108 -4.66 1.29 -9.62
C THR A 108 -4.94 2.08 -8.35
N ALA A 109 -5.89 3.01 -8.46
CA ALA A 109 -6.27 3.84 -7.33
C ALA A 109 -7.14 3.03 -6.37
N TYR A 110 -6.53 2.64 -5.26
CA TYR A 110 -7.24 1.85 -4.27
C TYR A 110 -8.06 2.75 -3.34
N ASN A 111 -9.26 2.28 -3.01
CA ASN A 111 -10.14 3.03 -2.14
C ASN A 111 -9.41 3.37 -0.85
N VAL A 112 -9.50 4.64 -0.47
CA VAL A 112 -8.84 5.10 0.75
C VAL A 112 -9.90 5.65 1.72
N VAL A 113 -10.07 4.93 2.82
CA VAL A 113 -11.04 5.33 3.83
C VAL A 113 -10.30 5.72 5.11
N LYS A 114 -11.05 6.32 6.03
CA LYS A 114 -10.49 6.74 7.30
C LYS A 114 -11.52 6.51 8.40
N ASP A 115 -11.47 5.32 8.99
CA ASP A 115 -12.38 4.97 10.05
C ASP A 115 -13.67 4.40 9.45
N GLU A 116 -13.91 4.76 8.20
CA GLU A 116 -15.09 4.29 7.51
C GLU A 116 -15.45 5.25 6.37
N GLU A 117 -14.95 6.47 6.49
CA GLU A 117 -15.21 7.50 5.49
C GLU A 117 -14.15 7.44 4.39
N TYR A 118 -14.61 7.59 3.16
CA TYR A 118 -13.72 7.55 2.02
C TYR A 118 -12.96 8.87 1.86
N LYS A 119 -11.67 8.81 2.11
CA LYS A 119 -10.83 10.00 2.00
C LYS A 119 -10.49 10.25 0.54
N GLY A 120 -10.31 9.17 -0.20
CA GLY A 120 -9.99 9.26 -1.61
C GLY A 120 -9.51 7.91 -2.16
N GLU A 121 -8.50 7.98 -3.01
CA GLU A 121 -7.94 6.77 -3.61
C GLU A 121 -6.42 6.82 -3.59
N ILE A 122 -5.82 5.64 -3.47
CA ILE A 122 -4.37 5.54 -3.43
C ILE A 122 -3.90 4.67 -4.59
N TRP A 123 -3.08 5.26 -5.45
CA TRP A 123 -2.55 4.56 -6.60
C TRP A 123 -1.34 3.73 -6.13
N VAL A 124 -1.41 2.44 -6.40
CA VAL A 124 -0.34 1.54 -6.02
C VAL A 124 -0.31 0.34 -6.99
N ALA A 125 0.89 -0.19 -7.18
CA ALA A 125 1.06 -1.32 -8.07
C ALA A 125 1.62 -2.50 -7.27
N LEU A 126 1.17 -3.70 -7.63
CA LEU A 126 1.61 -4.90 -6.96
C LEU A 126 2.35 -5.79 -7.97
N SER A 127 3.49 -6.31 -7.53
CA SER A 127 4.29 -7.18 -8.38
C SER A 127 4.83 -8.36 -7.56
N PHE A 128 4.23 -9.51 -7.79
CA PHE A 128 4.63 -10.71 -7.09
C PHE A 128 5.76 -11.43 -7.83
N LYS A 129 6.69 -11.97 -7.05
CA LYS A 129 7.83 -12.68 -7.62
C LYS A 129 7.95 -14.05 -6.95
N PRO A 130 7.33 -15.07 -7.60
CA PRO A 130 7.38 -16.43 -7.08
C PRO A 130 8.74 -17.06 -7.33
N SER A 131 9.23 -17.73 -6.28
CA SER A 131 10.53 -18.38 -6.36
C SER A 131 10.52 -19.42 -7.48
N GLY A 132 10.86 -18.96 -8.68
CA GLY A 132 10.91 -19.83 -9.84
C GLY A 132 12.33 -20.29 -10.13
N PRO A 133 12.61 -20.52 -11.44
CA PRO A 133 13.92 -20.97 -11.86
C PRO A 133 14.93 -19.82 -11.82
N SER A 134 15.72 -19.80 -10.75
CA SER A 134 16.72 -18.76 -10.57
C SER A 134 18.04 -19.40 -10.14
N SER A 135 19.13 -18.74 -10.52
CA SER A 135 20.46 -19.22 -10.19
C SER A 135 20.78 -18.88 -8.73
N GLY A 136 20.81 -19.92 -7.91
CA GLY A 136 21.11 -19.76 -6.49
C GLY A 136 20.32 -18.59 -5.90
N GLY A 1 10.84 -19.59 12.94
CA GLY A 1 10.01 -20.76 13.15
C GLY A 1 8.82 -20.78 12.19
N SER A 2 7.95 -21.76 12.40
CA SER A 2 6.77 -21.90 11.57
C SER A 2 7.18 -22.15 10.11
N SER A 3 6.57 -23.17 9.53
CA SER A 3 6.85 -23.53 8.15
C SER A 3 5.63 -23.27 7.27
N GLY A 4 5.91 -22.86 6.04
CA GLY A 4 4.85 -22.57 5.09
C GLY A 4 3.74 -23.63 5.17
N SER A 5 2.55 -23.22 4.75
CA SER A 5 1.40 -24.12 4.78
C SER A 5 0.36 -23.65 3.77
N SER A 6 0.40 -24.28 2.60
CA SER A 6 -0.55 -23.94 1.53
C SER A 6 -0.42 -22.46 1.19
N GLY A 7 -1.03 -22.10 0.07
CA GLY A 7 -1.00 -20.71 -0.39
C GLY A 7 0.27 -20.43 -1.18
N PRO A 8 0.42 -19.14 -1.59
CA PRO A 8 1.58 -18.71 -2.34
C PRO A 8 2.82 -18.61 -1.44
N HIS A 9 3.87 -18.03 -2.00
CA HIS A 9 5.11 -17.87 -1.26
C HIS A 9 6.19 -17.32 -2.20
N GLY A 10 6.76 -16.19 -1.81
CA GLY A 10 7.80 -15.56 -2.59
C GLY A 10 8.05 -14.12 -2.13
N THR A 11 8.31 -13.26 -3.11
CA THR A 11 8.57 -11.85 -2.82
C THR A 11 7.43 -10.99 -3.38
N LEU A 12 7.14 -9.92 -2.66
CA LEU A 12 6.09 -9.01 -3.06
C LEU A 12 6.70 -7.64 -3.39
N GLU A 13 6.14 -6.99 -4.40
CA GLU A 13 6.63 -5.69 -4.81
C GLU A 13 5.50 -4.66 -4.70
N VAL A 14 5.78 -3.60 -3.95
CA VAL A 14 4.80 -2.54 -3.76
C VAL A 14 5.35 -1.24 -4.38
N VAL A 15 4.71 -0.83 -5.45
CA VAL A 15 5.12 0.39 -6.14
C VAL A 15 4.17 1.53 -5.74
N LEU A 16 4.55 2.23 -4.69
CA LEU A 16 3.75 3.35 -4.20
C LEU A 16 3.89 4.53 -5.16
N VAL A 17 2.97 4.57 -6.13
CA VAL A 17 2.98 5.63 -7.12
C VAL A 17 2.60 6.95 -6.44
N SER A 18 1.30 7.18 -6.39
CA SER A 18 0.78 8.40 -5.77
C SER A 18 -0.64 8.16 -5.26
N ALA A 19 -1.23 9.23 -4.74
CA ALA A 19 -2.59 9.16 -4.22
C ALA A 19 -3.35 10.42 -4.61
N LYS A 20 -4.67 10.29 -4.62
CA LYS A 20 -5.53 11.40 -4.98
C LYS A 20 -6.66 11.53 -3.96
N GLY A 21 -7.08 12.75 -3.71
CA GLY A 21 -8.15 13.01 -2.77
C GLY A 21 -9.38 13.57 -3.48
N LEU A 22 -10.52 13.41 -2.81
CA LEU A 22 -11.78 13.88 -3.37
C LEU A 22 -11.69 15.38 -3.62
N GLU A 23 -12.84 15.97 -3.91
CA GLU A 23 -12.91 17.40 -4.17
C GLU A 23 -13.41 18.15 -2.93
N ASP A 24 -14.18 17.43 -2.12
CA ASP A 24 -14.73 18.02 -0.91
C ASP A 24 -14.29 17.18 0.29
N ALA A 25 -12.97 17.05 0.43
CA ALA A 25 -12.42 16.28 1.53
C ALA A 25 -11.06 16.88 1.93
N ASP A 26 -10.98 17.28 3.19
CA ASP A 26 -9.76 17.86 3.71
C ASP A 26 -8.69 16.79 3.84
N PHE A 27 -8.35 16.19 2.71
CA PHE A 27 -7.34 15.15 2.68
C PHE A 27 -6.19 15.51 1.74
N LEU A 28 -4.99 15.53 2.30
CA LEU A 28 -3.80 15.86 1.53
C LEU A 28 -3.90 17.31 1.06
N ASN A 29 -3.66 18.22 1.98
CA ASN A 29 -3.71 19.64 1.66
C ASN A 29 -2.88 20.42 2.69
N ASN A 30 -1.93 21.18 2.17
CA ASN A 30 -1.06 21.98 3.03
C ASN A 30 -0.40 21.07 4.06
N MET A 31 0.16 19.98 3.56
CA MET A 31 0.84 19.03 4.43
C MET A 31 1.80 18.14 3.64
N ASP A 32 2.43 17.23 4.35
CA ASP A 32 3.37 16.31 3.72
C ASP A 32 3.17 14.91 4.29
N PRO A 33 2.05 14.27 3.85
CA PRO A 33 1.74 12.92 4.30
C PRO A 33 2.64 11.89 3.64
N TYR A 34 2.56 10.67 4.15
CA TYR A 34 3.37 9.58 3.61
C TYR A 34 2.69 8.23 3.85
N VAL A 35 2.86 7.34 2.89
CA VAL A 35 2.28 6.01 2.97
C VAL A 35 3.27 5.07 3.66
N GLN A 36 2.72 4.19 4.49
CA GLN A 36 3.54 3.22 5.20
C GLN A 36 3.10 1.80 4.88
N LEU A 37 3.78 1.21 3.91
CA LEU A 37 3.47 -0.15 3.51
C LEU A 37 3.78 -1.12 4.65
N THR A 38 2.75 -1.79 5.12
CA THR A 38 2.90 -2.74 6.20
C THR A 38 2.60 -4.16 5.71
N CYS A 39 3.45 -5.09 6.15
CA CYS A 39 3.29 -6.48 5.77
C CYS A 39 3.63 -7.35 6.99
N ARG A 40 2.59 -7.91 7.58
CA ARG A 40 2.76 -8.77 8.74
C ARG A 40 3.34 -7.96 9.91
N THR A 41 4.65 -8.03 10.04
CA THR A 41 5.34 -7.32 11.11
C THR A 41 6.30 -6.28 10.52
N GLN A 42 6.67 -6.50 9.27
CA GLN A 42 7.58 -5.60 8.59
C GLN A 42 6.79 -4.52 7.84
N ASP A 43 7.12 -3.27 8.13
CA ASP A 43 6.46 -2.15 7.49
C ASP A 43 7.52 -1.14 7.00
N GLN A 44 7.30 -0.67 5.79
CA GLN A 44 8.22 0.29 5.20
C GLN A 44 7.45 1.46 4.57
N LYS A 45 7.76 2.66 5.05
CA LYS A 45 7.10 3.85 4.55
C LYS A 45 8.11 4.69 3.75
N SER A 46 7.58 5.64 3.00
CA SER A 46 8.41 6.50 2.18
C SER A 46 8.40 7.92 2.74
N ASN A 47 9.34 8.72 2.26
CA ASN A 47 9.45 10.09 2.71
C ASN A 47 8.08 10.77 2.65
N VAL A 48 8.05 12.02 3.07
CA VAL A 48 6.80 12.78 3.07
C VAL A 48 6.65 13.48 1.72
N ALA A 49 5.39 13.65 1.32
CA ALA A 49 5.10 14.30 0.05
C ALA A 49 5.25 15.81 0.21
N GLU A 50 6.49 16.27 0.11
CA GLU A 50 6.79 17.69 0.24
C GLU A 50 6.12 18.47 -0.90
N GLY A 51 5.40 19.51 -0.50
CA GLY A 51 4.71 20.34 -1.46
C GLY A 51 4.20 19.52 -2.65
N MET A 52 3.15 18.76 -2.39
CA MET A 52 2.57 17.91 -3.41
C MET A 52 1.13 18.35 -3.73
N GLY A 53 0.46 18.84 -2.70
CA GLY A 53 -0.91 19.29 -2.84
C GLY A 53 -1.91 18.20 -2.44
N THR A 54 -2.83 17.92 -3.35
CA THR A 54 -3.83 16.90 -3.10
C THR A 54 -3.52 15.63 -3.90
N THR A 55 -2.32 15.60 -4.44
CA THR A 55 -1.88 14.46 -5.23
C THR A 55 -0.41 14.14 -4.96
N PRO A 56 -0.16 13.53 -3.77
CA PRO A 56 1.19 13.17 -3.38
C PRO A 56 1.69 11.95 -4.15
N GLU A 57 2.81 12.14 -4.83
CA GLU A 57 3.39 11.06 -5.61
C GLU A 57 4.79 10.72 -5.08
N TRP A 58 5.00 9.43 -4.86
CA TRP A 58 6.27 8.94 -4.35
C TRP A 58 6.98 8.19 -5.49
N ASN A 59 6.25 7.28 -6.09
CA ASN A 59 6.79 6.49 -7.18
C ASN A 59 7.97 5.67 -6.68
N GLU A 60 7.81 5.13 -5.48
CA GLU A 60 8.85 4.32 -4.87
C GLU A 60 8.56 2.83 -5.08
N THR A 61 9.38 2.01 -4.45
CA THR A 61 9.22 0.57 -4.57
C THR A 61 9.66 -0.12 -3.27
N PHE A 62 8.77 -0.94 -2.74
CA PHE A 62 9.04 -1.66 -1.51
C PHE A 62 8.85 -3.17 -1.71
N ILE A 63 9.82 -3.93 -1.21
CA ILE A 63 9.77 -5.38 -1.32
C ILE A 63 9.44 -5.97 0.05
N PHE A 64 8.89 -7.17 0.02
CA PHE A 64 8.52 -7.87 1.25
C PHE A 64 8.67 -9.38 1.08
N THR A 65 8.33 -10.09 2.15
CA THR A 65 8.43 -11.54 2.15
C THR A 65 7.07 -12.17 2.46
N VAL A 66 6.37 -12.59 1.42
CA VAL A 66 5.07 -13.21 1.58
C VAL A 66 5.24 -14.68 1.94
N SER A 67 4.25 -15.20 2.64
CA SER A 67 4.28 -16.59 3.06
C SER A 67 2.86 -17.17 3.05
N GLU A 68 2.17 -16.99 4.16
CA GLU A 68 0.81 -17.48 4.30
C GLU A 68 -0.04 -16.49 5.08
N GLY A 69 -1.35 -16.53 4.83
CA GLY A 69 -2.28 -15.65 5.50
C GLY A 69 -2.19 -14.23 4.95
N THR A 70 -0.98 -13.69 4.96
CA THR A 70 -0.75 -12.35 4.46
C THR A 70 -0.99 -12.30 2.95
N THR A 71 -2.19 -11.90 2.58
CA THR A 71 -2.57 -11.81 1.18
C THR A 71 -3.05 -10.39 0.85
N GLU A 72 -2.55 -9.44 1.62
CA GLU A 72 -2.92 -8.05 1.42
C GLU A 72 -1.95 -7.13 2.15
N LEU A 73 -1.87 -5.90 1.66
CA LEU A 73 -0.98 -4.91 2.26
C LEU A 73 -1.81 -3.74 2.81
N LYS A 74 -1.34 -3.19 3.91
CA LYS A 74 -2.02 -2.08 4.55
C LYS A 74 -1.23 -0.79 4.30
N ALA A 75 -1.90 0.18 3.70
CA ALA A 75 -1.28 1.45 3.41
C ALA A 75 -2.00 2.57 4.17
N LYS A 76 -1.36 3.03 5.23
CA LYS A 76 -1.93 4.09 6.04
C LYS A 76 -1.17 5.39 5.78
N ILE A 77 -1.94 6.44 5.47
CA ILE A 77 -1.35 7.73 5.20
C ILE A 77 -1.19 8.50 6.52
N PHE A 78 -0.06 9.16 6.64
CA PHE A 78 0.24 9.93 7.85
C PHE A 78 1.01 11.20 7.51
N ASP A 79 0.65 12.27 8.18
CA ASP A 79 1.30 13.55 7.97
C ASP A 79 2.76 13.46 8.41
N LYS A 80 3.53 14.47 8.03
CA LYS A 80 4.94 14.51 8.37
C LYS A 80 5.08 14.84 9.87
N ASP A 81 3.94 15.11 10.50
CA ASP A 81 3.93 15.44 11.91
C ASP A 81 2.98 14.49 12.64
N VAL A 82 3.27 13.20 12.50
CA VAL A 82 2.44 12.18 13.13
C VAL A 82 3.22 10.87 13.20
N GLY A 83 2.71 9.94 14.00
CA GLY A 83 3.34 8.65 14.15
C GLY A 83 2.41 7.52 13.70
N THR A 84 2.99 6.56 12.99
CA THR A 84 2.22 5.43 12.50
C THR A 84 1.12 5.06 13.50
N GLU A 85 1.46 5.18 14.77
CA GLU A 85 0.50 4.86 15.82
C GLU A 85 -0.04 6.14 16.45
N ASP A 86 -0.78 6.89 15.64
CA ASP A 86 -1.36 8.14 16.10
C ASP A 86 -2.70 8.37 15.39
N ASP A 87 -2.61 8.64 14.09
CA ASP A 87 -3.79 8.87 13.28
C ASP A 87 -3.37 9.01 11.82
N ALA A 88 -3.99 8.18 10.98
CA ALA A 88 -3.69 8.20 9.56
C ALA A 88 -4.82 8.91 8.82
N VAL A 89 -4.47 9.99 8.16
CA VAL A 89 -5.44 10.77 7.41
C VAL A 89 -6.40 9.82 6.68
N GLY A 90 -5.86 8.65 6.34
CA GLY A 90 -6.65 7.65 5.64
C GLY A 90 -5.85 6.36 5.44
N GLU A 91 -6.52 5.36 4.88
CA GLU A 91 -5.88 4.08 4.64
C GLU A 91 -6.49 3.42 3.41
N ALA A 92 -5.80 2.39 2.92
CA ALA A 92 -6.27 1.66 1.75
C ALA A 92 -5.82 0.21 1.86
N THR A 93 -6.68 -0.69 1.40
CA THR A 93 -6.38 -2.11 1.44
C THR A 93 -5.87 -2.58 0.07
N ILE A 94 -4.63 -3.03 0.07
CA ILE A 94 -4.01 -3.50 -1.16
C ILE A 94 -3.82 -5.02 -1.08
N PRO A 95 -4.79 -5.76 -1.69
CA PRO A 95 -4.74 -7.20 -1.69
C PRO A 95 -3.68 -7.72 -2.67
N LEU A 96 -2.92 -8.70 -2.21
CA LEU A 96 -1.88 -9.28 -3.03
C LEU A 96 -2.41 -10.57 -3.68
N GLU A 97 -3.69 -10.83 -3.45
CA GLU A 97 -4.32 -12.01 -4.01
C GLU A 97 -4.29 -11.95 -5.54
N PRO A 98 -4.54 -10.73 -6.08
CA PRO A 98 -4.53 -10.53 -7.52
C PRO A 98 -3.11 -10.52 -8.07
N VAL A 99 -2.18 -10.20 -7.20
CA VAL A 99 -0.78 -10.14 -7.58
C VAL A 99 -0.14 -11.52 -7.35
N PHE A 100 -0.94 -12.43 -6.82
CA PHE A 100 -0.47 -13.77 -6.54
C PHE A 100 -0.92 -14.75 -7.64
N VAL A 101 -2.10 -14.48 -8.17
CA VAL A 101 -2.66 -15.32 -9.23
C VAL A 101 -2.22 -14.77 -10.59
N GLU A 102 -2.03 -13.46 -10.63
CA GLU A 102 -1.62 -12.81 -11.86
C GLU A 102 -0.09 -12.76 -11.95
N GLY A 103 0.53 -12.44 -10.83
CA GLY A 103 1.98 -12.36 -10.77
C GLY A 103 2.46 -10.92 -10.95
N SER A 104 1.53 -10.07 -11.37
CA SER A 104 1.85 -8.67 -11.59
C SER A 104 0.56 -7.85 -11.72
N ILE A 105 0.51 -6.76 -10.97
CA ILE A 105 -0.66 -5.89 -10.98
C ILE A 105 -0.21 -4.47 -11.33
N PRO A 106 -1.04 -3.80 -12.18
CA PRO A 106 -0.75 -2.44 -12.60
C PRO A 106 -1.06 -1.45 -11.48
N PRO A 107 -0.67 -0.17 -11.71
CA PRO A 107 -0.91 0.87 -10.73
C PRO A 107 -2.39 1.30 -10.71
N THR A 108 -3.08 0.83 -9.68
CA THR A 108 -4.49 1.15 -9.54
C THR A 108 -4.72 1.96 -8.27
N ALA A 109 -5.77 2.78 -8.31
CA ALA A 109 -6.12 3.61 -7.17
C ALA A 109 -7.01 2.82 -6.22
N TYR A 110 -6.45 2.50 -5.06
CA TYR A 110 -7.19 1.75 -4.06
C TYR A 110 -7.99 2.68 -3.14
N ASN A 111 -9.27 2.40 -3.03
CA ASN A 111 -10.15 3.21 -2.20
C ASN A 111 -9.41 3.57 -0.91
N VAL A 112 -9.34 4.87 -0.66
CA VAL A 112 -8.66 5.37 0.54
C VAL A 112 -9.71 5.83 1.55
N VAL A 113 -9.99 4.95 2.50
CA VAL A 113 -10.97 5.26 3.54
C VAL A 113 -10.24 5.56 4.85
N LYS A 114 -10.99 6.11 5.79
CA LYS A 114 -10.43 6.46 7.08
C LYS A 114 -11.47 6.17 8.17
N ASP A 115 -11.41 4.95 8.69
CA ASP A 115 -12.33 4.54 9.73
C ASP A 115 -13.64 4.06 9.09
N GLU A 116 -13.87 4.51 7.86
CA GLU A 116 -15.07 4.15 7.13
C GLU A 116 -15.41 5.22 6.09
N GLU A 117 -14.86 6.40 6.31
CA GLU A 117 -15.10 7.51 5.40
C GLU A 117 -14.09 7.47 4.25
N TYR A 118 -14.60 7.69 3.04
CA TYR A 118 -13.76 7.68 1.86
C TYR A 118 -12.98 8.99 1.74
N LYS A 119 -11.67 8.88 1.93
CA LYS A 119 -10.80 10.03 1.85
C LYS A 119 -10.38 10.25 0.40
N GLY A 120 -10.45 9.18 -0.38
CA GLY A 120 -10.08 9.23 -1.78
C GLY A 120 -9.62 7.87 -2.28
N GLU A 121 -8.41 7.86 -2.82
CA GLU A 121 -7.83 6.63 -3.34
C GLU A 121 -6.30 6.72 -3.36
N ILE A 122 -5.68 5.56 -3.39
CA ILE A 122 -4.22 5.49 -3.40
C ILE A 122 -3.77 4.64 -4.59
N TRP A 123 -2.91 5.22 -5.41
CA TRP A 123 -2.39 4.53 -6.57
C TRP A 123 -1.14 3.76 -6.15
N VAL A 124 -1.15 2.46 -6.39
CA VAL A 124 -0.03 1.62 -6.04
C VAL A 124 -0.04 0.37 -6.92
N ALA A 125 1.12 0.06 -7.46
CA ALA A 125 1.26 -1.10 -8.33
C ALA A 125 1.87 -2.25 -7.53
N LEU A 126 1.44 -3.46 -7.87
CA LEU A 126 1.94 -4.65 -7.19
C LEU A 126 2.56 -5.59 -8.22
N SER A 127 3.64 -6.23 -7.80
CA SER A 127 4.34 -7.16 -8.67
C SER A 127 4.97 -8.28 -7.85
N PHE A 128 4.29 -9.42 -7.83
CA PHE A 128 4.76 -10.57 -7.10
C PHE A 128 5.85 -11.31 -7.86
N LYS A 129 6.68 -12.03 -7.12
CA LYS A 129 7.76 -12.79 -7.72
C LYS A 129 7.92 -14.12 -6.99
N PRO A 130 7.21 -15.15 -7.50
CA PRO A 130 7.26 -16.47 -6.90
C PRO A 130 8.58 -17.17 -7.23
N SER A 131 9.02 -18.02 -6.31
CA SER A 131 10.26 -18.75 -6.49
C SER A 131 10.02 -19.95 -7.40
N GLY A 132 10.08 -19.71 -8.70
CA GLY A 132 9.88 -20.77 -9.67
C GLY A 132 11.17 -21.06 -10.44
N PRO A 133 11.00 -21.43 -11.74
CA PRO A 133 12.13 -21.75 -12.59
C PRO A 133 12.86 -20.47 -13.01
N SER A 134 14.07 -20.32 -12.48
CA SER A 134 14.88 -19.15 -12.80
C SER A 134 16.31 -19.59 -13.10
N SER A 135 16.56 -19.86 -14.38
CA SER A 135 17.88 -20.28 -14.82
C SER A 135 18.20 -21.66 -14.24
N GLY A 136 19.18 -22.30 -14.85
CA GLY A 136 19.60 -23.62 -14.42
C GLY A 136 19.30 -24.68 -15.49
N GLY A 1 -11.99 -36.56 -1.07
CA GLY A 1 -10.69 -36.00 -0.76
C GLY A 1 -9.61 -36.57 -1.69
N SER A 2 -8.82 -35.67 -2.25
CA SER A 2 -7.75 -36.07 -3.16
C SER A 2 -6.85 -34.87 -3.46
N SER A 3 -7.46 -33.83 -4.01
CA SER A 3 -6.74 -32.63 -4.36
C SER A 3 -7.05 -31.52 -3.35
N GLY A 4 -5.99 -30.95 -2.79
CA GLY A 4 -6.16 -29.88 -1.82
C GLY A 4 -5.84 -28.52 -2.45
N SER A 5 -5.77 -27.51 -1.59
CA SER A 5 -5.48 -26.16 -2.05
C SER A 5 -4.34 -25.57 -1.22
N SER A 6 -3.46 -24.86 -1.92
CA SER A 6 -2.32 -24.23 -1.27
C SER A 6 -2.13 -22.81 -1.80
N GLY A 7 -1.36 -22.03 -1.05
CA GLY A 7 -1.10 -20.66 -1.43
C GLY A 7 0.30 -20.52 -2.03
N PRO A 8 0.53 -19.33 -2.66
CA PRO A 8 1.82 -19.07 -3.29
C PRO A 8 2.88 -18.75 -2.23
N HIS A 9 4.04 -18.32 -2.71
CA HIS A 9 5.15 -17.99 -1.82
C HIS A 9 6.32 -17.48 -2.65
N GLY A 10 6.83 -16.32 -2.25
CA GLY A 10 7.96 -15.72 -2.94
C GLY A 10 8.16 -14.26 -2.50
N THR A 11 8.45 -13.42 -3.47
CA THR A 11 8.68 -12.00 -3.19
C THR A 11 7.52 -11.17 -3.75
N LEU A 12 7.32 -10.01 -3.13
CA LEU A 12 6.26 -9.11 -3.56
C LEU A 12 6.84 -7.72 -3.80
N GLU A 13 6.28 -7.04 -4.78
CA GLU A 13 6.73 -5.71 -5.13
C GLU A 13 5.61 -4.69 -4.89
N VAL A 14 5.95 -3.64 -4.15
CA VAL A 14 4.99 -2.59 -3.85
C VAL A 14 5.50 -1.27 -4.42
N VAL A 15 4.84 -0.83 -5.49
CA VAL A 15 5.20 0.41 -6.14
C VAL A 15 4.25 1.51 -5.68
N LEU A 16 4.64 2.19 -4.62
CA LEU A 16 3.83 3.28 -4.07
C LEU A 16 3.91 4.48 -5.01
N VAL A 17 3.05 4.47 -6.01
CA VAL A 17 3.01 5.56 -6.98
C VAL A 17 2.63 6.85 -6.27
N SER A 18 1.34 7.10 -6.20
CA SER A 18 0.83 8.30 -5.54
C SER A 18 -0.60 8.06 -5.06
N ALA A 19 -1.24 9.14 -4.64
CA ALA A 19 -2.60 9.07 -4.16
C ALA A 19 -3.28 10.43 -4.33
N LYS A 20 -4.53 10.38 -4.73
CA LYS A 20 -5.31 11.60 -4.94
C LYS A 20 -6.56 11.56 -4.08
N GLY A 21 -6.95 12.73 -3.57
CA GLY A 21 -8.12 12.84 -2.74
C GLY A 21 -9.37 13.11 -3.58
N LEU A 22 -10.31 13.82 -2.98
CA LEU A 22 -11.55 14.14 -3.65
C LEU A 22 -11.62 15.65 -3.89
N GLU A 23 -12.72 16.08 -4.50
CA GLU A 23 -12.91 17.49 -4.79
C GLU A 23 -13.67 18.16 -3.65
N ASP A 24 -14.21 17.33 -2.77
CA ASP A 24 -14.96 17.83 -1.63
C ASP A 24 -14.46 17.16 -0.35
N ALA A 25 -13.14 17.04 -0.26
CA ALA A 25 -12.51 16.42 0.90
C ALA A 25 -11.04 16.82 0.94
N ASP A 26 -10.69 17.55 2.00
CA ASP A 26 -9.32 17.99 2.18
C ASP A 26 -8.47 16.84 2.69
N PHE A 27 -7.68 16.28 1.79
CA PHE A 27 -6.82 15.16 2.14
C PHE A 27 -5.46 15.27 1.44
N LEU A 28 -4.42 15.35 2.25
CA LEU A 28 -3.07 15.47 1.73
C LEU A 28 -2.88 16.87 1.13
N ASN A 29 -3.50 17.84 1.77
CA ASN A 29 -3.42 19.21 1.31
C ASN A 29 -1.95 19.66 1.31
N ASN A 30 -1.75 20.94 1.50
CA ASN A 30 -0.40 21.50 1.53
C ASN A 30 0.32 21.01 2.78
N MET A 31 0.61 19.71 2.78
CA MET A 31 1.30 19.11 3.92
C MET A 31 2.37 18.13 3.44
N ASP A 32 2.97 17.43 4.40
CA ASP A 32 4.01 16.46 4.09
C ASP A 32 3.57 15.08 4.59
N PRO A 33 2.58 14.49 3.89
CA PRO A 33 2.07 13.18 4.25
C PRO A 33 3.05 12.08 3.85
N TYR A 34 2.73 10.87 4.28
CA TYR A 34 3.58 9.73 3.97
C TYR A 34 2.82 8.41 4.17
N VAL A 35 3.04 7.49 3.25
CA VAL A 35 2.39 6.19 3.32
C VAL A 35 3.26 5.23 4.14
N GLN A 36 2.59 4.30 4.82
CA GLN A 36 3.29 3.32 5.64
C GLN A 36 2.82 1.91 5.28
N LEU A 37 3.62 1.25 4.45
CA LEU A 37 3.31 -0.10 4.03
C LEU A 37 3.44 -1.05 5.22
N THR A 38 2.75 -2.17 5.12
CA THR A 38 2.79 -3.17 6.18
C THR A 38 2.51 -4.56 5.62
N CYS A 39 3.33 -5.52 6.05
CA CYS A 39 3.18 -6.88 5.59
C CYS A 39 3.47 -7.82 6.77
N ARG A 40 2.42 -8.16 7.49
CA ARG A 40 2.54 -9.04 8.64
C ARG A 40 3.36 -8.36 9.74
N THR A 41 4.66 -8.60 9.70
CA THR A 41 5.56 -8.02 10.69
C THR A 41 6.65 -7.20 10.00
N GLN A 42 6.23 -6.45 8.99
CA GLN A 42 7.16 -5.61 8.25
C GLN A 42 6.43 -4.41 7.64
N ASP A 43 6.90 -3.22 8.01
CA ASP A 43 6.29 -2.00 7.51
C ASP A 43 7.39 -1.11 6.92
N GLN A 44 7.00 -0.32 5.93
CA GLN A 44 7.93 0.57 5.27
C GLN A 44 7.23 1.87 4.87
N LYS A 45 7.75 2.97 5.37
CA LYS A 45 7.18 4.28 5.08
C LYS A 45 8.08 5.00 4.08
N SER A 46 7.48 5.94 3.36
CA SER A 46 8.20 6.70 2.36
C SER A 46 8.34 8.16 2.82
N ASN A 47 8.90 8.97 1.94
CA ASN A 47 9.09 10.38 2.24
C ASN A 47 7.79 10.96 2.79
N VAL A 48 7.85 12.23 3.16
CA VAL A 48 6.69 12.92 3.70
C VAL A 48 6.08 13.81 2.62
N ALA A 49 6.05 13.28 1.40
CA ALA A 49 5.50 14.02 0.28
C ALA A 49 5.47 15.51 0.62
N GLU A 50 6.65 16.12 0.61
CA GLU A 50 6.76 17.53 0.91
C GLU A 50 5.98 18.36 -0.10
N GLY A 51 4.91 18.98 0.39
CA GLY A 51 4.06 19.80 -0.45
C GLY A 51 3.98 19.23 -1.87
N MET A 52 2.92 18.49 -2.12
CA MET A 52 2.72 17.88 -3.43
C MET A 52 1.46 18.44 -4.11
N GLY A 53 0.47 18.73 -3.28
CA GLY A 53 -0.78 19.28 -3.78
C GLY A 53 -1.87 18.19 -3.82
N THR A 54 -2.40 17.90 -2.65
CA THR A 54 -3.44 16.89 -2.53
C THR A 54 -3.13 15.70 -3.44
N THR A 55 -1.84 15.50 -3.68
CA THR A 55 -1.39 14.39 -4.52
C THR A 55 0.05 14.04 -4.21
N PRO A 56 0.24 13.37 -3.03
CA PRO A 56 1.56 12.97 -2.60
C PRO A 56 2.05 11.76 -3.39
N GLU A 57 2.97 12.03 -4.30
CA GLU A 57 3.53 10.97 -5.13
C GLU A 57 4.91 10.57 -4.63
N TRP A 58 5.18 9.27 -4.68
CA TRP A 58 6.45 8.74 -4.23
C TRP A 58 7.10 8.00 -5.40
N ASN A 59 6.33 7.11 -6.00
CA ASN A 59 6.81 6.34 -7.12
C ASN A 59 8.01 5.48 -6.69
N GLU A 60 7.95 5.05 -5.43
CA GLU A 60 9.02 4.24 -4.87
C GLU A 60 8.72 2.76 -5.11
N THR A 61 9.56 1.92 -4.50
CA THR A 61 9.41 0.48 -4.63
C THR A 61 9.85 -0.22 -3.36
N PHE A 62 8.93 -0.95 -2.76
CA PHE A 62 9.21 -1.68 -1.54
C PHE A 62 8.89 -3.17 -1.69
N ILE A 63 9.94 -3.98 -1.58
CA ILE A 63 9.79 -5.42 -1.72
C ILE A 63 9.34 -6.00 -0.37
N PHE A 64 8.53 -7.04 -0.45
CA PHE A 64 8.03 -7.70 0.75
C PHE A 64 8.09 -9.22 0.59
N THR A 65 8.73 -9.86 1.56
CA THR A 65 8.85 -11.31 1.54
C THR A 65 7.48 -11.96 1.76
N VAL A 66 7.09 -12.75 0.77
CA VAL A 66 5.81 -13.43 0.83
C VAL A 66 6.05 -14.92 1.15
N SER A 67 5.18 -15.46 1.99
CA SER A 67 5.28 -16.85 2.38
C SER A 67 3.90 -17.39 2.78
N GLU A 68 3.42 -16.90 3.91
CA GLU A 68 2.13 -17.31 4.41
C GLU A 68 1.49 -16.19 5.23
N GLY A 69 0.17 -16.08 5.12
CA GLY A 69 -0.57 -15.06 5.85
C GLY A 69 -0.64 -13.77 5.03
N THR A 70 0.48 -13.42 4.42
CA THR A 70 0.56 -12.22 3.61
C THR A 70 -0.29 -12.36 2.35
N THR A 71 -1.55 -11.98 2.48
CA THR A 71 -2.47 -12.07 1.36
C THR A 71 -2.94 -10.67 0.95
N GLU A 72 -2.69 -9.71 1.85
CA GLU A 72 -3.08 -8.33 1.58
C GLU A 72 -2.05 -7.37 2.20
N LEU A 73 -2.06 -6.15 1.69
CA LEU A 73 -1.14 -5.13 2.17
C LEU A 73 -1.93 -4.01 2.84
N LYS A 74 -1.34 -3.45 3.89
CA LYS A 74 -1.97 -2.37 4.62
C LYS A 74 -1.21 -1.07 4.37
N ALA A 75 -1.95 -0.06 3.93
CA ALA A 75 -1.34 1.23 3.65
C ALA A 75 -2.14 2.32 4.39
N LYS A 76 -1.53 2.84 5.44
CA LYS A 76 -2.16 3.88 6.23
C LYS A 76 -1.49 5.22 5.93
N ILE A 77 -2.30 6.20 5.57
CA ILE A 77 -1.80 7.53 5.26
C ILE A 77 -1.66 8.33 6.55
N PHE A 78 -0.60 9.12 6.60
CA PHE A 78 -0.33 9.94 7.77
C PHE A 78 0.23 11.30 7.36
N ASP A 79 0.67 12.05 8.36
CA ASP A 79 1.23 13.37 8.13
C ASP A 79 2.56 13.50 8.87
N LYS A 80 3.50 14.15 8.21
CA LYS A 80 4.82 14.36 8.80
C LYS A 80 4.66 14.73 10.28
N ASP A 81 3.66 15.55 10.54
CA ASP A 81 3.38 15.99 11.90
C ASP A 81 2.14 15.26 12.42
N VAL A 82 2.30 13.98 12.70
CA VAL A 82 1.21 13.18 13.21
C VAL A 82 1.79 12.01 14.02
N GLY A 83 2.15 10.95 13.30
CA GLY A 83 2.70 9.77 13.93
C GLY A 83 1.88 8.53 13.59
N THR A 84 2.59 7.49 13.17
CA THR A 84 1.95 6.24 12.79
C THR A 84 0.93 5.83 13.87
N GLU A 85 1.19 6.27 15.08
CA GLU A 85 0.31 5.96 16.20
C GLU A 85 -0.75 7.05 16.35
N ASP A 86 -0.29 8.29 16.35
CA ASP A 86 -1.18 9.43 16.49
C ASP A 86 -2.51 9.11 15.79
N ASP A 87 -2.47 9.14 14.47
CA ASP A 87 -3.65 8.86 13.67
C ASP A 87 -3.27 8.84 12.19
N ALA A 88 -4.09 8.12 11.42
CA ALA A 88 -3.85 8.01 9.99
C ALA A 88 -4.93 8.79 9.23
N VAL A 89 -4.47 9.79 8.50
CA VAL A 89 -5.38 10.62 7.72
C VAL A 89 -6.32 9.72 6.91
N GLY A 90 -5.83 8.52 6.64
CA GLY A 90 -6.62 7.56 5.87
C GLY A 90 -5.88 6.23 5.75
N GLU A 91 -6.52 5.29 5.06
CA GLU A 91 -5.94 3.98 4.87
C GLU A 91 -6.53 3.32 3.62
N ALA A 92 -5.88 2.24 3.19
CA ALA A 92 -6.34 1.52 2.02
C ALA A 92 -5.89 0.06 2.13
N THR A 93 -6.75 -0.83 1.65
CA THR A 93 -6.46 -2.25 1.68
C THR A 93 -6.05 -2.74 0.29
N ILE A 94 -4.80 -3.14 0.19
CA ILE A 94 -4.27 -3.65 -1.07
C ILE A 94 -4.06 -5.16 -0.97
N PRO A 95 -5.02 -5.91 -1.55
CA PRO A 95 -4.95 -7.37 -1.53
C PRO A 95 -3.90 -7.88 -2.52
N LEU A 96 -3.17 -8.89 -2.08
CA LEU A 96 -2.14 -9.49 -2.93
C LEU A 96 -2.69 -10.75 -3.59
N GLU A 97 -3.99 -10.93 -3.46
CA GLU A 97 -4.65 -12.09 -4.03
C GLU A 97 -4.64 -12.00 -5.56
N PRO A 98 -4.82 -10.76 -6.07
CA PRO A 98 -4.84 -10.53 -7.50
C PRO A 98 -3.42 -10.58 -8.08
N VAL A 99 -2.46 -10.30 -7.22
CA VAL A 99 -1.06 -10.31 -7.63
C VAL A 99 -0.50 -11.73 -7.49
N PHE A 100 -1.33 -12.59 -6.95
CA PHE A 100 -0.94 -13.98 -6.76
C PHE A 100 -1.44 -14.86 -7.92
N VAL A 101 -2.57 -14.46 -8.47
CA VAL A 101 -3.17 -15.19 -9.59
C VAL A 101 -2.72 -14.55 -10.90
N GLU A 102 -2.54 -13.24 -10.86
CA GLU A 102 -2.13 -12.50 -12.03
C GLU A 102 -0.60 -12.51 -12.16
N GLY A 103 0.06 -12.41 -11.01
CA GLY A 103 1.51 -12.41 -10.98
C GLY A 103 2.06 -10.99 -11.07
N SER A 104 1.16 -10.05 -11.32
CA SER A 104 1.54 -8.66 -11.44
C SER A 104 0.29 -7.78 -11.59
N ILE A 105 0.16 -6.83 -10.68
CA ILE A 105 -0.98 -5.93 -10.71
C ILE A 105 -0.50 -4.51 -11.05
N PRO A 106 -1.27 -3.83 -11.93
CA PRO A 106 -0.93 -2.49 -12.35
C PRO A 106 -1.26 -1.47 -11.24
N PRO A 107 -0.78 -0.22 -11.45
CA PRO A 107 -1.00 0.84 -10.48
C PRO A 107 -2.45 1.34 -10.56
N THR A 108 -3.22 0.99 -9.54
CA THR A 108 -4.61 1.40 -9.47
C THR A 108 -4.87 2.19 -8.19
N ALA A 109 -5.83 3.10 -8.27
CA ALA A 109 -6.19 3.92 -7.13
C ALA A 109 -7.13 3.13 -6.21
N TYR A 110 -6.56 2.63 -5.13
CA TYR A 110 -7.33 1.85 -4.18
C TYR A 110 -8.16 2.78 -3.26
N ASN A 111 -9.39 2.36 -3.01
CA ASN A 111 -10.27 3.13 -2.16
C ASN A 111 -9.56 3.47 -0.85
N VAL A 112 -9.54 4.75 -0.53
CA VAL A 112 -8.90 5.22 0.69
C VAL A 112 -9.96 5.75 1.65
N VAL A 113 -10.13 5.03 2.75
CA VAL A 113 -11.11 5.42 3.75
C VAL A 113 -10.38 5.83 5.03
N LYS A 114 -11.14 6.40 5.95
CA LYS A 114 -10.59 6.84 7.22
C LYS A 114 -11.59 6.55 8.34
N ASP A 115 -11.47 5.36 8.90
CA ASP A 115 -12.36 4.96 9.97
C ASP A 115 -13.63 4.35 9.38
N GLU A 116 -13.90 4.71 8.14
CA GLU A 116 -15.08 4.22 7.45
C GLU A 116 -15.50 5.19 6.34
N GLU A 117 -15.03 6.43 6.47
CA GLU A 117 -15.34 7.45 5.49
C GLU A 117 -14.32 7.44 4.37
N TYR A 118 -14.83 7.58 3.14
CA TYR A 118 -13.97 7.59 1.97
C TYR A 118 -13.24 8.93 1.84
N LYS A 119 -11.92 8.87 1.90
CA LYS A 119 -11.11 10.07 1.78
C LYS A 119 -10.80 10.33 0.30
N GLY A 120 -10.25 9.30 -0.34
CA GLY A 120 -9.91 9.41 -1.75
C GLY A 120 -9.49 8.05 -2.32
N GLU A 121 -8.31 8.04 -2.92
CA GLU A 121 -7.79 6.82 -3.51
C GLU A 121 -6.25 6.83 -3.47
N ILE A 122 -5.68 5.64 -3.39
CA ILE A 122 -4.24 5.50 -3.35
C ILE A 122 -3.78 4.64 -4.53
N TRP A 123 -2.84 5.20 -5.29
CA TRP A 123 -2.31 4.49 -6.45
C TRP A 123 -1.11 3.66 -5.99
N VAL A 124 -1.22 2.36 -6.23
CA VAL A 124 -0.16 1.43 -5.84
C VAL A 124 -0.19 0.23 -6.78
N ALA A 125 1.01 -0.23 -7.13
CA ALA A 125 1.14 -1.38 -8.01
C ALA A 125 1.76 -2.54 -7.23
N LEU A 126 1.22 -3.73 -7.50
CA LEU A 126 1.70 -4.93 -6.83
C LEU A 126 2.33 -5.86 -7.87
N SER A 127 3.50 -6.38 -7.51
CA SER A 127 4.21 -7.29 -8.40
C SER A 127 4.77 -8.47 -7.61
N PHE A 128 4.14 -9.62 -7.79
CA PHE A 128 4.56 -10.83 -7.10
C PHE A 128 5.66 -11.55 -7.88
N LYS A 129 6.55 -12.19 -7.13
CA LYS A 129 7.65 -12.92 -7.73
C LYS A 129 7.82 -14.26 -7.02
N PRO A 130 7.13 -15.30 -7.56
CA PRO A 130 7.20 -16.63 -6.99
C PRO A 130 8.52 -17.30 -7.31
N SER A 131 9.02 -18.08 -6.36
CA SER A 131 10.28 -18.78 -6.53
C SER A 131 10.12 -19.88 -7.60
N GLY A 132 10.32 -19.47 -8.85
CA GLY A 132 10.21 -20.40 -9.95
C GLY A 132 11.37 -21.40 -9.95
N PRO A 133 11.80 -21.79 -11.19
CA PRO A 133 12.89 -22.74 -11.33
C PRO A 133 14.23 -22.07 -11.04
N SER A 134 14.54 -21.97 -9.75
CA SER A 134 15.79 -21.36 -9.32
C SER A 134 16.92 -21.78 -10.26
N SER A 135 17.95 -20.96 -10.29
CA SER A 135 19.11 -21.25 -11.13
C SER A 135 20.36 -21.42 -10.26
N GLY A 136 20.60 -20.42 -9.42
CA GLY A 136 21.75 -20.45 -8.53
C GLY A 136 21.69 -19.30 -7.52
N GLY A 1 -14.17 -19.27 14.50
CA GLY A 1 -12.78 -19.12 14.09
C GLY A 1 -12.26 -20.40 13.44
N SER A 2 -11.90 -20.27 12.17
CA SER A 2 -11.38 -21.41 11.41
C SER A 2 -10.64 -20.92 10.16
N SER A 3 -9.58 -21.61 9.83
CA SER A 3 -8.78 -21.27 8.67
C SER A 3 -7.66 -22.29 8.47
N GLY A 4 -7.22 -22.40 7.23
CA GLY A 4 -6.15 -23.33 6.89
C GLY A 4 -4.78 -22.65 6.94
N SER A 5 -3.90 -23.11 6.08
CA SER A 5 -2.56 -22.55 6.00
C SER A 5 -1.86 -23.01 4.72
N SER A 6 -2.07 -22.24 3.67
CA SER A 6 -1.47 -22.54 2.38
C SER A 6 -1.65 -21.36 1.41
N GLY A 7 -0.87 -21.40 0.35
CA GLY A 7 -0.93 -20.34 -0.65
C GLY A 7 0.38 -20.28 -1.46
N PRO A 8 0.59 -19.11 -2.12
CA PRO A 8 1.77 -18.91 -2.92
C PRO A 8 3.00 -18.67 -2.04
N HIS A 9 4.08 -18.23 -2.67
CA HIS A 9 5.32 -17.95 -1.96
C HIS A 9 6.31 -17.28 -2.90
N GLY A 10 6.97 -16.25 -2.37
CA GLY A 10 7.94 -15.51 -3.16
C GLY A 10 8.13 -14.10 -2.60
N THR A 11 8.38 -13.17 -3.49
CA THR A 11 8.59 -11.78 -3.10
C THR A 11 7.46 -10.90 -3.64
N LEU A 12 7.15 -9.85 -2.89
CA LEU A 12 6.10 -8.93 -3.28
C LEU A 12 6.72 -7.55 -3.55
N GLU A 13 6.13 -6.85 -4.51
CA GLU A 13 6.60 -5.54 -4.87
C GLU A 13 5.47 -4.51 -4.74
N VAL A 14 5.71 -3.51 -3.92
CA VAL A 14 4.72 -2.47 -3.70
C VAL A 14 5.23 -1.15 -4.31
N VAL A 15 4.57 -0.73 -5.37
CA VAL A 15 4.94 0.50 -6.04
C VAL A 15 3.99 1.62 -5.62
N LEU A 16 4.36 2.29 -4.53
CA LEU A 16 3.54 3.38 -4.01
C LEU A 16 3.63 4.57 -4.97
N VAL A 17 2.68 4.61 -5.88
CA VAL A 17 2.63 5.69 -6.86
C VAL A 17 2.29 7.00 -6.16
N SER A 18 0.99 7.26 -6.06
CA SER A 18 0.51 8.47 -5.41
C SER A 18 -0.93 8.28 -4.94
N ALA A 19 -1.48 9.35 -4.38
CA ALA A 19 -2.85 9.31 -3.89
C ALA A 19 -3.56 10.61 -4.28
N LYS A 20 -4.86 10.48 -4.51
CA LYS A 20 -5.66 11.64 -4.89
C LYS A 20 -6.90 11.71 -4.00
N GLY A 21 -7.41 12.93 -3.82
CA GLY A 21 -8.58 13.14 -3.00
C GLY A 21 -9.81 13.42 -3.88
N LEU A 22 -10.96 13.47 -3.21
CA LEU A 22 -12.21 13.73 -3.91
C LEU A 22 -12.24 15.19 -4.37
N GLU A 23 -13.41 15.61 -4.81
CA GLU A 23 -13.58 16.98 -5.29
C GLU A 23 -13.82 17.92 -4.11
N ASP A 24 -14.59 17.44 -3.15
CA ASP A 24 -14.90 18.23 -1.97
C ASP A 24 -14.21 17.61 -0.75
N ALA A 25 -12.89 17.57 -0.83
CA ALA A 25 -12.10 17.01 0.26
C ALA A 25 -10.66 17.50 0.14
N ASP A 26 -10.23 18.22 1.16
CA ASP A 26 -8.88 18.76 1.19
C ASP A 26 -7.88 17.60 1.25
N PHE A 27 -8.12 16.70 2.19
CA PHE A 27 -7.25 15.55 2.37
C PHE A 27 -5.79 15.98 2.51
N LEU A 28 -4.95 15.37 1.69
CA LEU A 28 -3.52 15.69 1.71
C LEU A 28 -3.32 17.13 1.24
N ASN A 29 -4.42 17.76 0.86
CA ASN A 29 -4.37 19.13 0.40
C ASN A 29 -3.26 19.88 1.14
N ASN A 30 -2.20 20.18 0.40
CA ASN A 30 -1.07 20.90 0.98
C ASN A 30 -0.65 20.21 2.28
N MET A 31 -0.04 19.05 2.14
CA MET A 31 0.41 18.29 3.29
C MET A 31 1.69 17.51 2.97
N ASP A 32 2.18 16.80 3.97
CA ASP A 32 3.39 16.01 3.80
C ASP A 32 3.20 14.64 4.45
N PRO A 33 2.14 13.93 3.96
CA PRO A 33 1.83 12.61 4.48
C PRO A 33 2.82 11.56 3.96
N TYR A 34 2.78 10.40 4.58
CA TYR A 34 3.66 9.32 4.18
C TYR A 34 3.01 7.95 4.43
N VAL A 35 3.12 7.10 3.43
CA VAL A 35 2.54 5.76 3.52
C VAL A 35 3.56 4.81 4.16
N GLN A 36 3.03 3.87 4.94
CA GLN A 36 3.87 2.91 5.62
C GLN A 36 3.43 1.48 5.28
N LEU A 37 4.08 0.92 4.27
CA LEU A 37 3.78 -0.42 3.82
C LEU A 37 4.09 -1.41 4.95
N THR A 38 3.13 -2.28 5.23
CA THR A 38 3.29 -3.27 6.27
C THR A 38 2.96 -4.66 5.74
N CYS A 39 3.78 -5.63 6.14
CA CYS A 39 3.59 -7.00 5.72
C CYS A 39 3.93 -7.92 6.89
N ARG A 40 2.92 -8.62 7.37
CA ARG A 40 3.10 -9.55 8.48
C ARG A 40 3.69 -8.80 9.68
N THR A 41 5.01 -8.74 9.70
CA THR A 41 5.72 -8.07 10.79
C THR A 41 6.85 -7.20 10.23
N GLN A 42 6.58 -6.59 9.09
CA GLN A 42 7.56 -5.73 8.44
C GLN A 42 6.89 -4.47 7.89
N ASP A 43 7.25 -3.34 8.48
CA ASP A 43 6.70 -2.07 8.05
C ASP A 43 7.79 -1.23 7.37
N GLN A 44 7.36 -0.35 6.50
CA GLN A 44 8.29 0.51 5.78
C GLN A 44 7.60 1.81 5.39
N LYS A 45 8.18 2.92 5.85
CA LYS A 45 7.64 4.23 5.55
C LYS A 45 8.27 4.76 4.26
N SER A 46 7.57 5.69 3.63
CA SER A 46 8.04 6.27 2.39
C SER A 46 8.42 7.74 2.63
N ASN A 47 9.20 8.28 1.71
CA ASN A 47 9.63 9.66 1.79
C ASN A 47 8.42 10.55 2.08
N VAL A 48 8.70 11.71 2.67
CA VAL A 48 7.65 12.65 3.00
C VAL A 48 7.28 13.45 1.75
N ALA A 49 5.97 13.48 1.48
CA ALA A 49 5.47 14.21 0.32
C ALA A 49 5.62 15.72 0.57
N GLU A 50 6.84 16.19 0.42
CA GLU A 50 7.14 17.60 0.63
C GLU A 50 6.50 18.43 -0.49
N GLY A 51 5.64 19.36 -0.08
CA GLY A 51 4.96 20.22 -1.03
C GLY A 51 4.56 19.45 -2.28
N MET A 52 3.50 18.68 -2.15
CA MET A 52 3.00 17.89 -3.27
C MET A 52 1.61 18.36 -3.69
N GLY A 53 0.85 18.85 -2.72
CA GLY A 53 -0.49 19.32 -2.99
C GLY A 53 -1.54 18.29 -2.56
N THR A 54 -2.60 18.23 -3.34
CA THR A 54 -3.69 17.29 -3.06
C THR A 54 -3.38 15.92 -3.68
N THR A 55 -2.15 15.80 -4.17
CA THR A 55 -1.72 14.55 -4.78
C THR A 55 -0.27 14.25 -4.41
N PRO A 56 -0.11 13.66 -3.19
CA PRO A 56 1.21 13.31 -2.70
C PRO A 56 1.75 12.07 -3.40
N GLU A 57 2.65 12.30 -4.35
CA GLU A 57 3.25 11.21 -5.10
C GLU A 57 4.57 10.78 -4.45
N TRP A 58 4.88 9.50 -4.63
CA TRP A 58 6.10 8.96 -4.07
C TRP A 58 6.87 8.28 -5.20
N ASN A 59 6.18 7.40 -5.90
CA ASN A 59 6.78 6.67 -7.01
C ASN A 59 7.94 5.82 -6.49
N GLU A 60 7.73 5.26 -5.31
CA GLU A 60 8.75 4.42 -4.69
C GLU A 60 8.47 2.95 -4.99
N THR A 61 9.28 2.10 -4.37
CA THR A 61 9.13 0.66 -4.55
C THR A 61 9.61 -0.09 -3.30
N PHE A 62 8.70 -0.87 -2.74
CA PHE A 62 9.01 -1.64 -1.55
C PHE A 62 8.87 -3.14 -1.82
N ILE A 63 9.77 -3.91 -1.20
CA ILE A 63 9.76 -5.35 -1.37
C ILE A 63 9.42 -6.00 -0.02
N PHE A 64 8.75 -7.14 -0.11
CA PHE A 64 8.36 -7.87 1.08
C PHE A 64 8.51 -9.38 0.87
N THR A 65 8.50 -10.11 1.98
CA THR A 65 8.64 -11.55 1.93
C THR A 65 7.29 -12.23 2.18
N VAL A 66 6.74 -12.81 1.12
CA VAL A 66 5.46 -13.48 1.21
C VAL A 66 5.69 -14.98 1.45
N SER A 67 4.79 -15.56 2.23
CA SER A 67 4.88 -16.98 2.54
C SER A 67 3.48 -17.58 2.66
N GLU A 68 2.78 -17.16 3.70
CA GLU A 68 1.44 -17.65 3.95
C GLU A 68 0.70 -16.71 4.91
N GLY A 69 -0.62 -16.67 4.76
CA GLY A 69 -1.44 -15.82 5.60
C GLY A 69 -1.57 -14.42 5.00
N THR A 70 -0.43 -13.82 4.75
CA THR A 70 -0.39 -12.48 4.18
C THR A 70 -0.86 -12.50 2.73
N THR A 71 -2.07 -11.99 2.52
CA THR A 71 -2.65 -11.93 1.19
C THR A 71 -3.11 -10.52 0.86
N GLU A 72 -2.59 -9.57 1.63
CA GLU A 72 -2.94 -8.18 1.42
C GLU A 72 -1.94 -7.26 2.13
N LEU A 73 -1.88 -6.02 1.67
CA LEU A 73 -0.97 -5.05 2.26
C LEU A 73 -1.79 -3.90 2.85
N LYS A 74 -1.30 -3.40 3.98
CA LYS A 74 -1.96 -2.30 4.67
C LYS A 74 -1.20 -1.00 4.38
N ALA A 75 -1.93 -0.04 3.84
CA ALA A 75 -1.34 1.26 3.53
C ALA A 75 -2.07 2.35 4.32
N LYS A 76 -1.36 2.92 5.28
CA LYS A 76 -1.92 3.97 6.11
C LYS A 76 -1.16 5.27 5.84
N ILE A 77 -1.93 6.35 5.75
CA ILE A 77 -1.35 7.66 5.50
C ILE A 77 -1.30 8.45 6.82
N PHE A 78 -0.15 9.07 7.05
CA PHE A 78 0.03 9.85 8.26
C PHE A 78 0.75 11.16 7.96
N ASP A 79 0.39 12.19 8.71
CA ASP A 79 0.99 13.50 8.53
C ASP A 79 2.39 13.51 9.15
N LYS A 80 3.34 14.07 8.41
CA LYS A 80 4.70 14.16 8.89
C LYS A 80 4.73 14.64 10.33
N ASP A 81 3.66 15.35 10.69
CA ASP A 81 3.55 15.88 12.04
C ASP A 81 3.10 14.76 12.98
N VAL A 82 2.19 13.94 12.49
CA VAL A 82 1.66 12.83 13.27
C VAL A 82 2.60 11.63 13.13
N GLY A 83 2.20 10.53 13.75
CA GLY A 83 2.99 9.31 13.70
C GLY A 83 2.14 8.11 13.31
N THR A 84 2.77 7.14 12.68
CA THR A 84 2.07 5.94 12.26
C THR A 84 1.05 5.52 13.31
N GLU A 85 1.38 5.79 14.56
CA GLU A 85 0.50 5.45 15.67
C GLU A 85 0.07 6.72 16.41
N ASP A 86 -0.96 7.35 15.89
CA ASP A 86 -1.48 8.56 16.50
C ASP A 86 -2.86 8.87 15.93
N ASP A 87 -2.87 9.30 14.68
CA ASP A 87 -4.13 9.62 14.01
C ASP A 87 -3.92 9.56 12.50
N ALA A 88 -4.08 8.36 11.95
CA ALA A 88 -3.92 8.16 10.53
C ALA A 88 -4.76 9.19 9.77
N VAL A 89 -4.29 9.53 8.57
CA VAL A 89 -4.98 10.50 7.75
C VAL A 89 -5.78 9.76 6.67
N GLY A 90 -5.52 8.47 6.56
CA GLY A 90 -6.21 7.65 5.59
C GLY A 90 -5.54 6.26 5.47
N GLU A 91 -6.33 5.31 5.01
CA GLU A 91 -5.83 3.95 4.84
C GLU A 91 -6.52 3.28 3.64
N ALA A 92 -5.89 2.22 3.17
CA ALA A 92 -6.42 1.48 2.04
C ALA A 92 -5.94 0.03 2.10
N THR A 93 -6.80 -0.87 1.67
CA THR A 93 -6.48 -2.29 1.67
C THR A 93 -6.02 -2.74 0.29
N ILE A 94 -4.77 -3.16 0.23
CA ILE A 94 -4.19 -3.62 -1.02
C ILE A 94 -3.99 -5.13 -0.97
N PRO A 95 -4.95 -5.87 -1.59
CA PRO A 95 -4.90 -7.32 -1.61
C PRO A 95 -3.84 -7.81 -2.60
N LEU A 96 -3.06 -8.78 -2.15
CA LEU A 96 -2.01 -9.34 -2.99
C LEU A 96 -2.52 -10.62 -3.65
N GLU A 97 -3.81 -10.87 -3.48
CA GLU A 97 -4.43 -12.04 -4.05
C GLU A 97 -4.39 -11.98 -5.58
N PRO A 98 -4.62 -10.74 -6.11
CA PRO A 98 -4.62 -10.53 -7.55
C PRO A 98 -3.19 -10.53 -8.09
N VAL A 99 -2.25 -10.18 -7.22
CA VAL A 99 -0.86 -10.13 -7.60
C VAL A 99 -0.24 -11.52 -7.41
N PHE A 100 -1.06 -12.44 -6.93
CA PHE A 100 -0.60 -13.80 -6.71
C PHE A 100 -1.09 -14.73 -7.82
N VAL A 101 -2.24 -14.39 -8.38
CA VAL A 101 -2.81 -15.19 -9.46
C VAL A 101 -2.42 -14.57 -10.80
N GLU A 102 -2.22 -13.26 -10.79
CA GLU A 102 -1.84 -12.54 -11.99
C GLU A 102 -0.31 -12.54 -12.15
N GLY A 103 0.35 -12.21 -11.05
CA GLY A 103 1.81 -12.18 -11.04
C GLY A 103 2.31 -10.73 -11.12
N SER A 104 1.40 -9.83 -11.46
CA SER A 104 1.73 -8.42 -11.56
C SER A 104 0.45 -7.59 -11.71
N ILE A 105 0.30 -6.64 -10.80
CA ILE A 105 -0.86 -5.77 -10.82
C ILE A 105 -0.43 -4.33 -11.12
N PRO A 106 -1.24 -3.66 -11.98
CA PRO A 106 -0.94 -2.29 -12.36
C PRO A 106 -1.26 -1.31 -11.22
N PRO A 107 -0.81 -0.04 -11.39
CA PRO A 107 -1.03 0.98 -10.39
C PRO A 107 -2.48 1.46 -10.43
N THR A 108 -3.26 0.96 -9.48
CA THR A 108 -4.67 1.34 -9.39
C THR A 108 -4.92 2.15 -8.12
N ALA A 109 -5.92 3.01 -8.19
CA ALA A 109 -6.27 3.84 -7.06
C ALA A 109 -7.18 3.05 -6.11
N TYR A 110 -6.59 2.58 -5.03
CA TYR A 110 -7.33 1.80 -4.05
C TYR A 110 -8.13 2.72 -3.12
N ASN A 111 -9.39 2.33 -2.91
CA ASN A 111 -10.26 3.11 -2.05
C ASN A 111 -9.54 3.42 -0.74
N VAL A 112 -9.47 4.71 -0.43
CA VAL A 112 -8.82 5.15 0.79
C VAL A 112 -9.87 5.68 1.76
N VAL A 113 -9.99 4.98 2.88
CA VAL A 113 -10.95 5.37 3.90
C VAL A 113 -10.21 5.71 5.19
N LYS A 114 -10.95 6.31 6.12
CA LYS A 114 -10.37 6.69 7.39
C LYS A 114 -11.43 6.59 8.48
N ASP A 115 -11.51 5.42 9.08
CA ASP A 115 -12.49 5.17 10.14
C ASP A 115 -13.79 4.67 9.51
N GLU A 116 -13.99 5.04 8.26
CA GLU A 116 -15.19 4.64 7.54
C GLU A 116 -15.47 5.62 6.40
N GLU A 117 -14.91 6.81 6.52
CA GLU A 117 -15.10 7.84 5.50
C GLU A 117 -14.10 7.63 4.36
N TYR A 118 -14.61 7.77 3.15
CA TYR A 118 -13.77 7.61 1.97
C TYR A 118 -12.92 8.85 1.72
N LYS A 119 -11.68 8.78 2.18
CA LYS A 119 -10.77 9.90 2.02
C LYS A 119 -10.55 10.16 0.53
N GLY A 120 -10.34 9.08 -0.20
CA GLY A 120 -10.11 9.17 -1.63
C GLY A 120 -9.65 7.84 -2.21
N GLU A 121 -8.53 7.89 -2.93
CA GLU A 121 -7.97 6.70 -3.53
C GLU A 121 -6.44 6.77 -3.52
N ILE A 122 -5.83 5.61 -3.31
CA ILE A 122 -4.39 5.52 -3.27
C ILE A 122 -3.90 4.68 -4.46
N TRP A 123 -3.03 5.27 -5.26
CA TRP A 123 -2.49 4.59 -6.42
C TRP A 123 -1.28 3.79 -5.97
N VAL A 124 -1.33 2.49 -6.22
CA VAL A 124 -0.25 1.60 -5.84
C VAL A 124 -0.24 0.39 -6.79
N ALA A 125 0.97 -0.01 -7.17
CA ALA A 125 1.13 -1.15 -8.06
C ALA A 125 1.73 -2.31 -7.28
N LEU A 126 1.21 -3.50 -7.57
CA LEU A 126 1.68 -4.71 -6.90
C LEU A 126 2.36 -5.62 -7.93
N SER A 127 3.52 -6.12 -7.54
CA SER A 127 4.28 -7.00 -8.41
C SER A 127 4.86 -8.18 -7.61
N PHE A 128 4.28 -9.34 -7.84
CA PHE A 128 4.73 -10.54 -7.15
C PHE A 128 5.83 -11.25 -7.93
N LYS A 129 6.64 -12.01 -7.20
CA LYS A 129 7.73 -12.75 -7.81
C LYS A 129 7.83 -14.13 -7.17
N PRO A 130 7.11 -15.11 -7.79
CA PRO A 130 7.12 -16.47 -7.29
C PRO A 130 8.43 -17.18 -7.62
N SER A 131 8.89 -17.98 -6.68
CA SER A 131 10.12 -18.72 -6.87
C SER A 131 9.82 -20.13 -7.37
N GLY A 132 9.14 -20.19 -8.52
CA GLY A 132 8.78 -21.46 -9.12
C GLY A 132 8.19 -22.41 -8.07
N PRO A 133 8.24 -23.73 -8.40
CA PRO A 133 7.72 -24.75 -7.51
C PRO A 133 8.67 -24.97 -6.32
N SER A 134 8.19 -24.58 -5.14
CA SER A 134 8.98 -24.73 -3.93
C SER A 134 10.28 -23.93 -4.04
N SER A 135 10.43 -22.96 -3.16
CA SER A 135 11.60 -22.11 -3.15
C SER A 135 12.82 -22.93 -2.73
N GLY A 136 13.98 -22.50 -3.20
CA GLY A 136 15.22 -23.17 -2.88
C GLY A 136 16.34 -22.17 -2.59
N GLY A 1 0.91 -34.59 0.05
CA GLY A 1 1.35 -33.39 -0.66
C GLY A 1 0.42 -32.22 -0.39
N SER A 2 -0.45 -31.94 -1.36
CA SER A 2 -1.39 -30.85 -1.23
C SER A 2 -0.64 -29.52 -1.21
N SER A 3 -0.25 -29.06 -2.38
CA SER A 3 0.48 -27.81 -2.51
C SER A 3 1.75 -27.86 -1.66
N GLY A 4 2.63 -26.90 -1.92
CA GLY A 4 3.88 -26.82 -1.20
C GLY A 4 3.65 -26.79 0.31
N SER A 5 3.18 -25.65 0.79
CA SER A 5 2.90 -25.49 2.21
C SER A 5 1.49 -24.93 2.41
N SER A 6 1.27 -23.75 1.83
CA SER A 6 -0.02 -23.10 1.94
C SER A 6 -0.01 -21.79 1.16
N GLY A 7 -0.90 -21.72 0.17
CA GLY A 7 -1.01 -20.53 -0.66
C GLY A 7 0.25 -20.34 -1.49
N PRO A 8 0.41 -19.10 -2.03
CA PRO A 8 1.55 -18.77 -2.86
C PRO A 8 2.81 -18.59 -2.00
N HIS A 9 3.88 -18.16 -2.65
CA HIS A 9 5.13 -17.94 -1.96
C HIS A 9 6.14 -17.27 -2.91
N GLY A 10 6.80 -16.25 -2.39
CA GLY A 10 7.78 -15.52 -3.18
C GLY A 10 8.00 -14.11 -2.61
N THR A 11 8.25 -13.19 -3.52
CA THR A 11 8.48 -11.81 -3.13
C THR A 11 7.36 -10.91 -3.67
N LEU A 12 7.08 -9.85 -2.92
CA LEU A 12 6.04 -8.91 -3.31
C LEU A 12 6.67 -7.54 -3.56
N GLU A 13 6.12 -6.85 -4.55
CA GLU A 13 6.61 -5.53 -4.90
C GLU A 13 5.50 -4.49 -4.78
N VAL A 14 5.74 -3.49 -3.96
CA VAL A 14 4.78 -2.42 -3.75
C VAL A 14 5.31 -1.12 -4.34
N VAL A 15 4.65 -0.67 -5.39
CA VAL A 15 5.04 0.56 -6.05
C VAL A 15 4.11 1.69 -5.63
N LEU A 16 4.47 2.34 -4.52
CA LEU A 16 3.67 3.43 -4.01
C LEU A 16 3.79 4.63 -4.95
N VAL A 17 2.87 4.70 -5.89
CA VAL A 17 2.86 5.79 -6.84
C VAL A 17 2.45 7.09 -6.14
N SER A 18 1.15 7.37 -6.17
CA SER A 18 0.62 8.56 -5.55
C SER A 18 -0.80 8.31 -5.04
N ALA A 19 -1.42 9.37 -4.56
CA ALA A 19 -2.78 9.27 -4.05
C ALA A 19 -3.53 10.56 -4.36
N LYS A 20 -4.83 10.41 -4.62
CA LYS A 20 -5.67 11.54 -4.94
C LYS A 20 -6.96 11.46 -4.13
N GLY A 21 -7.44 12.63 -3.72
CA GLY A 21 -8.67 12.70 -2.94
C GLY A 21 -9.89 12.87 -3.85
N LEU A 22 -11.03 13.10 -3.22
CA LEU A 22 -12.27 13.28 -3.95
C LEU A 22 -12.22 14.60 -4.72
N GLU A 23 -13.37 14.98 -5.27
CA GLU A 23 -13.46 16.22 -6.02
C GLU A 23 -13.32 17.42 -5.09
N ASP A 24 -14.05 17.38 -3.99
CA ASP A 24 -14.01 18.46 -3.02
C ASP A 24 -13.70 17.88 -1.64
N ALA A 25 -12.56 17.20 -1.57
CA ALA A 25 -12.13 16.60 -0.31
C ALA A 25 -10.70 17.04 0.00
N ASP A 26 -10.58 17.90 1.00
CA ASP A 26 -9.29 18.41 1.40
C ASP A 26 -8.51 17.30 2.12
N PHE A 27 -7.96 16.39 1.33
CA PHE A 27 -7.20 15.27 1.87
C PHE A 27 -5.76 15.30 1.36
N LEU A 28 -4.84 15.56 2.27
CA LEU A 28 -3.43 15.61 1.92
C LEU A 28 -3.13 16.95 1.24
N ASN A 29 -3.44 18.02 1.94
CA ASN A 29 -3.20 19.36 1.42
C ASN A 29 -2.67 20.25 2.54
N ASN A 30 -1.63 21.01 2.19
CA ASN A 30 -1.01 21.91 3.16
C ASN A 30 -0.26 21.09 4.20
N MET A 31 0.17 19.91 3.78
CA MET A 31 0.91 19.02 4.66
C MET A 31 1.85 18.12 3.87
N ASP A 32 2.49 17.21 4.58
CA ASP A 32 3.42 16.28 3.96
C ASP A 32 3.17 14.87 4.49
N PRO A 33 2.04 14.27 4.04
CA PRO A 33 1.67 12.93 4.48
C PRO A 33 2.54 11.89 3.79
N TYR A 34 2.65 10.74 4.44
CA TYR A 34 3.44 9.64 3.90
C TYR A 34 2.70 8.31 4.06
N VAL A 35 2.92 7.44 3.07
CA VAL A 35 2.28 6.12 3.09
C VAL A 35 3.21 5.12 3.78
N GLN A 36 2.59 4.23 4.53
CA GLN A 36 3.35 3.21 5.25
C GLN A 36 2.81 1.82 4.93
N LEU A 37 3.58 1.08 4.14
CA LEU A 37 3.19 -0.25 3.75
C LEU A 37 3.53 -1.23 4.88
N THR A 38 2.66 -2.22 5.04
CA THR A 38 2.87 -3.23 6.07
C THR A 38 2.64 -4.63 5.51
N CYS A 39 3.48 -5.56 5.97
CA CYS A 39 3.38 -6.93 5.51
C CYS A 39 3.69 -7.85 6.70
N ARG A 40 2.63 -8.15 7.46
CA ARG A 40 2.77 -9.01 8.62
C ARG A 40 4.15 -8.83 9.25
N THR A 41 4.19 -8.00 10.29
CA THR A 41 5.43 -7.73 11.00
C THR A 41 6.32 -6.80 10.17
N GLN A 42 6.06 -6.79 8.87
CA GLN A 42 6.83 -5.94 7.97
C GLN A 42 6.14 -4.58 7.81
N ASP A 43 6.96 -3.54 7.79
CA ASP A 43 6.45 -2.18 7.65
C ASP A 43 7.47 -1.34 6.87
N GLN A 44 6.97 -0.69 5.83
CA GLN A 44 7.82 0.16 5.01
C GLN A 44 7.08 1.44 4.62
N LYS A 45 7.67 2.56 5.03
CA LYS A 45 7.09 3.86 4.74
C LYS A 45 8.08 4.68 3.90
N SER A 46 7.53 5.65 3.18
CA SER A 46 8.34 6.51 2.34
C SER A 46 8.37 7.92 2.91
N ASN A 47 9.29 8.72 2.39
CA ASN A 47 9.44 10.10 2.84
C ASN A 47 8.07 10.77 2.84
N VAL A 48 8.07 12.02 3.27
CA VAL A 48 6.84 12.80 3.32
C VAL A 48 6.66 13.54 1.99
N ALA A 49 5.41 13.57 1.54
CA ALA A 49 5.08 14.24 0.29
C ALA A 49 5.11 15.76 0.50
N GLU A 50 6.27 16.34 0.23
CA GLU A 50 6.44 17.77 0.39
C GLU A 50 6.12 18.49 -0.92
N GLY A 51 5.48 19.64 -0.78
CA GLY A 51 5.10 20.43 -1.94
C GLY A 51 4.56 19.54 -3.06
N MET A 52 3.53 18.79 -2.74
CA MET A 52 2.91 17.90 -3.71
C MET A 52 1.47 18.31 -4.00
N GLY A 53 0.82 18.86 -2.98
CA GLY A 53 -0.55 19.30 -3.12
C GLY A 53 -1.53 18.22 -2.62
N THR A 54 -2.69 18.20 -3.25
CA THR A 54 -3.72 17.23 -2.87
C THR A 54 -3.44 15.88 -3.54
N THR A 55 -2.28 15.80 -4.18
CA THR A 55 -1.88 14.58 -4.85
C THR A 55 -0.41 14.26 -4.57
N PRO A 56 -0.19 13.66 -3.36
CA PRO A 56 1.16 13.30 -2.95
C PRO A 56 1.66 12.06 -3.70
N GLU A 57 2.89 12.14 -4.16
CA GLU A 57 3.50 11.04 -4.90
C GLU A 57 4.71 10.51 -4.15
N TRP A 58 5.25 9.41 -4.66
CA TRP A 58 6.41 8.79 -4.05
C TRP A 58 7.13 7.97 -5.13
N ASN A 59 6.32 7.32 -5.96
CA ASN A 59 6.86 6.50 -7.03
C ASN A 59 7.97 5.60 -6.47
N GLU A 60 7.78 5.20 -5.23
CA GLU A 60 8.74 4.33 -4.56
C GLU A 60 8.38 2.87 -4.79
N THR A 61 9.34 2.01 -4.47
CA THR A 61 9.14 0.58 -4.64
C THR A 61 9.64 -0.17 -3.40
N PHE A 62 8.73 -0.93 -2.79
CA PHE A 62 9.08 -1.69 -1.60
C PHE A 62 8.93 -3.19 -1.87
N ILE A 63 9.79 -3.96 -1.21
CA ILE A 63 9.76 -5.41 -1.36
C ILE A 63 9.45 -6.06 -0.01
N PHE A 64 8.67 -7.12 -0.06
CA PHE A 64 8.29 -7.84 1.15
C PHE A 64 8.49 -9.35 0.98
N THR A 65 8.02 -10.09 1.97
CA THR A 65 8.14 -11.53 1.94
C THR A 65 6.78 -12.19 2.20
N VAL A 66 6.38 -13.03 1.26
CA VAL A 66 5.10 -13.72 1.38
C VAL A 66 5.36 -15.19 1.72
N SER A 67 4.43 -15.76 2.48
CA SER A 67 4.54 -17.15 2.88
C SER A 67 3.15 -17.70 3.24
N GLU A 68 2.66 -17.26 4.38
CA GLU A 68 1.35 -17.71 4.84
C GLU A 68 0.65 -16.57 5.59
N GLY A 69 -0.65 -16.45 5.32
CA GLY A 69 -1.45 -15.42 5.97
C GLY A 69 -1.37 -14.10 5.19
N THR A 70 -0.15 -13.66 4.96
CA THR A 70 0.08 -12.42 4.24
C THR A 70 -0.49 -12.52 2.83
N THR A 71 -1.67 -11.94 2.65
CA THR A 71 -2.33 -11.96 1.36
C THR A 71 -2.83 -10.56 0.99
N GLU A 72 -2.44 -9.60 1.82
CA GLU A 72 -2.83 -8.21 1.59
C GLU A 72 -1.84 -7.27 2.28
N LEU A 73 -1.74 -6.07 1.72
CA LEU A 73 -0.84 -5.07 2.26
C LEU A 73 -1.66 -3.91 2.85
N LYS A 74 -1.16 -3.38 3.96
CA LYS A 74 -1.83 -2.29 4.63
C LYS A 74 -1.08 -0.98 4.35
N ALA A 75 -1.83 0.02 3.92
CA ALA A 75 -1.24 1.31 3.61
C ALA A 75 -1.98 2.40 4.41
N LYS A 76 -1.31 2.91 5.43
CA LYS A 76 -1.90 3.94 6.27
C LYS A 76 -1.15 5.26 6.03
N ILE A 77 -1.92 6.27 5.64
CA ILE A 77 -1.35 7.57 5.38
C ILE A 77 -1.25 8.36 6.68
N PHE A 78 -0.14 9.06 6.84
CA PHE A 78 0.09 9.86 8.03
C PHE A 78 0.82 11.16 7.69
N ASP A 79 0.46 12.20 8.41
CA ASP A 79 1.07 13.51 8.21
C ASP A 79 2.46 13.52 8.83
N LYS A 80 3.41 14.08 8.09
CA LYS A 80 4.78 14.16 8.54
C LYS A 80 4.79 14.54 10.02
N ASP A 81 3.83 15.36 10.40
CA ASP A 81 3.72 15.81 11.78
C ASP A 81 2.82 14.83 12.56
N VAL A 82 3.08 13.56 12.35
CA VAL A 82 2.32 12.52 13.02
C VAL A 82 3.14 11.23 13.07
N GLY A 83 2.85 10.42 14.08
CA GLY A 83 3.56 9.16 14.25
C GLY A 83 2.69 7.98 13.78
N THR A 84 3.34 7.05 13.10
CA THR A 84 2.65 5.88 12.59
C THR A 84 1.59 5.42 13.58
N GLU A 85 1.88 5.64 14.86
CA GLU A 85 0.97 5.25 15.92
C GLU A 85 0.34 6.49 16.57
N ASP A 86 -0.38 7.24 15.74
CA ASP A 86 -1.04 8.44 16.22
C ASP A 86 -2.41 8.57 15.55
N ASP A 87 -2.37 8.89 14.27
CA ASP A 87 -3.61 9.05 13.51
C ASP A 87 -3.27 9.08 12.02
N ALA A 88 -3.81 8.10 11.31
CA ALA A 88 -3.58 8.00 9.87
C ALA A 88 -4.69 8.75 9.13
N VAL A 89 -4.28 9.81 8.45
CA VAL A 89 -5.22 10.62 7.69
C VAL A 89 -6.18 9.70 6.94
N GLY A 90 -5.69 8.51 6.62
CA GLY A 90 -6.49 7.54 5.90
C GLY A 90 -5.74 6.23 5.71
N GLU A 91 -6.43 5.24 5.18
CA GLU A 91 -5.84 3.94 4.94
C GLU A 91 -6.47 3.27 3.72
N ALA A 92 -5.83 2.23 3.25
CA ALA A 92 -6.31 1.49 2.09
C ALA A 92 -5.83 0.04 2.15
N THR A 93 -6.71 -0.86 1.77
CA THR A 93 -6.38 -2.28 1.78
C THR A 93 -5.92 -2.73 0.39
N ILE A 94 -4.67 -3.14 0.32
CA ILE A 94 -4.10 -3.60 -0.94
C ILE A 94 -3.89 -5.11 -0.88
N PRO A 95 -4.85 -5.86 -1.49
CA PRO A 95 -4.78 -7.31 -1.50
C PRO A 95 -3.73 -7.79 -2.51
N LEU A 96 -2.95 -8.77 -2.07
CA LEU A 96 -1.90 -9.33 -2.92
C LEU A 96 -2.42 -10.60 -3.59
N GLU A 97 -3.72 -10.84 -3.40
CA GLU A 97 -4.34 -12.02 -3.98
C GLU A 97 -4.32 -11.94 -5.51
N PRO A 98 -4.56 -10.70 -6.02
CA PRO A 98 -4.58 -10.48 -7.45
C PRO A 98 -3.16 -10.46 -8.02
N VAL A 99 -2.23 -10.04 -7.18
CA VAL A 99 -0.83 -9.97 -7.59
C VAL A 99 -0.22 -11.37 -7.49
N PHE A 100 -0.98 -12.28 -6.92
CA PHE A 100 -0.53 -13.65 -6.76
C PHE A 100 -1.04 -14.53 -7.89
N VAL A 101 -2.21 -14.17 -8.41
CA VAL A 101 -2.82 -14.91 -9.49
C VAL A 101 -2.41 -14.28 -10.83
N GLU A 102 -2.26 -12.97 -10.80
CA GLU A 102 -1.87 -12.24 -12.00
C GLU A 102 -0.35 -12.22 -12.15
N GLY A 103 0.32 -12.18 -11.00
CA GLY A 103 1.78 -12.16 -10.99
C GLY A 103 2.31 -10.72 -11.10
N SER A 104 1.38 -9.81 -11.35
CA SER A 104 1.74 -8.40 -11.48
C SER A 104 0.48 -7.56 -11.68
N ILE A 105 0.39 -6.50 -10.89
CA ILE A 105 -0.76 -5.60 -10.98
C ILE A 105 -0.27 -4.17 -11.20
N PRO A 106 -1.01 -3.44 -12.08
CA PRO A 106 -0.66 -2.06 -12.39
C PRO A 106 -1.03 -1.13 -11.23
N PRO A 107 -0.61 0.16 -11.38
CA PRO A 107 -0.90 1.16 -10.35
C PRO A 107 -2.36 1.59 -10.41
N THR A 108 -3.13 1.07 -9.46
CA THR A 108 -4.54 1.39 -9.38
C THR A 108 -4.85 2.15 -8.09
N ALA A 109 -5.88 2.98 -8.16
CA ALA A 109 -6.28 3.77 -7.02
C ALA A 109 -7.15 2.91 -6.09
N TYR A 110 -6.59 2.57 -4.93
CA TYR A 110 -7.30 1.77 -3.97
C TYR A 110 -8.15 2.63 -3.04
N ASN A 111 -9.37 2.16 -2.80
CA ASN A 111 -10.28 2.89 -1.94
C ASN A 111 -9.57 3.27 -0.63
N VAL A 112 -9.50 4.57 -0.39
CA VAL A 112 -8.86 5.06 0.81
C VAL A 112 -9.93 5.58 1.78
N VAL A 113 -10.08 4.85 2.88
CA VAL A 113 -11.06 5.21 3.90
C VAL A 113 -10.33 5.62 5.17
N LYS A 114 -11.09 6.18 6.10
CA LYS A 114 -10.53 6.61 7.37
C LYS A 114 -11.54 6.35 8.48
N ASP A 115 -11.46 5.15 9.05
CA ASP A 115 -12.35 4.76 10.13
C ASP A 115 -13.64 4.18 9.53
N GLU A 116 -13.90 4.55 8.28
CA GLU A 116 -15.07 4.07 7.58
C GLU A 116 -15.46 5.04 6.46
N GLU A 117 -14.98 6.28 6.60
CA GLU A 117 -15.27 7.29 5.61
C GLU A 117 -14.21 7.27 4.50
N TYR A 118 -14.70 7.42 3.27
CA TYR A 118 -13.81 7.42 2.12
C TYR A 118 -13.08 8.75 1.98
N LYS A 119 -11.77 8.69 2.19
CA LYS A 119 -10.94 9.89 2.08
C LYS A 119 -10.59 10.13 0.62
N GLY A 120 -10.49 9.05 -0.14
CA GLY A 120 -10.16 9.14 -1.54
C GLY A 120 -9.66 7.80 -2.07
N GLU A 121 -8.61 7.87 -2.88
CA GLU A 121 -8.02 6.67 -3.46
C GLU A 121 -6.49 6.77 -3.44
N ILE A 122 -5.86 5.61 -3.31
CA ILE A 122 -4.40 5.55 -3.27
C ILE A 122 -3.91 4.70 -4.45
N TRP A 123 -3.05 5.31 -5.25
CA TRP A 123 -2.49 4.63 -6.40
C TRP A 123 -1.25 3.85 -5.95
N VAL A 124 -1.29 2.55 -6.20
CA VAL A 124 -0.19 1.69 -5.82
C VAL A 124 -0.15 0.48 -6.75
N ALA A 125 1.06 0.17 -7.21
CA ALA A 125 1.25 -0.96 -8.10
C ALA A 125 1.80 -2.15 -7.32
N LEU A 126 1.35 -3.33 -7.69
CA LEU A 126 1.79 -4.55 -7.03
C LEU A 126 2.45 -5.47 -8.06
N SER A 127 3.59 -6.02 -7.65
CA SER A 127 4.33 -6.92 -8.52
C SER A 127 4.90 -8.09 -7.70
N PHE A 128 4.25 -9.23 -7.84
CA PHE A 128 4.68 -10.42 -7.13
C PHE A 128 5.75 -11.17 -7.91
N LYS A 129 6.58 -11.91 -7.18
CA LYS A 129 7.65 -12.67 -7.79
C LYS A 129 7.74 -14.04 -7.11
N PRO A 130 6.99 -15.02 -7.67
CA PRO A 130 6.98 -16.36 -7.14
C PRO A 130 8.27 -17.11 -7.49
N SER A 131 8.63 -18.04 -6.62
CA SER A 131 9.84 -18.83 -6.83
C SER A 131 9.53 -20.03 -7.73
N GLY A 132 9.55 -19.76 -9.03
CA GLY A 132 9.27 -20.80 -10.00
C GLY A 132 9.97 -20.51 -11.33
N PRO A 133 9.32 -20.97 -12.44
CA PRO A 133 9.87 -20.76 -13.77
C PRO A 133 9.68 -19.31 -14.22
N SER A 134 10.53 -18.45 -13.69
CA SER A 134 10.47 -17.03 -14.03
C SER A 134 11.75 -16.33 -13.58
N SER A 135 12.42 -15.70 -14.53
CA SER A 135 13.65 -14.99 -14.26
C SER A 135 14.79 -15.99 -14.04
N GLY A 136 14.67 -16.76 -12.97
CA GLY A 136 15.68 -17.75 -12.64
C GLY A 136 16.47 -17.34 -11.40
N GLY A 1 -12.63 -29.07 16.40
CA GLY A 1 -11.37 -28.35 16.44
C GLY A 1 -10.42 -28.82 15.33
N SER A 2 -10.59 -28.23 14.16
CA SER A 2 -9.76 -28.58 13.02
C SER A 2 -9.21 -27.32 12.36
N SER A 3 -8.12 -27.50 11.64
CA SER A 3 -7.48 -26.38 10.95
C SER A 3 -6.98 -26.83 9.58
N GLY A 4 -6.56 -25.85 8.79
CA GLY A 4 -6.05 -26.13 7.46
C GLY A 4 -6.19 -24.90 6.55
N SER A 5 -5.16 -24.68 5.75
CA SER A 5 -5.15 -23.55 4.84
C SER A 5 -3.95 -23.65 3.89
N SER A 6 -4.04 -22.91 2.80
CA SER A 6 -2.98 -22.91 1.81
C SER A 6 -3.07 -21.65 0.94
N GLY A 7 -2.05 -21.45 0.12
CA GLY A 7 -2.01 -20.30 -0.76
C GLY A 7 -0.72 -20.30 -1.60
N PRO A 8 -0.43 -19.12 -2.21
CA PRO A 8 0.75 -18.97 -3.04
C PRO A 8 2.01 -18.87 -2.18
N HIS A 9 3.08 -18.43 -2.81
CA HIS A 9 4.36 -18.28 -2.11
C HIS A 9 5.32 -17.49 -2.99
N GLY A 10 6.10 -16.63 -2.34
CA GLY A 10 7.07 -15.81 -3.05
C GLY A 10 7.25 -14.45 -2.37
N THR A 11 7.84 -13.53 -3.10
CA THR A 11 8.08 -12.19 -2.58
C THR A 11 7.05 -11.21 -3.16
N LEU A 12 6.83 -10.13 -2.42
CA LEU A 12 5.88 -9.11 -2.84
C LEU A 12 6.64 -7.82 -3.13
N GLU A 13 6.20 -7.15 -4.20
CA GLU A 13 6.83 -5.91 -4.60
C GLU A 13 5.77 -4.81 -4.74
N VAL A 14 5.81 -3.86 -3.82
CA VAL A 14 4.87 -2.76 -3.82
C VAL A 14 5.52 -1.54 -4.46
N VAL A 15 4.73 -0.81 -5.24
CA VAL A 15 5.22 0.38 -5.91
C VAL A 15 4.27 1.54 -5.62
N LEU A 16 4.59 2.28 -4.58
CA LEU A 16 3.78 3.42 -4.19
C LEU A 16 3.90 4.51 -5.26
N VAL A 17 2.94 4.49 -6.18
CA VAL A 17 2.91 5.46 -7.26
C VAL A 17 2.46 6.82 -6.71
N SER A 18 1.15 7.00 -6.67
CA SER A 18 0.58 8.25 -6.18
C SER A 18 -0.73 7.97 -5.44
N ALA A 19 -1.35 9.03 -4.98
CA ALA A 19 -2.60 8.91 -4.25
C ALA A 19 -3.44 10.18 -4.47
N LYS A 20 -4.61 9.97 -5.07
CA LYS A 20 -5.51 11.08 -5.35
C LYS A 20 -6.57 11.16 -4.25
N GLY A 21 -6.94 12.39 -3.92
CA GLY A 21 -7.94 12.62 -2.89
C GLY A 21 -9.30 12.97 -3.51
N LEU A 22 -10.09 13.70 -2.74
CA LEU A 22 -11.41 14.10 -3.20
C LEU A 22 -11.48 15.63 -3.23
N GLU A 23 -12.67 16.14 -3.52
CA GLU A 23 -12.89 17.57 -3.57
C GLU A 23 -13.68 18.04 -2.36
N ASP A 24 -14.31 17.08 -1.69
CA ASP A 24 -15.10 17.38 -0.51
C ASP A 24 -14.61 16.53 0.65
N ALA A 25 -13.30 16.56 0.86
CA ALA A 25 -12.70 15.80 1.94
C ALA A 25 -11.26 16.29 2.16
N ASP A 26 -11.11 17.12 3.18
CA ASP A 26 -9.80 17.67 3.51
C ASP A 26 -8.81 16.52 3.70
N PHE A 27 -8.17 16.15 2.60
CA PHE A 27 -7.19 15.07 2.62
C PHE A 27 -6.03 15.36 1.68
N LEU A 28 -4.84 15.39 2.26
CA LEU A 28 -3.63 15.66 1.48
C LEU A 28 -3.70 17.07 0.90
N ASN A 29 -3.92 18.03 1.80
CA ASN A 29 -4.01 19.42 1.40
C ASN A 29 -2.99 20.24 2.20
N ASN A 30 -2.08 20.87 1.47
CA ASN A 30 -1.06 21.69 2.11
C ASN A 30 -0.50 20.95 3.32
N MET A 31 0.17 19.84 3.04
CA MET A 31 0.77 19.04 4.10
C MET A 31 1.83 18.09 3.54
N ASP A 32 2.35 17.24 4.43
CA ASP A 32 3.36 16.29 4.03
C ASP A 32 2.94 14.89 4.47
N PRO A 33 1.91 14.36 3.74
CA PRO A 33 1.39 13.04 4.04
C PRO A 33 2.34 11.95 3.53
N TYR A 34 2.53 10.93 4.36
CA TYR A 34 3.41 9.82 4.01
C TYR A 34 2.72 8.48 4.24
N VAL A 35 2.92 7.58 3.29
CA VAL A 35 2.33 6.26 3.37
C VAL A 35 3.30 5.31 4.08
N GLN A 36 2.72 4.31 4.73
CA GLN A 36 3.52 3.33 5.45
C GLN A 36 3.08 1.92 5.09
N LEU A 37 3.82 1.31 4.20
CA LEU A 37 3.51 -0.05 3.77
C LEU A 37 3.71 -1.01 4.93
N THR A 38 2.74 -1.91 5.09
CA THR A 38 2.80 -2.89 6.17
C THR A 38 2.60 -4.30 5.61
N CYS A 39 3.43 -5.22 6.09
CA CYS A 39 3.36 -6.60 5.66
C CYS A 39 3.60 -7.49 6.87
N ARG A 40 2.50 -7.96 7.45
CA ARG A 40 2.58 -8.83 8.61
C ARG A 40 3.24 -8.10 9.77
N THR A 41 4.56 -8.01 9.71
CA THR A 41 5.32 -7.35 10.75
C THR A 41 6.38 -6.43 10.14
N GLN A 42 6.28 -6.27 8.82
CA GLN A 42 7.23 -5.43 8.11
C GLN A 42 6.60 -4.06 7.81
N ASP A 43 7.17 -3.04 8.43
CA ASP A 43 6.69 -1.68 8.25
C ASP A 43 7.76 -0.84 7.54
N GLN A 44 7.32 -0.12 6.52
CA GLN A 44 8.22 0.71 5.76
C GLN A 44 7.49 1.96 5.25
N LYS A 45 8.04 3.11 5.62
CA LYS A 45 7.45 4.38 5.21
C LYS A 45 8.15 4.88 3.95
N SER A 46 7.49 5.82 3.28
CA SER A 46 8.03 6.38 2.06
C SER A 46 8.42 7.85 2.29
N ASN A 47 9.15 8.39 1.32
CA ASN A 47 9.59 9.78 1.40
C ASN A 47 8.40 10.65 1.78
N VAL A 48 8.71 11.77 2.44
CA VAL A 48 7.68 12.70 2.87
C VAL A 48 7.31 13.60 1.68
N ALA A 49 6.05 13.47 1.27
CA ALA A 49 5.55 14.26 0.15
C ALA A 49 5.52 15.73 0.56
N GLU A 50 6.66 16.38 0.40
CA GLU A 50 6.78 17.79 0.75
C GLU A 50 6.05 18.65 -0.30
N GLY A 51 5.10 19.43 0.19
CA GLY A 51 4.32 20.31 -0.68
C GLY A 51 4.05 19.63 -2.02
N MET A 52 3.11 18.69 -1.99
CA MET A 52 2.75 17.96 -3.20
C MET A 52 1.30 18.26 -3.60
N GLY A 53 0.48 18.49 -2.58
CA GLY A 53 -0.93 18.78 -2.82
C GLY A 53 -1.79 17.58 -2.46
N THR A 54 -2.84 17.40 -3.26
CA THR A 54 -3.77 16.30 -3.04
C THR A 54 -3.44 15.13 -3.98
N THR A 55 -2.23 15.18 -4.52
CA THR A 55 -1.79 14.13 -5.44
C THR A 55 -0.27 13.96 -5.34
N PRO A 56 0.18 13.48 -4.15
CA PRO A 56 1.59 13.26 -3.91
C PRO A 56 2.08 11.99 -4.62
N GLU A 57 3.30 12.05 -5.10
CA GLU A 57 3.89 10.93 -5.81
C GLU A 57 5.15 10.44 -5.06
N TRP A 58 5.30 9.13 -5.03
CA TRP A 58 6.45 8.52 -4.37
C TRP A 58 7.21 7.69 -5.40
N ASN A 59 6.44 6.95 -6.20
CA ASN A 59 7.04 6.11 -7.22
C ASN A 59 8.13 5.24 -6.60
N GLU A 60 7.96 4.97 -5.31
CA GLU A 60 8.92 4.15 -4.60
C GLU A 60 8.60 2.66 -4.78
N THR A 61 9.48 1.83 -4.26
CA THR A 61 9.30 0.39 -4.35
C THR A 61 9.66 -0.27 -3.03
N PHE A 62 8.80 -1.19 -2.61
CA PHE A 62 9.01 -1.91 -1.36
C PHE A 62 8.77 -3.41 -1.54
N ILE A 63 9.74 -4.19 -1.07
CA ILE A 63 9.65 -5.63 -1.18
C ILE A 63 9.22 -6.22 0.17
N PHE A 64 8.46 -7.30 0.10
CA PHE A 64 7.98 -7.96 1.30
C PHE A 64 7.84 -9.47 1.08
N THR A 65 8.54 -10.22 1.91
CA THR A 65 8.51 -11.67 1.81
C THR A 65 7.10 -12.18 2.10
N VAL A 66 6.69 -13.16 1.29
CA VAL A 66 5.37 -13.75 1.44
C VAL A 66 5.51 -15.25 1.68
N SER A 67 4.46 -15.82 2.26
CA SER A 67 4.46 -17.25 2.55
C SER A 67 3.02 -17.74 2.76
N GLU A 68 2.35 -17.09 3.71
CA GLU A 68 0.97 -17.44 4.02
C GLU A 68 0.35 -16.39 4.95
N GLY A 69 -0.97 -16.34 4.92
CA GLY A 69 -1.69 -15.39 5.75
C GLY A 69 -1.70 -14.00 5.11
N THR A 70 -0.51 -13.52 4.79
CA THR A 70 -0.37 -12.21 4.17
C THR A 70 -0.74 -12.29 2.68
N THR A 71 -1.85 -11.66 2.36
CA THR A 71 -2.32 -11.64 0.98
C THR A 71 -2.83 -10.25 0.61
N GLU A 72 -2.56 -9.30 1.50
CA GLU A 72 -2.99 -7.93 1.27
C GLU A 72 -2.07 -6.96 2.02
N LEU A 73 -1.72 -5.88 1.34
CA LEU A 73 -0.85 -4.87 1.94
C LEU A 73 -1.71 -3.75 2.54
N LYS A 74 -1.25 -3.24 3.67
CA LYS A 74 -1.96 -2.18 4.35
C LYS A 74 -1.23 -0.85 4.12
N ALA A 75 -1.94 0.07 3.49
CA ALA A 75 -1.37 1.38 3.20
C ALA A 75 -2.08 2.43 4.06
N LYS A 76 -1.41 2.82 5.13
CA LYS A 76 -1.96 3.81 6.04
C LYS A 76 -1.32 5.18 5.74
N ILE A 77 -2.17 6.13 5.39
CA ILE A 77 -1.71 7.47 5.09
C ILE A 77 -1.65 8.30 6.37
N PHE A 78 -0.54 9.01 6.53
CA PHE A 78 -0.35 9.84 7.71
C PHE A 78 0.16 11.22 7.32
N ASP A 79 0.87 11.84 8.26
CA ASP A 79 1.43 13.16 8.03
C ASP A 79 2.71 13.32 8.84
N LYS A 80 3.76 13.76 8.16
CA LYS A 80 5.04 13.95 8.81
C LYS A 80 4.84 14.70 10.13
N ASP A 81 3.73 15.43 10.20
CA ASP A 81 3.40 16.19 11.39
C ASP A 81 2.85 15.24 12.45
N VAL A 82 1.97 14.36 12.01
CA VAL A 82 1.36 13.39 12.91
C VAL A 82 2.34 12.25 13.17
N GLY A 83 1.79 11.05 13.27
CA GLY A 83 2.60 9.88 13.53
C GLY A 83 1.83 8.59 13.24
N THR A 84 2.57 7.55 12.91
CA THR A 84 1.96 6.27 12.60
C THR A 84 0.79 5.99 13.55
N GLU A 85 1.12 5.85 14.82
CA GLU A 85 0.11 5.59 15.83
C GLU A 85 -0.82 6.80 15.98
N ASP A 86 -0.20 7.94 16.23
CA ASP A 86 -0.95 9.17 16.39
C ASP A 86 -2.30 9.05 15.68
N ASP A 87 -2.26 9.22 14.37
CA ASP A 87 -3.46 9.14 13.57
C ASP A 87 -3.09 9.20 12.08
N ALA A 88 -3.76 8.37 11.30
CA ALA A 88 -3.50 8.32 9.87
C ALA A 88 -4.63 9.05 9.13
N VAL A 89 -4.22 9.96 8.25
CA VAL A 89 -5.18 10.73 7.48
C VAL A 89 -6.16 9.78 6.79
N GLY A 90 -5.71 8.54 6.64
CA GLY A 90 -6.54 7.53 6.00
C GLY A 90 -5.75 6.25 5.76
N GLU A 91 -6.41 5.29 5.14
CA GLU A 91 -5.78 4.01 4.84
C GLU A 91 -6.42 3.37 3.61
N ALA A 92 -5.79 2.31 3.14
CA ALA A 92 -6.28 1.60 1.97
C ALA A 92 -5.88 0.13 2.06
N THR A 93 -6.66 -0.70 1.39
CA THR A 93 -6.40 -2.14 1.38
C THR A 93 -5.93 -2.59 0.00
N ILE A 94 -4.66 -2.99 -0.06
CA ILE A 94 -4.09 -3.45 -1.31
C ILE A 94 -3.87 -4.95 -1.24
N PRO A 95 -4.81 -5.70 -1.86
CA PRO A 95 -4.73 -7.16 -1.87
C PRO A 95 -3.65 -7.64 -2.85
N LEU A 96 -2.85 -8.58 -2.39
CA LEU A 96 -1.78 -9.14 -3.21
C LEU A 96 -2.26 -10.43 -3.85
N GLU A 97 -3.57 -10.64 -3.81
CA GLU A 97 -4.17 -11.83 -4.38
C GLU A 97 -4.15 -11.75 -5.92
N PRO A 98 -4.31 -10.50 -6.42
CA PRO A 98 -4.32 -10.27 -7.85
C PRO A 98 -2.92 -10.38 -8.45
N VAL A 99 -1.93 -10.12 -7.59
CA VAL A 99 -0.55 -10.18 -8.00
C VAL A 99 0.00 -11.59 -7.75
N PHE A 100 -0.61 -12.26 -6.79
CA PHE A 100 -0.21 -13.61 -6.44
C PHE A 100 -0.50 -14.58 -7.58
N VAL A 101 -1.57 -14.30 -8.30
CA VAL A 101 -1.98 -15.14 -9.42
C VAL A 101 -1.41 -14.56 -10.71
N GLU A 102 -1.66 -13.27 -10.91
CA GLU A 102 -1.18 -12.58 -12.09
C GLU A 102 0.35 -12.50 -12.09
N GLY A 103 0.88 -12.17 -10.92
CA GLY A 103 2.32 -12.05 -10.77
C GLY A 103 2.77 -10.60 -10.91
N SER A 104 1.85 -9.77 -11.37
CA SER A 104 2.14 -8.35 -11.56
C SER A 104 0.85 -7.58 -11.79
N ILE A 105 0.69 -6.51 -11.03
CA ILE A 105 -0.51 -5.68 -11.14
C ILE A 105 -0.09 -4.22 -11.28
N PRO A 106 -0.82 -3.50 -12.16
CA PRO A 106 -0.53 -2.09 -12.41
C PRO A 106 -1.02 -1.23 -11.24
N PRO A 107 -0.60 0.07 -11.27
CA PRO A 107 -0.99 1.00 -10.23
C PRO A 107 -2.45 1.43 -10.38
N THR A 108 -3.27 0.95 -9.46
CA THR A 108 -4.69 1.27 -9.49
C THR A 108 -5.06 2.11 -8.26
N ALA A 109 -5.99 3.04 -8.49
CA ALA A 109 -6.44 3.92 -7.42
C ALA A 109 -7.29 3.10 -6.43
N TYR A 110 -6.66 2.75 -5.33
CA TYR A 110 -7.34 1.98 -4.29
C TYR A 110 -8.10 2.89 -3.33
N ASN A 111 -9.34 2.54 -3.09
CA ASN A 111 -10.19 3.31 -2.20
C ASN A 111 -9.43 3.56 -0.88
N VAL A 112 -9.39 4.82 -0.49
CA VAL A 112 -8.72 5.20 0.74
C VAL A 112 -9.75 5.68 1.76
N VAL A 113 -9.92 4.89 2.80
CA VAL A 113 -10.87 5.23 3.85
C VAL A 113 -10.10 5.61 5.12
N LYS A 114 -10.84 6.20 6.06
CA LYS A 114 -10.24 6.62 7.31
C LYS A 114 -11.25 6.42 8.45
N ASP A 115 -11.11 5.28 9.12
CA ASP A 115 -12.00 4.95 10.22
C ASP A 115 -13.27 4.28 9.66
N GLU A 116 -13.58 4.63 8.42
CA GLU A 116 -14.76 4.08 7.77
C GLU A 116 -15.21 4.99 6.63
N GLU A 117 -14.79 6.24 6.72
CA GLU A 117 -15.15 7.23 5.71
C GLU A 117 -14.14 7.20 4.56
N TYR A 118 -14.62 7.58 3.39
CA TYR A 118 -13.77 7.60 2.20
C TYR A 118 -13.08 8.95 2.04
N LYS A 119 -11.75 8.91 2.07
CA LYS A 119 -10.97 10.12 1.93
C LYS A 119 -10.66 10.35 0.45
N GLY A 120 -10.22 9.29 -0.20
CA GLY A 120 -9.88 9.36 -1.61
C GLY A 120 -9.45 7.99 -2.15
N GLU A 121 -8.37 8.01 -2.93
CA GLU A 121 -7.85 6.78 -3.50
C GLU A 121 -6.32 6.80 -3.49
N ILE A 122 -5.74 5.61 -3.52
CA ILE A 122 -4.29 5.48 -3.51
C ILE A 122 -3.86 4.58 -4.68
N TRP A 123 -3.02 5.14 -5.53
CA TRP A 123 -2.52 4.41 -6.69
C TRP A 123 -1.30 3.61 -6.25
N VAL A 124 -1.43 2.30 -6.32
CA VAL A 124 -0.35 1.41 -5.94
C VAL A 124 -0.31 0.22 -6.89
N ALA A 125 0.91 -0.23 -7.19
CA ALA A 125 1.09 -1.36 -8.08
C ALA A 125 1.93 -2.42 -7.38
N LEU A 126 1.50 -3.67 -7.53
CA LEU A 126 2.20 -4.79 -6.92
C LEU A 126 2.88 -5.61 -8.00
N SER A 127 3.87 -6.38 -7.58
CA SER A 127 4.62 -7.22 -8.50
C SER A 127 5.12 -8.48 -7.79
N PHE A 128 4.17 -9.38 -7.52
CA PHE A 128 4.48 -10.62 -6.84
C PHE A 128 5.67 -11.33 -7.52
N LYS A 129 6.42 -12.05 -6.70
CA LYS A 129 7.58 -12.77 -7.21
C LYS A 129 7.55 -14.21 -6.67
N PRO A 130 6.94 -15.11 -7.47
CA PRO A 130 6.84 -16.51 -7.09
C PRO A 130 8.18 -17.22 -7.26
N SER A 131 8.49 -18.08 -6.30
CA SER A 131 9.73 -18.83 -6.33
C SER A 131 9.68 -19.87 -7.45
N GLY A 132 10.09 -19.43 -8.64
CA GLY A 132 10.10 -20.31 -9.79
C GLY A 132 11.45 -20.25 -10.52
N PRO A 133 11.38 -20.36 -11.87
CA PRO A 133 12.58 -20.31 -12.69
C PRO A 133 13.13 -18.89 -12.79
N SER A 134 14.33 -18.72 -12.27
CA SER A 134 14.98 -17.41 -12.29
C SER A 134 16.50 -17.58 -12.12
N SER A 135 17.20 -16.49 -12.40
CA SER A 135 18.65 -16.50 -12.27
C SER A 135 19.05 -16.69 -10.81
N GLY A 136 18.61 -15.74 -9.98
CA GLY A 136 18.91 -15.79 -8.57
C GLY A 136 19.87 -14.66 -8.17
N GLY A 1 -16.69 -22.41 10.31
CA GLY A 1 -15.45 -22.51 9.56
C GLY A 1 -14.24 -22.53 10.50
N SER A 2 -13.27 -23.35 10.13
CA SER A 2 -12.06 -23.47 10.93
C SER A 2 -10.97 -24.19 10.12
N SER A 3 -9.79 -24.25 10.71
CA SER A 3 -8.66 -24.90 10.06
C SER A 3 -8.40 -24.25 8.70
N GLY A 4 -7.21 -24.50 8.18
CA GLY A 4 -6.82 -23.95 6.89
C GLY A 4 -5.42 -23.32 6.97
N SER A 5 -4.61 -23.63 5.97
CA SER A 5 -3.26 -23.11 5.91
C SER A 5 -2.58 -23.53 4.60
N SER A 6 -2.67 -22.65 3.61
CA SER A 6 -2.08 -22.93 2.31
C SER A 6 -2.28 -21.74 1.38
N GLY A 7 -1.44 -21.67 0.36
CA GLY A 7 -1.51 -20.59 -0.60
C GLY A 7 -0.19 -20.43 -1.36
N PRO A 8 -0.04 -19.24 -2.01
CA PRO A 8 1.17 -18.96 -2.76
C PRO A 8 2.34 -18.64 -1.83
N HIS A 9 3.35 -18.03 -2.41
CA HIS A 9 4.53 -17.66 -1.64
C HIS A 9 5.60 -17.08 -2.59
N GLY A 10 6.40 -16.18 -2.03
CA GLY A 10 7.46 -15.55 -2.80
C GLY A 10 7.68 -14.11 -2.35
N THR A 11 8.18 -13.29 -3.26
CA THR A 11 8.44 -11.90 -2.97
C THR A 11 7.31 -11.02 -3.51
N LEU A 12 7.18 -9.85 -2.90
CA LEU A 12 6.15 -8.91 -3.32
C LEU A 12 6.79 -7.54 -3.58
N GLU A 13 6.36 -6.92 -4.68
CA GLU A 13 6.88 -5.62 -5.05
C GLU A 13 5.78 -4.56 -4.94
N VAL A 14 5.91 -3.72 -3.93
CA VAL A 14 4.93 -2.66 -3.71
C VAL A 14 5.46 -1.36 -4.33
N VAL A 15 4.72 -0.87 -5.31
CA VAL A 15 5.10 0.37 -5.98
C VAL A 15 4.12 1.47 -5.61
N LEU A 16 4.46 2.18 -4.54
CA LEU A 16 3.62 3.27 -4.07
C LEU A 16 3.66 4.42 -5.08
N VAL A 17 2.78 4.32 -6.07
CA VAL A 17 2.70 5.34 -7.10
C VAL A 17 2.35 6.69 -6.45
N SER A 18 1.06 6.94 -6.38
CA SER A 18 0.57 8.19 -5.79
C SER A 18 -0.86 8.00 -5.28
N ALA A 19 -1.42 9.11 -4.79
CA ALA A 19 -2.77 9.08 -4.27
C ALA A 19 -3.42 10.44 -4.48
N LYS A 20 -4.75 10.44 -4.50
CA LYS A 20 -5.49 11.67 -4.69
C LYS A 20 -6.84 11.56 -3.97
N GLY A 21 -7.33 12.71 -3.51
CA GLY A 21 -8.60 12.75 -2.81
C GLY A 21 -9.73 13.12 -3.75
N LEU A 22 -10.89 13.41 -3.17
CA LEU A 22 -12.05 13.78 -3.95
C LEU A 22 -12.00 15.28 -4.26
N GLU A 23 -13.14 15.80 -4.69
CA GLU A 23 -13.24 17.21 -5.03
C GLU A 23 -13.19 18.07 -3.76
N ASP A 24 -14.07 17.73 -2.83
CA ASP A 24 -14.14 18.47 -1.57
C ASP A 24 -13.65 17.56 -0.44
N ALA A 25 -12.40 17.16 -0.54
CA ALA A 25 -11.81 16.29 0.47
C ALA A 25 -10.46 16.87 0.90
N ASP A 26 -10.43 17.43 2.10
CA ASP A 26 -9.22 18.02 2.63
C ASP A 26 -8.22 16.90 2.96
N PHE A 27 -7.82 16.19 1.92
CA PHE A 27 -6.87 15.10 2.08
C PHE A 27 -5.62 15.33 1.23
N LEU A 28 -4.47 15.22 1.88
CA LEU A 28 -3.21 15.41 1.20
C LEU A 28 -3.09 16.87 0.75
N ASN A 29 -3.90 17.72 1.36
CA ASN A 29 -3.90 19.13 1.02
C ASN A 29 -2.52 19.71 1.30
N ASN A 30 -2.52 20.97 1.71
CA ASN A 30 -1.26 21.65 2.00
C ASN A 30 -0.59 20.98 3.19
N MET A 31 -0.02 19.80 2.93
CA MET A 31 0.66 19.05 3.96
C MET A 31 1.71 18.12 3.36
N ASP A 32 2.36 17.37 4.23
CA ASP A 32 3.39 16.44 3.81
C ASP A 32 3.13 15.06 4.45
N PRO A 33 2.01 14.43 4.01
CA PRO A 33 1.65 13.12 4.53
C PRO A 33 2.53 12.03 3.94
N TYR A 34 2.65 10.94 4.69
CA TYR A 34 3.46 9.82 4.25
C TYR A 34 2.71 8.50 4.42
N VAL A 35 3.00 7.57 3.52
CA VAL A 35 2.36 6.26 3.56
C VAL A 35 3.23 5.31 4.37
N GLN A 36 2.56 4.39 5.05
CA GLN A 36 3.26 3.40 5.86
C GLN A 36 2.80 1.98 5.50
N LEU A 37 3.59 1.35 4.63
CA LEU A 37 3.28 0.00 4.20
C LEU A 37 3.33 -0.94 5.40
N THR A 38 2.58 -2.03 5.29
CA THR A 38 2.53 -3.02 6.35
C THR A 38 2.13 -4.39 5.79
N CYS A 39 3.00 -5.36 6.03
CA CYS A 39 2.74 -6.72 5.56
C CYS A 39 3.24 -7.69 6.63
N ARG A 40 2.36 -7.97 7.59
CA ARG A 40 2.70 -8.88 8.67
C ARG A 40 3.97 -8.42 9.38
N THR A 41 3.80 -8.05 10.64
CA THR A 41 4.93 -7.59 11.44
C THR A 41 5.93 -6.85 10.57
N GLN A 42 5.39 -6.04 9.65
CA GLN A 42 6.24 -5.27 8.75
C GLN A 42 5.71 -3.84 8.63
N ASP A 43 6.65 -2.91 8.50
CA ASP A 43 6.29 -1.50 8.38
C ASP A 43 7.34 -0.79 7.53
N GLN A 44 6.86 -0.12 6.50
CA GLN A 44 7.74 0.62 5.60
C GLN A 44 7.09 1.92 5.15
N LYS A 45 7.77 3.02 5.44
CA LYS A 45 7.26 4.33 5.07
C LYS A 45 8.04 4.85 3.85
N SER A 46 7.41 5.78 3.14
CA SER A 46 8.02 6.36 1.96
C SER A 46 8.41 7.81 2.24
N ASN A 47 9.17 8.37 1.31
CA ASN A 47 9.61 9.75 1.44
C ASN A 47 8.42 10.63 1.78
N VAL A 48 8.71 11.68 2.54
CA VAL A 48 7.66 12.62 2.95
C VAL A 48 7.23 13.45 1.74
N ALA A 49 5.94 13.37 1.45
CA ALA A 49 5.39 14.12 0.32
C ALA A 49 5.54 15.61 0.60
N GLU A 50 6.74 16.11 0.39
CA GLU A 50 7.03 17.51 0.60
C GLU A 50 6.42 18.36 -0.53
N GLY A 51 5.55 19.28 -0.13
CA GLY A 51 4.89 20.15 -1.09
C GLY A 51 4.57 19.40 -2.38
N MET A 52 3.63 18.48 -2.27
CA MET A 52 3.21 17.69 -3.41
C MET A 52 1.81 18.07 -3.87
N GLY A 53 0.99 18.47 -2.90
CA GLY A 53 -0.38 18.87 -3.19
C GLY A 53 -1.37 17.78 -2.77
N THR A 54 -2.61 17.95 -3.19
CA THR A 54 -3.65 17.00 -2.88
C THR A 54 -3.39 15.66 -3.57
N THR A 55 -2.39 15.68 -4.44
CA THR A 55 -2.02 14.47 -5.17
C THR A 55 -0.52 14.20 -5.02
N PRO A 56 -0.13 13.74 -3.81
CA PRO A 56 1.26 13.43 -3.52
C PRO A 56 1.67 12.12 -4.19
N GLU A 57 2.79 12.19 -4.91
CA GLU A 57 3.29 11.02 -5.59
C GLU A 57 4.60 10.55 -4.94
N TRP A 58 4.73 9.23 -4.83
CA TRP A 58 5.92 8.65 -4.23
C TRP A 58 6.67 7.88 -5.31
N ASN A 59 5.89 7.15 -6.11
CA ASN A 59 6.47 6.36 -7.18
C ASN A 59 7.66 5.56 -6.66
N GLU A 60 7.56 5.18 -5.39
CA GLU A 60 8.63 4.42 -4.75
C GLU A 60 8.43 2.92 -5.00
N THR A 61 9.25 2.13 -4.32
CA THR A 61 9.17 0.69 -4.46
C THR A 61 9.60 0.01 -3.16
N PHE A 62 8.74 -0.89 -2.68
CA PHE A 62 9.01 -1.61 -1.46
C PHE A 62 8.80 -3.11 -1.64
N ILE A 63 9.80 -3.88 -1.25
CA ILE A 63 9.72 -5.33 -1.37
C ILE A 63 9.31 -5.93 -0.02
N PHE A 64 8.46 -6.93 -0.09
CA PHE A 64 7.99 -7.59 1.12
C PHE A 64 8.01 -9.12 0.94
N THR A 65 8.70 -9.77 1.86
CA THR A 65 8.80 -11.23 1.83
C THR A 65 7.44 -11.86 2.10
N VAL A 66 6.98 -12.63 1.12
CA VAL A 66 5.70 -13.30 1.24
C VAL A 66 5.93 -14.79 1.46
N SER A 67 5.02 -15.40 2.21
CA SER A 67 5.12 -16.81 2.50
C SER A 67 3.93 -17.26 3.36
N GLU A 68 3.56 -16.39 4.30
CA GLU A 68 2.45 -16.67 5.18
C GLU A 68 1.12 -16.33 4.49
N GLY A 69 0.07 -16.32 5.30
CA GLY A 69 -1.26 -16.01 4.78
C GLY A 69 -1.29 -14.62 4.14
N THR A 70 -0.27 -13.84 4.45
CA THR A 70 -0.16 -12.50 3.91
C THR A 70 -0.63 -12.46 2.45
N THR A 71 -1.88 -12.06 2.28
CA THR A 71 -2.46 -11.98 0.95
C THR A 71 -3.03 -10.58 0.70
N GLU A 72 -2.45 -9.61 1.38
CA GLU A 72 -2.90 -8.23 1.25
C GLU A 72 -1.89 -7.29 1.91
N LEU A 73 -1.87 -6.06 1.41
CA LEU A 73 -0.97 -5.05 1.95
C LEU A 73 -1.78 -3.94 2.61
N LYS A 74 -1.21 -3.39 3.67
CA LYS A 74 -1.86 -2.31 4.39
C LYS A 74 -1.12 -1.00 4.15
N ALA A 75 -1.79 -0.09 3.46
CA ALA A 75 -1.21 1.21 3.16
C ALA A 75 -1.93 2.30 3.95
N LYS A 76 -1.26 2.79 4.98
CA LYS A 76 -1.83 3.83 5.82
C LYS A 76 -1.11 5.14 5.55
N ILE A 77 -1.90 6.20 5.45
CA ILE A 77 -1.36 7.52 5.19
C ILE A 77 -1.37 8.33 6.49
N PHE A 78 -0.24 8.99 6.76
CA PHE A 78 -0.12 9.80 7.95
C PHE A 78 0.48 11.17 7.64
N ASP A 79 0.78 11.90 8.69
CA ASP A 79 1.37 13.24 8.52
C ASP A 79 2.78 13.25 9.11
N LYS A 80 3.71 13.78 8.34
CA LYS A 80 5.09 13.86 8.76
C LYS A 80 5.14 14.29 10.24
N ASP A 81 4.22 15.16 10.59
CA ASP A 81 4.15 15.65 11.96
C ASP A 81 3.19 14.77 12.76
N VAL A 82 3.35 13.46 12.59
CA VAL A 82 2.51 12.51 13.29
C VAL A 82 3.22 11.16 13.36
N GLY A 83 2.87 10.40 14.38
CA GLY A 83 3.48 9.08 14.58
C GLY A 83 2.56 7.98 14.06
N THR A 84 3.16 7.04 13.36
CA THR A 84 2.40 5.92 12.81
C THR A 84 1.32 5.47 13.79
N GLU A 85 1.62 5.64 15.07
CA GLU A 85 0.69 5.25 16.12
C GLU A 85 0.06 6.50 16.75
N ASP A 86 -0.56 7.31 15.91
CA ASP A 86 -1.20 8.53 16.37
C ASP A 86 -2.56 8.67 15.68
N ASP A 87 -2.51 8.91 14.38
CA ASP A 87 -3.72 9.07 13.60
C ASP A 87 -3.36 9.19 12.12
N ALA A 88 -3.78 8.19 11.35
CA ALA A 88 -3.51 8.17 9.93
C ALA A 88 -4.59 8.97 9.20
N VAL A 89 -4.14 9.79 8.26
CA VAL A 89 -5.06 10.61 7.48
C VAL A 89 -6.02 9.71 6.72
N GLY A 90 -5.49 8.61 6.22
CA GLY A 90 -6.30 7.65 5.48
C GLY A 90 -5.59 6.30 5.36
N GLU A 91 -6.34 5.31 4.90
CA GLU A 91 -5.79 3.97 4.74
C GLU A 91 -6.48 3.25 3.58
N ALA A 92 -5.82 2.22 3.09
CA ALA A 92 -6.37 1.43 1.99
C ALA A 92 -5.88 0.00 2.10
N THR A 93 -6.66 -0.91 1.51
CA THR A 93 -6.32 -2.32 1.54
C THR A 93 -5.96 -2.81 0.13
N ILE A 94 -4.68 -3.13 -0.04
CA ILE A 94 -4.21 -3.62 -1.33
C ILE A 94 -3.95 -5.12 -1.24
N PRO A 95 -4.90 -5.89 -1.84
CA PRO A 95 -4.78 -7.34 -1.83
C PRO A 95 -3.71 -7.82 -2.83
N LEU A 96 -2.92 -8.78 -2.38
CA LEU A 96 -1.87 -9.33 -3.21
C LEU A 96 -2.37 -10.61 -3.89
N GLU A 97 -3.68 -10.78 -3.86
CA GLU A 97 -4.30 -11.95 -4.46
C GLU A 97 -4.27 -11.83 -5.99
N PRO A 98 -4.39 -10.56 -6.47
CA PRO A 98 -4.38 -10.30 -7.89
C PRO A 98 -2.97 -10.43 -8.47
N VAL A 99 -1.99 -10.19 -7.62
CA VAL A 99 -0.60 -10.28 -8.03
C VAL A 99 -0.09 -11.69 -7.77
N PHE A 100 -0.72 -12.35 -6.81
CA PHE A 100 -0.33 -13.70 -6.45
C PHE A 100 -0.64 -14.68 -7.58
N VAL A 101 -1.58 -14.27 -8.43
CA VAL A 101 -1.97 -15.10 -9.56
C VAL A 101 -1.42 -14.49 -10.85
N GLU A 102 -1.58 -13.18 -10.97
CA GLU A 102 -1.11 -12.47 -12.14
C GLU A 102 0.42 -12.32 -12.08
N GLY A 103 0.91 -12.11 -10.87
CA GLY A 103 2.34 -11.94 -10.67
C GLY A 103 2.75 -10.48 -10.86
N SER A 104 1.81 -9.68 -11.36
CA SER A 104 2.07 -8.28 -11.60
C SER A 104 0.74 -7.54 -11.81
N ILE A 105 0.56 -6.48 -11.04
CA ILE A 105 -0.65 -5.68 -11.13
C ILE A 105 -0.28 -4.20 -11.25
N PRO A 106 -1.04 -3.48 -12.10
CA PRO A 106 -0.80 -2.07 -12.31
C PRO A 106 -1.30 -1.24 -11.11
N PRO A 107 -0.87 0.05 -11.09
CA PRO A 107 -1.26 0.94 -10.01
C PRO A 107 -2.72 1.39 -10.18
N THR A 108 -3.55 0.93 -9.25
CA THR A 108 -4.96 1.28 -9.28
C THR A 108 -5.33 2.11 -8.05
N ALA A 109 -6.24 3.05 -8.26
CA ALA A 109 -6.69 3.91 -7.19
C ALA A 109 -7.55 3.10 -6.21
N TYR A 110 -6.91 2.64 -5.15
CA TYR A 110 -7.60 1.85 -4.15
C TYR A 110 -8.41 2.75 -3.20
N ASN A 111 -9.60 2.28 -2.87
CA ASN A 111 -10.48 3.02 -1.99
C ASN A 111 -9.74 3.34 -0.69
N VAL A 112 -9.64 4.63 -0.40
CA VAL A 112 -8.96 5.08 0.80
C VAL A 112 -9.99 5.60 1.80
N VAL A 113 -10.15 4.86 2.90
CA VAL A 113 -11.10 5.24 3.93
C VAL A 113 -10.33 5.64 5.20
N LYS A 114 -11.08 6.13 6.17
CA LYS A 114 -10.49 6.55 7.43
C LYS A 114 -11.54 6.45 8.53
N ASP A 115 -11.57 5.31 9.18
CA ASP A 115 -12.52 5.08 10.26
C ASP A 115 -13.81 4.48 9.68
N GLU A 116 -14.07 4.80 8.42
CA GLU A 116 -15.25 4.31 7.75
C GLU A 116 -15.61 5.23 6.58
N GLU A 117 -15.12 6.46 6.66
CA GLU A 117 -15.39 7.44 5.62
C GLU A 117 -14.36 7.31 4.50
N TYR A 118 -14.80 7.66 3.29
CA TYR A 118 -13.92 7.60 2.13
C TYR A 118 -13.11 8.89 1.98
N LYS A 119 -11.82 8.76 2.29
CA LYS A 119 -10.92 9.91 2.20
C LYS A 119 -10.62 10.19 0.73
N GLY A 120 -10.36 9.11 0.00
CA GLY A 120 -10.05 9.23 -1.42
C GLY A 120 -9.59 7.89 -2.00
N GLU A 121 -8.62 7.97 -2.88
CA GLU A 121 -8.08 6.77 -3.51
C GLU A 121 -6.55 6.79 -3.46
N ILE A 122 -5.97 5.60 -3.47
CA ILE A 122 -4.53 5.46 -3.42
C ILE A 122 -4.07 4.53 -4.56
N TRP A 123 -3.17 5.04 -5.37
CA TRP A 123 -2.65 4.27 -6.48
C TRP A 123 -1.47 3.44 -5.97
N VAL A 124 -1.55 2.14 -6.23
CA VAL A 124 -0.51 1.22 -5.79
C VAL A 124 -0.47 0.02 -6.75
N ALA A 125 0.75 -0.30 -7.17
CA ALA A 125 0.93 -1.42 -8.09
C ALA A 125 1.79 -2.49 -7.40
N LEU A 126 1.34 -3.73 -7.52
CA LEU A 126 2.05 -4.84 -6.92
C LEU A 126 2.74 -5.66 -8.02
N SER A 127 3.82 -6.32 -7.63
CA SER A 127 4.57 -7.14 -8.57
C SER A 127 5.08 -8.40 -7.88
N PHE A 128 4.13 -9.22 -7.45
CA PHE A 128 4.46 -10.47 -6.77
C PHE A 128 5.40 -11.32 -7.63
N LYS A 129 6.39 -11.90 -6.97
CA LYS A 129 7.34 -12.75 -7.66
C LYS A 129 7.41 -14.11 -6.96
N PRO A 130 6.64 -15.08 -7.52
CA PRO A 130 6.61 -16.42 -6.96
C PRO A 130 7.89 -17.19 -7.30
N SER A 131 8.33 -17.99 -6.34
CA SER A 131 9.54 -18.79 -6.53
C SER A 131 9.28 -19.88 -7.57
N GLY A 132 8.99 -19.44 -8.78
CA GLY A 132 8.73 -20.38 -9.87
C GLY A 132 7.56 -21.31 -9.52
N PRO A 133 6.93 -21.86 -10.59
CA PRO A 133 5.81 -22.76 -10.41
C PRO A 133 6.29 -24.14 -9.94
N SER A 134 5.38 -24.86 -9.30
CA SER A 134 5.69 -26.19 -8.80
C SER A 134 5.43 -27.24 -9.89
N SER A 135 6.37 -27.32 -10.82
CA SER A 135 6.27 -28.26 -11.91
C SER A 135 7.47 -29.19 -11.92
N GLY A 136 8.64 -28.59 -12.04
CA GLY A 136 9.88 -29.36 -12.07
C GLY A 136 11.10 -28.44 -12.21
N GLY A 1 -16.53 -16.05 7.71
CA GLY A 1 -16.35 -17.45 8.07
C GLY A 1 -14.88 -17.86 7.96
N SER A 2 -14.57 -18.52 6.85
CA SER A 2 -13.21 -18.97 6.61
C SER A 2 -13.05 -19.37 5.15
N SER A 3 -11.90 -18.99 4.58
CA SER A 3 -11.62 -19.30 3.20
C SER A 3 -10.13 -19.07 2.91
N GLY A 4 -9.56 -19.99 2.15
CA GLY A 4 -8.15 -19.90 1.80
C GLY A 4 -7.76 -20.98 0.79
N SER A 5 -7.80 -22.23 1.26
CA SER A 5 -7.46 -23.35 0.41
C SER A 5 -6.12 -23.10 -0.28
N SER A 6 -5.05 -23.46 0.41
CA SER A 6 -3.71 -23.28 -0.13
C SER A 6 -3.48 -21.80 -0.47
N GLY A 7 -2.21 -21.44 -0.55
CA GLY A 7 -1.84 -20.07 -0.85
C GLY A 7 -0.57 -20.02 -1.71
N PRO A 8 -0.25 -18.79 -2.19
CA PRO A 8 0.93 -18.59 -3.01
C PRO A 8 2.20 -18.63 -2.17
N HIS A 9 3.30 -18.19 -2.78
CA HIS A 9 4.58 -18.17 -2.09
C HIS A 9 5.62 -17.46 -2.96
N GLY A 10 6.29 -16.49 -2.36
CA GLY A 10 7.31 -15.74 -3.07
C GLY A 10 7.51 -14.36 -2.43
N THR A 11 8.01 -13.43 -3.23
CA THR A 11 8.26 -12.08 -2.75
C THR A 11 7.21 -11.13 -3.32
N LEU A 12 6.98 -10.05 -2.57
CA LEU A 12 6.01 -9.05 -2.98
C LEU A 12 6.73 -7.74 -3.29
N GLU A 13 6.21 -7.04 -4.29
CA GLU A 13 6.80 -5.77 -4.70
C GLU A 13 5.73 -4.68 -4.71
N VAL A 14 5.82 -3.79 -3.73
CA VAL A 14 4.87 -2.71 -3.63
C VAL A 14 5.47 -1.44 -4.24
N VAL A 15 4.76 -0.88 -5.21
CA VAL A 15 5.21 0.32 -5.89
C VAL A 15 4.24 1.46 -5.58
N LEU A 16 4.55 2.18 -4.50
CA LEU A 16 3.72 3.29 -4.09
C LEU A 16 3.80 4.40 -5.14
N VAL A 17 2.88 4.36 -6.09
CA VAL A 17 2.85 5.34 -7.15
C VAL A 17 2.48 6.71 -6.57
N SER A 18 1.17 6.96 -6.49
CA SER A 18 0.68 8.21 -5.95
C SER A 18 -0.71 8.01 -5.35
N ALA A 19 -1.31 9.12 -4.95
CA ALA A 19 -2.63 9.08 -4.35
C ALA A 19 -3.37 10.39 -4.67
N LYS A 20 -4.68 10.28 -4.79
CA LYS A 20 -5.51 11.43 -5.09
C LYS A 20 -6.74 11.41 -4.19
N GLY A 21 -7.27 12.61 -3.93
CA GLY A 21 -8.45 12.74 -3.09
C GLY A 21 -9.68 13.08 -3.93
N LEU A 22 -10.78 13.32 -3.24
CA LEU A 22 -12.03 13.66 -3.90
C LEU A 22 -11.95 15.09 -4.43
N GLU A 23 -13.10 15.62 -4.79
CA GLU A 23 -13.18 16.98 -5.31
C GLU A 23 -13.31 17.99 -4.17
N ASP A 24 -14.14 17.61 -3.20
CA ASP A 24 -14.38 18.46 -2.05
C ASP A 24 -14.17 17.65 -0.76
N ALA A 25 -12.97 17.11 -0.63
CA ALA A 25 -12.64 16.32 0.54
C ALA A 25 -11.27 16.76 1.08
N ASP A 26 -11.30 17.36 2.26
CA ASP A 26 -10.09 17.83 2.90
C ASP A 26 -9.20 16.63 3.24
N PHE A 27 -8.41 16.22 2.25
CA PHE A 27 -7.51 15.10 2.43
C PHE A 27 -6.27 15.24 1.54
N LEU A 28 -5.11 15.15 2.19
CA LEU A 28 -3.86 15.26 1.47
C LEU A 28 -3.70 16.70 0.96
N ASN A 29 -4.45 17.60 1.56
CA ASN A 29 -4.40 18.99 1.17
C ASN A 29 -2.98 19.52 1.35
N ASN A 30 -2.90 20.79 1.72
CA ASN A 30 -1.60 21.43 1.92
C ASN A 30 -0.86 20.71 3.04
N MET A 31 -0.23 19.61 2.67
CA MET A 31 0.52 18.81 3.63
C MET A 31 1.49 17.87 2.93
N ASP A 32 2.25 17.13 3.73
CA ASP A 32 3.21 16.19 3.20
C ASP A 32 3.03 14.83 3.89
N PRO A 33 1.87 14.18 3.58
CA PRO A 33 1.57 12.89 4.15
C PRO A 33 2.41 11.78 3.51
N TYR A 34 2.68 10.75 4.29
CA TYR A 34 3.47 9.63 3.81
C TYR A 34 2.72 8.31 4.02
N VAL A 35 3.01 7.35 3.14
CA VAL A 35 2.38 6.05 3.22
C VAL A 35 3.23 5.13 4.08
N GLN A 36 2.56 4.24 4.79
CA GLN A 36 3.24 3.29 5.66
C GLN A 36 2.88 1.85 5.27
N LEU A 37 3.75 1.26 4.46
CA LEU A 37 3.53 -0.11 4.01
C LEU A 37 3.75 -1.06 5.18
N THR A 38 2.79 -1.95 5.35
CA THR A 38 2.86 -2.94 6.43
C THR A 38 2.51 -4.33 5.91
N CYS A 39 3.32 -5.30 6.32
CA CYS A 39 3.11 -6.67 5.90
C CYS A 39 3.43 -7.59 7.08
N ARG A 40 2.38 -8.15 7.66
CA ARG A 40 2.55 -9.04 8.80
C ARG A 40 3.00 -8.26 10.03
N THR A 41 4.30 -8.04 10.12
CA THR A 41 4.86 -7.31 11.24
C THR A 41 6.00 -6.40 10.76
N GLN A 42 6.07 -6.23 9.45
CA GLN A 42 7.09 -5.39 8.86
C GLN A 42 6.48 -4.10 8.33
N ASP A 43 6.92 -2.98 8.91
CA ASP A 43 6.42 -1.69 8.50
C ASP A 43 7.47 -0.98 7.64
N GLN A 44 6.99 -0.12 6.75
CA GLN A 44 7.88 0.61 5.87
C GLN A 44 7.18 1.87 5.34
N LYS A 45 7.82 3.01 5.60
CA LYS A 45 7.28 4.28 5.16
C LYS A 45 8.06 4.78 3.95
N SER A 46 7.44 5.69 3.22
CA SER A 46 8.07 6.26 2.04
C SER A 46 8.42 7.73 2.27
N ASN A 47 9.17 8.29 1.34
CA ASN A 47 9.58 9.68 1.45
C ASN A 47 8.35 10.54 1.77
N VAL A 48 8.62 11.70 2.35
CA VAL A 48 7.57 12.62 2.71
C VAL A 48 7.16 13.43 1.49
N ALA A 49 5.87 13.35 1.16
CA ALA A 49 5.35 14.08 0.01
C ALA A 49 5.51 15.58 0.24
N GLU A 50 6.72 16.06 -0.02
CA GLU A 50 7.02 17.47 0.17
C GLU A 50 6.39 18.29 -0.97
N GLY A 51 5.67 19.34 -0.57
CA GLY A 51 5.01 20.20 -1.52
C GLY A 51 4.50 19.40 -2.73
N MET A 52 3.45 18.64 -2.49
CA MET A 52 2.85 17.84 -3.54
C MET A 52 1.43 18.28 -3.83
N GLY A 53 0.77 18.78 -2.80
CA GLY A 53 -0.60 19.24 -2.93
C GLY A 53 -1.60 18.14 -2.55
N THR A 54 -2.73 18.14 -3.24
CA THR A 54 -3.76 17.16 -2.99
C THR A 54 -3.48 15.88 -3.77
N THR A 55 -2.25 15.77 -4.25
CA THR A 55 -1.84 14.61 -5.02
C THR A 55 -0.38 14.26 -4.72
N PRO A 56 -0.18 13.59 -3.55
CA PRO A 56 1.15 13.20 -3.14
C PRO A 56 1.64 12.00 -3.95
N GLU A 57 2.93 12.02 -4.28
CA GLU A 57 3.53 10.95 -5.04
C GLU A 57 4.68 10.31 -4.26
N TRP A 58 5.20 9.23 -4.80
CA TRP A 58 6.29 8.52 -4.17
C TRP A 58 7.00 7.69 -5.24
N ASN A 59 6.20 7.00 -6.03
CA ASN A 59 6.75 6.17 -7.10
C ASN A 59 7.88 5.31 -6.54
N GLU A 60 7.79 5.02 -5.25
CA GLU A 60 8.80 4.21 -4.59
C GLU A 60 8.53 2.73 -4.82
N THR A 61 9.38 1.90 -4.22
CA THR A 61 9.24 0.46 -4.36
C THR A 61 9.62 -0.23 -3.05
N PHE A 62 8.70 -1.07 -2.58
CA PHE A 62 8.93 -1.80 -1.34
C PHE A 62 8.74 -3.31 -1.55
N ILE A 63 9.67 -4.08 -1.00
CA ILE A 63 9.61 -5.52 -1.12
C ILE A 63 9.17 -6.12 0.21
N PHE A 64 8.40 -7.21 0.12
CA PHE A 64 7.91 -7.88 1.31
C PHE A 64 7.82 -9.39 1.08
N THR A 65 8.45 -10.13 1.98
CA THR A 65 8.45 -11.58 1.89
C THR A 65 7.02 -12.11 2.01
N VAL A 66 6.72 -13.11 1.18
CA VAL A 66 5.41 -13.72 1.17
C VAL A 66 5.55 -15.24 1.32
N SER A 67 4.69 -15.80 2.17
CA SER A 67 4.71 -17.23 2.40
C SER A 67 3.29 -17.76 2.51
N GLU A 68 2.56 -17.24 3.50
CA GLU A 68 1.19 -17.65 3.71
C GLU A 68 0.48 -16.67 4.65
N GLY A 69 -0.83 -16.56 4.47
CA GLY A 69 -1.62 -15.67 5.29
C GLY A 69 -1.64 -14.26 4.70
N THR A 70 -0.45 -13.70 4.54
CA THR A 70 -0.32 -12.36 3.99
C THR A 70 -0.75 -12.34 2.53
N THR A 71 -1.91 -11.73 2.29
CA THR A 71 -2.44 -11.62 0.95
C THR A 71 -2.96 -10.21 0.68
N GLU A 72 -2.47 -9.28 1.48
CA GLU A 72 -2.88 -7.88 1.34
C GLU A 72 -1.92 -6.97 2.11
N LEU A 73 -1.71 -5.80 1.55
CA LEU A 73 -0.82 -4.82 2.18
C LEU A 73 -1.64 -3.68 2.76
N LYS A 74 -1.22 -3.21 3.92
CA LYS A 74 -1.90 -2.12 4.58
C LYS A 74 -1.10 -0.82 4.40
N ALA A 75 -1.74 0.13 3.74
CA ALA A 75 -1.11 1.42 3.50
C ALA A 75 -1.86 2.51 4.25
N LYS A 76 -1.24 2.96 5.34
CA LYS A 76 -1.84 4.00 6.16
C LYS A 76 -1.14 5.34 5.87
N ILE A 77 -1.95 6.31 5.49
CA ILE A 77 -1.42 7.63 5.20
C ILE A 77 -1.29 8.43 6.49
N PHE A 78 -0.13 9.04 6.66
CA PHE A 78 0.15 9.84 7.85
C PHE A 78 0.87 11.13 7.49
N ASP A 79 0.65 12.15 8.30
CA ASP A 79 1.27 13.44 8.07
C ASP A 79 2.75 13.35 8.44
N LYS A 80 3.51 14.30 7.90
CA LYS A 80 4.94 14.34 8.17
C LYS A 80 5.19 14.71 9.63
N ASP A 81 4.10 15.07 10.30
CA ASP A 81 4.17 15.45 11.69
C ASP A 81 3.22 14.58 12.51
N VAL A 82 3.48 13.28 12.46
CA VAL A 82 2.66 12.33 13.19
C VAL A 82 3.41 11.01 13.32
N GLY A 83 2.88 10.13 14.16
CA GLY A 83 3.49 8.83 14.39
C GLY A 83 2.55 7.70 13.96
N THR A 84 3.14 6.72 13.30
CA THR A 84 2.37 5.57 12.83
C THR A 84 1.29 5.21 13.84
N GLU A 85 1.59 5.44 15.10
CA GLU A 85 0.66 5.15 16.18
C GLU A 85 0.09 6.44 16.76
N ASP A 86 -0.65 7.15 15.93
CA ASP A 86 -1.26 8.40 16.35
C ASP A 86 -2.59 8.59 15.62
N ASP A 87 -2.49 8.82 14.32
CA ASP A 87 -3.67 9.01 13.50
C ASP A 87 -3.25 9.11 12.02
N ALA A 88 -3.79 8.19 11.23
CA ALA A 88 -3.48 8.17 9.81
C ALA A 88 -4.56 8.92 9.04
N VAL A 89 -4.16 10.00 8.39
CA VAL A 89 -5.09 10.81 7.63
C VAL A 89 -6.07 9.89 6.90
N GLY A 90 -5.59 8.70 6.57
CA GLY A 90 -6.42 7.72 5.86
C GLY A 90 -5.65 6.42 5.66
N GLU A 91 -6.38 5.42 5.17
CA GLU A 91 -5.78 4.11 4.93
C GLU A 91 -6.46 3.44 3.73
N ALA A 92 -5.80 2.42 3.22
CA ALA A 92 -6.31 1.68 2.09
C ALA A 92 -5.86 0.22 2.17
N THR A 93 -6.63 -0.65 1.52
CA THR A 93 -6.33 -2.06 1.52
C THR A 93 -5.83 -2.50 0.14
N ILE A 94 -4.57 -2.90 0.10
CA ILE A 94 -3.96 -3.34 -1.14
C ILE A 94 -3.76 -4.86 -1.10
N PRO A 95 -4.69 -5.59 -1.76
CA PRO A 95 -4.62 -7.04 -1.79
C PRO A 95 -3.53 -7.51 -2.76
N LEU A 96 -2.74 -8.46 -2.28
CA LEU A 96 -1.66 -9.01 -3.09
C LEU A 96 -2.11 -10.32 -3.73
N GLU A 97 -3.41 -10.55 -3.67
CA GLU A 97 -3.99 -11.76 -4.24
C GLU A 97 -4.06 -11.65 -5.76
N PRO A 98 -4.24 -10.39 -6.24
CA PRO A 98 -4.32 -10.15 -7.67
C PRO A 98 -2.94 -10.23 -8.33
N VAL A 99 -1.93 -9.94 -7.52
CA VAL A 99 -0.56 -9.99 -8.01
C VAL A 99 -0.03 -11.41 -7.91
N PHE A 100 -0.38 -12.06 -6.81
CA PHE A 100 0.06 -13.43 -6.58
C PHE A 100 -0.46 -14.36 -7.67
N VAL A 101 -1.54 -13.92 -8.31
CA VAL A 101 -2.14 -14.71 -9.38
C VAL A 101 -1.55 -14.27 -10.72
N GLU A 102 -1.72 -13.00 -11.02
CA GLU A 102 -1.21 -12.45 -12.27
C GLU A 102 0.32 -12.44 -12.25
N GLY A 103 0.87 -11.84 -11.21
CA GLY A 103 2.31 -11.76 -11.07
C GLY A 103 2.79 -10.30 -11.09
N SER A 104 1.90 -9.44 -11.57
CA SER A 104 2.22 -8.02 -11.66
C SER A 104 0.93 -7.22 -11.90
N ILE A 105 0.63 -6.37 -10.93
CA ILE A 105 -0.57 -5.53 -11.03
C ILE A 105 -0.15 -4.07 -11.12
N PRO A 106 -0.89 -3.31 -11.98
CA PRO A 106 -0.61 -1.90 -12.17
C PRO A 106 -1.09 -1.07 -10.97
N PRO A 107 -0.75 0.24 -11.00
CA PRO A 107 -1.14 1.14 -9.92
C PRO A 107 -2.63 1.49 -10.01
N THR A 108 -3.38 1.00 -9.04
CA THR A 108 -4.80 1.25 -8.99
C THR A 108 -5.17 2.08 -7.76
N ALA A 109 -6.13 2.97 -7.95
CA ALA A 109 -6.57 3.83 -6.87
C ALA A 109 -7.42 3.02 -5.89
N TYR A 110 -6.75 2.55 -4.84
CA TYR A 110 -7.44 1.75 -3.83
C TYR A 110 -8.27 2.64 -2.90
N ASN A 111 -9.49 2.21 -2.66
CA ASN A 111 -10.39 2.95 -1.80
C ASN A 111 -9.66 3.34 -0.51
N VAL A 112 -9.55 4.64 -0.30
CA VAL A 112 -8.89 5.15 0.88
C VAL A 112 -9.93 5.70 1.86
N VAL A 113 -10.07 5.00 2.99
CA VAL A 113 -11.02 5.40 4.01
C VAL A 113 -10.26 5.81 5.27
N LYS A 114 -11.00 6.40 6.20
CA LYS A 114 -10.41 6.85 7.45
C LYS A 114 -11.41 6.59 8.59
N ASP A 115 -11.31 5.40 9.17
CA ASP A 115 -12.19 5.03 10.26
C ASP A 115 -13.49 4.44 9.70
N GLU A 116 -13.76 4.80 8.44
CA GLU A 116 -14.96 4.31 7.78
C GLU A 116 -15.36 5.28 6.65
N GLU A 117 -14.88 6.50 6.77
CA GLU A 117 -15.18 7.53 5.78
C GLU A 117 -14.16 7.48 4.64
N TYR A 118 -14.67 7.59 3.42
CA TYR A 118 -13.82 7.56 2.25
C TYR A 118 -13.06 8.89 2.10
N LYS A 119 -11.75 8.81 2.25
CA LYS A 119 -10.91 9.99 2.13
C LYS A 119 -10.56 10.20 0.65
N GLY A 120 -10.44 9.10 -0.07
CA GLY A 120 -10.11 9.16 -1.48
C GLY A 120 -9.66 7.80 -1.99
N GLU A 121 -8.55 7.81 -2.71
CA GLU A 121 -7.99 6.60 -3.26
C GLU A 121 -6.46 6.68 -3.33
N ILE A 122 -5.83 5.52 -3.26
CA ILE A 122 -4.39 5.45 -3.32
C ILE A 122 -3.96 4.57 -4.50
N TRP A 123 -3.04 5.11 -5.29
CA TRP A 123 -2.54 4.39 -6.45
C TRP A 123 -1.29 3.60 -6.03
N VAL A 124 -1.41 2.29 -6.08
CA VAL A 124 -0.32 1.42 -5.71
C VAL A 124 -0.31 0.20 -6.63
N ALA A 125 0.87 -0.08 -7.17
CA ALA A 125 1.03 -1.22 -8.07
C ALA A 125 1.90 -2.28 -7.39
N LEU A 126 1.45 -3.52 -7.47
CA LEU A 126 2.16 -4.63 -6.88
C LEU A 126 2.84 -5.44 -7.98
N SER A 127 3.90 -6.14 -7.59
CA SER A 127 4.64 -6.96 -8.53
C SER A 127 5.17 -8.21 -7.83
N PHE A 128 4.27 -9.18 -7.67
CA PHE A 128 4.63 -10.43 -7.02
C PHE A 128 5.81 -11.10 -7.73
N LYS A 129 6.51 -11.93 -6.97
CA LYS A 129 7.67 -12.63 -7.51
C LYS A 129 7.68 -14.07 -6.98
N PRO A 130 7.02 -14.97 -7.76
CA PRO A 130 6.94 -16.37 -7.39
C PRO A 130 8.28 -17.08 -7.64
N SER A 131 8.73 -17.80 -6.61
CA SER A 131 9.99 -18.53 -6.71
C SER A 131 9.94 -19.49 -7.90
N GLY A 132 10.34 -18.97 -9.05
CA GLY A 132 10.35 -19.78 -10.26
C GLY A 132 11.52 -20.77 -10.26
N PRO A 133 12.02 -21.08 -11.48
CA PRO A 133 13.13 -22.00 -11.63
C PRO A 133 14.45 -21.34 -11.22
N SER A 134 14.74 -21.42 -9.93
CA SER A 134 15.96 -20.83 -9.40
C SER A 134 16.20 -21.31 -7.97
N SER A 135 17.37 -20.98 -7.45
CA SER A 135 17.73 -21.37 -6.11
C SER A 135 19.12 -20.84 -5.75
N GLY A 136 19.13 -19.85 -4.87
CA GLY A 136 20.39 -19.24 -4.46
C GLY A 136 21.01 -20.03 -3.30
N GLY A 1 -4.41 -30.41 8.24
CA GLY A 1 -4.55 -29.91 6.89
C GLY A 1 -6.02 -29.92 6.45
N SER A 2 -6.21 -30.10 5.15
CA SER A 2 -7.55 -30.14 4.60
C SER A 2 -8.23 -28.78 4.76
N SER A 3 -9.26 -28.56 3.95
CA SER A 3 -9.99 -27.31 4.00
C SER A 3 -9.09 -26.15 3.53
N GLY A 4 -9.30 -25.75 2.29
CA GLY A 4 -8.52 -24.66 1.72
C GLY A 4 -7.05 -24.78 2.13
N SER A 5 -6.60 -23.76 2.86
CA SER A 5 -5.22 -23.73 3.33
C SER A 5 -4.28 -23.59 2.14
N SER A 6 -2.99 -23.47 2.45
CA SER A 6 -1.98 -23.32 1.42
C SER A 6 -2.20 -22.04 0.64
N GLY A 7 -1.23 -21.69 -0.18
CA GLY A 7 -1.32 -20.49 -0.99
C GLY A 7 -0.03 -20.27 -1.78
N PRO A 8 0.14 -19.01 -2.27
CA PRO A 8 1.32 -18.66 -3.05
C PRO A 8 2.54 -18.50 -2.14
N HIS A 9 3.68 -18.27 -2.78
CA HIS A 9 4.93 -18.11 -2.04
C HIS A 9 5.98 -17.50 -2.96
N GLY A 10 6.72 -16.54 -2.42
CA GLY A 10 7.76 -15.86 -3.18
C GLY A 10 8.09 -14.50 -2.58
N THR A 11 8.02 -13.48 -3.42
CA THR A 11 8.30 -12.12 -2.99
C THR A 11 7.25 -11.16 -3.54
N LEU A 12 6.93 -10.16 -2.73
CA LEU A 12 5.95 -9.17 -3.13
C LEU A 12 6.67 -7.84 -3.43
N GLU A 13 6.17 -7.15 -4.44
CA GLU A 13 6.74 -5.87 -4.83
C GLU A 13 5.66 -4.79 -4.85
N VAL A 14 5.77 -3.88 -3.90
CA VAL A 14 4.82 -2.78 -3.79
C VAL A 14 5.45 -1.50 -4.35
N VAL A 15 4.84 -0.99 -5.41
CA VAL A 15 5.32 0.23 -6.04
C VAL A 15 4.40 1.39 -5.68
N LEU A 16 4.76 2.07 -4.60
CA LEU A 16 3.99 3.21 -4.14
C LEU A 16 4.17 4.38 -5.10
N VAL A 17 3.27 4.48 -6.07
CA VAL A 17 3.33 5.54 -7.05
C VAL A 17 2.94 6.86 -6.39
N SER A 18 1.63 7.06 -6.28
CA SER A 18 1.11 8.27 -5.68
C SER A 18 -0.25 7.99 -5.03
N ALA A 19 -1.01 9.06 -4.86
CA ALA A 19 -2.33 8.95 -4.25
C ALA A 19 -3.19 10.14 -4.66
N LYS A 20 -4.33 9.84 -5.24
CA LYS A 20 -5.25 10.88 -5.68
C LYS A 20 -6.31 11.12 -4.60
N GLY A 21 -6.89 12.31 -4.64
CA GLY A 21 -7.91 12.67 -3.67
C GLY A 21 -9.26 12.89 -4.36
N LEU A 22 -9.96 13.92 -3.89
CA LEU A 22 -11.27 14.25 -4.45
C LEU A 22 -11.64 15.67 -4.03
N GLU A 23 -12.93 15.97 -4.18
CA GLU A 23 -13.44 17.28 -3.83
C GLU A 23 -14.42 17.18 -2.65
N ASP A 24 -15.04 16.01 -2.55
CA ASP A 24 -15.99 15.76 -1.48
C ASP A 24 -15.31 14.97 -0.36
N ALA A 25 -14.11 15.40 -0.01
CA ALA A 25 -13.34 14.74 1.03
C ALA A 25 -12.00 15.44 1.19
N ASP A 26 -11.90 16.24 2.25
CA ASP A 26 -10.67 16.97 2.52
C ASP A 26 -9.56 15.98 2.87
N PHE A 27 -8.68 15.76 1.90
CA PHE A 27 -7.57 14.85 2.09
C PHE A 27 -6.36 15.26 1.25
N LEU A 28 -5.20 15.26 1.88
CA LEU A 28 -3.97 15.63 1.21
C LEU A 28 -4.08 17.08 0.72
N ASN A 29 -3.88 17.99 1.66
CA ASN A 29 -3.96 19.41 1.34
C ASN A 29 -3.10 20.19 2.34
N ASN A 30 -2.15 20.94 1.79
CA ASN A 30 -1.26 21.74 2.62
C ASN A 30 -0.68 20.87 3.73
N MET A 31 0.05 19.85 3.33
CA MET A 31 0.66 18.93 4.27
C MET A 31 1.72 18.07 3.60
N ASP A 32 2.40 17.27 4.42
CA ASP A 32 3.44 16.39 3.91
C ASP A 32 3.18 14.97 4.41
N PRO A 33 2.09 14.35 3.88
CA PRO A 33 1.73 13.01 4.27
C PRO A 33 2.66 11.98 3.62
N TYR A 34 2.61 10.76 4.14
CA TYR A 34 3.44 9.69 3.63
C TYR A 34 2.73 8.34 3.75
N VAL A 35 3.00 7.47 2.79
CA VAL A 35 2.41 6.15 2.78
C VAL A 35 3.32 5.17 3.53
N GLN A 36 2.70 4.35 4.36
CA GLN A 36 3.46 3.37 5.13
C GLN A 36 2.89 1.96 4.89
N LEU A 37 3.59 1.22 4.07
CA LEU A 37 3.18 -0.14 3.74
C LEU A 37 3.38 -1.03 4.97
N THR A 38 2.40 -1.90 5.19
CA THR A 38 2.45 -2.82 6.32
C THR A 38 2.10 -4.24 5.87
N CYS A 39 2.97 -5.17 6.22
CA CYS A 39 2.77 -6.56 5.88
C CYS A 39 3.00 -7.41 7.12
N ARG A 40 1.93 -7.64 7.87
CA ARG A 40 2.01 -8.43 9.09
C ARG A 40 2.94 -7.75 10.09
N THR A 41 4.21 -8.11 10.02
CA THR A 41 5.20 -7.55 10.92
C THR A 41 6.19 -6.66 10.15
N GLN A 42 5.99 -6.61 8.84
CA GLN A 42 6.85 -5.81 7.98
C GLN A 42 6.22 -4.43 7.75
N ASP A 43 6.98 -3.41 8.11
CA ASP A 43 6.51 -2.04 7.94
C ASP A 43 7.55 -1.24 7.16
N GLN A 44 7.06 -0.50 6.18
CA GLN A 44 7.94 0.32 5.35
C GLN A 44 7.16 1.48 4.75
N LYS A 45 7.65 2.69 5.02
CA LYS A 45 7.00 3.89 4.51
C LYS A 45 8.03 4.72 3.74
N SER A 46 7.53 5.71 3.03
CA SER A 46 8.38 6.58 2.24
C SER A 46 8.43 7.98 2.86
N ASN A 47 9.30 8.81 2.31
CA ASN A 47 9.45 10.17 2.81
C ASN A 47 8.09 10.87 2.76
N VAL A 48 8.10 12.12 3.22
CA VAL A 48 6.88 12.91 3.24
C VAL A 48 6.76 13.69 1.93
N ALA A 49 5.53 13.77 1.44
CA ALA A 49 5.27 14.48 0.19
C ALA A 49 5.30 15.99 0.47
N GLU A 50 6.50 16.54 0.39
CA GLU A 50 6.68 17.97 0.62
C GLU A 50 5.98 18.78 -0.48
N GLY A 51 5.05 19.61 -0.04
CA GLY A 51 4.30 20.44 -0.97
C GLY A 51 4.02 19.69 -2.27
N MET A 52 3.04 18.80 -2.20
CA MET A 52 2.67 18.01 -3.36
C MET A 52 1.22 18.31 -3.79
N GLY A 53 0.41 18.62 -2.79
CA GLY A 53 -0.99 18.93 -3.05
C GLY A 53 -1.89 17.74 -2.72
N THR A 54 -2.94 17.59 -3.53
CA THR A 54 -3.88 16.50 -3.33
C THR A 54 -3.49 15.30 -4.20
N THR A 55 -2.21 15.25 -4.54
CA THR A 55 -1.69 14.17 -5.36
C THR A 55 -0.21 13.96 -5.08
N PRO A 56 0.09 13.46 -3.86
CA PRO A 56 1.47 13.21 -3.46
C PRO A 56 2.02 11.94 -4.14
N GLU A 57 3.15 12.12 -4.81
CA GLU A 57 3.79 11.01 -5.51
C GLU A 57 5.09 10.63 -4.80
N TRP A 58 5.38 9.34 -4.85
CA TRP A 58 6.60 8.82 -4.24
C TRP A 58 7.35 7.98 -5.27
N ASN A 59 6.60 7.09 -5.90
CA ASN A 59 7.18 6.22 -6.92
C ASN A 59 8.28 5.37 -6.28
N GLU A 60 7.99 4.88 -5.09
CA GLU A 60 8.93 4.04 -4.36
C GLU A 60 8.65 2.56 -4.63
N THR A 61 9.47 1.72 -4.03
CA THR A 61 9.32 0.28 -4.20
C THR A 61 9.66 -0.45 -2.89
N PHE A 62 8.71 -1.22 -2.41
CA PHE A 62 8.88 -1.97 -1.18
C PHE A 62 8.65 -3.47 -1.41
N ILE A 63 9.58 -4.26 -0.88
CA ILE A 63 9.49 -5.70 -1.02
C ILE A 63 9.04 -6.30 0.31
N PHE A 64 8.26 -7.38 0.20
CA PHE A 64 7.76 -8.05 1.38
C PHE A 64 7.71 -9.57 1.17
N THR A 65 8.40 -10.28 2.05
CA THR A 65 8.45 -11.73 1.97
C THR A 65 7.04 -12.32 2.13
N VAL A 66 6.67 -13.15 1.16
CA VAL A 66 5.36 -13.78 1.18
C VAL A 66 5.53 -15.27 1.44
N SER A 67 4.56 -15.84 2.14
CA SER A 67 4.58 -17.25 2.47
C SER A 67 3.18 -17.72 2.86
N GLU A 68 2.71 -17.22 3.99
CA GLU A 68 1.38 -17.59 4.47
C GLU A 68 0.76 -16.41 5.22
N GLY A 69 -0.56 -16.29 5.07
CA GLY A 69 -1.29 -15.21 5.72
C GLY A 69 -1.24 -13.93 4.89
N THR A 70 -0.03 -13.54 4.51
CA THR A 70 0.16 -12.34 3.73
C THR A 70 -0.61 -12.44 2.41
N THR A 71 -1.77 -11.79 2.39
CA THR A 71 -2.61 -11.80 1.21
C THR A 71 -3.14 -10.38 0.92
N GLU A 72 -2.52 -9.41 1.56
CA GLU A 72 -2.92 -8.02 1.40
C GLU A 72 -1.95 -7.09 2.13
N LEU A 73 -1.76 -5.92 1.54
CA LEU A 73 -0.85 -4.94 2.12
C LEU A 73 -1.67 -3.80 2.72
N LYS A 74 -1.18 -3.28 3.84
CA LYS A 74 -1.85 -2.19 4.52
C LYS A 74 -1.09 -0.89 4.27
N ALA A 75 -1.78 0.06 3.67
CA ALA A 75 -1.19 1.35 3.37
C ALA A 75 -1.91 2.44 4.16
N LYS A 76 -1.23 2.89 5.21
CA LYS A 76 -1.80 3.93 6.06
C LYS A 76 -1.13 5.27 5.74
N ILE A 77 -1.95 6.31 5.67
CA ILE A 77 -1.45 7.64 5.38
C ILE A 77 -1.48 8.49 6.65
N PHE A 78 -0.45 9.29 6.82
CA PHE A 78 -0.34 10.16 7.98
C PHE A 78 0.24 11.52 7.60
N ASP A 79 0.62 12.26 8.62
CA ASP A 79 1.20 13.59 8.41
C ASP A 79 2.62 13.61 8.97
N LYS A 80 3.51 14.23 8.21
CA LYS A 80 4.90 14.33 8.62
C LYS A 80 4.98 14.63 10.12
N ASP A 81 4.11 15.54 10.56
CA ASP A 81 4.05 15.91 11.95
C ASP A 81 3.11 14.97 12.70
N VAL A 82 3.28 13.68 12.45
CA VAL A 82 2.45 12.67 13.09
C VAL A 82 3.19 11.33 13.08
N GLY A 83 2.90 10.53 14.10
CA GLY A 83 3.52 9.24 14.23
C GLY A 83 2.58 8.12 13.75
N THR A 84 3.16 7.16 13.04
CA THR A 84 2.38 6.05 12.52
C THR A 84 1.31 5.63 13.54
N GLU A 85 1.65 5.79 14.80
CA GLU A 85 0.74 5.43 15.87
C GLU A 85 0.17 6.69 16.53
N ASP A 86 -0.51 7.49 15.72
CA ASP A 86 -1.10 8.73 16.21
C ASP A 86 -2.46 8.95 15.52
N ASP A 87 -2.38 9.22 14.22
CA ASP A 87 -3.58 9.45 13.44
C ASP A 87 -3.23 9.40 11.95
N ALA A 88 -3.77 8.39 11.29
CA ALA A 88 -3.52 8.21 9.87
C ALA A 88 -4.61 8.94 9.07
N VAL A 89 -4.20 10.00 8.39
CA VAL A 89 -5.13 10.78 7.59
C VAL A 89 -6.10 9.84 6.88
N GLY A 90 -5.62 8.64 6.60
CA GLY A 90 -6.43 7.65 5.92
C GLY A 90 -5.65 6.34 5.73
N GLU A 91 -6.29 5.41 5.03
CA GLU A 91 -5.67 4.12 4.76
C GLU A 91 -6.35 3.44 3.58
N ALA A 92 -5.69 2.41 3.08
CA ALA A 92 -6.21 1.67 1.94
C ALA A 92 -5.77 0.20 2.04
N THR A 93 -6.63 -0.68 1.54
CA THR A 93 -6.34 -2.10 1.57
C THR A 93 -5.90 -2.59 0.18
N ILE A 94 -4.65 -3.00 0.10
CA ILE A 94 -4.10 -3.49 -1.16
C ILE A 94 -3.91 -5.00 -1.07
N PRO A 95 -4.89 -5.74 -1.67
CA PRO A 95 -4.83 -7.19 -1.67
C PRO A 95 -3.78 -7.71 -2.66
N LEU A 96 -3.03 -8.70 -2.20
CA LEU A 96 -1.98 -9.28 -3.03
C LEU A 96 -2.51 -10.58 -3.66
N GLU A 97 -3.82 -10.77 -3.54
CA GLU A 97 -4.45 -11.96 -4.08
C GLU A 97 -4.51 -11.88 -5.60
N PRO A 98 -4.72 -10.65 -6.12
CA PRO A 98 -4.80 -10.43 -7.54
C PRO A 98 -3.41 -10.48 -8.19
N VAL A 99 -2.41 -10.08 -7.39
CA VAL A 99 -1.03 -10.07 -7.87
C VAL A 99 -0.48 -11.50 -7.81
N PHE A 100 -0.99 -12.26 -6.85
CA PHE A 100 -0.56 -13.64 -6.68
C PHE A 100 -1.17 -14.54 -7.74
N VAL A 101 -2.26 -14.07 -8.32
CA VAL A 101 -2.96 -14.83 -9.35
C VAL A 101 -2.48 -14.36 -10.72
N GLU A 102 -2.38 -13.05 -10.87
CA GLU A 102 -1.94 -12.47 -12.13
C GLU A 102 -0.41 -12.46 -12.21
N GLY A 103 0.21 -12.27 -11.05
CA GLY A 103 1.66 -12.23 -10.97
C GLY A 103 2.18 -10.80 -11.09
N SER A 104 1.29 -9.91 -11.52
CA SER A 104 1.65 -8.52 -11.69
C SER A 104 0.39 -7.65 -11.69
N ILE A 105 0.49 -6.52 -11.01
CA ILE A 105 -0.64 -5.60 -10.92
C ILE A 105 -0.12 -4.17 -11.09
N PRO A 106 -0.82 -3.41 -11.99
CA PRO A 106 -0.44 -2.04 -12.25
C PRO A 106 -0.87 -1.12 -11.10
N PRO A 107 -0.46 0.17 -11.20
CA PRO A 107 -0.79 1.15 -10.18
C PRO A 107 -2.26 1.58 -10.29
N THR A 108 -3.06 1.07 -9.36
CA THR A 108 -4.47 1.39 -9.34
C THR A 108 -4.81 2.28 -8.14
N ALA A 109 -5.85 3.07 -8.30
CA ALA A 109 -6.29 3.97 -7.24
C ALA A 109 -7.16 3.20 -6.25
N TYR A 110 -6.55 2.81 -5.14
CA TYR A 110 -7.26 2.08 -4.11
C TYR A 110 -8.04 3.03 -3.21
N ASN A 111 -9.30 2.67 -2.97
CA ASN A 111 -10.16 3.47 -2.12
C ASN A 111 -9.47 3.71 -0.79
N VAL A 112 -9.30 5.00 -0.47
CA VAL A 112 -8.66 5.39 0.76
C VAL A 112 -9.71 5.91 1.74
N VAL A 113 -9.87 5.20 2.85
CA VAL A 113 -10.83 5.58 3.87
C VAL A 113 -10.10 5.88 5.17
N LYS A 114 -10.85 6.41 6.13
CA LYS A 114 -10.28 6.75 7.42
C LYS A 114 -11.28 6.37 8.52
N ASP A 115 -11.17 5.14 8.99
CA ASP A 115 -12.06 4.66 10.03
C ASP A 115 -13.39 4.22 9.41
N GLU A 116 -13.63 4.73 8.21
CA GLU A 116 -14.86 4.41 7.50
C GLU A 116 -15.18 5.49 6.47
N GLU A 117 -14.62 6.66 6.71
CA GLU A 117 -14.83 7.80 5.82
C GLU A 117 -13.80 7.80 4.69
N TYR A 118 -14.27 8.10 3.50
CA TYR A 118 -13.40 8.14 2.33
C TYR A 118 -12.61 9.45 2.28
N LYS A 119 -11.30 9.32 2.36
CA LYS A 119 -10.42 10.48 2.32
C LYS A 119 -10.05 10.77 0.87
N GLY A 120 -9.91 9.72 0.10
CA GLY A 120 -9.54 9.85 -1.31
C GLY A 120 -9.17 8.49 -1.90
N GLU A 121 -8.08 8.48 -2.65
CA GLU A 121 -7.61 7.27 -3.29
C GLU A 121 -6.08 7.22 -3.27
N ILE A 122 -5.56 5.99 -3.28
CA ILE A 122 -4.13 5.80 -3.26
C ILE A 122 -3.72 4.95 -4.47
N TRP A 123 -2.62 5.35 -5.10
CA TRP A 123 -2.13 4.64 -6.26
C TRP A 123 -0.92 3.81 -5.82
N VAL A 124 -1.01 2.50 -6.08
CA VAL A 124 0.06 1.59 -5.72
C VAL A 124 0.03 0.39 -6.66
N ALA A 125 1.21 0.02 -7.13
CA ALA A 125 1.34 -1.11 -8.03
C ALA A 125 1.91 -2.31 -7.27
N LEU A 126 1.48 -3.49 -7.67
CA LEU A 126 1.94 -4.71 -7.04
C LEU A 126 2.53 -5.64 -8.09
N SER A 127 3.67 -6.23 -7.76
CA SER A 127 4.34 -7.14 -8.68
C SER A 127 4.98 -8.30 -7.88
N PHE A 128 4.27 -9.41 -7.86
CA PHE A 128 4.74 -10.59 -7.16
C PHE A 128 5.87 -11.27 -7.93
N LYS A 129 6.68 -12.01 -7.20
CA LYS A 129 7.80 -12.72 -7.80
C LYS A 129 7.93 -14.11 -7.16
N PRO A 130 7.23 -15.09 -7.78
CA PRO A 130 7.25 -16.46 -7.28
C PRO A 130 8.58 -17.14 -7.63
N SER A 131 9.04 -17.96 -6.69
CA SER A 131 10.29 -18.67 -6.88
C SER A 131 10.04 -19.98 -7.63
N GLY A 132 9.47 -19.85 -8.82
CA GLY A 132 9.17 -21.00 -9.65
C GLY A 132 9.22 -20.65 -11.13
N PRO A 133 8.34 -21.32 -11.91
CA PRO A 133 8.27 -21.07 -13.35
C PRO A 133 7.58 -19.74 -13.65
N SER A 134 8.41 -18.73 -13.90
CA SER A 134 7.90 -17.41 -14.20
C SER A 134 8.83 -16.70 -15.19
N SER A 135 8.31 -15.63 -15.78
CA SER A 135 9.09 -14.86 -16.74
C SER A 135 8.72 -13.38 -16.65
N GLY A 136 9.56 -12.63 -15.96
CA GLY A 136 9.34 -11.21 -15.79
C GLY A 136 10.64 -10.42 -15.94
#